data_5GUD
#
_entry.id   5GUD
#
_cell.length_a   92.587
_cell.length_b   127.671
_cell.length_c   126.627
_cell.angle_alpha   90.00
_cell.angle_beta   106.70
_cell.angle_gamma   90.00
#
_symmetry.space_group_name_H-M   'P 1 21 1'
#
loop_
_entity.id
_entity.type
_entity.pdbx_description
1 polymer 'Glutamate dehydrogenase'
2 non-polymer '(2Z)-2-iminopentanedioic acid'
3 non-polymer 'NADPH DIHYDRO-NICOTINAMIDE-ADENINE-DINUCLEOTIDE PHOSPHATE'
4 non-polymer 'POTASSIUM ION'
5 non-polymer 'CITRIC ACID'
6 water water
#
_entity_poly.entity_id   1
_entity_poly.type   'polypeptide(L)'
_entity_poly.pdbx_seq_one_letter_code
;MKHHHHHHHHGGLVPRGSHGGSEFMTVDEQVSNYYDMLLKRNAGEPEFHQAVAEVLESLKIVLEKDPHYADYGLIQRLCE
PERQLIFRVPWVDDQGQVHVNRGFRVQFNSALGPYKGGLRFHPSVNLGIVKFLGFEQIFKNSLTGLPIGGGKGGSDFDPK
GKSDLEIMRFCQSFMTELHRHIGEYRDVPAGDIGVGGREIGYLFGHYRRMANQHESGVLTGKGLTWGGSLVRTEATGYGC
VYFVSEMIKAKGESISGQKIIVSGSGNVATYAIEKAQELGATVIGFSDSSGWVHTPNGVDVAKLREIKEVRRARVSVYAD
EIEGATYHTDGSIWDLKCDIALPCATQNELNGENAKTLADNGCRFVAEGANMPSTPEAVEVFRERDIRFGPGKAANAGGV
ATSALEMQQNASRDSWSFEYTDERLQVIMKNIFKTCAETAAEYGHENDYVVGANIAGFKKVADAMLAQGVI
;
_entity_poly.pdbx_strand_id   A,B,C,D,E,F
#
# COMPACT_ATOMS: atom_id res chain seq x y z
N MET A 25 42.51 9.04 -23.08
CA MET A 25 43.69 8.35 -22.47
C MET A 25 43.56 6.83 -22.53
N THR A 26 44.54 6.10 -21.99
CA THR A 26 44.50 4.63 -22.01
C THR A 26 43.42 4.13 -21.07
N VAL A 27 42.87 2.96 -21.38
CA VAL A 27 41.89 2.30 -20.50
C VAL A 27 42.42 2.25 -19.07
N ASP A 28 43.67 1.81 -18.90
CA ASP A 28 44.31 1.76 -17.59
C ASP A 28 44.12 3.10 -16.84
N GLU A 29 44.51 4.19 -17.51
CA GLU A 29 44.36 5.55 -16.96
C GLU A 29 42.90 5.92 -16.62
N GLN A 30 41.98 5.66 -17.54
CA GLN A 30 40.56 5.97 -17.35
C GLN A 30 40.02 5.27 -16.09
N VAL A 31 40.24 3.96 -16.03
CA VAL A 31 39.81 3.14 -14.89
C VAL A 31 40.48 3.60 -13.59
N SER A 32 41.79 3.87 -13.65
CA SER A 32 42.51 4.38 -12.47
C SER A 32 42.01 5.73 -11.97
N ASN A 33 41.67 6.61 -12.91
CA ASN A 33 41.08 7.91 -12.59
C ASN A 33 39.72 7.74 -11.92
N TYR A 34 38.89 6.85 -12.48
CA TYR A 34 37.59 6.56 -11.86
C TYR A 34 37.73 6.01 -10.44
N TYR A 35 38.63 5.05 -10.27
CA TYR A 35 38.93 4.51 -8.95
C TYR A 35 39.33 5.60 -7.96
N ASP A 36 40.20 6.51 -8.40
CA ASP A 36 40.60 7.63 -7.54
C ASP A 36 39.43 8.45 -7.03
N MET A 37 38.47 8.74 -7.91
CA MET A 37 37.26 9.48 -7.59
C MET A 37 36.44 8.71 -6.56
N LEU A 38 36.36 7.40 -6.75
CA LEU A 38 35.59 6.52 -5.87
C LEU A 38 36.18 6.48 -4.47
N LEU A 39 37.52 6.45 -4.36
CA LEU A 39 38.19 6.56 -3.06
C LEU A 39 37.77 7.82 -2.31
N LYS A 40 37.54 8.91 -3.05
CA LYS A 40 37.11 10.20 -2.43
C LYS A 40 35.65 10.21 -1.99
N ARG A 41 34.75 9.78 -2.88
CA ARG A 41 33.33 9.65 -2.54
C ARG A 41 33.14 8.69 -1.33
N ASN A 42 33.98 7.66 -1.25
CA ASN A 42 33.85 6.60 -0.24
C ASN A 42 35.03 6.55 0.75
N ALA A 43 35.46 7.71 1.24
CA ALA A 43 36.58 7.78 2.17
C ALA A 43 36.38 6.93 3.43
N GLY A 44 37.43 6.25 3.88
CA GLY A 44 37.40 5.51 5.16
C GLY A 44 36.85 4.09 5.13
N GLU A 45 36.74 3.54 3.92
CA GLU A 45 36.21 2.18 3.72
C GLU A 45 37.20 1.28 3.01
N PRO A 46 38.28 0.88 3.72
CA PRO A 46 39.36 0.14 3.04
C PRO A 46 38.94 -1.20 2.42
N GLU A 47 37.99 -1.90 3.05
CA GLU A 47 37.53 -3.19 2.52
C GLU A 47 36.74 -2.95 1.23
N PHE A 48 35.97 -1.87 1.15
CA PHE A 48 35.24 -1.58 -0.08
C PHE A 48 36.25 -1.21 -1.19
N HIS A 49 37.24 -0.39 -0.84
CA HIS A 49 38.27 -0.04 -1.84
C HIS A 49 38.99 -1.28 -2.36
N GLN A 50 39.27 -2.21 -1.45
CA GLN A 50 39.99 -3.44 -1.79
C GLN A 50 39.17 -4.29 -2.77
N ALA A 51 37.89 -4.49 -2.46
CA ALA A 51 37.01 -5.26 -3.32
C ALA A 51 36.88 -4.65 -4.70
N VAL A 52 36.64 -3.34 -4.74
CA VAL A 52 36.48 -2.61 -6.01
C VAL A 52 37.78 -2.71 -6.83
N ALA A 53 38.91 -2.46 -6.17
CA ALA A 53 40.22 -2.42 -6.85
C ALA A 53 40.47 -3.69 -7.65
N GLU A 54 40.26 -4.86 -7.06
CA GLU A 54 40.52 -6.10 -7.81
C GLU A 54 39.56 -6.36 -8.97
N VAL A 55 38.27 -6.01 -8.79
CA VAL A 55 37.33 -6.11 -9.91
C VAL A 55 37.72 -5.15 -11.04
N LEU A 56 38.08 -3.92 -10.68
CA LEU A 56 38.43 -2.94 -11.70
C LEU A 56 39.69 -3.37 -12.45
N GLU A 57 40.61 -4.07 -11.79
CA GLU A 57 41.79 -4.58 -12.52
C GLU A 57 41.38 -5.54 -13.63
N SER A 58 40.44 -6.45 -13.32
CA SER A 58 39.94 -7.38 -14.33
C SER A 58 39.14 -6.68 -15.42
N LEU A 59 38.38 -5.64 -15.05
CA LEU A 59 37.60 -4.86 -16.00
C LEU A 59 38.44 -4.13 -17.04
N LYS A 60 39.66 -3.72 -16.66
CA LYS A 60 40.61 -3.16 -17.65
C LYS A 60 40.80 -4.10 -18.83
N ILE A 61 40.92 -5.40 -18.53
CA ILE A 61 41.14 -6.42 -19.56
C ILE A 61 39.94 -6.49 -20.47
N VAL A 62 38.73 -6.49 -19.90
CA VAL A 62 37.54 -6.59 -20.74
C VAL A 62 37.35 -5.32 -21.57
N LEU A 63 37.68 -4.17 -21.00
CA LEU A 63 37.55 -2.89 -21.68
C LEU A 63 38.56 -2.67 -22.79
N GLU A 64 39.74 -3.27 -22.65
CA GLU A 64 40.76 -3.23 -23.71
C GLU A 64 40.23 -3.91 -24.95
N LYS A 65 39.54 -5.03 -24.77
CA LYS A 65 38.97 -5.79 -25.89
C LYS A 65 37.61 -5.29 -26.35
N ASP A 66 36.71 -5.01 -25.41
CA ASP A 66 35.34 -4.60 -25.73
C ASP A 66 34.97 -3.28 -25.03
N PRO A 67 35.43 -2.14 -25.57
CA PRO A 67 35.22 -0.85 -24.91
C PRO A 67 33.75 -0.44 -24.77
N HIS A 68 32.85 -1.05 -25.52
CA HIS A 68 31.43 -0.71 -25.43
C HIS A 68 30.88 -0.92 -24.02
N TYR A 69 31.60 -1.71 -23.22
CA TYR A 69 31.13 -2.06 -21.90
C TYR A 69 31.11 -0.88 -20.93
N ALA A 70 31.79 0.20 -21.27
CA ALA A 70 31.75 1.40 -20.43
C ALA A 70 30.65 2.37 -20.88
N ASP A 71 29.92 2.01 -21.93
CA ASP A 71 28.90 2.89 -22.52
C ASP A 71 27.86 3.29 -21.48
N TYR A 72 27.32 4.49 -21.65
CA TYR A 72 26.21 4.96 -20.81
C TYR A 72 26.54 4.94 -19.32
N GLY A 73 27.80 5.25 -18.98
CA GLY A 73 28.23 5.35 -17.60
C GLY A 73 28.01 4.07 -16.82
N LEU A 74 28.15 2.94 -17.50
CA LEU A 74 27.85 1.63 -16.95
C LEU A 74 28.68 1.34 -15.71
N ILE A 75 30.00 1.55 -15.78
CA ILE A 75 30.87 1.33 -14.61
C ILE A 75 30.52 2.25 -13.43
N GLN A 76 30.29 3.54 -13.74
CA GLN A 76 29.88 4.50 -12.72
C GLN A 76 28.58 4.08 -12.05
N ARG A 77 27.65 3.51 -12.82
CA ARG A 77 26.38 3.06 -12.22
C ARG A 77 26.65 1.81 -11.43
N LEU A 78 27.44 0.89 -11.99
CA LEU A 78 27.68 -0.40 -11.35
C LEU A 78 28.33 -0.28 -9.96
N CYS A 79 29.29 0.64 -9.81
CA CYS A 79 30.01 0.71 -8.55
C CYS A 79 29.31 1.54 -7.48
N GLU A 80 28.17 2.15 -7.82
CA GLU A 80 27.37 2.93 -6.84
C GLU A 80 26.10 2.17 -6.46
N PRO A 81 25.93 1.82 -5.17
CA PRO A 81 24.73 1.04 -4.80
C PRO A 81 23.44 1.69 -5.25
N GLU A 82 22.50 0.90 -5.73
CA GLU A 82 21.16 1.43 -6.00
C GLU A 82 20.58 2.10 -4.76
N ARG A 83 20.73 1.47 -3.60
CA ARG A 83 20.20 2.01 -2.35
C ARG A 83 21.04 1.47 -1.18
N GLN A 84 21.16 2.29 -0.14
CA GLN A 84 21.80 1.91 1.12
C GLN A 84 20.91 2.42 2.26
N LEU A 85 20.63 1.52 3.19
CA LEU A 85 19.86 1.82 4.37
C LEU A 85 20.72 1.61 5.58
N ILE A 86 20.82 2.64 6.42
CA ILE A 86 21.40 2.52 7.75
C ILE A 86 20.30 2.89 8.76
N PHE A 87 20.22 2.20 9.87
CA PHE A 87 19.12 2.44 10.81
C PHE A 87 19.43 2.09 12.26
N ARG A 88 18.73 2.78 13.17
CA ARG A 88 18.90 2.56 14.59
C ARG A 88 18.21 1.24 14.94
N VAL A 89 18.86 0.44 15.77
CA VAL A 89 18.24 -0.79 16.27
C VAL A 89 18.30 -0.76 17.80
N PRO A 90 17.25 -0.22 18.44
CA PRO A 90 17.15 -0.17 19.91
C PRO A 90 16.59 -1.48 20.43
N TRP A 91 17.16 -1.99 21.51
CA TRP A 91 16.65 -3.25 22.05
C TRP A 91 16.97 -3.28 23.53
N VAL A 92 16.25 -4.12 24.28
CA VAL A 92 16.36 -4.19 25.73
C VAL A 92 16.94 -5.55 26.14
N ASP A 93 17.96 -5.53 26.99
CA ASP A 93 18.57 -6.79 27.43
C ASP A 93 17.77 -7.42 28.57
N ASP A 94 18.26 -8.56 29.08
CA ASP A 94 17.52 -9.33 30.09
C ASP A 94 17.50 -8.65 31.47
N GLN A 95 18.37 -7.67 31.66
CA GLN A 95 18.40 -6.86 32.89
C GLN A 95 17.60 -5.57 32.74
N GLY A 96 16.90 -5.44 31.62
CA GLY A 96 16.12 -4.24 31.39
C GLY A 96 16.90 -3.02 30.93
N GLN A 97 18.12 -3.23 30.45
CA GLN A 97 18.92 -2.11 29.97
C GLN A 97 18.76 -1.89 28.47
N VAL A 98 18.48 -0.65 28.07
CA VAL A 98 18.36 -0.27 26.65
C VAL A 98 19.75 -0.20 26.01
N HIS A 99 19.88 -0.82 24.84
CA HIS A 99 21.11 -0.76 24.03
C HIS A 99 20.72 -0.25 22.66
N VAL A 100 21.69 0.36 21.97
CA VAL A 100 21.45 0.83 20.62
C VAL A 100 22.58 0.31 19.74
N ASN A 101 22.19 -0.40 18.69
CA ASN A 101 23.13 -0.84 17.67
C ASN A 101 22.74 -0.23 16.32
N ARG A 102 23.66 -0.30 15.37
CA ARG A 102 23.42 0.20 14.05
C ARG A 102 23.11 -0.97 13.10
N GLY A 103 22.11 -0.79 12.26
CA GLY A 103 21.73 -1.80 11.26
C GLY A 103 21.98 -1.27 9.84
N PHE A 104 22.19 -2.19 8.90
CA PHE A 104 22.55 -1.85 7.52
C PHE A 104 21.87 -2.77 6.53
N ARG A 105 21.40 -2.23 5.42
CA ARG A 105 21.13 -3.07 4.26
C ARG A 105 21.54 -2.31 3.00
N VAL A 106 22.52 -2.87 2.29
CA VAL A 106 22.98 -2.29 1.02
C VAL A 106 22.39 -3.10 -0.12
N GLN A 107 21.58 -2.43 -0.94
CA GLN A 107 20.88 -3.05 -2.07
C GLN A 107 21.65 -2.59 -3.32
N PHE A 108 22.62 -3.40 -3.70
CA PHE A 108 23.66 -2.91 -4.64
C PHE A 108 23.23 -2.89 -6.09
N ASN A 109 22.74 -4.01 -6.59
CA ASN A 109 22.40 -4.09 -8.02
C ASN A 109 21.27 -5.07 -8.20
N SER A 110 20.25 -4.69 -8.97
CA SER A 110 19.10 -5.57 -9.20
C SER A 110 18.87 -5.91 -10.67
N ALA A 111 19.92 -5.80 -11.49
CA ALA A 111 19.73 -6.05 -12.91
C ALA A 111 19.29 -7.48 -13.21
N LEU A 112 19.86 -8.47 -12.50
CA LEU A 112 19.61 -9.88 -12.83
C LEU A 112 18.47 -10.48 -12.00
N GLY A 113 18.04 -9.76 -10.97
CA GLY A 113 16.99 -10.31 -10.07
C GLY A 113 16.85 -9.49 -8.80
N PRO A 114 16.05 -9.98 -7.83
CA PRO A 114 15.91 -9.26 -6.55
C PRO A 114 17.28 -9.15 -5.90
N TYR A 115 17.54 -8.09 -5.10
CA TYR A 115 18.80 -8.09 -4.31
C TYR A 115 18.88 -9.36 -3.48
N LYS A 116 20.07 -9.95 -3.36
CA LYS A 116 20.22 -11.19 -2.66
C LYS A 116 21.55 -11.19 -1.96
N GLY A 117 21.54 -11.54 -0.68
CA GLY A 117 22.78 -11.64 0.07
C GLY A 117 22.48 -11.62 1.56
N GLY A 118 23.45 -12.06 2.33
CA GLY A 118 23.22 -12.33 3.75
C GLY A 118 23.29 -11.14 4.70
N LEU A 119 23.10 -11.47 5.98
CA LEU A 119 23.15 -10.53 7.08
C LEU A 119 24.22 -10.98 8.05
N ARG A 120 25.09 -10.04 8.43
CA ARG A 120 26.19 -10.28 9.35
C ARG A 120 26.01 -9.51 10.66
N PHE A 121 26.01 -10.22 11.79
CA PHE A 121 25.96 -9.60 13.11
C PHE A 121 27.33 -9.84 13.74
N HIS A 122 28.14 -8.78 13.79
CA HIS A 122 29.48 -8.89 14.34
C HIS A 122 29.93 -7.48 14.71
N PRO A 123 30.68 -7.35 15.82
CA PRO A 123 30.96 -6.00 16.30
C PRO A 123 31.83 -5.15 15.34
N SER A 124 32.43 -5.79 14.36
CA SER A 124 33.28 -5.10 13.38
C SER A 124 32.47 -4.45 12.28
N VAL A 125 31.19 -4.80 12.19
CA VAL A 125 30.39 -4.37 11.03
C VAL A 125 30.30 -2.84 10.93
N ASN A 126 30.52 -2.35 9.72
CA ASN A 126 30.25 -0.95 9.37
C ASN A 126 29.85 -0.86 7.90
N LEU A 127 29.52 0.34 7.45
CA LEU A 127 28.96 0.51 6.10
C LEU A 127 29.99 0.07 5.05
N GLY A 128 31.26 0.41 5.27
CA GLY A 128 32.32 -0.05 4.36
C GLY A 128 32.41 -1.55 4.15
N ILE A 129 32.31 -2.30 5.24
CA ILE A 129 32.35 -3.77 5.19
C ILE A 129 31.10 -4.29 4.48
N VAL A 130 29.94 -3.72 4.79
CA VAL A 130 28.71 -4.18 4.11
C VAL A 130 28.74 -3.90 2.60
N LYS A 131 29.30 -2.75 2.21
CA LYS A 131 29.48 -2.42 0.80
C LYS A 131 30.44 -3.35 0.07
N PHE A 132 31.56 -3.69 0.70
CA PHE A 132 32.49 -4.67 0.10
C PHE A 132 31.75 -5.97 -0.18
N LEU A 133 31.01 -6.44 0.82
CA LEU A 133 30.30 -7.71 0.68
C LEU A 133 29.22 -7.65 -0.37
N GLY A 134 28.47 -6.57 -0.39
CA GLY A 134 27.38 -6.39 -1.37
C GLY A 134 27.92 -6.28 -2.79
N PHE A 135 29.06 -5.61 -2.94
CA PHE A 135 29.68 -5.43 -4.25
C PHE A 135 30.13 -6.78 -4.82
N GLU A 136 30.89 -7.53 -4.01
CA GLU A 136 31.30 -8.87 -4.36
C GLU A 136 30.11 -9.73 -4.71
N GLN A 137 29.02 -9.54 -3.95
CA GLN A 137 27.85 -10.38 -4.15
C GLN A 137 27.25 -10.23 -5.54
N ILE A 138 27.33 -9.04 -6.13
CA ILE A 138 26.76 -8.85 -7.46
C ILE A 138 27.35 -9.87 -8.44
N PHE A 139 28.68 -9.98 -8.40
CA PHE A 139 29.38 -10.82 -9.37
C PHE A 139 29.27 -12.31 -9.07
N LYS A 140 29.40 -12.64 -7.78
CA LYS A 140 29.13 -13.99 -7.29
C LYS A 140 27.76 -14.47 -7.75
N ASN A 141 26.74 -13.66 -7.50
CA ASN A 141 25.37 -14.03 -7.84
C ASN A 141 25.17 -14.20 -9.35
N SER A 142 25.79 -13.30 -10.11
CA SER A 142 25.81 -13.41 -11.56
C SER A 142 26.42 -14.76 -11.99
N LEU A 143 27.55 -15.14 -11.39
CA LEU A 143 28.24 -16.37 -11.78
C LEU A 143 27.43 -17.64 -11.56
N THR A 144 26.48 -17.64 -10.63
CA THR A 144 25.69 -18.85 -10.37
C THR A 144 24.82 -19.21 -11.57
N GLY A 145 24.56 -18.25 -12.45
CA GLY A 145 23.68 -18.45 -13.60
C GLY A 145 22.22 -18.29 -13.24
N LEU A 146 21.95 -18.01 -11.95
CA LEU A 146 20.58 -17.90 -11.45
C LEU A 146 20.14 -16.44 -11.30
N PRO A 147 18.81 -16.18 -11.32
CA PRO A 147 18.35 -14.79 -11.44
C PRO A 147 18.32 -14.06 -10.10
N ILE A 148 19.47 -13.54 -9.69
CA ILE A 148 19.63 -12.89 -8.41
C ILE A 148 20.55 -11.71 -8.55
N GLY A 149 20.04 -10.57 -8.09
CA GLY A 149 20.84 -9.35 -7.89
C GLY A 149 21.71 -9.47 -6.64
N GLY A 150 22.39 -8.38 -6.29
CA GLY A 150 23.36 -8.43 -5.19
C GLY A 150 23.07 -7.41 -4.10
N GLY A 151 23.20 -7.86 -2.86
CA GLY A 151 23.11 -6.98 -1.70
C GLY A 151 23.69 -7.65 -0.45
N LYS A 152 23.71 -6.91 0.66
CA LYS A 152 24.24 -7.43 1.92
C LYS A 152 23.77 -6.53 3.04
N GLY A 153 23.75 -7.04 4.26
CA GLY A 153 23.39 -6.21 5.38
C GLY A 153 23.95 -6.77 6.66
N GLY A 154 23.50 -6.21 7.78
CA GLY A 154 23.99 -6.68 9.09
C GLY A 154 23.88 -5.61 10.15
N SER A 155 24.65 -5.82 11.20
CA SER A 155 24.64 -4.91 12.33
C SER A 155 25.91 -5.09 13.10
N ASP A 156 26.33 -4.02 13.79
CA ASP A 156 27.41 -4.15 14.78
C ASP A 156 27.04 -4.83 16.11
N PHE A 157 25.76 -5.21 16.28
CA PHE A 157 25.36 -6.12 17.35
C PHE A 157 26.27 -7.35 17.45
N ASP A 158 26.68 -7.65 18.67
CA ASP A 158 27.51 -8.82 18.93
C ASP A 158 26.66 -9.92 19.57
N PRO A 159 26.34 -10.98 18.81
CA PRO A 159 25.47 -12.03 19.37
C PRO A 159 26.14 -12.90 20.44
N LYS A 160 27.47 -12.82 20.56
CA LYS A 160 28.16 -13.64 21.57
C LYS A 160 27.72 -13.20 22.96
N GLY A 161 27.39 -14.18 23.80
CA GLY A 161 27.04 -13.92 25.20
C GLY A 161 25.57 -13.56 25.42
N LYS A 162 24.83 -13.40 24.33
CA LYS A 162 23.43 -13.01 24.43
C LYS A 162 22.55 -14.24 24.64
N SER A 163 21.51 -14.10 25.45
CA SER A 163 20.53 -15.18 25.64
C SER A 163 19.69 -15.33 24.39
N ASP A 164 18.98 -16.44 24.29
CA ASP A 164 18.03 -16.59 23.16
C ASP A 164 17.01 -15.45 23.09
N LEU A 165 16.47 -15.03 24.25
CA LEU A 165 15.48 -13.94 24.25
C LEU A 165 16.11 -12.61 23.81
N GLU A 166 17.36 -12.39 24.19
CA GLU A 166 18.05 -11.18 23.76
C GLU A 166 18.27 -11.19 22.24
N ILE A 167 18.71 -12.33 21.69
CA ILE A 167 18.87 -12.51 20.26
C ILE A 167 17.52 -12.26 19.56
N MET A 168 16.48 -12.89 20.12
CA MET A 168 15.14 -12.73 19.57
C MET A 168 14.69 -11.26 19.53
N ARG A 169 14.83 -10.56 20.66
CA ARG A 169 14.46 -9.14 20.69
C ARG A 169 15.26 -8.31 19.72
N PHE A 170 16.57 -8.61 19.64
CA PHE A 170 17.39 -7.92 18.66
C PHE A 170 16.88 -8.15 17.24
N CYS A 171 16.65 -9.42 16.87
CA CYS A 171 16.16 -9.73 15.54
C CYS A 171 14.82 -9.06 15.29
N GLN A 172 13.94 -9.03 16.30
CA GLN A 172 12.65 -8.38 16.09
C GLN A 172 12.78 -6.86 15.89
N SER A 173 13.68 -6.23 16.63
CA SER A 173 13.88 -4.79 16.44
C SER A 173 14.47 -4.52 15.06
N PHE A 174 15.44 -5.35 14.67
CA PHE A 174 16.09 -5.24 13.37
C PHE A 174 15.04 -5.33 12.24
N MET A 175 14.19 -6.36 12.32
CA MET A 175 13.21 -6.60 11.27
C MET A 175 12.05 -5.63 11.31
N THR A 176 11.82 -4.99 12.48
CA THR A 176 10.82 -3.91 12.55
C THR A 176 11.11 -2.81 11.53
N GLU A 177 12.41 -2.52 11.34
CA GLU A 177 12.79 -1.61 10.27
C GLU A 177 12.95 -2.29 8.90
N LEU A 178 13.68 -3.40 8.87
CA LEU A 178 14.08 -4.02 7.61
C LEU A 178 12.88 -4.46 6.74
N HIS A 179 11.76 -4.82 7.37
CA HIS A 179 10.70 -5.49 6.61
C HIS A 179 10.20 -4.66 5.46
N ARG A 180 10.17 -3.33 5.63
CA ARG A 180 9.54 -2.46 4.62
C ARG A 180 10.41 -2.36 3.37
N HIS A 181 11.66 -2.81 3.47
CA HIS A 181 12.67 -2.71 2.39
C HIS A 181 12.94 -4.02 1.67
N ILE A 182 12.27 -5.09 2.09
CA ILE A 182 12.55 -6.41 1.54
C ILE A 182 11.26 -7.07 1.09
N GLY A 183 11.41 -8.25 0.50
CA GLY A 183 10.25 -8.94 -0.12
C GLY A 183 10.71 -9.94 -1.17
N GLU A 184 9.82 -10.88 -1.51
CA GLU A 184 10.22 -11.98 -2.39
C GLU A 184 10.82 -11.52 -3.72
N TYR A 185 10.40 -10.35 -4.21
CA TYR A 185 10.90 -9.82 -5.50
C TYR A 185 11.78 -8.61 -5.28
N ARG A 186 11.81 -8.09 -4.05
CA ARG A 186 12.50 -6.84 -3.70
C ARG A 186 13.91 -7.10 -3.23
N ASP A 187 14.04 -7.88 -2.16
CA ASP A 187 15.33 -8.14 -1.52
C ASP A 187 15.12 -9.35 -0.63
N VAL A 188 15.99 -10.36 -0.82
CA VAL A 188 15.88 -11.62 -0.09
C VAL A 188 17.17 -11.89 0.71
N PRO A 189 17.16 -11.56 2.01
CA PRO A 189 18.34 -11.81 2.85
C PRO A 189 18.51 -13.28 3.23
N ALA A 190 19.50 -13.51 4.08
CA ALA A 190 19.91 -14.82 4.54
C ALA A 190 20.94 -14.57 5.65
N GLY A 191 21.56 -15.63 6.12
CA GLY A 191 22.58 -15.50 7.14
C GLY A 191 23.94 -15.16 6.57
N ASP A 192 24.90 -15.03 7.47
CA ASP A 192 26.33 -14.77 7.17
C ASP A 192 26.98 -14.90 8.56
N ILE A 193 28.08 -14.21 8.83
CA ILE A 193 28.72 -14.35 10.14
C ILE A 193 27.75 -13.90 11.25
N GLY A 194 27.58 -14.75 12.25
CA GLY A 194 26.74 -14.43 13.41
C GLY A 194 25.25 -14.57 13.19
N VAL A 195 24.86 -14.94 11.98
CA VAL A 195 23.43 -15.14 11.69
C VAL A 195 23.23 -16.52 11.11
N GLY A 196 22.68 -17.38 11.95
CA GLY A 196 22.49 -18.78 11.62
C GLY A 196 21.01 -19.10 11.66
N GLY A 197 20.70 -20.39 11.75
CA GLY A 197 19.30 -20.81 11.68
C GLY A 197 18.44 -20.19 12.77
N ARG A 198 18.99 -20.07 13.99
CA ARG A 198 18.29 -19.42 15.10
C ARG A 198 17.81 -18.01 14.72
N GLU A 199 18.73 -17.21 14.20
CA GLU A 199 18.44 -15.83 13.90
C GLU A 199 17.49 -15.75 12.71
N ILE A 200 17.69 -16.62 11.72
CA ILE A 200 16.80 -16.61 10.54
C ILE A 200 15.35 -16.91 10.97
N GLY A 201 15.17 -17.88 11.85
CA GLY A 201 13.85 -18.15 12.44
C GLY A 201 13.21 -16.91 13.06
N TYR A 202 13.96 -16.19 13.89
CA TYR A 202 13.36 -15.05 14.58
C TYR A 202 13.12 -13.91 13.59
N LEU A 203 14.03 -13.73 12.61
CA LEU A 203 13.85 -12.73 11.57
C LEU A 203 12.65 -13.04 10.69
N PHE A 204 12.50 -14.31 10.30
CA PHE A 204 11.37 -14.68 9.45
C PHE A 204 10.04 -14.58 10.19
N GLY A 205 9.98 -15.07 11.41
CA GLY A 205 8.74 -14.98 12.20
C GLY A 205 8.26 -13.54 12.31
N HIS A 206 9.20 -12.67 12.68
CA HIS A 206 8.84 -11.29 12.81
C HIS A 206 8.49 -10.60 11.48
N TYR A 207 9.15 -10.98 10.36
CA TYR A 207 8.75 -10.46 9.07
C TYR A 207 7.27 -10.79 8.83
N ARG A 208 6.89 -12.04 9.08
CA ARG A 208 5.50 -12.43 8.80
C ARG A 208 4.56 -11.61 9.67
N ARG A 209 4.97 -11.34 10.92
CA ARG A 209 4.16 -10.53 11.82
C ARG A 209 4.00 -9.10 11.28
N MET A 210 5.09 -8.54 10.76
CA MET A 210 5.07 -7.18 10.22
C MET A 210 4.25 -7.07 8.94
N ALA A 211 4.41 -8.06 8.05
CA ALA A 211 3.77 -8.06 6.70
C ALA A 211 2.39 -8.67 6.71
N ASN A 212 2.05 -9.34 7.80
CA ASN A 212 0.83 -10.15 7.90
C ASN A 212 0.68 -11.09 6.71
N GLN A 213 1.75 -11.76 6.37
CA GLN A 213 1.62 -12.87 5.42
C GLN A 213 2.78 -13.81 5.42
N HIS A 214 2.50 -15.03 5.01
CA HIS A 214 3.47 -16.07 5.11
C HIS A 214 4.21 -16.12 3.78
N GLU A 215 5.10 -15.13 3.61
CA GLU A 215 5.82 -14.90 2.37
C GLU A 215 7.17 -15.65 2.43
N SER A 216 7.17 -16.93 2.04
CA SER A 216 8.33 -17.79 2.26
C SER A 216 9.55 -17.25 1.52
N GLY A 217 9.32 -16.63 0.38
CA GLY A 217 10.42 -16.15 -0.48
C GLY A 217 11.15 -14.91 0.03
N VAL A 218 10.75 -14.41 1.18
CA VAL A 218 11.41 -13.21 1.74
C VAL A 218 12.84 -13.45 2.26
N LEU A 219 13.12 -14.68 2.65
CA LEU A 219 14.40 -15.04 3.28
C LEU A 219 14.82 -16.40 2.82
N THR A 220 16.12 -16.68 2.83
CA THR A 220 16.60 -18.05 2.63
C THR A 220 17.43 -18.45 3.84
N GLY A 221 17.81 -19.73 3.89
CA GLY A 221 18.37 -20.33 5.11
C GLY A 221 17.29 -20.62 6.14
N LYS A 222 16.04 -20.74 5.67
CA LYS A 222 14.91 -21.09 6.55
C LYS A 222 14.96 -22.55 6.99
N GLY A 223 14.18 -22.84 8.03
CA GLY A 223 14.13 -24.20 8.60
C GLY A 223 13.35 -25.12 7.71
N LEU A 224 13.67 -26.40 7.77
CA LEU A 224 13.16 -27.36 6.80
C LEU A 224 11.64 -27.54 6.83
N THR A 225 11.02 -27.30 7.97
CA THR A 225 9.57 -27.48 8.06
C THR A 225 8.79 -26.18 7.86
N TRP A 226 9.49 -25.07 7.64
CA TRP A 226 8.80 -23.80 7.31
C TRP A 226 9.46 -23.11 6.12
N GLY A 227 9.71 -23.91 5.07
CA GLY A 227 10.02 -23.35 3.76
C GLY A 227 11.48 -23.35 3.39
N GLY A 228 12.29 -24.00 4.21
CA GLY A 228 13.71 -24.12 3.89
C GLY A 228 13.99 -25.15 2.80
N SER A 229 15.26 -25.23 2.41
CA SER A 229 15.73 -26.19 1.41
C SER A 229 16.75 -27.11 2.03
N LEU A 230 16.62 -28.39 1.72
CA LEU A 230 17.67 -29.34 2.04
C LEU A 230 18.94 -28.88 1.31
N VAL A 231 20.07 -29.24 1.91
CA VAL A 231 21.43 -28.88 1.40
C VAL A 231 21.83 -27.42 1.71
N ARG A 232 20.89 -26.51 1.99
CA ARG A 232 21.33 -25.11 2.17
C ARG A 232 22.32 -24.97 3.34
N THR A 233 22.11 -25.70 4.43
CA THR A 233 23.02 -25.65 5.57
C THR A 233 24.44 -26.07 5.13
N GLU A 234 24.51 -27.12 4.35
CA GLU A 234 25.80 -27.68 3.87
C GLU A 234 26.41 -26.91 2.71
N ALA A 235 25.63 -26.03 2.07
CA ALA A 235 25.89 -25.65 0.68
C ALA A 235 27.20 -24.93 0.43
N THR A 236 27.50 -23.93 1.25
CA THR A 236 28.69 -23.09 0.98
C THR A 236 29.97 -23.93 1.10
N GLY A 237 30.09 -24.66 2.19
CA GLY A 237 31.26 -25.51 2.40
C GLY A 237 31.35 -26.67 1.42
N TYR A 238 30.23 -27.36 1.16
CA TYR A 238 30.23 -28.40 0.12
C TYR A 238 30.66 -27.79 -1.23
N GLY A 239 30.08 -26.64 -1.60
CA GLY A 239 30.35 -26.02 -2.88
C GLY A 239 31.81 -25.63 -3.03
N CYS A 240 32.40 -25.16 -1.93
CA CYS A 240 33.81 -24.73 -1.90
C CYS A 240 34.69 -25.94 -2.23
N VAL A 241 34.35 -27.06 -1.62
CA VAL A 241 35.07 -28.31 -1.87
C VAL A 241 34.82 -28.84 -3.29
N TYR A 242 33.57 -28.78 -3.75
CA TYR A 242 33.30 -29.13 -5.16
C TYR A 242 34.14 -28.28 -6.14
N PHE A 243 34.26 -26.98 -5.85
CA PHE A 243 35.03 -26.08 -6.69
C PHE A 243 36.52 -26.41 -6.64
N VAL A 244 37.06 -26.56 -5.43
CA VAL A 244 38.50 -26.88 -5.34
C VAL A 244 38.83 -28.23 -5.98
N SER A 245 37.93 -29.22 -5.88
CA SER A 245 38.13 -30.48 -6.59
C SER A 245 38.29 -30.28 -8.10
N GLU A 246 37.49 -29.39 -8.69
CA GLU A 246 37.66 -29.08 -10.12
C GLU A 246 39.03 -28.47 -10.39
N MET A 247 39.46 -27.54 -9.54
CA MET A 247 40.79 -26.89 -9.67
C MET A 247 41.91 -27.95 -9.64
N ILE A 248 41.78 -28.88 -8.69
CA ILE A 248 42.77 -29.95 -8.48
C ILE A 248 42.82 -30.90 -9.69
N LYS A 249 41.65 -31.29 -10.19
CA LYS A 249 41.55 -32.14 -11.39
C LYS A 249 42.13 -31.45 -12.62
N ALA A 250 41.98 -30.13 -12.70
CA ALA A 250 42.52 -29.38 -13.84
C ALA A 250 44.05 -29.43 -13.90
N LYS A 251 44.68 -29.59 -12.73
CA LYS A 251 46.15 -29.76 -12.60
C LYS A 251 46.57 -31.23 -12.71
N GLY A 252 45.61 -32.12 -12.97
CA GLY A 252 45.92 -33.54 -13.06
C GLY A 252 46.15 -34.24 -11.72
N GLU A 253 45.64 -33.63 -10.64
CA GLU A 253 45.73 -34.25 -9.32
C GLU A 253 44.32 -34.65 -8.90
N SER A 254 44.23 -35.25 -7.73
CA SER A 254 42.92 -35.57 -7.18
C SER A 254 42.88 -35.22 -5.70
N ILE A 255 41.70 -34.86 -5.22
CA ILE A 255 41.55 -34.43 -3.84
C ILE A 255 41.78 -35.55 -2.78
N SER A 256 41.52 -36.81 -3.14
CA SER A 256 41.66 -37.89 -2.17
C SER A 256 43.11 -37.97 -1.72
N GLY A 257 43.34 -38.11 -0.43
CA GLY A 257 44.71 -38.26 0.06
C GLY A 257 45.44 -36.96 0.38
N GLN A 258 44.85 -35.82 0.01
CA GLN A 258 45.44 -34.52 0.26
C GLN A 258 45.19 -34.02 1.69
N LYS A 259 46.12 -33.19 2.18
CA LYS A 259 45.99 -32.51 3.47
C LYS A 259 45.47 -31.09 3.27
N ILE A 260 44.41 -30.77 4.02
CA ILE A 260 43.68 -29.54 3.82
C ILE A 260 43.58 -28.73 5.12
N ILE A 261 43.89 -27.45 5.06
CA ILE A 261 43.62 -26.57 6.18
C ILE A 261 42.28 -25.91 5.92
N VAL A 262 41.39 -25.94 6.92
CA VAL A 262 40.10 -25.21 6.82
C VAL A 262 39.99 -24.25 8.01
N SER A 263 40.25 -22.96 7.80
CA SER A 263 40.15 -22.00 8.88
C SER A 263 38.68 -21.66 9.23
N GLY A 264 38.47 -21.17 10.43
CA GLY A 264 37.10 -20.96 10.94
C GLY A 264 36.49 -22.27 11.43
N SER A 265 35.32 -22.14 12.05
CA SER A 265 34.63 -23.31 12.66
C SER A 265 33.16 -23.05 12.69
N GLY A 266 32.69 -22.26 11.73
CA GLY A 266 31.26 -21.91 11.65
C GLY A 266 30.56 -22.70 10.56
N ASN A 267 29.53 -22.12 9.97
CA ASN A 267 28.75 -22.82 8.97
C ASN A 267 29.57 -23.26 7.74
N VAL A 268 30.38 -22.34 7.22
CA VAL A 268 31.13 -22.66 6.02
C VAL A 268 32.23 -23.69 6.32
N ALA A 269 32.97 -23.46 7.39
CA ALA A 269 34.08 -24.35 7.73
C ALA A 269 33.62 -25.77 8.04
N THR A 270 32.56 -25.87 8.85
CA THR A 270 32.07 -27.19 9.26
C THR A 270 31.81 -28.12 8.06
N TYR A 271 31.11 -27.60 7.04
CA TYR A 271 30.70 -28.45 5.94
C TYR A 271 31.75 -28.57 4.86
N ALA A 272 32.68 -27.61 4.80
CA ALA A 272 33.86 -27.81 3.95
C ALA A 272 34.65 -29.01 4.49
N ILE A 273 34.79 -29.08 5.81
CA ILE A 273 35.50 -30.19 6.45
C ILE A 273 34.79 -31.50 6.17
N GLU A 274 33.47 -31.51 6.38
CA GLU A 274 32.69 -32.72 6.13
C GLU A 274 32.85 -33.25 4.70
N LYS A 275 32.67 -32.36 3.71
CA LYS A 275 32.78 -32.80 2.33
C LYS A 275 34.21 -33.17 1.95
N ALA A 276 35.18 -32.40 2.43
CA ALA A 276 36.59 -32.73 2.15
C ALA A 276 36.93 -34.13 2.63
N GLN A 277 36.50 -34.47 3.84
CA GLN A 277 36.81 -35.78 4.39
C GLN A 277 35.98 -36.89 3.74
N GLU A 278 34.75 -36.58 3.31
CA GLU A 278 33.99 -37.54 2.51
C GLU A 278 34.71 -37.93 1.23
N LEU A 279 35.36 -36.96 0.61
CA LEU A 279 36.03 -37.15 -0.66
C LEU A 279 37.45 -37.67 -0.46
N GLY A 280 37.78 -37.99 0.78
CA GLY A 280 38.99 -38.76 1.08
C GLY A 280 40.19 -37.93 1.47
N ALA A 281 39.99 -36.62 1.61
CA ALA A 281 41.08 -35.76 2.08
C ALA A 281 41.10 -35.77 3.59
N THR A 282 42.19 -35.29 4.22
CA THR A 282 42.16 -35.14 5.65
C THR A 282 42.36 -33.68 6.04
N VAL A 283 41.45 -33.19 6.86
CA VAL A 283 41.56 -31.81 7.35
C VAL A 283 42.48 -31.76 8.55
N ILE A 284 43.57 -31.00 8.43
CA ILE A 284 44.62 -30.99 9.43
C ILE A 284 44.56 -29.84 10.41
N GLY A 285 43.58 -28.95 10.24
CA GLY A 285 43.41 -27.88 11.21
C GLY A 285 42.19 -27.05 10.93
N PHE A 286 41.68 -26.41 11.97
CA PHE A 286 40.58 -25.46 11.88
C PHE A 286 40.73 -24.44 13.00
N SER A 287 39.87 -23.43 13.04
CA SER A 287 40.10 -22.35 14.03
C SER A 287 38.86 -21.57 14.40
N ASP A 288 38.95 -20.75 15.45
CA ASP A 288 38.01 -19.64 15.63
C ASP A 288 38.86 -18.39 15.82
N SER A 289 38.26 -17.28 16.25
CA SER A 289 39.00 -16.04 16.38
C SER A 289 39.96 -16.03 17.59
N SER A 290 39.84 -17.03 18.45
CA SER A 290 40.64 -17.11 19.69
C SER A 290 41.94 -17.88 19.48
N GLY A 291 41.90 -18.87 18.60
CA GLY A 291 43.07 -19.72 18.36
C GLY A 291 42.76 -20.83 17.36
N TRP A 292 43.75 -21.70 17.13
CA TRP A 292 43.61 -22.74 16.12
C TRP A 292 43.92 -24.13 16.64
N VAL A 293 43.40 -25.14 15.93
CA VAL A 293 43.58 -26.50 16.36
C VAL A 293 44.25 -27.30 15.25
N HIS A 294 45.26 -28.09 15.62
CA HIS A 294 45.95 -28.97 14.72
C HIS A 294 45.36 -30.37 14.91
N THR A 295 44.89 -30.96 13.81
CA THR A 295 44.25 -32.27 13.80
C THR A 295 44.93 -33.13 12.76
N PRO A 296 46.13 -33.64 13.10
CA PRO A 296 46.93 -34.32 12.09
C PRO A 296 46.24 -35.57 11.49
N ASN A 297 45.31 -36.15 12.25
CA ASN A 297 44.56 -37.33 11.82
C ASN A 297 43.12 -37.01 11.39
N GLY A 298 42.87 -35.76 11.04
CA GLY A 298 41.55 -35.39 10.58
C GLY A 298 40.65 -34.92 11.72
N VAL A 299 39.48 -34.43 11.31
CA VAL A 299 38.54 -33.80 12.23
C VAL A 299 37.35 -34.73 12.50
N ASP A 300 36.97 -34.82 13.76
CA ASP A 300 35.72 -35.47 14.16
C ASP A 300 34.63 -34.44 13.99
N VAL A 301 33.89 -34.51 12.88
CA VAL A 301 32.89 -33.47 12.56
C VAL A 301 31.80 -33.45 13.62
N ALA A 302 31.38 -34.63 14.08
CA ALA A 302 30.32 -34.65 15.09
C ALA A 302 30.72 -33.91 16.38
N LYS A 303 31.96 -34.12 16.83
CA LYS A 303 32.44 -33.41 18.01
C LYS A 303 32.52 -31.90 17.77
N LEU A 304 33.02 -31.51 16.61
CA LEU A 304 33.12 -30.10 16.30
C LEU A 304 31.73 -29.47 16.32
N ARG A 305 30.76 -30.14 15.69
CA ARG A 305 29.39 -29.62 15.65
C ARG A 305 28.77 -29.49 17.05
N GLU A 306 29.01 -30.49 17.89
CA GLU A 306 28.48 -30.43 19.26
C GLU A 306 29.09 -29.24 20.01
N ILE A 307 30.41 -29.09 19.90
CA ILE A 307 31.08 -27.96 20.54
C ILE A 307 30.57 -26.61 20.03
N LYS A 308 30.46 -26.45 18.72
CA LYS A 308 30.14 -25.13 18.18
C LYS A 308 28.65 -24.82 18.19
N GLU A 309 27.81 -25.82 17.88
CA GLU A 309 26.37 -25.57 17.67
C GLU A 309 25.53 -25.73 18.93
N VAL A 310 25.93 -26.67 19.79
CA VAL A 310 25.18 -26.92 21.03
C VAL A 310 25.77 -26.09 22.17
N ARG A 311 27.06 -26.24 22.39
CA ARG A 311 27.74 -25.62 23.51
C ARG A 311 28.18 -24.19 23.23
N ARG A 312 28.23 -23.83 21.94
CA ARG A 312 28.70 -22.50 21.50
C ARG A 312 30.01 -22.14 22.21
N ALA A 313 30.92 -23.11 22.22
CA ALA A 313 32.17 -23.05 22.94
C ALA A 313 33.35 -22.75 22.02
N ARG A 314 34.55 -22.65 22.61
CA ARG A 314 35.77 -22.34 21.85
C ARG A 314 36.40 -23.61 21.27
N VAL A 315 37.13 -23.47 20.15
CA VAL A 315 37.81 -24.63 19.57
C VAL A 315 38.81 -25.28 20.53
N SER A 316 39.31 -24.49 21.48
CA SER A 316 40.16 -25.04 22.56
C SER A 316 39.52 -26.26 23.24
N VAL A 317 38.19 -26.23 23.37
CA VAL A 317 37.45 -27.31 24.01
C VAL A 317 37.51 -28.60 23.17
N TYR A 318 37.51 -28.46 21.84
CA TYR A 318 37.74 -29.64 20.98
C TYR A 318 39.08 -30.27 21.29
N ALA A 319 40.12 -29.45 21.34
CA ALA A 319 41.45 -29.98 21.64
C ALA A 319 41.44 -30.69 23.00
N ASP A 320 40.77 -30.12 24.00
CA ASP A 320 40.69 -30.74 25.34
C ASP A 320 40.11 -32.16 25.32
N GLU A 321 39.13 -32.35 24.44
CA GLU A 321 38.33 -33.55 24.43
C GLU A 321 38.75 -34.60 23.40
N ILE A 322 39.65 -34.24 22.49
CA ILE A 322 40.06 -35.14 21.43
C ILE A 322 41.54 -35.49 21.46
N GLU A 323 41.83 -36.77 21.69
CA GLU A 323 43.18 -37.30 21.68
C GLU A 323 43.89 -36.96 20.37
N GLY A 324 45.04 -36.32 20.46
CA GLY A 324 45.87 -36.07 19.29
C GLY A 324 45.64 -34.74 18.58
N ALA A 325 44.62 -34.00 19.03
CA ALA A 325 44.41 -32.63 18.55
C ALA A 325 45.05 -31.65 19.55
N THR A 326 45.70 -30.61 19.03
CA THR A 326 46.43 -29.65 19.87
C THR A 326 45.95 -28.22 19.64
N TYR A 327 45.76 -27.47 20.72
CA TYR A 327 45.29 -26.07 20.62
C TYR A 327 46.48 -25.14 20.62
N HIS A 328 46.39 -24.10 19.80
CA HIS A 328 47.43 -23.07 19.68
C HIS A 328 46.89 -21.65 19.72
N THR A 329 47.57 -20.76 20.44
CA THR A 329 47.28 -19.33 20.33
C THR A 329 48.47 -18.59 19.74
N ASP A 330 49.59 -19.32 19.59
CA ASP A 330 50.80 -18.84 18.95
C ASP A 330 50.74 -19.06 17.44
N GLY A 331 51.49 -18.27 16.68
CA GLY A 331 51.66 -18.51 15.24
C GLY A 331 50.34 -18.35 14.49
N SER A 332 50.20 -19.11 13.41
CA SER A 332 49.02 -19.05 12.56
C SER A 332 48.69 -20.47 12.11
N ILE A 333 47.40 -20.74 11.92
CA ILE A 333 46.98 -21.98 11.28
C ILE A 333 47.69 -22.18 9.92
N TRP A 334 48.08 -21.07 9.30
CA TRP A 334 48.69 -21.12 7.97
C TRP A 334 50.14 -21.57 8.02
N ASP A 335 50.64 -21.81 9.22
CA ASP A 335 51.98 -22.41 9.43
C ASP A 335 51.99 -23.92 9.19
N LEU A 336 50.82 -24.56 9.14
CA LEU A 336 50.72 -26.00 8.92
C LEU A 336 51.06 -26.35 7.47
N LYS A 337 51.93 -27.34 7.27
CA LYS A 337 52.20 -27.78 5.90
C LYS A 337 50.95 -28.46 5.34
N CYS A 338 50.54 -28.04 4.15
CA CYS A 338 49.32 -28.57 3.53
C CYS A 338 49.44 -28.64 2.02
N ASP A 339 48.46 -29.32 1.41
CA ASP A 339 48.26 -29.37 -0.03
C ASP A 339 47.29 -28.30 -0.51
N ILE A 340 46.29 -28.03 0.33
CA ILE A 340 45.16 -27.18 -0.04
C ILE A 340 44.81 -26.38 1.19
N ALA A 341 44.60 -25.09 0.99
CA ALA A 341 44.14 -24.19 2.04
C ALA A 341 42.77 -23.64 1.65
N LEU A 342 41.81 -23.78 2.58
CA LEU A 342 40.42 -23.30 2.39
C LEU A 342 40.11 -22.31 3.52
N PRO A 343 40.48 -21.02 3.33
CA PRO A 343 40.10 -20.06 4.35
C PRO A 343 38.58 -19.85 4.37
N CYS A 344 37.98 -20.10 5.54
CA CYS A 344 36.50 -20.10 5.69
C CYS A 344 36.00 -19.29 6.87
N ALA A 345 36.79 -18.30 7.29
CA ALA A 345 36.40 -17.50 8.45
C ALA A 345 35.93 -16.11 8.09
N THR A 346 36.78 -15.27 7.50
CA THR A 346 36.44 -13.83 7.38
C THR A 346 37.37 -13.12 6.40
N GLN A 347 37.16 -11.83 6.17
CA GLN A 347 38.03 -11.07 5.26
C GLN A 347 39.43 -10.84 5.86
N ASN A 348 40.42 -10.89 4.99
CA ASN A 348 41.82 -10.52 5.32
C ASN A 348 42.44 -11.34 6.44
N GLU A 349 42.07 -12.63 6.48
CA GLU A 349 42.57 -13.56 7.46
C GLU A 349 43.80 -14.32 6.97
N LEU A 350 44.12 -14.17 5.69
CA LEU A 350 45.25 -14.87 5.08
C LEU A 350 46.08 -13.80 4.39
N ASN A 351 47.23 -13.45 4.98
CA ASN A 351 48.00 -12.30 4.48
C ASN A 351 49.21 -12.72 3.62
N GLY A 352 49.99 -11.74 3.19
CA GLY A 352 51.16 -11.99 2.33
C GLY A 352 52.18 -12.93 2.97
N GLU A 353 52.45 -12.74 4.26
CA GLU A 353 53.38 -13.61 5.01
C GLU A 353 52.82 -15.04 5.06
N ASN A 354 51.52 -15.14 5.38
CA ASN A 354 50.86 -16.45 5.36
C ASN A 354 50.94 -17.15 4.00
N ALA A 355 50.69 -16.40 2.93
CA ALA A 355 50.72 -16.90 1.58
C ALA A 355 52.11 -17.45 1.23
N LYS A 356 53.14 -16.70 1.60
CA LYS A 356 54.52 -17.19 1.36
C LYS A 356 54.83 -18.47 2.13
N THR A 357 54.42 -18.52 3.41
CA THR A 357 54.59 -19.68 4.25
C THR A 357 53.87 -20.88 3.65
N LEU A 358 52.60 -20.69 3.28
CA LEU A 358 51.85 -21.76 2.59
C LEU A 358 52.56 -22.26 1.33
N ALA A 359 53.02 -21.33 0.51
CA ALA A 359 53.68 -21.66 -0.74
C ALA A 359 54.98 -22.43 -0.48
N ASP A 360 55.78 -21.93 0.46
CA ASP A 360 57.07 -22.55 0.76
C ASP A 360 56.87 -23.95 1.30
N ASN A 361 55.79 -24.14 2.05
CA ASN A 361 55.51 -25.43 2.67
C ASN A 361 54.87 -26.44 1.75
N GLY A 362 54.52 -26.03 0.54
CA GLY A 362 54.03 -26.96 -0.47
C GLY A 362 52.55 -26.87 -0.84
N CYS A 363 51.88 -25.82 -0.37
CA CYS A 363 50.46 -25.62 -0.73
C CYS A 363 50.33 -25.34 -2.22
N ARG A 364 49.46 -26.08 -2.90
CA ARG A 364 49.30 -25.90 -4.36
C ARG A 364 47.93 -25.34 -4.78
N PHE A 365 46.99 -25.28 -3.84
CA PHE A 365 45.63 -24.87 -4.18
C PHE A 365 45.06 -24.09 -3.02
N VAL A 366 44.47 -22.93 -3.31
CA VAL A 366 43.75 -22.14 -2.30
C VAL A 366 42.38 -21.86 -2.89
N ALA A 367 41.31 -22.14 -2.12
CA ALA A 367 39.97 -21.75 -2.57
C ALA A 367 39.29 -21.09 -1.40
N GLU A 368 38.61 -19.99 -1.68
CA GLU A 368 38.06 -19.14 -0.62
C GLU A 368 36.61 -19.50 -0.29
N GLY A 369 36.41 -20.06 0.89
CA GLY A 369 35.04 -20.27 1.45
C GLY A 369 34.49 -18.99 2.06
N ALA A 370 35.37 -18.26 2.73
CA ALA A 370 35.08 -16.92 3.23
C ALA A 370 34.99 -15.91 2.11
N ASN A 371 34.43 -14.75 2.41
CA ASN A 371 34.48 -13.60 1.50
C ASN A 371 35.76 -12.78 1.73
N MET A 372 36.54 -12.69 0.65
CA MET A 372 37.78 -11.89 0.59
C MET A 372 38.76 -12.23 1.73
N PRO A 373 39.01 -13.53 1.99
CA PRO A 373 39.97 -13.88 3.06
C PRO A 373 41.43 -13.54 2.73
N SER A 374 41.77 -13.59 1.45
CA SER A 374 43.19 -13.40 0.99
C SER A 374 43.43 -11.92 0.74
N THR A 375 44.42 -11.34 1.44
CA THR A 375 44.77 -9.93 1.22
C THR A 375 45.36 -9.76 -0.20
N PRO A 376 45.42 -8.50 -0.71
CA PRO A 376 45.98 -8.28 -2.05
C PRO A 376 47.39 -8.85 -2.16
N GLU A 377 48.21 -8.68 -1.12
CA GLU A 377 49.58 -9.25 -1.08
C GLU A 377 49.57 -10.78 -1.18
N ALA A 378 48.63 -11.43 -0.49
CA ALA A 378 48.49 -12.88 -0.59
C ALA A 378 48.12 -13.31 -2.02
N VAL A 379 47.19 -12.60 -2.65
CA VAL A 379 46.76 -12.95 -4.01
C VAL A 379 47.92 -12.80 -5.00
N GLU A 380 48.72 -11.77 -4.81
CA GLU A 380 49.93 -11.61 -5.62
C GLU A 380 50.93 -12.75 -5.40
N VAL A 381 51.16 -13.15 -4.16
CA VAL A 381 52.01 -14.34 -3.88
C VAL A 381 51.51 -15.60 -4.61
N PHE A 382 50.21 -15.89 -4.52
CA PHE A 382 49.68 -17.05 -5.21
C PHE A 382 49.98 -16.96 -6.71
N ARG A 383 49.74 -15.79 -7.29
CA ARG A 383 49.99 -15.57 -8.72
C ARG A 383 51.47 -15.86 -9.03
N GLU A 384 52.35 -15.14 -8.34
CA GLU A 384 53.80 -15.28 -8.53
C GLU A 384 54.34 -16.68 -8.29
N ARG A 385 53.76 -17.40 -7.33
CA ARG A 385 54.26 -18.73 -6.95
C ARG A 385 53.55 -19.90 -7.63
N ASP A 386 52.67 -19.60 -8.59
CA ASP A 386 51.94 -20.61 -9.36
C ASP A 386 51.02 -21.47 -8.48
N ILE A 387 50.45 -20.88 -7.45
CA ILE A 387 49.44 -21.55 -6.64
C ILE A 387 48.07 -21.28 -7.27
N ARG A 388 47.30 -22.33 -7.52
CA ARG A 388 46.01 -22.16 -8.19
C ARG A 388 45.06 -21.58 -7.16
N PHE A 389 44.31 -20.55 -7.55
CA PHE A 389 43.61 -19.76 -6.54
C PHE A 389 42.20 -19.53 -6.98
N GLY A 390 41.25 -20.05 -6.20
CA GLY A 390 39.83 -19.91 -6.50
C GLY A 390 39.23 -18.79 -5.65
N PRO A 391 38.84 -17.68 -6.29
CA PRO A 391 38.35 -16.51 -5.56
C PRO A 391 36.96 -16.85 -4.98
N GLY A 392 36.65 -16.22 -3.86
CA GLY A 392 35.39 -16.45 -3.11
C GLY A 392 34.15 -16.34 -3.98
N LYS A 393 34.14 -15.36 -4.88
CA LYS A 393 32.94 -15.08 -5.69
C LYS A 393 32.59 -16.26 -6.60
N ALA A 394 33.59 -17.10 -6.89
CA ALA A 394 33.38 -18.37 -7.56
C ALA A 394 33.23 -19.53 -6.58
N ALA A 395 34.22 -19.69 -5.68
CA ALA A 395 34.32 -20.90 -4.87
C ALA A 395 33.28 -20.99 -3.75
N ASN A 396 32.82 -19.85 -3.25
CA ASN A 396 31.83 -19.86 -2.14
C ASN A 396 30.38 -19.67 -2.61
N ALA A 397 30.19 -19.58 -3.91
CA ALA A 397 28.89 -19.23 -4.51
C ALA A 397 27.87 -20.35 -4.34
N GLY A 398 28.30 -21.50 -3.84
CA GLY A 398 27.35 -22.60 -3.63
C GLY A 398 26.24 -22.24 -2.64
N GLY A 399 26.55 -21.37 -1.68
CA GLY A 399 25.59 -20.99 -0.64
C GLY A 399 24.47 -20.19 -1.29
N VAL A 400 24.83 -19.08 -1.92
CA VAL A 400 23.80 -18.29 -2.57
C VAL A 400 23.11 -18.99 -3.73
N ALA A 401 23.83 -19.87 -4.46
CA ALA A 401 23.15 -20.66 -5.48
C ALA A 401 22.03 -21.52 -4.84
N THR A 402 22.33 -22.14 -3.71
CA THR A 402 21.34 -22.99 -3.03
C THR A 402 20.25 -22.13 -2.41
N SER A 403 20.57 -20.91 -1.98
CA SER A 403 19.50 -19.95 -1.63
C SER A 403 18.57 -19.69 -2.81
N ALA A 404 19.12 -19.54 -4.01
CA ALA A 404 18.26 -19.31 -5.16
C ALA A 404 17.41 -20.56 -5.40
N LEU A 405 17.96 -21.74 -5.14
CA LEU A 405 17.16 -22.97 -5.24
C LEU A 405 16.06 -22.97 -4.17
N GLU A 406 16.38 -22.50 -2.97
CA GLU A 406 15.35 -22.32 -1.92
C GLU A 406 14.23 -21.36 -2.44
N MET A 407 14.61 -20.26 -3.06
CA MET A 407 13.66 -19.32 -3.68
C MET A 407 12.79 -19.99 -4.76
N GLN A 408 13.41 -20.84 -5.56
CA GLN A 408 12.73 -21.55 -6.64
C GLN A 408 11.72 -22.54 -6.07
N GLN A 409 12.14 -23.26 -5.04
CA GLN A 409 11.26 -24.23 -4.36
C GLN A 409 10.07 -23.46 -3.77
N ASN A 410 10.34 -22.32 -3.14
CA ASN A 410 9.25 -21.56 -2.52
C ASN A 410 8.31 -21.01 -3.59
N ALA A 411 8.87 -20.55 -4.72
CA ALA A 411 8.05 -19.89 -5.74
C ALA A 411 7.07 -20.89 -6.31
N SER A 412 7.51 -22.14 -6.40
CA SER A 412 6.70 -23.22 -6.96
C SER A 412 6.01 -24.07 -5.89
N ARG A 413 6.09 -23.65 -4.62
CA ARG A 413 5.55 -24.39 -3.48
C ARG A 413 5.94 -25.88 -3.53
N ASP A 414 7.20 -26.13 -3.90
CA ASP A 414 7.73 -27.49 -3.99
C ASP A 414 8.81 -27.68 -2.92
N SER A 415 9.11 -28.93 -2.60
CA SER A 415 10.20 -29.23 -1.67
C SER A 415 11.03 -30.36 -2.25
N TRP A 416 12.31 -30.09 -2.58
CA TRP A 416 13.13 -31.07 -3.30
C TRP A 416 13.89 -31.97 -2.35
N SER A 417 14.27 -33.16 -2.82
CA SER A 417 15.09 -34.05 -1.99
C SER A 417 16.52 -33.50 -1.81
N PHE A 418 17.21 -34.00 -0.80
CA PHE A 418 18.61 -33.67 -0.58
C PHE A 418 19.43 -34.06 -1.81
N GLU A 419 19.22 -35.29 -2.30
CA GLU A 419 20.00 -35.78 -3.45
C GLU A 419 19.79 -34.96 -4.73
N TYR A 420 18.54 -34.59 -5.02
CA TYR A 420 18.27 -33.75 -6.18
C TYR A 420 18.94 -32.39 -6.03
N THR A 421 18.83 -31.80 -4.85
CA THR A 421 19.33 -30.42 -4.65
C THR A 421 20.85 -30.41 -4.66
N ASP A 422 21.43 -31.41 -4.02
CA ASP A 422 22.92 -31.53 -4.00
C ASP A 422 23.45 -31.80 -5.41
N GLU A 423 22.73 -32.60 -6.22
CA GLU A 423 23.13 -32.81 -7.63
C GLU A 423 23.13 -31.50 -8.40
N ARG A 424 22.09 -30.67 -8.18
CA ARG A 424 22.01 -29.36 -8.81
C ARG A 424 23.18 -28.50 -8.38
N LEU A 425 23.50 -28.54 -7.09
CA LEU A 425 24.63 -27.76 -6.55
C LEU A 425 25.94 -28.21 -7.21
N GLN A 426 26.13 -29.51 -7.36
CA GLN A 426 27.37 -30.02 -8.01
C GLN A 426 27.51 -29.53 -9.44
N VAL A 427 26.40 -29.54 -10.18
CA VAL A 427 26.39 -29.07 -11.57
C VAL A 427 26.71 -27.57 -11.61
N ILE A 428 26.14 -26.80 -10.69
CA ILE A 428 26.40 -25.36 -10.64
C ILE A 428 27.88 -25.06 -10.37
N MET A 429 28.48 -25.76 -9.42
CA MET A 429 29.87 -25.46 -9.07
C MET A 429 30.79 -25.84 -10.23
N LYS A 430 30.49 -26.95 -10.88
CA LYS A 430 31.21 -27.32 -12.10
C LYS A 430 31.05 -26.30 -13.22
N ASN A 431 29.83 -25.79 -13.40
CA ASN A 431 29.56 -24.73 -14.39
C ASN A 431 30.31 -23.45 -14.07
N ILE A 432 30.35 -23.07 -12.78
CA ILE A 432 31.06 -21.87 -12.36
C ILE A 432 32.56 -22.05 -12.67
N PHE A 433 33.11 -23.22 -12.32
CA PHE A 433 34.52 -23.45 -12.61
C PHE A 433 34.82 -23.33 -14.11
N LYS A 434 33.97 -23.97 -14.92
CA LYS A 434 34.15 -23.99 -16.39
C LYS A 434 34.06 -22.56 -16.93
N THR A 435 33.09 -21.77 -16.44
CA THR A 435 32.96 -20.36 -16.83
C THR A 435 34.23 -19.56 -16.50
N CYS A 436 34.78 -19.77 -15.30
CA CYS A 436 35.98 -19.03 -14.89
C CYS A 436 37.17 -19.43 -15.77
N ALA A 437 37.37 -20.73 -15.95
CA ALA A 437 38.49 -21.23 -16.79
C ALA A 437 38.39 -20.74 -18.24
N GLU A 438 37.23 -20.94 -18.86
CA GLU A 438 37.03 -20.51 -20.25
C GLU A 438 37.14 -19.02 -20.44
N THR A 439 36.58 -18.24 -19.51
CA THR A 439 36.62 -16.78 -19.67
C THR A 439 38.05 -16.27 -19.47
N ALA A 440 38.77 -16.87 -18.54
CA ALA A 440 40.15 -16.52 -18.29
C ALA A 440 40.97 -16.76 -19.56
N ALA A 441 40.75 -17.91 -20.21
CA ALA A 441 41.49 -18.31 -21.42
C ALA A 441 41.14 -17.40 -22.59
N GLU A 442 39.86 -17.15 -22.75
CA GLU A 442 39.33 -16.28 -23.79
C GLU A 442 40.03 -14.92 -23.80
N TYR A 443 40.31 -14.38 -22.61
CA TYR A 443 40.90 -13.06 -22.44
C TYR A 443 42.43 -13.08 -22.23
N GLY A 444 43.05 -14.23 -22.51
CA GLY A 444 44.51 -14.33 -22.51
C GLY A 444 45.16 -14.47 -21.16
N HIS A 445 44.37 -14.86 -20.15
CA HIS A 445 44.91 -15.10 -18.81
C HIS A 445 44.60 -16.52 -18.30
N GLU A 446 45.05 -17.53 -19.04
CA GLU A 446 44.71 -18.92 -18.76
C GLU A 446 44.98 -19.28 -17.31
N ASN A 447 44.02 -19.97 -16.69
CA ASN A 447 44.10 -20.44 -15.29
C ASN A 447 44.04 -19.33 -14.23
N ASP A 448 43.78 -18.09 -14.64
CA ASP A 448 43.61 -17.02 -13.67
C ASP A 448 42.12 -16.91 -13.39
N TYR A 449 41.67 -17.59 -12.33
CA TYR A 449 40.23 -17.66 -12.02
C TYR A 449 39.66 -16.36 -11.49
N VAL A 450 40.51 -15.51 -10.93
CA VAL A 450 40.12 -14.14 -10.56
C VAL A 450 39.65 -13.36 -11.80
N VAL A 451 40.51 -13.29 -12.83
CA VAL A 451 40.13 -12.68 -14.09
C VAL A 451 38.87 -13.31 -14.68
N GLY A 452 38.84 -14.64 -14.75
CA GLY A 452 37.70 -15.36 -15.31
C GLY A 452 36.44 -15.06 -14.54
N ALA A 453 36.51 -15.13 -13.21
CA ALA A 453 35.33 -14.88 -12.36
C ALA A 453 34.80 -13.44 -12.52
N ASN A 454 35.70 -12.46 -12.44
CA ASN A 454 35.28 -11.06 -12.52
C ASN A 454 34.72 -10.72 -13.88
N ILE A 455 35.40 -11.17 -14.94
CA ILE A 455 34.90 -10.86 -16.28
C ILE A 455 33.56 -11.53 -16.58
N ALA A 456 33.43 -12.82 -16.27
CA ALA A 456 32.22 -13.55 -16.58
C ALA A 456 31.04 -12.99 -15.78
N GLY A 457 31.28 -12.73 -14.50
CA GLY A 457 30.24 -12.12 -13.62
C GLY A 457 29.83 -10.74 -14.10
N PHE A 458 30.82 -9.92 -14.46
CA PHE A 458 30.56 -8.57 -14.95
C PHE A 458 29.75 -8.55 -16.23
N LYS A 459 30.15 -9.37 -17.22
CA LYS A 459 29.51 -9.30 -18.54
C LYS A 459 28.00 -9.55 -18.49
N LYS A 460 27.58 -10.56 -17.73
CA LYS A 460 26.16 -10.87 -17.61
C LYS A 460 25.39 -9.70 -17.01
N VAL A 461 25.92 -9.14 -15.92
CA VAL A 461 25.31 -7.96 -15.28
C VAL A 461 25.28 -6.75 -16.23
N ALA A 462 26.40 -6.52 -16.93
CA ALA A 462 26.49 -5.34 -17.80
C ALA A 462 25.53 -5.44 -18.99
N ASP A 463 25.41 -6.63 -19.56
CA ASP A 463 24.47 -6.85 -20.65
C ASP A 463 23.05 -6.53 -20.20
N ALA A 464 22.71 -7.02 -19.00
CA ALA A 464 21.36 -6.82 -18.48
C ALA A 464 21.13 -5.35 -18.15
N MET A 465 22.14 -4.69 -17.61
CA MET A 465 22.06 -3.25 -17.37
C MET A 465 21.87 -2.42 -18.65
N LEU A 466 22.63 -2.73 -19.70
CA LEU A 466 22.43 -2.03 -20.97
C LEU A 466 20.99 -2.21 -21.46
N ALA A 467 20.44 -3.42 -21.35
CA ALA A 467 19.14 -3.68 -21.92
C ALA A 467 18.05 -2.91 -21.17
N GLN A 468 18.26 -2.74 -19.87
CA GLN A 468 17.22 -2.16 -18.99
C GLN A 468 17.25 -0.62 -18.84
N GLY A 469 18.21 0.02 -19.51
CA GLY A 469 18.27 1.48 -19.54
C GLY A 469 18.85 2.20 -18.32
N VAL A 470 18.82 3.54 -18.38
CA VAL A 470 19.36 4.29 -17.26
C VAL A 470 18.33 4.41 -16.14
N ILE A 471 18.56 3.63 -15.11
CA ILE A 471 17.64 3.49 -13.98
C ILE A 471 18.45 3.39 -12.68
N THR B 26 30.83 9.39 37.02
CA THR B 26 30.52 10.86 36.95
C THR B 26 29.85 11.25 35.62
N VAL B 27 29.02 12.28 35.68
CA VAL B 27 28.26 12.77 34.52
C VAL B 27 29.18 13.20 33.35
N ASP B 28 30.19 14.01 33.66
CA ASP B 28 31.14 14.49 32.67
C ASP B 28 31.81 13.31 31.94
N GLU B 29 32.24 12.31 32.70
CA GLU B 29 32.92 11.14 32.14
C GLU B 29 31.96 10.19 31.40
N GLN B 30 30.74 10.03 31.93
CA GLN B 30 29.69 9.27 31.24
C GLN B 30 29.49 9.81 29.81
N VAL B 31 29.33 11.11 29.69
CA VAL B 31 29.10 11.75 28.38
C VAL B 31 30.34 11.69 27.49
N SER B 32 31.51 11.92 28.09
CA SER B 32 32.78 11.85 27.35
C SER B 32 33.04 10.46 26.80
N ASN B 33 32.76 9.45 27.61
CA ASN B 33 32.91 8.07 27.19
C ASN B 33 31.92 7.63 26.11
N TYR B 34 30.71 8.19 26.13
CA TYR B 34 29.76 7.94 25.05
C TYR B 34 30.19 8.64 23.75
N TYR B 35 30.64 9.89 23.84
CA TYR B 35 31.18 10.61 22.70
C TYR B 35 32.29 9.81 22.02
N ASP B 36 33.15 9.20 22.85
CA ASP B 36 34.24 8.36 22.35
C ASP B 36 33.71 7.18 21.55
N MET B 37 32.71 6.49 22.11
CA MET B 37 32.03 5.39 21.41
C MET B 37 31.52 5.90 20.07
N LEU B 38 30.82 7.03 20.09
CA LEU B 38 30.25 7.64 18.88
C LEU B 38 31.32 7.94 17.81
N LEU B 39 32.48 8.46 18.23
CA LEU B 39 33.60 8.72 17.31
C LEU B 39 34.05 7.47 16.54
N LYS B 40 34.04 6.33 17.25
CA LYS B 40 34.39 5.02 16.70
C LYS B 40 33.36 4.47 15.69
N ARG B 41 32.08 4.50 16.05
CA ARG B 41 31.02 4.06 15.15
C ARG B 41 30.91 4.99 13.92
N ASN B 42 31.23 6.27 14.12
CA ASN B 42 31.16 7.31 13.07
C ASN B 42 32.51 7.88 12.60
N ALA B 43 33.47 6.99 12.36
CA ALA B 43 34.81 7.38 11.91
C ALA B 43 34.78 8.31 10.68
N GLY B 44 35.56 9.38 10.71
CA GLY B 44 35.77 10.26 9.54
C GLY B 44 34.68 11.27 9.17
N GLU B 45 33.84 11.62 10.14
CA GLU B 45 32.72 12.56 9.90
C GLU B 45 32.90 13.79 10.76
N PRO B 46 33.91 14.63 10.45
CA PRO B 46 34.26 15.64 11.43
C PRO B 46 33.15 16.65 11.73
N GLU B 47 32.35 17.01 10.73
CA GLU B 47 31.27 17.98 10.91
C GLU B 47 30.21 17.43 11.87
N PHE B 48 29.91 16.14 11.76
CA PHE B 48 28.95 15.49 12.65
C PHE B 48 29.51 15.45 14.05
N HIS B 49 30.81 15.13 14.17
CA HIS B 49 31.44 15.09 15.49
C HIS B 49 31.41 16.48 16.12
N GLN B 50 31.62 17.49 15.27
CA GLN B 50 31.62 18.88 15.71
C GLN B 50 30.25 19.27 16.25
N ALA B 51 29.20 18.95 15.49
CA ALA B 51 27.83 19.26 15.91
C ALA B 51 27.48 18.55 17.20
N VAL B 52 27.77 17.25 17.25
CA VAL B 52 27.48 16.45 18.44
C VAL B 52 28.16 16.99 19.66
N ALA B 53 29.46 17.26 19.55
CA ALA B 53 30.30 17.70 20.67
C ALA B 53 29.69 18.87 21.45
N GLU B 54 29.36 19.94 20.73
CA GLU B 54 28.81 21.16 21.36
C GLU B 54 27.51 20.88 22.09
N VAL B 55 26.61 20.12 21.45
CA VAL B 55 25.37 19.72 22.10
C VAL B 55 25.60 18.92 23.39
N LEU B 56 26.42 17.87 23.33
CA LEU B 56 26.66 17.07 24.55
C LEU B 56 27.34 17.87 25.69
N GLU B 57 28.09 18.89 25.32
CA GLU B 57 28.70 19.78 26.33
C GLU B 57 27.60 20.47 27.12
N SER B 58 26.57 20.97 26.42
CA SER B 58 25.42 21.59 27.08
C SER B 58 24.61 20.53 27.83
N LEU B 59 24.60 19.30 27.31
CA LEU B 59 23.83 18.22 27.92
C LEU B 59 24.40 17.80 29.26
N LYS B 60 25.72 17.94 29.43
CA LYS B 60 26.35 17.68 30.74
C LYS B 60 25.71 18.46 31.89
N ILE B 61 25.43 19.75 31.65
CA ILE B 61 24.78 20.61 32.64
C ILE B 61 23.40 20.07 33.07
N VAL B 62 22.58 19.69 32.10
CA VAL B 62 21.22 19.25 32.43
C VAL B 62 21.24 17.91 33.20
N LEU B 63 22.15 17.01 32.83
CA LEU B 63 22.26 15.71 33.50
C LEU B 63 22.70 15.81 34.98
N GLU B 64 23.52 16.81 35.30
CA GLU B 64 23.93 17.07 36.71
C GLU B 64 22.71 17.39 37.60
N LYS B 65 21.77 18.19 37.09
CA LYS B 65 20.56 18.55 37.84
C LYS B 65 19.45 17.50 37.75
N ASP B 66 19.26 16.94 36.56
CA ASP B 66 18.17 16.00 36.30
C ASP B 66 18.72 14.72 35.64
N PRO B 67 19.13 13.73 36.44
CA PRO B 67 19.76 12.52 35.89
C PRO B 67 18.83 11.59 35.11
N HIS B 68 17.51 11.70 35.31
CA HIS B 68 16.55 10.83 34.62
C HIS B 68 16.61 11.00 33.09
N TYR B 69 17.24 12.09 32.64
CA TYR B 69 17.35 12.36 31.22
C TYR B 69 18.25 11.41 30.46
N ALA B 70 19.02 10.62 31.20
CA ALA B 70 19.78 9.54 30.58
C ALA B 70 19.06 8.18 30.66
N ASP B 71 17.89 8.14 31.31
CA ASP B 71 17.10 6.90 31.49
C ASP B 71 16.82 6.19 30.17
N TYR B 72 16.77 4.86 30.21
CA TYR B 72 16.34 4.07 29.05
C TYR B 72 17.18 4.33 27.80
N GLY B 73 18.49 4.46 27.98
CA GLY B 73 19.39 4.69 26.82
C GLY B 73 19.01 5.88 25.97
N LEU B 74 18.50 6.94 26.61
CA LEU B 74 17.95 8.07 25.87
C LEU B 74 19.00 8.76 24.98
N ILE B 75 20.18 9.05 25.52
CA ILE B 75 21.21 9.74 24.74
C ILE B 75 21.73 8.86 23.60
N GLN B 76 21.91 7.57 23.87
CA GLN B 76 22.30 6.54 22.86
C GLN B 76 21.27 6.52 21.72
N ARG B 77 20.00 6.58 22.05
CA ARG B 77 18.97 6.62 20.99
C ARG B 77 19.02 7.93 20.21
N LEU B 78 19.02 9.03 20.96
CA LEU B 78 19.02 10.37 20.39
C LEU B 78 20.10 10.58 19.33
N CYS B 79 21.32 10.13 19.61
CA CYS B 79 22.46 10.40 18.72
C CYS B 79 22.60 9.45 17.53
N GLU B 80 21.76 8.42 17.45
CA GLU B 80 21.75 7.48 16.33
C GLU B 80 20.52 7.79 15.47
N PRO B 81 20.70 8.10 14.17
CA PRO B 81 19.56 8.48 13.36
C PRO B 81 18.55 7.32 13.30
N GLU B 82 17.27 7.63 13.32
CA GLU B 82 16.24 6.60 13.14
C GLU B 82 16.45 5.85 11.83
N ARG B 83 16.75 6.59 10.76
CA ARG B 83 17.02 5.96 9.46
C ARG B 83 17.92 6.87 8.63
N GLN B 84 18.76 6.24 7.82
CA GLN B 84 19.61 6.96 6.86
C GLN B 84 19.51 6.28 5.51
N LEU B 85 19.26 7.08 4.47
CA LEU B 85 19.18 6.60 3.12
C LEU B 85 20.29 7.23 2.28
N ILE B 86 21.02 6.37 1.59
CA ILE B 86 21.96 6.82 0.58
C ILE B 86 21.56 6.13 -0.71
N PHE B 87 21.63 6.82 -1.84
CA PHE B 87 21.17 6.21 -3.06
C PHE B 87 21.82 6.75 -4.33
N ARG B 88 21.83 5.91 -5.35
CA ARG B 88 22.34 6.32 -6.68
C ARG B 88 21.38 7.28 -7.34
N VAL B 89 21.92 8.35 -7.95
CA VAL B 89 21.10 9.24 -8.77
C VAL B 89 21.75 9.29 -10.15
N PRO B 90 21.33 8.41 -11.05
CA PRO B 90 21.81 8.44 -12.44
C PRO B 90 21.03 9.49 -13.20
N TRP B 91 21.73 10.26 -14.05
CA TRP B 91 21.05 11.23 -14.89
C TRP B 91 21.84 11.47 -16.18
N VAL B 92 21.20 12.11 -17.13
CA VAL B 92 21.79 12.27 -18.47
C VAL B 92 21.90 13.75 -18.80
N ASP B 93 23.10 14.20 -19.16
CA ASP B 93 23.29 15.62 -19.49
C ASP B 93 22.77 15.95 -20.90
N ASP B 94 22.84 17.24 -21.27
CA ASP B 94 22.36 17.71 -22.57
C ASP B 94 23.16 17.18 -23.78
N GLN B 95 24.35 16.63 -23.54
CA GLN B 95 25.12 15.96 -24.61
C GLN B 95 24.88 14.46 -24.64
N GLY B 96 23.92 13.98 -23.84
CA GLY B 96 23.58 12.56 -23.85
C GLY B 96 24.55 11.68 -23.08
N GLN B 97 25.35 12.31 -22.23
CA GLN B 97 26.29 11.59 -21.36
C GLN B 97 25.67 11.27 -19.99
N VAL B 98 25.80 9.99 -19.60
CA VAL B 98 25.28 9.53 -18.31
C VAL B 98 26.24 9.92 -17.18
N HIS B 99 25.65 10.47 -16.13
CA HIS B 99 26.38 10.85 -14.93
C HIS B 99 25.74 10.13 -13.75
N VAL B 100 26.55 9.87 -12.73
CA VAL B 100 26.05 9.29 -11.46
C VAL B 100 26.49 10.16 -10.30
N ASN B 101 25.51 10.61 -9.50
CA ASN B 101 25.79 11.27 -8.23
C ASN B 101 25.16 10.47 -7.09
N ARG B 102 25.55 10.83 -5.87
CA ARG B 102 25.03 10.17 -4.69
C ARG B 102 23.96 11.07 -4.04
N GLY B 103 22.85 10.46 -3.64
CA GLY B 103 21.81 11.18 -2.89
C GLY B 103 21.76 10.71 -1.45
N PHE B 104 21.25 11.58 -0.57
CA PHE B 104 21.19 11.30 0.86
C PHE B 104 19.89 11.81 1.47
N ARG B 105 19.34 11.05 2.44
CA ARG B 105 18.31 11.56 3.34
C ARG B 105 18.47 10.91 4.70
N VAL B 106 18.84 11.75 5.67
CA VAL B 106 18.99 11.32 7.07
C VAL B 106 17.76 11.74 7.83
N GLN B 107 17.04 10.75 8.35
CA GLN B 107 15.79 10.95 9.08
C GLN B 107 16.15 10.73 10.54
N PHE B 108 16.52 11.82 11.19
CA PHE B 108 17.28 11.70 12.44
C PHE B 108 16.38 11.42 13.62
N ASN B 109 15.35 12.24 13.80
CA ASN B 109 14.46 12.12 14.96
C ASN B 109 13.05 12.57 14.63
N SER B 110 12.05 11.77 15.01
CA SER B 110 10.65 12.10 14.75
C SER B 110 9.79 12.20 16.03
N ALA B 111 10.42 12.39 17.19
CA ALA B 111 9.64 12.46 18.45
C ALA B 111 8.60 13.59 18.48
N LEU B 112 8.95 14.76 17.94
CA LEU B 112 8.06 15.94 18.01
C LEU B 112 7.13 16.12 16.80
N GLY B 113 7.45 15.45 15.69
CA GLY B 113 6.64 15.52 14.47
C GLY B 113 7.37 14.85 13.32
N PRO B 114 6.89 15.03 12.08
CA PRO B 114 7.55 14.47 10.90
C PRO B 114 9.01 14.93 10.82
N TYR B 115 9.88 14.14 10.21
CA TYR B 115 11.25 14.61 9.95
C TYR B 115 11.11 15.87 9.10
N LYS B 116 11.94 16.86 9.39
CA LYS B 116 11.86 18.14 8.71
C LYS B 116 13.25 18.70 8.56
N GLY B 117 13.58 19.11 7.34
CA GLY B 117 14.86 19.76 7.12
C GLY B 117 15.18 19.79 5.65
N GLY B 118 16.12 20.65 5.29
CA GLY B 118 16.42 20.92 3.88
C GLY B 118 17.20 19.88 3.08
N LEU B 119 17.35 20.19 1.78
CA LEU B 119 18.15 19.42 0.84
C LEU B 119 19.25 20.30 0.27
N ARG B 120 20.46 19.81 0.28
CA ARG B 120 21.62 20.58 -0.18
C ARG B 120 22.26 19.88 -1.37
N PHE B 121 22.40 20.59 -2.49
CA PHE B 121 23.08 20.08 -3.68
C PHE B 121 24.39 20.87 -3.80
N HIS B 122 25.49 20.23 -3.44
CA HIS B 122 26.80 20.87 -3.48
C HIS B 122 27.84 19.76 -3.52
N PRO B 123 28.93 19.96 -4.27
CA PRO B 123 29.89 18.86 -4.41
C PRO B 123 30.57 18.42 -3.11
N SER B 124 30.48 19.22 -2.05
CA SER B 124 31.04 18.90 -0.74
C SER B 124 30.23 17.88 0.03
N VAL B 125 29.00 17.63 -0.40
CA VAL B 125 28.04 16.91 0.42
C VAL B 125 28.49 15.45 0.56
N ASN B 126 28.44 14.95 1.78
CA ASN B 126 28.60 13.52 2.06
C ASN B 126 27.76 13.18 3.29
N LEU B 127 27.71 11.91 3.64
CA LEU B 127 26.89 11.44 4.78
C LEU B 127 27.18 12.16 6.10
N GLY B 128 28.46 12.34 6.41
CA GLY B 128 28.86 13.06 7.63
C GLY B 128 28.30 14.46 7.71
N ILE B 129 28.39 15.21 6.62
CA ILE B 129 27.82 16.57 6.59
C ILE B 129 26.31 16.53 6.77
N VAL B 130 25.65 15.61 6.07
CA VAL B 130 24.19 15.49 6.18
C VAL B 130 23.77 15.11 7.60
N LYS B 131 24.56 14.26 8.23
CA LYS B 131 24.30 13.88 9.61
C LYS B 131 24.49 15.05 10.55
N PHE B 132 25.48 15.91 10.27
CA PHE B 132 25.67 17.10 11.14
C PHE B 132 24.47 18.04 11.08
N LEU B 133 24.04 18.36 9.86
CA LEU B 133 22.91 19.23 9.66
C LEU B 133 21.66 18.62 10.26
N GLY B 134 21.46 17.32 10.05
CA GLY B 134 20.25 16.65 10.57
C GLY B 134 20.22 16.59 12.08
N PHE B 135 21.38 16.38 12.69
CA PHE B 135 21.46 16.36 14.15
C PHE B 135 21.13 17.76 14.72
N GLU B 136 21.78 18.78 14.19
CA GLU B 136 21.45 20.17 14.58
C GLU B 136 19.99 20.51 14.40
N GLN B 137 19.44 20.07 13.28
CA GLN B 137 18.06 20.31 12.93
C GLN B 137 17.10 19.78 14.01
N ILE B 138 17.46 18.70 14.69
CA ILE B 138 16.55 18.17 15.73
C ILE B 138 16.27 19.25 16.77
N PHE B 139 17.34 19.88 17.23
CA PHE B 139 17.25 20.83 18.35
C PHE B 139 16.72 22.19 17.89
N LYS B 140 17.11 22.62 16.69
CA LYS B 140 16.54 23.82 16.06
C LYS B 140 15.03 23.72 15.93
N ASN B 141 14.56 22.61 15.39
CA ASN B 141 13.14 22.43 15.15
C ASN B 141 12.40 22.36 16.47
N SER B 142 13.03 21.74 17.47
CA SER B 142 12.45 21.66 18.81
C SER B 142 12.25 23.07 19.37
N LEU B 143 13.27 23.92 19.18
CA LEU B 143 13.26 25.30 19.68
C LEU B 143 12.15 26.21 19.15
N THR B 144 11.72 25.99 17.91
CA THR B 144 10.66 26.77 17.31
C THR B 144 9.35 26.65 18.10
N GLY B 145 9.22 25.56 18.85
CA GLY B 145 7.98 25.24 19.56
C GLY B 145 6.92 24.60 18.68
N LEU B 146 7.26 24.36 17.41
CA LEU B 146 6.30 23.82 16.44
C LEU B 146 6.53 22.31 16.30
N PRO B 147 5.50 21.57 15.85
CA PRO B 147 5.59 20.11 15.88
C PRO B 147 6.37 19.51 14.69
N ILE B 148 7.69 19.56 14.78
CA ILE B 148 8.57 19.10 13.69
C ILE B 148 9.78 18.37 14.25
N GLY B 149 10.04 17.18 13.70
CA GLY B 149 11.25 16.41 13.99
C GLY B 149 12.37 16.88 13.07
N GLY B 150 13.49 16.17 13.08
CA GLY B 150 14.67 16.65 12.40
C GLY B 150 15.19 15.67 11.38
N GLY B 151 15.57 16.21 10.22
CA GLY B 151 16.20 15.43 9.18
C GLY B 151 16.91 16.36 8.22
N LYS B 152 17.60 15.77 7.25
CA LYS B 152 18.31 16.55 6.23
C LYS B 152 18.69 15.61 5.10
N GLY B 153 18.96 16.16 3.92
CA GLY B 153 19.42 15.32 2.82
C GLY B 153 20.11 16.17 1.79
N GLY B 154 20.38 15.58 0.63
CA GLY B 154 21.02 16.34 -0.46
C GLY B 154 21.76 15.44 -1.39
N SER B 155 22.71 16.01 -2.11
CA SER B 155 23.48 15.24 -3.09
C SER B 155 24.79 15.95 -3.33
N ASP B 156 25.78 15.18 -3.79
CA ASP B 156 27.06 15.75 -4.24
C ASP B 156 26.97 16.32 -5.67
N PHE B 157 25.78 16.24 -6.27
CA PHE B 157 25.49 16.95 -7.52
C PHE B 157 25.84 18.43 -7.40
N ASP B 158 26.54 18.94 -8.41
CA ASP B 158 26.89 20.37 -8.49
C ASP B 158 25.99 21.06 -9.51
N PRO B 159 25.05 21.90 -9.04
CA PRO B 159 24.08 22.55 -9.95
C PRO B 159 24.67 23.67 -10.81
N LYS B 160 25.85 24.12 -10.45
CA LYS B 160 26.54 25.19 -11.17
C LYS B 160 26.91 24.75 -12.56
N GLY B 161 26.59 25.60 -13.55
CA GLY B 161 26.92 25.33 -14.94
C GLY B 161 25.94 24.40 -15.64
N LYS B 162 24.92 23.95 -14.91
CA LYS B 162 23.88 23.07 -15.48
C LYS B 162 22.72 23.87 -16.03
N SER B 163 22.20 23.40 -17.18
CA SER B 163 21.01 23.97 -17.79
C SER B 163 19.78 23.67 -16.95
N ASP B 164 18.70 24.40 -17.18
CA ASP B 164 17.47 24.15 -16.43
C ASP B 164 17.01 22.72 -16.70
N LEU B 165 17.16 22.25 -17.94
CA LEU B 165 16.76 20.87 -18.27
C LEU B 165 17.61 19.82 -17.54
N GLU B 166 18.91 20.06 -17.43
CA GLU B 166 19.78 19.19 -16.64
C GLU B 166 19.40 19.20 -15.15
N ILE B 167 19.17 20.39 -14.59
CA ILE B 167 18.70 20.49 -13.20
C ILE B 167 17.39 19.72 -13.02
N MET B 168 16.48 19.90 -13.98
CA MET B 168 15.17 19.25 -13.93
C MET B 168 15.30 17.72 -13.94
N ARG B 169 16.16 17.22 -14.82
CA ARG B 169 16.34 15.78 -14.93
C ARG B 169 17.01 15.25 -13.68
N PHE B 170 17.94 16.03 -13.13
CA PHE B 170 18.58 15.61 -11.88
C PHE B 170 17.54 15.51 -10.76
N CYS B 171 16.75 16.56 -10.59
CA CYS B 171 15.71 16.55 -9.53
C CYS B 171 14.72 15.41 -9.73
N GLN B 172 14.37 15.14 -10.99
CA GLN B 172 13.42 14.03 -11.27
C GLN B 172 14.04 12.69 -10.90
N SER B 173 15.31 12.46 -11.21
CA SER B 173 15.97 11.22 -10.83
C SER B 173 16.04 11.09 -9.31
N PHE B 174 16.41 12.19 -8.66
CA PHE B 174 16.55 12.25 -7.20
C PHE B 174 15.23 11.89 -6.53
N MET B 175 14.15 12.51 -7.00
CA MET B 175 12.80 12.28 -6.43
C MET B 175 12.27 10.91 -6.83
N THR B 176 12.81 10.30 -7.89
CA THR B 176 12.34 8.98 -8.28
C THR B 176 12.63 7.98 -7.13
N GLU B 177 13.74 8.18 -6.44
CA GLU B 177 14.04 7.38 -5.25
C GLU B 177 13.45 7.99 -3.97
N LEU B 178 13.60 9.30 -3.81
CA LEU B 178 13.17 9.91 -2.55
C LEU B 178 11.70 9.80 -2.20
N HIS B 179 10.81 9.82 -3.20
CA HIS B 179 9.38 9.94 -2.92
C HIS B 179 8.86 8.84 -1.98
N ARG B 180 9.39 7.62 -2.08
CA ARG B 180 8.89 6.51 -1.22
C ARG B 180 9.22 6.71 0.25
N HIS B 181 10.12 7.63 0.57
CA HIS B 181 10.59 7.82 1.95
C HIS B 181 10.07 9.10 2.59
N ILE B 182 9.28 9.86 1.84
CA ILE B 182 8.77 11.14 2.36
C ILE B 182 7.26 11.21 2.32
N GLY B 183 6.70 12.32 2.78
CA GLY B 183 5.24 12.43 2.85
C GLY B 183 4.85 13.44 3.90
N GLU B 184 3.61 13.95 3.81
CA GLU B 184 3.14 15.02 4.74
C GLU B 184 3.36 14.72 6.25
N TYR B 185 3.25 13.44 6.64
CA TYR B 185 3.47 13.07 8.04
C TYR B 185 4.77 12.32 8.26
N ARG B 186 5.40 11.94 7.16
CA ARG B 186 6.61 11.11 7.21
C ARG B 186 7.85 12.00 7.32
N ASP B 187 8.07 12.78 6.27
CA ASP B 187 9.31 13.56 6.18
C ASP B 187 9.04 14.65 5.15
N VAL B 188 9.32 15.90 5.53
CA VAL B 188 8.98 17.05 4.73
C VAL B 188 10.24 17.86 4.42
N PRO B 189 10.84 17.64 3.22
CA PRO B 189 12.07 18.40 2.96
C PRO B 189 11.77 19.85 2.53
N ALA B 190 12.83 20.54 2.14
CA ALA B 190 12.80 21.96 1.77
C ALA B 190 14.14 22.19 1.09
N GLY B 191 14.43 23.45 0.75
CA GLY B 191 15.70 23.81 0.14
C GLY B 191 16.82 24.02 1.14
N ASP B 192 17.99 24.37 0.63
CA ASP B 192 19.16 24.66 1.41
C ASP B 192 20.17 25.09 0.32
N ILE B 193 21.46 24.95 0.56
CA ILE B 193 22.45 25.36 -0.45
C ILE B 193 22.22 24.58 -1.74
N GLY B 194 22.07 25.30 -2.85
CA GLY B 194 21.97 24.65 -4.15
C GLY B 194 20.55 24.21 -4.50
N VAL B 195 19.64 24.30 -3.53
CA VAL B 195 18.25 23.93 -3.75
C VAL B 195 17.38 25.12 -3.42
N GLY B 196 16.95 25.80 -4.47
CA GLY B 196 16.09 26.97 -4.38
C GLY B 196 14.69 26.72 -4.89
N GLY B 197 13.94 27.80 -5.13
CA GLY B 197 12.59 27.69 -5.68
C GLY B 197 12.52 26.86 -6.95
N ARG B 198 13.52 27.03 -7.83
CA ARG B 198 13.59 26.29 -9.09
C ARG B 198 13.57 24.78 -8.84
N GLU B 199 14.46 24.35 -7.96
CA GLU B 199 14.63 22.94 -7.66
C GLU B 199 13.42 22.38 -6.90
N ILE B 200 12.89 23.16 -5.96
CA ILE B 200 11.70 22.70 -5.19
C ILE B 200 10.53 22.49 -6.15
N GLY B 201 10.37 23.39 -7.12
CA GLY B 201 9.39 23.18 -8.17
C GLY B 201 9.52 21.85 -8.91
N TYR B 202 10.74 21.55 -9.38
CA TYR B 202 10.94 20.29 -10.11
C TYR B 202 10.77 19.07 -9.20
N LEU B 203 11.24 19.18 -7.96
CA LEU B 203 11.09 18.10 -6.98
C LEU B 203 9.62 17.84 -6.63
N PHE B 204 8.85 18.92 -6.42
CA PHE B 204 7.43 18.79 -6.07
C PHE B 204 6.62 18.24 -7.23
N GLY B 205 6.83 18.76 -8.44
CA GLY B 205 6.09 18.24 -9.58
C GLY B 205 6.32 16.75 -9.74
N HIS B 206 7.57 16.32 -9.63
CA HIS B 206 7.90 14.93 -9.87
C HIS B 206 7.36 14.06 -8.73
N TYR B 207 7.38 14.58 -7.50
CA TYR B 207 6.74 13.88 -6.38
C TYR B 207 5.28 13.58 -6.71
N ARG B 208 4.56 14.62 -7.14
CA ARG B 208 3.16 14.40 -7.49
C ARG B 208 3.01 13.33 -8.57
N ARG B 209 3.91 13.34 -9.57
CA ARG B 209 3.85 12.33 -10.62
C ARG B 209 4.09 10.92 -10.05
N MET B 210 5.03 10.79 -9.13
CA MET B 210 5.36 9.49 -8.54
C MET B 210 4.20 8.99 -7.65
N ALA B 211 3.66 9.89 -6.84
CA ALA B 211 2.62 9.54 -5.86
C ALA B 211 1.22 9.57 -6.42
N ASN B 212 1.06 10.16 -7.61
CA ASN B 212 -0.25 10.45 -8.15
C ASN B 212 -1.16 11.12 -7.11
N GLN B 213 -0.62 12.15 -6.47
CA GLN B 213 -1.49 13.02 -5.69
C GLN B 213 -0.89 14.38 -5.40
N HIS B 214 -1.79 15.36 -5.29
CA HIS B 214 -1.36 16.72 -5.05
C HIS B 214 -1.22 16.97 -3.54
N GLU B 215 -0.13 16.44 -2.98
CA GLU B 215 0.08 16.42 -1.55
C GLU B 215 0.96 17.60 -1.23
N SER B 216 0.35 18.77 -1.03
CA SER B 216 1.11 20.01 -0.80
C SER B 216 2.06 19.92 0.39
N GLY B 217 1.64 19.19 1.42
CA GLY B 217 2.43 19.09 2.64
C GLY B 217 3.70 18.25 2.54
N VAL B 218 3.99 17.69 1.36
CA VAL B 218 5.21 16.89 1.20
C VAL B 218 6.52 17.71 1.24
N LEU B 219 6.45 18.97 0.83
CA LEU B 219 7.64 19.81 0.76
C LEU B 219 7.31 21.19 1.23
N THR B 220 8.32 21.89 1.70
CA THR B 220 8.16 23.33 1.91
C THR B 220 9.10 24.09 0.99
N GLY B 221 8.97 25.42 0.99
CA GLY B 221 9.64 26.23 -0.02
C GLY B 221 8.96 26.25 -1.37
N LYS B 222 7.67 25.90 -1.42
CA LYS B 222 6.95 25.81 -2.68
C LYS B 222 6.60 27.21 -3.19
N GLY B 223 6.18 27.28 -4.44
CA GLY B 223 5.78 28.53 -5.08
C GLY B 223 4.45 29.06 -4.59
N LEU B 224 4.27 30.38 -4.67
CA LEU B 224 3.13 31.01 -4.06
C LEU B 224 1.79 30.56 -4.67
N THR B 225 1.80 30.15 -5.92
CA THR B 225 0.59 29.69 -6.62
C THR B 225 0.33 28.18 -6.58
N TRP B 226 1.25 27.44 -5.95
CA TRP B 226 1.12 25.96 -5.81
C TRP B 226 1.47 25.52 -4.39
N GLY B 227 0.91 26.23 -3.40
CA GLY B 227 0.95 25.83 -1.99
C GLY B 227 2.06 26.40 -1.12
N GLY B 228 2.82 27.35 -1.67
CA GLY B 228 3.85 27.99 -0.90
C GLY B 228 3.28 28.97 0.12
N SER B 229 4.16 29.47 0.96
CA SER B 229 3.80 30.48 1.96
C SER B 229 4.52 31.78 1.67
N LEU B 230 3.78 32.87 1.79
CA LEU B 230 4.43 34.15 1.82
C LEU B 230 5.41 34.19 2.99
N VAL B 231 6.45 35.00 2.82
CA VAL B 231 7.49 35.20 3.84
C VAL B 231 8.53 34.06 3.89
N ARG B 232 8.16 32.87 3.38
CA ARG B 232 9.09 31.72 3.42
C ARG B 232 10.41 32.04 2.71
N THR B 233 10.30 32.64 1.53
CA THR B 233 11.49 33.09 0.80
C THR B 233 12.35 33.97 1.69
N GLU B 234 11.72 34.91 2.40
CA GLU B 234 12.43 35.89 3.28
C GLU B 234 12.78 35.35 4.67
N ALA B 235 12.19 34.22 5.05
CA ALA B 235 12.09 33.84 6.47
C ALA B 235 13.43 33.71 7.21
N THR B 236 14.33 32.92 6.65
CA THR B 236 15.55 32.61 7.39
C THR B 236 16.33 33.88 7.62
N GLY B 237 16.61 34.62 6.55
CA GLY B 237 17.35 35.90 6.67
C GLY B 237 16.67 36.94 7.53
N TYR B 238 15.36 37.10 7.37
CA TYR B 238 14.56 37.99 8.26
C TYR B 238 14.61 37.62 9.75
N GLY B 239 14.47 36.33 10.05
CA GLY B 239 14.41 35.89 11.46
C GLY B 239 15.75 36.00 12.13
N CYS B 240 16.81 35.76 11.34
CA CYS B 240 18.18 35.93 11.80
C CYS B 240 18.30 37.35 12.34
N VAL B 241 17.91 38.32 11.53
CA VAL B 241 17.92 39.73 11.94
C VAL B 241 16.94 39.97 13.09
N TYR B 242 15.77 39.33 13.07
CA TYR B 242 14.82 39.49 14.19
C TYR B 242 15.44 38.98 15.50
N PHE B 243 16.20 37.90 15.39
CA PHE B 243 16.92 37.35 16.55
C PHE B 243 18.04 38.29 16.95
N VAL B 244 18.91 38.67 16.01
CA VAL B 244 20.08 39.53 16.40
C VAL B 244 19.63 40.84 17.06
N SER B 245 18.55 41.42 16.56
CA SER B 245 17.94 42.62 17.15
C SER B 245 17.46 42.39 18.57
N GLU B 246 17.05 41.16 18.88
CA GLU B 246 16.70 40.78 20.25
C GLU B 246 17.91 40.65 21.18
N MET B 247 19.05 40.18 20.66
CA MET B 247 20.29 40.14 21.43
C MET B 247 20.83 41.56 21.64
N ILE B 248 20.73 42.37 20.58
CA ILE B 248 21.17 43.78 20.59
C ILE B 248 20.37 44.60 21.61
N LYS B 249 19.05 44.47 21.59
CA LYS B 249 18.18 45.15 22.56
C LYS B 249 18.30 44.58 23.98
N ALA B 250 18.88 43.40 24.11
CA ALA B 250 19.23 42.84 25.43
C ALA B 250 20.44 43.57 26.04
N LYS B 251 21.28 44.16 25.19
CA LYS B 251 22.41 44.95 25.67
C LYS B 251 22.11 46.45 25.79
N GLY B 252 20.82 46.81 25.69
CA GLY B 252 20.38 48.20 25.65
C GLY B 252 20.92 48.95 24.43
N GLU B 253 20.84 48.30 23.27
CA GLU B 253 21.36 48.88 22.04
C GLU B 253 20.33 48.88 20.90
N SER B 254 20.69 49.59 19.82
CA SER B 254 19.82 49.84 18.67
C SER B 254 20.43 49.21 17.42
N ILE B 255 19.70 48.36 16.70
CA ILE B 255 20.24 47.83 15.43
C ILE B 255 20.31 48.89 14.34
N SER B 256 19.38 49.84 14.36
CA SER B 256 19.47 51.01 13.49
C SER B 256 20.83 51.69 13.70
N GLY B 257 21.44 52.12 12.61
CA GLY B 257 22.76 52.78 12.63
C GLY B 257 23.96 51.86 12.74
N GLN B 258 23.73 50.55 12.77
CA GLN B 258 24.82 49.58 12.94
C GLN B 258 25.45 49.13 11.63
N LYS B 259 26.74 48.84 11.69
CA LYS B 259 27.45 48.28 10.53
C LYS B 259 27.46 46.75 10.60
N ILE B 260 26.87 46.12 9.57
CA ILE B 260 26.70 44.66 9.52
C ILE B 260 27.44 44.00 8.35
N ILE B 261 28.15 42.91 8.65
CA ILE B 261 28.67 42.05 7.61
C ILE B 261 27.72 40.90 7.48
N VAL B 262 27.37 40.56 6.25
CA VAL B 262 26.52 39.43 5.95
C VAL B 262 27.26 38.65 4.87
N SER B 263 27.85 37.53 5.27
CA SER B 263 28.58 36.68 4.33
C SER B 263 27.57 35.86 3.53
N GLY B 264 27.95 35.42 2.33
CA GLY B 264 27.02 34.66 1.47
C GLY B 264 26.18 35.63 0.68
N SER B 265 25.53 35.13 -0.36
CA SER B 265 24.76 35.97 -1.26
C SER B 265 23.61 35.16 -1.82
N GLY B 266 23.19 34.17 -1.02
CA GLY B 266 22.11 33.28 -1.45
C GLY B 266 20.81 33.66 -0.81
N ASN B 267 19.93 32.69 -0.63
CA ASN B 267 18.61 32.97 -0.04
C ASN B 267 18.66 33.64 1.35
N VAL B 268 19.51 33.12 2.24
CA VAL B 268 19.59 33.64 3.60
C VAL B 268 20.26 35.02 3.63
N ALA B 269 21.38 35.16 2.94
CA ALA B 269 22.09 36.44 2.97
C ALA B 269 21.26 37.55 2.35
N THR B 270 20.68 37.29 1.17
CA THR B 270 19.86 38.27 0.44
C THR B 270 18.84 38.96 1.37
N TYR B 271 18.06 38.16 2.09
CA TYR B 271 16.98 38.74 2.90
C TYR B 271 17.39 39.21 4.30
N ALA B 272 18.50 38.65 4.81
CA ALA B 272 19.17 39.19 5.98
C ALA B 272 19.58 40.65 5.72
N ILE B 273 20.26 40.88 4.59
CA ILE B 273 20.58 42.23 4.13
C ILE B 273 19.32 43.13 4.04
N GLU B 274 18.26 42.62 3.41
CA GLU B 274 17.00 43.35 3.25
C GLU B 274 16.37 43.78 4.60
N LYS B 275 16.22 42.82 5.54
CA LYS B 275 15.67 43.15 6.85
C LYS B 275 16.58 44.10 7.63
N ALA B 276 17.88 43.78 7.63
CA ALA B 276 18.91 44.61 8.25
C ALA B 276 18.73 46.08 7.87
N GLN B 277 18.58 46.33 6.57
CA GLN B 277 18.63 47.72 6.06
C GLN B 277 17.27 48.42 6.17
N GLU B 278 16.20 47.62 6.18
CA GLU B 278 14.88 48.08 6.61
C GLU B 278 14.93 48.58 8.07
N LEU B 279 15.79 47.98 8.88
CA LEU B 279 15.79 48.29 10.31
C LEU B 279 16.71 49.46 10.69
N GLY B 280 17.32 50.08 9.67
CA GLY B 280 18.17 51.26 9.89
C GLY B 280 19.66 50.98 9.88
N ALA B 281 20.04 49.72 9.65
CA ALA B 281 21.44 49.31 9.66
C ALA B 281 22.06 49.41 8.28
N THR B 282 23.38 49.30 8.23
CA THR B 282 24.09 49.32 6.96
C THR B 282 24.89 48.02 6.78
N VAL B 283 24.64 47.31 5.68
CA VAL B 283 25.41 46.11 5.34
C VAL B 283 26.61 46.50 4.47
N ILE B 284 27.80 46.29 5.05
CA ILE B 284 29.05 46.78 4.52
C ILE B 284 29.79 45.74 3.69
N GLY B 285 29.24 44.53 3.59
CA GLY B 285 29.89 43.49 2.83
C GLY B 285 29.03 42.25 2.69
N PHE B 286 29.23 41.55 1.58
CA PHE B 286 28.65 40.22 1.35
C PHE B 286 29.62 39.44 0.47
N SER B 287 29.33 38.17 0.19
CA SER B 287 30.30 37.33 -0.53
C SER B 287 29.65 36.19 -1.24
N ASP B 288 30.38 35.60 -2.19
CA ASP B 288 30.10 34.22 -2.58
C ASP B 288 31.35 33.37 -2.33
N SER B 289 31.44 32.16 -2.89
CA SER B 289 32.62 31.32 -2.62
C SER B 289 33.87 31.75 -3.40
N SER B 290 33.67 32.63 -4.38
CA SER B 290 34.78 33.11 -5.21
C SER B 290 35.56 34.22 -4.50
N GLY B 291 34.83 35.16 -3.90
CA GLY B 291 35.40 36.27 -3.15
C GLY B 291 34.33 37.08 -2.43
N TRP B 292 34.70 38.26 -1.94
CA TRP B 292 33.76 39.13 -1.22
C TRP B 292 33.79 40.56 -1.74
N VAL B 293 32.66 41.24 -1.62
CA VAL B 293 32.55 42.63 -2.05
C VAL B 293 32.29 43.59 -0.89
N HIS B 294 33.00 44.72 -0.90
CA HIS B 294 32.86 45.76 0.12
C HIS B 294 31.94 46.89 -0.36
N THR B 295 30.94 47.20 0.47
CA THR B 295 29.93 48.21 0.18
C THR B 295 29.77 49.12 1.40
N PRO B 296 30.65 50.14 1.55
CA PRO B 296 30.68 50.95 2.79
C PRO B 296 29.40 51.77 3.03
N ASN B 297 28.66 52.02 1.95
CA ASN B 297 27.43 52.81 2.00
C ASN B 297 26.15 51.95 1.90
N GLY B 298 26.29 50.63 1.94
CA GLY B 298 25.12 49.72 1.91
C GLY B 298 24.91 49.00 0.60
N VAL B 299 24.14 47.92 0.66
CA VAL B 299 23.88 47.05 -0.49
C VAL B 299 22.64 47.49 -1.26
N ASP B 300 22.68 47.40 -2.58
CA ASP B 300 21.48 47.50 -3.41
C ASP B 300 20.87 46.10 -3.50
N VAL B 301 19.78 45.88 -2.78
CA VAL B 301 19.13 44.58 -2.74
C VAL B 301 18.65 44.18 -4.13
N ALA B 302 17.91 45.08 -4.78
CA ALA B 302 17.38 44.85 -6.11
C ALA B 302 18.50 44.50 -7.11
N LYS B 303 19.63 45.21 -7.03
CA LYS B 303 20.76 44.94 -7.94
C LYS B 303 21.29 43.54 -7.72
N LEU B 304 21.55 43.21 -6.46
CA LEU B 304 22.14 41.93 -6.08
C LEU B 304 21.23 40.78 -6.50
N ARG B 305 19.95 40.87 -6.15
CA ARG B 305 18.98 39.85 -6.54
C ARG B 305 18.99 39.61 -8.04
N GLU B 306 19.18 40.68 -8.81
CA GLU B 306 19.22 40.56 -10.26
C GLU B 306 20.46 39.80 -10.73
N ILE B 307 21.60 40.06 -10.11
CA ILE B 307 22.86 39.40 -10.47
C ILE B 307 22.83 37.92 -10.04
N LYS B 308 22.24 37.65 -8.89
CA LYS B 308 22.25 36.29 -8.34
C LYS B 308 21.10 35.39 -8.82
N GLU B 309 19.93 36.00 -9.07
CA GLU B 309 18.73 35.22 -9.37
C GLU B 309 18.39 35.17 -10.86
N VAL B 310 18.61 36.28 -11.56
CA VAL B 310 18.39 36.33 -13.00
C VAL B 310 19.63 35.82 -13.73
N ARG B 311 20.75 36.50 -13.54
CA ARG B 311 21.98 36.17 -14.26
C ARG B 311 22.74 34.98 -13.67
N ARG B 312 22.36 34.58 -12.46
CA ARG B 312 23.07 33.56 -11.68
C ARG B 312 24.59 33.77 -11.77
N ALA B 313 25.00 35.01 -11.48
CA ALA B 313 26.36 35.45 -11.72
C ALA B 313 27.18 35.53 -10.45
N ARG B 314 28.44 35.92 -10.59
CA ARG B 314 29.33 36.10 -9.45
C ARG B 314 29.17 37.50 -8.84
N VAL B 315 29.50 37.63 -7.57
CA VAL B 315 29.38 38.91 -6.87
C VAL B 315 30.28 40.01 -7.47
N SER B 316 31.32 39.58 -8.20
CA SER B 316 32.26 40.53 -8.82
C SER B 316 31.57 41.38 -9.87
N VAL B 317 30.58 40.79 -10.52
CA VAL B 317 29.71 41.50 -11.48
C VAL B 317 28.94 42.62 -10.78
N TYR B 318 28.51 42.39 -9.53
CA TYR B 318 27.89 43.43 -8.72
C TYR B 318 28.85 44.59 -8.51
N ALA B 319 30.08 44.26 -8.09
CA ALA B 319 31.14 45.24 -7.94
C ALA B 319 31.44 45.98 -9.25
N ASP B 320 31.46 45.25 -10.37
CA ASP B 320 31.72 45.84 -11.68
C ASP B 320 30.75 46.96 -12.04
N GLU B 321 29.50 46.83 -11.58
CA GLU B 321 28.40 47.69 -11.99
C GLU B 321 27.92 48.68 -10.92
N ILE B 322 28.45 48.58 -9.71
CA ILE B 322 28.07 49.45 -8.61
C ILE B 322 29.22 50.39 -8.17
N GLU B 323 28.95 51.70 -8.27
CA GLU B 323 29.85 52.76 -7.82
C GLU B 323 30.27 52.57 -6.37
N GLY B 324 31.58 52.40 -6.16
CA GLY B 324 32.15 52.31 -4.82
C GLY B 324 32.09 50.93 -4.19
N ALA B 325 31.79 49.91 -5.01
CA ALA B 325 31.80 48.52 -4.58
C ALA B 325 33.09 47.83 -5.01
N THR B 326 33.87 47.37 -4.03
CA THR B 326 35.18 46.78 -4.30
C THR B 326 35.18 45.26 -4.14
N TYR B 327 35.41 44.56 -5.23
CA TYR B 327 35.55 43.11 -5.20
C TYR B 327 36.90 42.70 -4.64
N HIS B 328 36.87 41.70 -3.75
CA HIS B 328 38.07 41.18 -3.12
C HIS B 328 38.21 39.68 -3.31
N THR B 329 39.39 39.24 -3.73
CA THR B 329 39.71 37.83 -3.79
C THR B 329 40.68 37.50 -2.66
N ASP B 330 41.20 38.56 -2.04
CA ASP B 330 42.21 38.47 -0.98
C ASP B 330 41.61 38.66 0.42
N GLY B 331 42.32 38.15 1.43
CA GLY B 331 41.92 38.29 2.83
C GLY B 331 40.61 37.59 3.10
N SER B 332 39.81 38.16 4.00
CA SER B 332 38.49 37.64 4.31
C SER B 332 37.51 38.77 4.54
N ILE B 333 36.24 38.49 4.23
CA ILE B 333 35.14 39.41 4.51
C ILE B 333 35.12 39.87 5.99
N TRP B 334 35.64 39.01 6.87
CA TRP B 334 35.67 39.26 8.31
C TRP B 334 36.77 40.27 8.72
N ASP B 335 37.53 40.75 7.74
CA ASP B 335 38.53 41.81 7.96
C ASP B 335 37.90 43.21 8.01
N LEU B 336 36.60 43.29 7.75
CA LEU B 336 35.88 44.56 7.79
C LEU B 336 35.45 44.97 9.20
N LYS B 337 35.66 46.23 9.53
CA LYS B 337 35.20 46.74 10.82
C LYS B 337 33.66 46.80 10.84
N CYS B 338 33.06 46.12 11.81
CA CYS B 338 31.60 46.06 11.95
C CYS B 338 31.24 46.05 13.43
N ASP B 339 29.97 46.32 13.73
CA ASP B 339 29.46 46.07 15.07
C ASP B 339 28.82 44.67 15.13
N ILE B 340 28.20 44.25 14.03
CA ILE B 340 27.49 42.96 13.97
C ILE B 340 27.96 42.11 12.79
N ALA B 341 28.17 40.82 13.02
CA ALA B 341 28.50 39.89 11.93
C ALA B 341 27.39 38.84 11.83
N LEU B 342 26.98 38.55 10.61
CA LEU B 342 25.95 37.55 10.34
C LEU B 342 26.43 36.64 9.25
N PRO B 343 27.14 35.55 9.64
CA PRO B 343 27.59 34.55 8.68
C PRO B 343 26.41 33.77 8.10
N CYS B 344 26.21 33.89 6.78
CA CYS B 344 25.01 33.33 6.13
C CYS B 344 25.28 32.46 4.90
N ALA B 345 26.48 31.85 4.86
CA ALA B 345 26.90 31.08 3.70
C ALA B 345 26.94 29.58 3.94
N THR B 346 27.77 29.12 4.88
CA THR B 346 28.07 27.67 5.04
C THR B 346 28.78 27.34 6.38
N GLN B 347 29.00 26.05 6.66
CA GLN B 347 29.70 25.64 7.89
C GLN B 347 31.18 26.07 7.87
N ASN B 348 31.70 26.36 9.07
CA ASN B 348 33.14 26.62 9.28
C ASN B 348 33.72 27.68 8.34
N GLU B 349 32.96 28.76 8.18
CA GLU B 349 33.33 29.90 7.35
C GLU B 349 33.88 31.07 8.19
N LEU B 350 33.68 30.99 9.50
CA LEU B 350 34.22 31.94 10.45
C LEU B 350 35.09 31.19 11.45
N ASN B 351 36.41 31.36 11.34
CA ASN B 351 37.35 30.60 12.19
C ASN B 351 37.91 31.41 13.39
N GLY B 352 38.79 30.79 14.19
CA GLY B 352 39.34 31.45 15.38
C GLY B 352 40.04 32.76 15.10
N GLU B 353 40.75 32.80 13.98
CA GLU B 353 41.50 33.98 13.52
C GLU B 353 40.57 35.10 13.03
N ASN B 354 39.56 34.76 12.24
CA ASN B 354 38.49 35.72 11.85
C ASN B 354 37.79 36.34 13.06
N ALA B 355 37.58 35.50 14.08
CA ALA B 355 36.90 35.88 15.31
C ALA B 355 37.71 36.93 16.07
N LYS B 356 39.02 36.73 16.14
CA LYS B 356 39.94 37.72 16.72
C LYS B 356 39.93 39.02 15.91
N THR B 357 40.06 38.90 14.58
CA THR B 357 40.05 40.08 13.68
C THR B 357 38.77 40.91 13.89
N LEU B 358 37.63 40.21 13.91
CA LEU B 358 36.34 40.78 14.24
C LEU B 358 36.28 41.54 15.58
N ALA B 359 36.71 40.92 16.67
CA ALA B 359 36.64 41.56 17.98
C ALA B 359 37.64 42.72 18.12
N ASP B 360 38.79 42.60 17.46
CA ASP B 360 39.81 43.65 17.44
C ASP B 360 39.29 44.95 16.82
N ASN B 361 38.42 44.80 15.82
CA ASN B 361 37.77 45.94 15.17
C ASN B 361 36.44 46.35 15.82
N GLY B 362 36.15 45.76 16.99
CA GLY B 362 34.99 46.13 17.81
C GLY B 362 33.65 45.49 17.49
N CYS B 363 33.67 44.26 16.96
CA CYS B 363 32.43 43.52 16.72
C CYS B 363 31.81 43.13 18.06
N ARG B 364 30.49 43.26 18.15
CA ARG B 364 29.81 43.18 19.43
C ARG B 364 28.81 42.00 19.56
N PHE B 365 28.29 41.55 18.43
CA PHE B 365 27.37 40.42 18.44
C PHE B 365 27.56 39.65 17.15
N VAL B 366 27.52 38.34 17.26
CA VAL B 366 27.47 37.46 16.09
C VAL B 366 26.16 36.67 16.15
N ALA B 367 25.49 36.53 15.01
CA ALA B 367 24.29 35.67 14.92
C ALA B 367 24.29 34.91 13.59
N GLU B 368 24.13 33.58 13.68
CA GLU B 368 24.35 32.69 12.54
C GLU B 368 23.10 32.48 11.69
N GLY B 369 23.14 32.98 10.45
CA GLY B 369 22.15 32.63 9.43
C GLY B 369 22.48 31.27 8.82
N ALA B 370 23.77 31.01 8.62
CA ALA B 370 24.20 29.71 8.12
C ALA B 370 24.09 28.65 9.21
N ASN B 371 24.14 27.38 8.80
CA ASN B 371 24.30 26.28 9.74
C ASN B 371 25.77 26.06 10.14
N MET B 372 26.03 26.22 11.43
CA MET B 372 27.34 25.99 12.05
C MET B 372 28.51 26.76 11.38
N PRO B 373 28.29 28.05 11.02
CA PRO B 373 29.36 28.77 10.34
C PRO B 373 30.60 29.04 11.20
N SER B 374 30.41 29.26 12.51
CA SER B 374 31.53 29.55 13.42
C SER B 374 32.22 28.26 13.87
N THR B 375 33.55 28.22 13.73
CA THR B 375 34.34 27.08 14.24
C THR B 375 34.33 27.04 15.77
N PRO B 376 34.72 25.89 16.38
CA PRO B 376 34.76 25.85 17.84
C PRO B 376 35.63 26.94 18.48
N GLU B 377 36.79 27.22 17.87
CA GLU B 377 37.68 28.26 18.43
C GLU B 377 37.17 29.67 18.18
N ALA B 378 36.37 29.82 17.11
CA ALA B 378 35.68 31.08 16.86
C ALA B 378 34.70 31.35 17.98
N VAL B 379 33.93 30.34 18.35
CA VAL B 379 32.95 30.46 19.44
C VAL B 379 33.66 30.78 20.78
N GLU B 380 34.83 30.18 20.98
CA GLU B 380 35.67 30.40 22.16
C GLU B 380 36.13 31.86 22.26
N VAL B 381 36.54 32.42 21.13
CA VAL B 381 36.96 33.83 21.07
C VAL B 381 35.80 34.76 21.46
N PHE B 382 34.62 34.54 20.87
CA PHE B 382 33.44 35.35 21.20
C PHE B 382 33.22 35.41 22.71
N ARG B 383 33.33 34.26 23.38
CA ARG B 383 33.18 34.19 24.83
C ARG B 383 34.25 34.98 25.58
N GLU B 384 35.50 34.80 25.17
CA GLU B 384 36.63 35.48 25.79
C GLU B 384 36.51 37.00 25.62
N ARG B 385 35.98 37.42 24.48
CA ARG B 385 35.97 38.83 24.14
C ARG B 385 34.65 39.54 24.43
N ASP B 386 33.76 38.88 25.15
CA ASP B 386 32.42 39.42 25.49
C ASP B 386 31.59 39.77 24.22
N ILE B 387 31.66 38.89 23.23
CA ILE B 387 30.83 39.05 22.04
C ILE B 387 29.60 38.17 22.24
N ARG B 388 28.42 38.79 22.20
CA ARG B 388 27.15 38.06 22.35
C ARG B 388 26.96 37.16 21.12
N PHE B 389 26.68 35.87 21.36
CA PHE B 389 26.66 34.90 20.26
C PHE B 389 25.30 34.16 20.09
N GLY B 390 24.66 34.32 18.92
CA GLY B 390 23.42 33.62 18.63
C GLY B 390 23.65 32.38 17.76
N PRO B 391 23.46 31.19 18.34
CA PRO B 391 23.72 29.93 17.60
C PRO B 391 22.70 29.72 16.50
N GLY B 392 23.10 29.06 15.43
CA GLY B 392 22.26 28.90 14.25
C GLY B 392 20.93 28.26 14.60
N LYS B 393 20.97 27.26 15.48
CA LYS B 393 19.74 26.49 15.78
C LYS B 393 18.69 27.39 16.41
N ALA B 394 19.15 28.53 16.94
CA ALA B 394 18.26 29.60 17.45
C ALA B 394 18.06 30.73 16.42
N ALA B 395 19.16 31.28 15.92
CA ALA B 395 19.14 32.44 14.99
C ALA B 395 18.55 32.26 13.59
N ASN B 396 18.69 31.07 12.99
CA ASN B 396 18.24 30.78 11.62
C ASN B 396 17.00 29.90 11.60
N ALA B 397 16.43 29.69 12.78
CA ALA B 397 15.27 28.83 12.95
C ALA B 397 14.06 29.44 12.27
N GLY B 398 14.20 30.71 11.86
CA GLY B 398 13.16 31.44 11.12
C GLY B 398 12.72 30.75 9.85
N GLY B 399 13.66 30.15 9.12
CA GLY B 399 13.36 29.32 7.96
C GLY B 399 12.43 28.15 8.22
N VAL B 400 12.83 27.25 9.11
CA VAL B 400 12.08 26.00 9.32
C VAL B 400 10.76 26.29 10.04
N ALA B 401 10.79 27.32 10.87
CA ALA B 401 9.57 27.80 11.55
C ALA B 401 8.59 28.27 10.50
N THR B 402 9.07 29.05 9.54
CA THR B 402 8.21 29.46 8.44
C THR B 402 7.82 28.30 7.53
N SER B 403 8.71 27.32 7.38
CA SER B 403 8.28 26.06 6.77
C SER B 403 7.17 25.36 7.54
N ALA B 404 7.23 25.35 8.88
CA ALA B 404 6.15 24.76 9.67
C ALA B 404 4.87 25.55 9.46
N LEU B 405 4.99 26.86 9.26
CA LEU B 405 3.82 27.67 8.93
C LEU B 405 3.24 27.34 7.54
N GLU B 406 4.12 27.03 6.59
CA GLU B 406 3.70 26.56 5.27
C GLU B 406 2.93 25.24 5.42
N MET B 407 3.44 24.35 6.27
CA MET B 407 2.78 23.09 6.57
C MET B 407 1.40 23.28 7.20
N GLN B 408 1.29 24.26 8.07
CA GLN B 408 0.02 24.59 8.74
C GLN B 408 -1.00 25.11 7.77
N GLN B 409 -0.58 26.07 6.94
CA GLN B 409 -1.43 26.57 5.88
C GLN B 409 -1.90 25.44 4.99
N ASN B 410 -0.97 24.61 4.52
CA ASN B 410 -1.36 23.46 3.69
C ASN B 410 -2.36 22.52 4.37
N ALA B 411 -2.08 22.19 5.63
CA ALA B 411 -2.95 21.30 6.42
C ALA B 411 -4.39 21.79 6.50
N SER B 412 -4.57 23.11 6.51
CA SER B 412 -5.88 23.68 6.61
C SER B 412 -6.36 24.26 5.28
N ARG B 413 -5.56 24.04 4.22
CA ARG B 413 -5.86 24.49 2.84
C ARG B 413 -6.12 25.99 2.87
N ASP B 414 -5.27 26.70 3.58
CA ASP B 414 -5.43 28.14 3.74
C ASP B 414 -4.20 28.84 3.22
N SER B 415 -4.30 30.14 2.98
CA SER B 415 -3.20 30.91 2.43
C SER B 415 -3.17 32.23 3.21
N TRP B 416 -2.11 32.45 3.98
CA TRP B 416 -2.03 33.63 4.86
C TRP B 416 -1.38 34.80 4.17
N SER B 417 -1.69 36.01 4.63
CA SER B 417 -1.04 37.19 4.09
C SER B 417 0.42 37.31 4.51
N PHE B 418 1.18 38.14 3.81
CA PHE B 418 2.55 38.43 4.21
C PHE B 418 2.63 39.00 5.64
N GLU B 419 1.82 40.01 5.93
CA GLU B 419 1.81 40.64 7.26
C GLU B 419 1.56 39.65 8.39
N TYR B 420 0.53 38.82 8.21
CA TYR B 420 0.13 37.88 9.23
C TYR B 420 1.26 36.88 9.45
N THR B 421 1.81 36.36 8.35
CA THR B 421 2.89 35.37 8.45
C THR B 421 4.16 35.96 9.07
N ASP B 422 4.53 37.16 8.63
CA ASP B 422 5.69 37.88 9.21
C ASP B 422 5.50 38.13 10.71
N GLU B 423 4.28 38.51 11.11
CA GLU B 423 3.97 38.67 12.51
C GLU B 423 4.16 37.39 13.32
N ARG B 424 3.71 36.26 12.77
CA ARG B 424 3.92 34.98 13.46
C ARG B 424 5.43 34.67 13.58
N LEU B 425 6.18 34.97 12.53
CA LEU B 425 7.62 34.71 12.51
C LEU B 425 8.29 35.55 13.58
N GLN B 426 7.91 36.82 13.68
CA GLN B 426 8.45 37.69 14.73
C GLN B 426 8.17 37.12 16.11
N VAL B 427 6.94 36.63 16.33
CA VAL B 427 6.58 36.02 17.61
C VAL B 427 7.40 34.76 17.93
N ILE B 428 7.60 33.90 16.94
CA ILE B 428 8.40 32.70 17.15
C ILE B 428 9.85 33.05 17.52
N MET B 429 10.44 34.00 16.80
CA MET B 429 11.83 34.38 17.09
C MET B 429 11.98 34.93 18.50
N LYS B 430 11.01 35.73 18.93
CA LYS B 430 11.01 36.27 20.27
C LYS B 430 10.84 35.16 21.30
N ASN B 431 10.01 34.17 20.98
CA ASN B 431 9.79 33.00 21.81
C ASN B 431 11.08 32.19 21.96
N ILE B 432 11.80 32.02 20.84
CA ILE B 432 13.07 31.29 20.87
C ILE B 432 14.07 32.05 21.75
N PHE B 433 14.19 33.35 21.53
CA PHE B 433 15.07 34.14 22.40
C PHE B 433 14.76 33.97 23.87
N LYS B 434 13.49 34.17 24.23
CA LYS B 434 12.98 33.97 25.59
C LYS B 434 13.38 32.60 26.18
N THR B 435 13.08 31.54 25.46
CA THR B 435 13.40 30.18 25.89
C THR B 435 14.90 30.01 26.17
N CYS B 436 15.75 30.52 25.27
CA CYS B 436 17.20 30.46 25.40
C CYS B 436 17.67 31.23 26.63
N ALA B 437 17.14 32.43 26.81
CA ALA B 437 17.45 33.25 28.01
C ALA B 437 17.01 32.61 29.32
N GLU B 438 15.74 32.23 29.41
CA GLU B 438 15.17 31.63 30.61
C GLU B 438 15.81 30.30 30.99
N THR B 439 16.15 29.46 30.01
CA THR B 439 16.74 28.14 30.32
C THR B 439 18.21 28.29 30.75
N ALA B 440 18.95 29.13 30.03
CA ALA B 440 20.33 29.42 30.37
C ALA B 440 20.43 29.95 31.81
N ALA B 441 19.58 30.92 32.15
CA ALA B 441 19.51 31.42 33.52
C ALA B 441 19.04 30.35 34.51
N GLU B 442 18.08 29.52 34.10
CA GLU B 442 17.59 28.40 34.94
C GLU B 442 18.72 27.44 35.34
N TYR B 443 19.72 27.29 34.48
CA TYR B 443 20.83 26.37 34.73
C TYR B 443 22.14 27.10 35.11
N GLY B 444 21.98 28.35 35.56
CA GLY B 444 23.09 29.18 36.04
C GLY B 444 24.09 29.64 34.99
N HIS B 445 23.66 29.71 33.74
CA HIS B 445 24.52 30.20 32.67
C HIS B 445 23.89 31.40 31.98
N GLU B 446 23.50 32.40 32.77
CA GLU B 446 22.93 33.64 32.26
C GLU B 446 23.62 34.15 31.00
N ASN B 447 22.81 34.48 29.99
CA ASN B 447 23.24 35.05 28.70
C ASN B 447 24.08 34.14 27.80
N ASP B 448 24.25 32.89 28.23
CA ASP B 448 24.83 31.90 27.35
C ASP B 448 23.69 31.27 26.56
N TYR B 449 23.44 31.79 25.36
CA TYR B 449 22.35 31.29 24.52
C TYR B 449 22.65 29.94 23.91
N VAL B 450 23.93 29.59 23.80
CA VAL B 450 24.28 28.27 23.31
C VAL B 450 23.77 27.26 24.33
N VAL B 451 24.07 27.49 25.60
CA VAL B 451 23.60 26.62 26.69
C VAL B 451 22.08 26.62 26.73
N GLY B 452 21.47 27.79 26.67
CA GLY B 452 20.01 27.92 26.66
C GLY B 452 19.34 27.18 25.51
N ALA B 453 19.86 27.39 24.29
CA ALA B 453 19.34 26.75 23.07
C ALA B 453 19.44 25.22 23.10
N ASN B 454 20.63 24.74 23.45
CA ASN B 454 20.85 23.30 23.48
C ASN B 454 20.05 22.59 24.54
N ILE B 455 20.02 23.15 25.75
CA ILE B 455 19.26 22.52 26.83
C ILE B 455 17.77 22.55 26.52
N ALA B 456 17.26 23.71 26.08
CA ALA B 456 15.82 23.83 25.82
C ALA B 456 15.40 22.95 24.64
N GLY B 457 16.24 22.88 23.61
CA GLY B 457 15.93 22.05 22.45
C GLY B 457 15.92 20.58 22.85
N PHE B 458 16.93 20.20 23.62
CA PHE B 458 17.07 18.81 24.07
C PHE B 458 15.93 18.38 24.97
N LYS B 459 15.60 19.19 25.98
CA LYS B 459 14.62 18.72 26.98
C LYS B 459 13.26 18.35 26.37
N LYS B 460 12.77 19.17 25.44
CA LYS B 460 11.47 18.93 24.79
C LYS B 460 11.52 17.60 24.03
N VAL B 461 12.59 17.38 23.27
CA VAL B 461 12.76 16.10 22.53
C VAL B 461 12.83 14.94 23.51
N ALA B 462 13.68 15.08 24.52
CA ALA B 462 13.88 14.01 25.50
C ALA B 462 12.59 13.63 26.23
N ASP B 463 11.79 14.61 26.63
CA ASP B 463 10.52 14.35 27.31
C ASP B 463 9.57 13.56 26.40
N ALA B 464 9.48 13.97 25.13
CA ALA B 464 8.67 13.27 24.14
C ALA B 464 9.18 11.85 23.90
N MET B 465 10.49 11.68 23.83
CA MET B 465 11.05 10.36 23.60
C MET B 465 10.75 9.43 24.78
N LEU B 466 10.88 9.97 26.00
CA LEU B 466 10.57 9.19 27.19
C LEU B 466 9.10 8.73 27.13
N ALA B 467 8.20 9.64 26.77
CA ALA B 467 6.77 9.34 26.70
C ALA B 467 6.42 8.27 25.65
N GLN B 468 7.17 8.25 24.55
CA GLN B 468 6.79 7.37 23.43
C GLN B 468 7.47 5.99 23.41
N GLY B 469 8.29 5.70 24.42
CA GLY B 469 8.87 4.38 24.58
C GLY B 469 10.07 4.04 23.73
N VAL B 470 10.50 2.78 23.83
CA VAL B 470 11.70 2.31 23.15
C VAL B 470 11.32 1.94 21.72
N ILE B 471 11.61 2.84 20.81
CA ILE B 471 11.18 2.74 19.43
C ILE B 471 12.30 3.24 18.53
N MET C 25 -37.14 -10.86 -30.57
CA MET C 25 -37.11 -12.12 -29.76
C MET C 25 -36.40 -13.27 -30.50
N THR C 26 -36.07 -13.04 -31.77
CA THR C 26 -35.27 -13.98 -32.55
C THR C 26 -33.78 -13.79 -32.15
N VAL C 27 -32.97 -14.84 -32.27
CA VAL C 27 -31.53 -14.75 -31.93
C VAL C 27 -30.81 -13.66 -32.73
N ASP C 28 -31.02 -13.62 -34.05
CA ASP C 28 -30.49 -12.54 -34.87
C ASP C 28 -30.95 -11.20 -34.34
N GLU C 29 -32.25 -11.06 -34.06
CA GLU C 29 -32.82 -9.80 -33.56
C GLU C 29 -32.23 -9.37 -32.21
N GLN C 30 -32.06 -10.35 -31.32
CA GLN C 30 -31.47 -10.16 -30.00
C GLN C 30 -30.04 -9.62 -30.14
N VAL C 31 -29.21 -10.33 -30.89
CA VAL C 31 -27.80 -9.96 -31.02
C VAL C 31 -27.66 -8.68 -31.85
N SER C 32 -28.52 -8.52 -32.85
CA SER C 32 -28.49 -7.33 -33.71
C SER C 32 -28.85 -6.07 -32.94
N ASN C 33 -29.83 -6.18 -32.05
CA ASN C 33 -30.20 -5.07 -31.18
C ASN C 33 -29.06 -4.66 -30.27
N TYR C 34 -28.29 -5.63 -29.75
CA TYR C 34 -27.14 -5.29 -28.93
CA TYR C 34 -27.07 -5.39 -28.92
C TYR C 34 -26.05 -4.61 -29.73
N TYR C 35 -25.71 -5.17 -30.90
CA TYR C 35 -24.71 -4.57 -31.78
C TYR C 35 -25.03 -3.10 -32.06
N ASP C 36 -26.30 -2.81 -32.36
CA ASP C 36 -26.72 -1.43 -32.59
C ASP C 36 -26.36 -0.51 -31.41
N MET C 37 -26.55 -1.00 -30.18
CA MET C 37 -26.20 -0.25 -28.97
C MET C 37 -24.68 -0.09 -28.79
N LEU C 38 -23.95 -1.15 -29.14
CA LEU C 38 -22.49 -1.11 -29.15
C LEU C 38 -21.97 -0.05 -30.13
N LEU C 39 -22.63 0.05 -31.28
CA LEU C 39 -22.29 1.04 -32.29
C LEU C 39 -22.42 2.47 -31.79
N LYS C 40 -23.52 2.75 -31.09
CA LYS C 40 -23.72 4.12 -30.65
C LYS C 40 -22.76 4.49 -29.51
N ARG C 41 -22.52 3.54 -28.60
CA ARG C 41 -21.60 3.83 -27.49
C ARG C 41 -20.16 4.05 -27.96
N ASN C 42 -19.77 3.36 -29.02
CA ASN C 42 -18.39 3.38 -29.51
C ASN C 42 -18.27 4.06 -30.86
N ALA C 43 -18.91 5.20 -30.98
CA ALA C 43 -18.96 5.89 -32.27
C ALA C 43 -17.54 6.26 -32.73
N GLY C 44 -17.30 6.11 -34.04
CA GLY C 44 -16.03 6.50 -34.63
C GLY C 44 -14.91 5.49 -34.55
N GLU C 45 -15.23 4.23 -34.30
CA GLU C 45 -14.20 3.19 -34.14
C GLU C 45 -14.46 2.03 -35.10
N PRO C 46 -14.32 2.26 -36.43
CA PRO C 46 -14.70 1.22 -37.40
C PRO C 46 -14.02 -0.13 -37.27
N GLU C 47 -12.73 -0.15 -36.92
CA GLU C 47 -11.99 -1.41 -36.73
C GLU C 47 -12.56 -2.24 -35.59
N PHE C 48 -12.91 -1.56 -34.50
CA PHE C 48 -13.55 -2.21 -33.36
C PHE C 48 -14.91 -2.78 -33.81
N HIS C 49 -15.70 -1.98 -34.53
CA HIS C 49 -16.98 -2.48 -35.03
C HIS C 49 -16.76 -3.69 -35.94
N GLN C 50 -15.74 -3.63 -36.78
CA GLN C 50 -15.40 -4.72 -37.72
C GLN C 50 -15.18 -6.01 -36.93
N ALA C 51 -14.32 -5.93 -35.92
CA ALA C 51 -13.95 -7.11 -35.12
C ALA C 51 -15.17 -7.66 -34.36
N VAL C 52 -15.96 -6.78 -33.74
CA VAL C 52 -17.15 -7.18 -32.98
C VAL C 52 -18.19 -7.86 -33.89
N ALA C 53 -18.48 -7.24 -35.03
CA ALA C 53 -19.50 -7.77 -35.94
C ALA C 53 -19.25 -9.24 -36.31
N GLU C 54 -18.01 -9.57 -36.65
CA GLU C 54 -17.69 -10.93 -37.08
C GLU C 54 -17.83 -11.91 -35.91
N VAL C 55 -17.38 -11.50 -34.72
CA VAL C 55 -17.56 -12.35 -33.54
C VAL C 55 -19.06 -12.56 -33.26
N LEU C 56 -19.86 -11.50 -33.38
CA LEU C 56 -21.30 -11.61 -33.09
C LEU C 56 -22.00 -12.57 -34.05
N GLU C 57 -21.53 -12.65 -35.30
CA GLU C 57 -22.08 -13.62 -36.24
C GLU C 57 -21.87 -15.04 -35.73
N SER C 58 -20.71 -15.31 -35.14
CA SER C 58 -20.45 -16.59 -34.51
C SER C 58 -21.29 -16.78 -33.24
N LEU C 59 -21.52 -15.71 -32.47
CA LEU C 59 -22.31 -15.87 -31.25
C LEU C 59 -23.78 -16.20 -31.55
N LYS C 60 -24.25 -15.80 -32.73
CA LYS C 60 -25.62 -16.14 -33.13
C LYS C 60 -25.72 -17.65 -33.29
N ILE C 61 -24.67 -18.26 -33.84
CA ILE C 61 -24.58 -19.70 -34.04
C ILE C 61 -24.55 -20.43 -32.70
N VAL C 62 -23.78 -19.89 -31.77
CA VAL C 62 -23.73 -20.42 -30.41
C VAL C 62 -25.11 -20.36 -29.74
N LEU C 63 -25.76 -19.21 -29.84
CA LEU C 63 -27.00 -18.94 -29.08
C LEU C 63 -28.17 -19.76 -29.61
N GLU C 64 -28.10 -20.12 -30.88
CA GLU C 64 -29.17 -20.93 -31.50
C GLU C 64 -29.23 -22.33 -30.90
N LYS C 65 -28.07 -22.84 -30.48
CA LYS C 65 -27.95 -24.14 -29.83
C LYS C 65 -27.98 -24.04 -28.29
N ASP C 66 -27.32 -23.02 -27.75
CA ASP C 66 -27.15 -22.88 -26.30
C ASP C 66 -27.49 -21.45 -25.86
N PRO C 67 -28.78 -21.16 -25.61
CA PRO C 67 -29.13 -19.76 -25.34
C PRO C 67 -28.64 -19.22 -23.98
N HIS C 68 -28.24 -20.11 -23.07
CA HIS C 68 -27.77 -19.69 -21.74
C HIS C 68 -26.53 -18.81 -21.82
N TYR C 69 -25.85 -18.83 -22.96
CA TYR C 69 -24.62 -18.06 -23.12
C TYR C 69 -24.84 -16.57 -23.15
N ALA C 70 -26.10 -16.13 -23.23
CA ALA C 70 -26.41 -14.71 -23.11
C ALA C 70 -26.96 -14.34 -21.74
N ASP C 71 -26.93 -15.29 -20.79
CA ASP C 71 -27.57 -15.05 -19.48
C ASP C 71 -26.82 -13.95 -18.76
N TYR C 72 -27.52 -13.25 -17.87
CA TYR C 72 -26.89 -12.23 -17.02
C TYR C 72 -26.13 -11.16 -17.81
N GLY C 73 -26.67 -10.76 -18.94
CA GLY C 73 -26.04 -9.72 -19.76
C GLY C 73 -24.60 -10.04 -20.12
N LEU C 74 -24.30 -11.32 -20.34
CA LEU C 74 -22.93 -11.74 -20.62
C LEU C 74 -22.31 -11.06 -21.82
N ILE C 75 -23.06 -10.97 -22.92
CA ILE C 75 -22.49 -10.38 -24.13
C ILE C 75 -22.25 -8.88 -23.98
N GLN C 76 -23.18 -8.21 -23.30
CA GLN C 76 -23.08 -6.79 -23.01
C GLN C 76 -21.86 -6.54 -22.15
N ARG C 77 -21.61 -7.44 -21.21
CA ARG C 77 -20.42 -7.29 -20.38
C ARG C 77 -19.15 -7.57 -21.18
N LEU C 78 -19.17 -8.65 -21.97
CA LEU C 78 -17.99 -9.06 -22.76
C LEU C 78 -17.46 -7.97 -23.69
N CYS C 79 -18.38 -7.27 -24.36
CA CYS C 79 -18.03 -6.28 -25.35
C CYS C 79 -17.67 -4.91 -24.80
N GLU C 80 -17.74 -4.74 -23.47
CA GLU C 80 -17.33 -3.48 -22.85
C GLU C 80 -16.09 -3.72 -21.98
N PRO C 81 -14.96 -3.04 -22.29
CA PRO C 81 -13.74 -3.30 -21.52
C PRO C 81 -13.94 -3.08 -20.04
N GLU C 82 -13.31 -3.92 -19.24
CA GLU C 82 -13.38 -3.73 -17.81
C GLU C 82 -12.82 -2.35 -17.42
N ARG C 83 -11.74 -1.95 -18.08
CA ARG C 83 -11.11 -0.68 -17.80
C ARG C 83 -10.32 -0.23 -19.03
N GLN C 84 -10.24 1.09 -19.21
CA GLN C 84 -9.45 1.69 -20.27
C GLN C 84 -8.74 2.87 -19.67
N LEU C 85 -7.45 2.93 -19.94
CA LEU C 85 -6.61 4.06 -19.53
C LEU C 85 -6.08 4.78 -20.75
N ILE C 86 -6.21 6.11 -20.75
CA ILE C 86 -5.60 6.93 -21.80
C ILE C 86 -4.81 7.95 -21.01
N PHE C 87 -3.61 8.28 -21.46
CA PHE C 87 -2.78 9.16 -20.65
C PHE C 87 -1.75 9.97 -21.45
N ARG C 88 -1.37 11.10 -20.87
CA ARG C 88 -0.35 11.95 -21.45
C ARG C 88 1.02 11.30 -21.30
N VAL C 89 1.80 11.33 -22.38
CA VAL C 89 3.19 10.88 -22.31
C VAL C 89 4.09 12.02 -22.81
N PRO C 90 4.54 12.87 -21.89
CA PRO C 90 5.46 13.95 -22.23
C PRO C 90 6.88 13.41 -22.24
N TRP C 91 7.66 13.80 -23.25
CA TRP C 91 9.03 13.36 -23.31
C TRP C 91 9.86 14.42 -24.04
N VAL C 92 11.17 14.33 -23.88
CA VAL C 92 12.06 15.34 -24.38
C VAL C 92 13.00 14.69 -25.40
N ASP C 93 13.10 15.27 -26.60
CA ASP C 93 14.02 14.76 -27.64
C ASP C 93 15.48 15.15 -27.40
N ASP C 94 16.37 14.63 -28.24
CA ASP C 94 17.82 14.89 -28.11
C ASP C 94 18.21 16.37 -28.25
N GLN C 95 17.32 17.17 -28.85
CA GLN C 95 17.58 18.60 -29.00
C GLN C 95 16.97 19.38 -27.86
N GLY C 96 16.37 18.66 -26.92
CA GLY C 96 15.75 19.31 -25.76
C GLY C 96 14.40 19.92 -26.03
N GLN C 97 13.70 19.46 -27.06
CA GLN C 97 12.32 19.90 -27.31
C GLN C 97 11.37 18.93 -26.64
N VAL C 98 10.38 19.48 -25.94
CA VAL C 98 9.33 18.65 -25.34
C VAL C 98 8.31 18.22 -26.38
N HIS C 99 7.98 16.93 -26.37
CA HIS C 99 6.92 16.39 -27.19
C HIS C 99 5.85 15.77 -26.31
N VAL C 100 4.62 15.68 -26.83
CA VAL C 100 3.53 15.02 -26.09
C VAL C 100 2.88 14.00 -27.00
N ASN C 101 2.88 12.74 -26.57
CA ASN C 101 2.12 11.70 -27.26
C ASN C 101 1.05 11.13 -26.35
N ARG C 102 0.11 10.37 -26.91
CA ARG C 102 -0.97 9.77 -26.11
C ARG C 102 -0.67 8.31 -25.90
N GLY C 103 -0.83 7.83 -24.67
CA GLY C 103 -0.68 6.41 -24.36
C GLY C 103 -2.02 5.78 -24.06
N PHE C 104 -2.12 4.46 -24.27
CA PHE C 104 -3.34 3.71 -24.04
C PHE C 104 -3.03 2.38 -23.40
N ARG C 105 -3.91 1.93 -22.51
CA ARG C 105 -3.98 0.51 -22.16
C ARG C 105 -5.43 0.15 -21.94
N VAL C 106 -5.93 -0.77 -22.76
CA VAL C 106 -7.29 -1.29 -22.62
C VAL C 106 -7.22 -2.64 -21.95
N GLN C 107 -7.84 -2.71 -20.78
CA GLN C 107 -7.85 -3.94 -19.99
C GLN C 107 -9.22 -4.56 -20.21
N PHE C 108 -9.30 -5.42 -21.24
CA PHE C 108 -10.61 -5.82 -21.78
C PHE C 108 -11.37 -6.84 -20.91
N ASN C 109 -10.72 -7.97 -20.61
CA ASN C 109 -11.39 -9.07 -19.94
C ASN C 109 -10.36 -9.85 -19.13
N SER C 110 -10.71 -10.17 -17.89
CA SER C 110 -9.77 -10.88 -17.01
C SER C 110 -10.36 -12.18 -16.43
N ALA C 111 -11.38 -12.72 -17.09
CA ALA C 111 -12.03 -13.96 -16.64
C ALA C 111 -11.11 -15.15 -16.51
N LEU C 112 -10.20 -15.30 -17.48
CA LEU C 112 -9.32 -16.47 -17.54
C LEU C 112 -7.93 -16.25 -16.92
N GLY C 113 -7.52 -15.00 -16.70
CA GLY C 113 -6.18 -14.74 -16.18
C GLY C 113 -5.98 -13.24 -16.16
N PRO C 114 -4.78 -12.78 -15.75
CA PRO C 114 -4.42 -11.36 -15.86
C PRO C 114 -4.63 -10.84 -17.28
N TYR C 115 -4.92 -9.55 -17.43
CA TYR C 115 -5.00 -9.01 -18.79
C TYR C 115 -3.67 -9.29 -19.47
N LYS C 116 -3.72 -9.59 -20.76
CA LYS C 116 -2.52 -9.97 -21.48
C LYS C 116 -2.61 -9.52 -22.93
N GLY C 117 -1.57 -8.85 -23.39
CA GLY C 117 -1.51 -8.41 -24.77
C GLY C 117 -0.50 -7.31 -24.93
N GLY C 118 -0.12 -7.06 -26.17
CA GLY C 118 1.01 -6.19 -26.42
C GLY C 118 0.80 -4.69 -26.42
N LEU C 119 1.86 -3.99 -26.76
CA LEU C 119 1.94 -2.53 -26.85
C LEU C 119 2.37 -2.19 -28.26
N ARG C 120 1.60 -1.34 -28.92
CA ARG C 120 1.88 -0.93 -30.30
C ARG C 120 2.25 0.55 -30.26
N PHE C 121 3.45 0.87 -30.73
CA PHE C 121 3.89 2.26 -30.89
C PHE C 121 3.93 2.55 -32.39
N HIS C 122 2.97 3.32 -32.87
CA HIS C 122 2.86 3.66 -34.30
C HIS C 122 1.97 4.89 -34.41
N PRO C 123 2.25 5.78 -35.38
CA PRO C 123 1.43 6.99 -35.52
C PRO C 123 -0.06 6.78 -35.82
N SER C 124 -0.45 5.59 -36.28
CA SER C 124 -1.84 5.29 -36.60
C SER C 124 -2.64 5.00 -35.34
N VAL C 125 -1.94 4.76 -34.23
CA VAL C 125 -2.62 4.24 -33.01
C VAL C 125 -3.61 5.23 -32.43
N ASN C 126 -4.82 4.73 -32.15
CA ASN C 126 -5.88 5.46 -31.45
C ASN C 126 -6.71 4.47 -30.61
N LEU C 127 -7.63 4.97 -29.80
CA LEU C 127 -8.41 4.08 -28.94
C LEU C 127 -9.17 2.98 -29.68
N GLY C 128 -9.80 3.30 -30.82
CA GLY C 128 -10.54 2.28 -31.56
C GLY C 128 -9.66 1.13 -32.04
N ILE C 129 -8.44 1.45 -32.45
CA ILE C 129 -7.50 0.42 -32.90
C ILE C 129 -7.09 -0.46 -31.70
N VAL C 130 -6.80 0.20 -30.59
CA VAL C 130 -6.40 -0.54 -29.36
C VAL C 130 -7.56 -1.43 -28.92
N LYS C 131 -8.79 -0.92 -29.02
CA LYS C 131 -9.98 -1.68 -28.68
C LYS C 131 -10.19 -2.88 -29.60
N PHE C 132 -10.02 -2.73 -30.91
CA PHE C 132 -10.11 -3.88 -31.82
C PHE C 132 -9.14 -4.98 -31.40
N LEU C 133 -7.88 -4.59 -31.16
CA LEU C 133 -6.84 -5.53 -30.87
C LEU C 133 -7.08 -6.22 -29.52
N GLY C 134 -7.47 -5.43 -28.52
CA GLY C 134 -7.82 -5.97 -27.19
C GLY C 134 -8.99 -6.94 -27.21
N PHE C 135 -10.00 -6.65 -28.04
CA PHE C 135 -11.17 -7.51 -28.19
C PHE C 135 -10.75 -8.84 -28.78
N GLU C 136 -10.01 -8.79 -29.89
CA GLU C 136 -9.52 -10.00 -30.55
C GLU C 136 -8.67 -10.83 -29.59
N GLN C 137 -7.85 -10.12 -28.81
CA GLN C 137 -6.95 -10.73 -27.84
C GLN C 137 -7.66 -11.62 -26.82
N ILE C 138 -8.88 -11.28 -26.41
CA ILE C 138 -9.62 -12.10 -25.48
C ILE C 138 -9.77 -13.53 -26.00
N PHE C 139 -10.18 -13.64 -27.25
CA PHE C 139 -10.54 -14.95 -27.80
C PHE C 139 -9.31 -15.73 -28.20
N LYS C 140 -8.31 -15.02 -28.72
CA LYS C 140 -7.00 -15.59 -29.04
C LYS C 140 -6.37 -16.21 -27.79
N ASN C 141 -6.31 -15.41 -26.73
CA ASN C 141 -5.78 -15.89 -25.44
C ASN C 141 -6.52 -17.08 -24.88
N SER C 142 -7.85 -17.04 -24.96
CA SER C 142 -8.70 -18.17 -24.57
C SER C 142 -8.31 -19.45 -25.31
N LEU C 143 -8.13 -19.32 -26.63
CA LEU C 143 -7.82 -20.48 -27.49
C LEU C 143 -6.50 -21.16 -27.15
N THR C 144 -5.53 -20.41 -26.60
CA THR C 144 -4.26 -21.03 -26.25
C THR C 144 -4.39 -22.11 -25.20
N GLY C 145 -5.48 -22.07 -24.41
CA GLY C 145 -5.69 -23.04 -23.35
C GLY C 145 -4.98 -22.63 -22.09
N LEU C 146 -4.28 -21.49 -22.15
CA LEU C 146 -3.50 -21.01 -21.02
C LEU C 146 -4.21 -19.89 -20.25
N PRO C 147 -3.80 -19.64 -18.99
CA PRO C 147 -4.59 -18.77 -18.12
C PRO C 147 -4.25 -17.28 -18.29
N ILE C 148 -4.84 -16.68 -19.33
CA ILE C 148 -4.55 -15.28 -19.67
C ILE C 148 -5.82 -14.61 -20.18
N GLY C 149 -6.12 -13.44 -19.60
CA GLY C 149 -7.20 -12.57 -20.07
C GLY C 149 -6.72 -11.74 -21.24
N GLY C 150 -7.49 -10.75 -21.68
CA GLY C 150 -7.17 -10.02 -22.88
C GLY C 150 -7.05 -8.53 -22.65
N GLY C 151 -6.04 -7.93 -23.25
CA GLY C 151 -5.83 -6.49 -23.19
C GLY C 151 -4.91 -6.06 -24.32
N LYS C 152 -4.69 -4.75 -24.46
CA LYS C 152 -3.79 -4.24 -25.49
C LYS C 152 -3.51 -2.81 -25.14
N GLY C 153 -2.40 -2.28 -25.62
CA GLY C 153 -2.16 -0.87 -25.41
C GLY C 153 -1.21 -0.34 -26.44
N GLY C 154 -0.71 0.87 -26.21
CA GLY C 154 0.17 1.46 -27.20
C GLY C 154 0.23 2.96 -27.11
N SER C 155 0.71 3.58 -28.19
CA SER C 155 0.85 5.03 -28.22
C SER C 155 0.91 5.43 -29.67
N ASP C 156 0.56 6.69 -29.93
CA ASP C 156 0.72 7.25 -31.27
C ASP C 156 2.15 7.76 -31.51
N PHE C 157 3.02 7.63 -30.52
CA PHE C 157 4.46 7.80 -30.69
C PHE C 157 4.99 7.02 -31.89
N ASP C 158 5.77 7.69 -32.72
CA ASP C 158 6.39 7.03 -33.87
C ASP C 158 7.85 6.73 -33.57
N PRO C 159 8.20 5.44 -33.37
CA PRO C 159 9.57 5.10 -33.01
C PRO C 159 10.58 5.24 -34.17
N LYS C 160 10.06 5.35 -35.39
CA LYS C 160 10.93 5.46 -36.58
C LYS C 160 11.70 6.75 -36.49
N GLY C 161 13.03 6.65 -36.60
CA GLY C 161 13.88 7.84 -36.63
C GLY C 161 14.38 8.32 -35.28
N LYS C 162 13.87 7.73 -34.20
CA LYS C 162 14.26 8.12 -32.86
C LYS C 162 15.58 7.46 -32.47
N SER C 163 16.40 8.18 -31.70
CA SER C 163 17.62 7.62 -31.14
C SER C 163 17.30 6.64 -30.02
N ASP C 164 18.29 5.85 -29.62
CA ASP C 164 18.10 4.91 -28.51
C ASP C 164 17.69 5.65 -27.23
N LEU C 165 18.34 6.77 -26.93
CA LEU C 165 17.99 7.58 -25.76
C LEU C 165 16.59 8.18 -25.85
N GLU C 166 16.18 8.66 -27.03
CA GLU C 166 14.81 9.13 -27.22
C GLU C 166 13.80 8.01 -26.95
N ILE C 167 14.08 6.83 -27.49
CA ILE C 167 13.20 5.66 -27.29
C ILE C 167 13.18 5.35 -25.77
N MET C 168 14.35 5.36 -25.15
CA MET C 168 14.47 5.12 -23.69
C MET C 168 13.67 6.11 -22.87
N ARG C 169 13.84 7.40 -23.15
CA ARG C 169 13.06 8.40 -22.42
C ARG C 169 11.56 8.28 -22.67
N PHE C 170 11.17 7.94 -23.90
CA PHE C 170 9.73 7.76 -24.16
C PHE C 170 9.19 6.60 -23.33
N CYS C 171 9.89 5.46 -23.40
CA CYS C 171 9.48 4.29 -22.62
C CYS C 171 9.40 4.62 -21.14
N GLN C 172 10.36 5.39 -20.64
CA GLN C 172 10.39 5.72 -19.19
C GLN C 172 9.22 6.62 -18.81
N SER C 173 8.88 7.59 -19.68
CA SER C 173 7.70 8.41 -19.41
C SER C 173 6.43 7.57 -19.51
N PHE C 174 6.35 6.69 -20.52
CA PHE C 174 5.21 5.81 -20.71
C PHE C 174 4.94 4.97 -19.46
N MET C 175 6.00 4.37 -18.96
CA MET C 175 5.92 3.47 -17.81
C MET C 175 5.77 4.21 -16.49
N THR C 176 6.18 5.48 -16.42
CA THR C 176 5.91 6.27 -15.21
C THR C 176 4.40 6.32 -14.88
N GLU C 177 3.55 6.39 -15.92
CA GLU C 177 2.13 6.22 -15.71
C GLU C 177 1.70 4.74 -15.67
N LEU C 178 2.21 3.93 -16.59
CA LEU C 178 1.61 2.62 -16.78
C LEU C 178 1.82 1.69 -15.57
N HIS C 179 2.92 1.89 -14.83
CA HIS C 179 3.31 0.94 -13.80
C HIS C 179 2.20 0.70 -12.77
N ARG C 180 1.43 1.74 -12.43
CA ARG C 180 0.42 1.60 -11.38
C ARG C 180 -0.75 0.74 -11.82
N HIS C 181 -0.86 0.49 -13.13
CA HIS C 181 -2.00 -0.25 -13.64
C HIS C 181 -1.68 -1.67 -14.06
N ILE C 182 -0.41 -2.08 -13.89
CA ILE C 182 0.02 -3.41 -14.33
C ILE C 182 0.69 -4.21 -13.21
N GLY C 183 1.03 -5.46 -13.50
CA GLY C 183 1.64 -6.30 -12.48
C GLY C 183 1.44 -7.76 -12.82
N GLU C 184 2.22 -8.62 -12.17
CA GLU C 184 2.22 -10.06 -12.49
C GLU C 184 0.84 -10.73 -12.54
N TYR C 185 -0.09 -10.29 -11.70
CA TYR C 185 -1.44 -10.88 -11.71
C TYR C 185 -2.46 -9.91 -12.27
N ARG C 186 -2.03 -8.68 -12.52
CA ARG C 186 -2.94 -7.62 -12.91
C ARG C 186 -3.00 -7.48 -14.42
N ASP C 187 -1.88 -7.14 -15.02
CA ASP C 187 -1.84 -6.92 -16.47
C ASP C 187 -0.41 -7.09 -16.89
N VAL C 188 -0.19 -7.92 -17.90
CA VAL C 188 1.15 -8.28 -18.33
C VAL C 188 1.32 -7.89 -19.81
N PRO C 189 1.90 -6.71 -20.10
CA PRO C 189 2.08 -6.36 -21.52
C PRO C 189 3.27 -7.09 -22.20
N ALA C 190 3.52 -6.71 -23.44
CA ALA C 190 4.55 -7.29 -24.29
C ALA C 190 4.67 -6.36 -25.49
N GLY C 191 5.39 -6.82 -26.52
CA GLY C 191 5.56 -6.03 -27.73
C GLY C 191 4.41 -6.19 -28.67
N ASP C 192 4.47 -5.44 -29.77
CA ASP C 192 3.59 -5.56 -30.94
C ASP C 192 4.28 -4.66 -31.97
N ILE C 193 3.53 -4.10 -32.91
CA ILE C 193 4.16 -3.23 -33.90
C ILE C 193 4.92 -2.09 -33.22
N GLY C 194 6.20 -1.95 -33.54
CA GLY C 194 6.98 -0.84 -33.04
C GLY C 194 7.54 -1.07 -31.64
N VAL C 195 7.23 -2.22 -31.04
CA VAL C 195 7.70 -2.48 -29.69
C VAL C 195 8.36 -3.85 -29.68
N GLY C 196 9.69 -3.82 -29.63
CA GLY C 196 10.51 -5.02 -29.70
C GLY C 196 11.32 -5.18 -28.43
N GLY C 197 12.38 -5.97 -28.54
CA GLY C 197 13.21 -6.28 -27.38
C GLY C 197 13.82 -5.02 -26.77
N ARG C 198 14.24 -4.08 -27.62
CA ARG C 198 14.82 -2.82 -27.12
C ARG C 198 13.84 -2.10 -26.18
N GLU C 199 12.64 -1.87 -26.68
CA GLU C 199 11.56 -1.21 -25.90
C GLU C 199 11.22 -1.96 -24.63
N ILE C 200 11.09 -3.28 -24.73
CA ILE C 200 10.69 -4.08 -23.55
C ILE C 200 11.74 -3.97 -22.44
N GLY C 201 13.01 -3.99 -22.83
CA GLY C 201 14.11 -3.71 -21.90
C GLY C 201 13.95 -2.39 -21.16
N TYR C 202 13.75 -1.29 -21.88
CA TYR C 202 13.61 0.01 -21.23
C TYR C 202 12.33 0.09 -20.39
N LEU C 203 11.24 -0.53 -20.88
CA LEU C 203 9.98 -0.53 -20.12
C LEU C 203 10.12 -1.32 -18.82
N PHE C 204 10.77 -2.47 -18.90
CA PHE C 204 10.93 -3.36 -17.73
C PHE C 204 11.87 -2.74 -16.70
N GLY C 205 13.00 -2.20 -17.16
CA GLY C 205 13.92 -1.50 -16.27
C GLY C 205 13.21 -0.43 -15.49
N HIS C 206 12.44 0.38 -16.20
CA HIS C 206 11.77 1.48 -15.56
C HIS C 206 10.62 1.02 -14.66
N TYR C 207 9.93 -0.04 -15.04
CA TYR C 207 8.93 -0.60 -14.15
C TYR C 207 9.57 -1.00 -12.81
N ARG C 208 10.70 -1.69 -12.85
CA ARG C 208 11.34 -2.11 -11.60
C ARG C 208 11.71 -0.88 -10.76
N ARG C 209 12.12 0.19 -11.44
CA ARG C 209 12.50 1.39 -10.71
C ARG C 209 11.28 2.04 -10.05
N MET C 210 10.13 2.01 -10.72
CA MET C 210 8.92 2.57 -10.14
C MET C 210 8.41 1.74 -8.98
N ALA C 211 8.39 0.42 -9.17
CA ALA C 211 7.80 -0.48 -8.16
C ALA C 211 8.79 -0.85 -7.06
N ASN C 212 10.08 -0.54 -7.29
CA ASN C 212 11.13 -1.07 -6.42
C ASN C 212 11.02 -2.55 -6.18
N GLN C 213 10.82 -3.30 -7.25
CA GLN C 213 11.03 -4.72 -7.15
C GLN C 213 11.20 -5.38 -8.49
N HIS C 214 11.92 -6.49 -8.44
CA HIS C 214 12.28 -7.22 -9.64
C HIS C 214 11.18 -8.24 -9.95
N GLU C 215 10.09 -7.71 -10.46
CA GLU C 215 8.89 -8.50 -10.67
C GLU C 215 8.87 -8.97 -12.13
N SER C 216 9.57 -10.08 -12.40
CA SER C 216 9.74 -10.58 -13.77
C SER C 216 8.44 -10.77 -14.51
N GLY C 217 7.40 -11.18 -13.79
CA GLY C 217 6.13 -11.52 -14.43
C GLY C 217 5.32 -10.34 -14.91
N VAL C 218 5.83 -9.11 -14.72
CA VAL C 218 5.08 -7.93 -15.17
C VAL C 218 5.03 -7.76 -16.70
N LEU C 219 6.01 -8.33 -17.39
CA LEU C 219 6.16 -8.17 -18.84
C LEU C 219 6.66 -9.47 -19.45
N THR C 220 6.30 -9.66 -20.72
CA THR C 220 6.90 -10.73 -21.51
C THR C 220 7.62 -10.13 -22.74
N GLY C 221 8.34 -10.99 -23.45
CA GLY C 221 9.32 -10.55 -24.45
C GLY C 221 10.59 -10.00 -23.82
N LYS C 222 10.87 -10.38 -22.58
CA LYS C 222 12.08 -9.98 -21.89
C LYS C 222 13.32 -10.73 -22.43
N GLY C 223 14.47 -10.17 -22.13
CA GLY C 223 15.76 -10.71 -22.61
C GLY C 223 16.19 -11.94 -21.86
N LEU C 224 17.05 -12.73 -22.49
CA LEU C 224 17.40 -14.04 -21.95
C LEU C 224 18.06 -14.03 -20.56
N THR C 225 18.83 -12.99 -20.28
CA THR C 225 19.56 -12.90 -19.00
C THR C 225 18.79 -12.21 -17.88
N TRP C 226 17.58 -11.74 -18.18
CA TRP C 226 16.76 -11.04 -17.18
C TRP C 226 15.29 -11.48 -17.26
N GLY C 227 15.10 -12.81 -17.36
CA GLY C 227 13.78 -13.44 -17.17
C GLY C 227 12.95 -13.73 -18.41
N GLY C 228 13.58 -13.59 -19.59
CA GLY C 228 12.93 -13.92 -20.83
C GLY C 228 12.82 -15.42 -21.04
N SER C 229 12.10 -15.80 -22.11
CA SER C 229 11.95 -17.20 -22.51
C SER C 229 12.61 -17.41 -23.85
N LEU C 230 13.35 -18.51 -23.97
CA LEU C 230 13.70 -19.00 -25.30
C LEU C 230 12.44 -19.23 -26.12
N VAL C 231 12.58 -19.15 -27.45
CA VAL C 231 11.47 -19.30 -28.42
C VAL C 231 10.55 -18.08 -28.52
N ARG C 232 10.45 -17.24 -27.47
CA ARG C 232 9.52 -16.12 -27.58
C ARG C 232 9.77 -15.25 -28.84
N THR C 233 11.02 -14.98 -29.17
CA THR C 233 11.34 -14.15 -30.36
C THR C 233 10.77 -14.77 -31.64
N GLU C 234 10.97 -16.07 -31.77
CA GLU C 234 10.50 -16.84 -32.92
C GLU C 234 9.04 -17.23 -32.88
N ALA C 235 8.39 -17.09 -31.72
CA ALA C 235 7.14 -17.85 -31.52
C ALA C 235 5.96 -17.53 -32.45
N THR C 236 5.74 -16.27 -32.75
CA THR C 236 4.52 -15.96 -33.51
C THR C 236 4.63 -16.51 -34.93
N GLY C 237 5.73 -16.17 -35.58
CA GLY C 237 6.05 -16.65 -36.93
C GLY C 237 6.16 -18.16 -37.01
N TYR C 238 6.91 -18.77 -36.08
CA TYR C 238 6.97 -20.23 -36.02
C TYR C 238 5.57 -20.82 -35.89
N GLY C 239 4.78 -20.29 -34.96
CA GLY C 239 3.43 -20.79 -34.69
C GLY C 239 2.50 -20.68 -35.87
N CYS C 240 2.65 -19.59 -36.63
CA CYS C 240 1.83 -19.38 -37.82
C CYS C 240 2.12 -20.51 -38.83
N VAL C 241 3.40 -20.83 -38.99
CA VAL C 241 3.80 -21.91 -39.88
C VAL C 241 3.36 -23.28 -39.37
N TYR C 242 3.53 -23.53 -38.07
CA TYR C 242 2.97 -24.74 -37.47
C TYR C 242 1.46 -24.87 -37.73
N PHE C 243 0.72 -23.77 -37.57
CA PHE C 243 -0.71 -23.78 -37.83
C PHE C 243 -1.02 -24.07 -39.29
N VAL C 244 -0.35 -23.37 -40.20
CA VAL C 244 -0.66 -23.58 -41.62
C VAL C 244 -0.29 -25.02 -42.06
N SER C 245 0.76 -25.58 -41.47
CA SER C 245 1.09 -26.97 -41.72
C SER C 245 -0.09 -27.89 -41.38
N GLU C 246 -0.74 -27.64 -40.24
CA GLU C 246 -1.93 -28.43 -39.88
C GLU C 246 -3.09 -28.27 -40.87
N MET C 247 -3.32 -27.05 -41.35
CA MET C 247 -4.32 -26.78 -42.38
C MET C 247 -4.00 -27.56 -43.66
N ILE C 248 -2.72 -27.60 -44.02
CA ILE C 248 -2.24 -28.21 -45.26
C ILE C 248 -2.42 -29.73 -45.21
N LYS C 249 -1.98 -30.33 -44.10
CA LYS C 249 -2.12 -31.78 -43.86
C LYS C 249 -3.58 -32.24 -43.84
N ALA C 250 -4.46 -31.38 -43.33
CA ALA C 250 -5.89 -31.65 -43.28
C ALA C 250 -6.51 -31.77 -44.67
N LYS C 251 -5.89 -31.11 -45.66
CA LYS C 251 -6.29 -31.20 -47.07
C LYS C 251 -5.54 -32.29 -47.86
N GLY C 252 -4.76 -33.10 -47.16
CA GLY C 252 -3.95 -34.14 -47.81
C GLY C 252 -2.72 -33.64 -48.56
N GLU C 253 -2.30 -32.40 -48.30
CA GLU C 253 -1.06 -31.89 -48.88
C GLU C 253 0.03 -31.82 -47.79
N SER C 254 1.23 -31.36 -48.17
CA SER C 254 2.29 -31.14 -47.19
C SER C 254 3.05 -29.85 -47.53
N ILE C 255 3.63 -29.22 -46.50
CA ILE C 255 4.19 -27.87 -46.67
C ILE C 255 5.48 -27.82 -47.51
N SER C 256 6.25 -28.89 -47.48
CA SER C 256 7.51 -28.92 -48.20
C SER C 256 7.26 -28.70 -49.69
N GLY C 257 8.15 -27.93 -50.32
CA GLY C 257 8.04 -27.65 -51.76
C GLY C 257 7.00 -26.61 -52.18
N GLN C 258 6.30 -26.03 -51.21
CA GLN C 258 5.26 -25.03 -51.53
C GLN C 258 5.87 -23.63 -51.65
N LYS C 259 5.15 -22.74 -52.33
CA LYS C 259 5.58 -21.35 -52.53
C LYS C 259 4.72 -20.43 -51.67
N ILE C 260 5.38 -19.64 -50.82
CA ILE C 260 4.67 -18.85 -49.81
C ILE C 260 4.98 -17.36 -49.94
N ILE C 261 3.94 -16.53 -49.86
CA ILE C 261 4.11 -15.08 -49.69
C ILE C 261 4.00 -14.79 -48.18
N VAL C 262 4.95 -14.01 -47.65
CA VAL C 262 4.85 -13.52 -46.28
C VAL C 262 4.93 -11.99 -46.31
N SER C 263 3.80 -11.28 -46.17
CA SER C 263 3.81 -9.80 -46.18
C SER C 263 4.42 -9.30 -44.87
N GLY C 264 4.98 -8.10 -44.89
CA GLY C 264 5.71 -7.60 -43.72
C GLY C 264 7.14 -8.09 -43.64
N SER C 265 7.90 -7.50 -42.72
CA SER C 265 9.30 -7.83 -42.52
C SER C 265 9.76 -7.58 -41.09
N GLY C 266 8.81 -7.72 -40.13
CA GLY C 266 9.12 -7.46 -38.73
C GLY C 266 9.29 -8.75 -37.95
N ASN C 267 8.95 -8.72 -36.67
CA ASN C 267 9.16 -9.88 -35.83
C ASN C 267 8.41 -11.10 -36.35
N VAL C 268 7.12 -10.93 -36.66
CA VAL C 268 6.29 -12.04 -37.09
C VAL C 268 6.74 -12.56 -38.46
N ALA C 269 6.81 -11.65 -39.43
CA ALA C 269 7.17 -12.07 -40.78
C ALA C 269 8.52 -12.78 -40.81
N THR C 270 9.50 -12.30 -40.06
CA THR C 270 10.85 -12.85 -40.11
C THR C 270 10.93 -14.35 -39.77
N TYR C 271 10.23 -14.72 -38.70
CA TYR C 271 10.33 -16.10 -38.22
C TYR C 271 9.37 -17.07 -38.89
N ALA C 272 8.31 -16.53 -39.49
CA ALA C 272 7.42 -17.30 -40.37
C ALA C 272 8.26 -17.70 -41.56
N ILE C 273 9.00 -16.74 -42.12
CA ILE C 273 9.91 -17.05 -43.22
C ILE C 273 10.92 -18.12 -42.81
N GLU C 274 11.55 -17.98 -41.65
CA GLU C 274 12.56 -18.93 -41.20
C GLU C 274 12.02 -20.35 -41.03
N LYS C 275 10.85 -20.48 -40.39
CA LYS C 275 10.30 -21.80 -40.13
C LYS C 275 9.80 -22.44 -41.43
N ALA C 276 9.14 -21.64 -42.28
CA ALA C 276 8.57 -22.12 -43.56
C ALA C 276 9.67 -22.73 -44.42
N GLN C 277 10.80 -22.06 -44.49
CA GLN C 277 11.93 -22.57 -45.30
C GLN C 277 12.64 -23.73 -44.62
N GLU C 278 12.69 -23.75 -43.28
CA GLU C 278 13.22 -24.91 -42.56
C GLU C 278 12.39 -26.17 -42.86
N LEU C 279 11.11 -25.96 -43.08
CA LEU C 279 10.19 -27.06 -43.34
C LEU C 279 10.12 -27.40 -44.84
N GLY C 280 10.96 -26.76 -45.66
CA GLY C 280 11.06 -27.11 -47.09
C GLY C 280 10.26 -26.27 -48.07
N ALA C 281 9.54 -25.26 -47.56
CA ALA C 281 8.86 -24.33 -48.46
C ALA C 281 9.80 -23.25 -48.95
N THR C 282 9.41 -22.55 -50.01
CA THR C 282 10.14 -21.40 -50.48
C THR C 282 9.29 -20.14 -50.30
N VAL C 283 9.83 -19.16 -49.58
CA VAL C 283 9.17 -17.86 -49.49
C VAL C 283 9.62 -17.00 -50.66
N ILE C 284 8.66 -16.59 -51.47
CA ILE C 284 8.94 -15.94 -52.74
C ILE C 284 8.66 -14.43 -52.71
N GLY C 285 8.35 -13.91 -51.53
CA GLY C 285 8.15 -12.47 -51.39
C GLY C 285 7.90 -12.05 -49.96
N PHE C 286 8.39 -10.86 -49.63
CA PHE C 286 8.04 -10.16 -48.40
C PHE C 286 7.90 -8.65 -48.67
N SER C 287 7.65 -7.85 -47.64
CA SER C 287 7.38 -6.43 -47.86
C SER C 287 7.55 -5.59 -46.60
N ASP C 288 7.56 -4.27 -46.79
CA ASP C 288 7.27 -3.33 -45.71
C ASP C 288 6.23 -2.31 -46.23
N SER C 289 6.01 -1.21 -45.50
CA SER C 289 4.91 -0.29 -45.87
C SER C 289 5.24 0.54 -47.11
N SER C 290 6.51 0.50 -47.53
CA SER C 290 6.99 1.27 -48.69
C SER C 290 6.87 0.49 -50.00
N GLY C 291 7.00 -0.83 -49.93
CA GLY C 291 6.93 -1.65 -51.14
C GLY C 291 7.22 -3.12 -50.88
N TRP C 292 7.24 -3.92 -51.94
CA TRP C 292 7.49 -5.35 -51.78
C TRP C 292 8.67 -5.88 -52.59
N VAL C 293 9.23 -7.00 -52.13
CA VAL C 293 10.36 -7.63 -52.78
C VAL C 293 9.96 -9.01 -53.27
N HIS C 294 10.42 -9.36 -54.46
CA HIS C 294 10.18 -10.67 -55.05
C HIS C 294 11.45 -11.51 -54.89
N THR C 295 11.32 -12.68 -54.27
CA THR C 295 12.45 -13.57 -54.01
C THR C 295 12.14 -14.97 -54.55
N PRO C 296 12.21 -15.15 -55.90
CA PRO C 296 11.75 -16.40 -56.51
C PRO C 296 12.58 -17.62 -56.06
N ASN C 297 13.77 -17.38 -55.52
CA ASN C 297 14.62 -18.46 -55.05
C ASN C 297 14.67 -18.59 -53.52
N GLY C 298 13.77 -17.87 -52.86
CA GLY C 298 13.69 -17.91 -51.40
C GLY C 298 14.39 -16.75 -50.75
N VAL C 299 14.10 -16.55 -49.47
CA VAL C 299 14.64 -15.44 -48.70
C VAL C 299 15.90 -15.81 -47.94
N ASP C 300 16.87 -14.91 -47.93
CA ASP C 300 18.02 -15.01 -47.05
C ASP C 300 17.62 -14.40 -45.71
N VAL C 301 17.36 -15.27 -44.73
CA VAL C 301 16.90 -14.83 -43.41
C VAL C 301 17.93 -13.92 -42.75
N ALA C 302 19.18 -14.37 -42.66
CA ALA C 302 20.25 -13.60 -42.01
C ALA C 302 20.41 -12.18 -42.58
N LYS C 303 20.32 -12.06 -43.91
CA LYS C 303 20.43 -10.75 -44.54
C LYS C 303 19.25 -9.82 -44.15
N LEU C 304 18.04 -10.36 -44.23
CA LEU C 304 16.81 -9.61 -43.92
C LEU C 304 16.85 -9.10 -42.48
N ARG C 305 17.37 -9.96 -41.58
CA ARG C 305 17.53 -9.64 -40.18
C ARG C 305 18.55 -8.55 -39.99
N GLU C 306 19.66 -8.63 -40.72
CA GLU C 306 20.69 -7.59 -40.67
C GLU C 306 20.09 -6.24 -41.05
N ILE C 307 19.40 -6.20 -42.19
CA ILE C 307 18.83 -4.98 -42.75
C ILE C 307 17.75 -4.37 -41.85
N LYS C 308 16.94 -5.23 -41.26
CA LYS C 308 15.78 -4.78 -40.49
C LYS C 308 16.04 -4.57 -38.99
N GLU C 309 16.97 -5.34 -38.43
CA GLU C 309 17.22 -5.31 -36.98
C GLU C 309 18.40 -4.41 -36.60
N VAL C 310 19.46 -4.47 -37.39
CA VAL C 310 20.66 -3.68 -37.16
C VAL C 310 20.59 -2.34 -37.88
N ARG C 311 20.30 -2.37 -39.18
CA ARG C 311 20.27 -1.16 -39.98
C ARG C 311 18.95 -0.39 -39.91
N ARG C 312 17.87 -1.10 -39.54
CA ARG C 312 16.50 -0.54 -39.54
C ARG C 312 16.22 0.17 -40.89
N ALA C 313 16.58 -0.55 -41.95
CA ALA C 313 16.51 -0.06 -43.33
C ALA C 313 15.30 -0.64 -44.06
N ARG C 314 15.07 -0.17 -45.29
CA ARG C 314 13.92 -0.55 -46.10
C ARG C 314 14.15 -1.89 -46.82
N VAL C 315 13.06 -2.58 -47.19
CA VAL C 315 13.20 -3.85 -47.93
C VAL C 315 13.89 -3.66 -49.28
N SER C 316 13.72 -2.47 -49.88
CA SER C 316 14.40 -2.11 -51.13
C SER C 316 15.91 -2.30 -51.05
N VAL C 317 16.47 -2.12 -49.85
CA VAL C 317 17.90 -2.30 -49.60
C VAL C 317 18.33 -3.76 -49.65
N TYR C 318 17.40 -4.64 -49.27
CA TYR C 318 17.55 -6.08 -49.46
C TYR C 318 17.68 -6.39 -50.94
N ALA C 319 16.73 -5.88 -51.73
CA ALA C 319 16.77 -6.06 -53.19
C ALA C 319 18.04 -5.51 -53.82
N ASP C 320 18.58 -4.42 -53.27
CA ASP C 320 19.84 -3.84 -53.77
C ASP C 320 21.01 -4.79 -53.57
N GLU C 321 21.09 -5.40 -52.39
CA GLU C 321 22.27 -6.15 -51.98
C GLU C 321 22.19 -7.67 -52.22
N ILE C 322 21.07 -8.12 -52.76
CA ILE C 322 20.83 -9.55 -53.02
C ILE C 322 20.48 -9.78 -54.49
N GLU C 323 21.26 -10.63 -55.15
CA GLU C 323 21.06 -10.97 -56.54
C GLU C 323 19.82 -11.85 -56.70
N GLY C 324 18.97 -11.53 -57.67
CA GLY C 324 17.74 -12.28 -57.88
C GLY C 324 16.51 -11.70 -57.19
N ALA C 325 16.73 -10.79 -56.24
CA ALA C 325 15.64 -10.12 -55.54
C ALA C 325 15.30 -8.80 -56.21
N THR C 326 14.00 -8.56 -56.44
CA THR C 326 13.58 -7.33 -57.11
C THR C 326 12.50 -6.57 -56.33
N TYR C 327 12.70 -5.26 -56.22
CA TYR C 327 11.81 -4.38 -55.45
C TYR C 327 10.68 -3.84 -56.31
N HIS C 328 9.50 -3.74 -55.72
CA HIS C 328 8.34 -3.28 -56.45
C HIS C 328 7.56 -2.25 -55.68
N THR C 329 7.06 -1.28 -56.45
CA THR C 329 6.32 -0.16 -55.92
C THR C 329 4.95 -0.16 -56.63
N ASP C 330 4.87 -0.91 -57.72
CA ASP C 330 3.63 -1.15 -58.44
C ASP C 330 2.99 -2.44 -57.96
N GLY C 331 1.70 -2.57 -58.21
CA GLY C 331 0.95 -3.75 -57.82
C GLY C 331 1.01 -4.01 -56.33
N SER C 332 0.79 -5.28 -55.98
CA SER C 332 0.73 -5.72 -54.60
C SER C 332 1.52 -7.02 -54.50
N ILE C 333 2.02 -7.31 -53.30
CA ILE C 333 2.68 -8.59 -53.03
C ILE C 333 1.74 -9.75 -53.34
N TRP C 334 0.43 -9.48 -53.25
CA TRP C 334 -0.61 -10.48 -53.42
C TRP C 334 -0.88 -10.85 -54.89
N ASP C 335 -0.07 -10.33 -55.81
CA ASP C 335 -0.20 -10.81 -57.20
C ASP C 335 0.95 -11.72 -57.64
N LEU C 336 1.76 -12.11 -56.66
CA LEU C 336 2.68 -13.21 -56.84
C LEU C 336 1.88 -14.51 -56.80
N LYS C 337 2.16 -15.40 -57.75
CA LYS C 337 1.50 -16.70 -57.76
C LYS C 337 2.13 -17.52 -56.63
N CYS C 338 1.28 -17.97 -55.71
CA CYS C 338 1.74 -18.77 -54.57
C CYS C 338 0.77 -19.90 -54.27
N ASP C 339 1.20 -20.80 -53.42
CA ASP C 339 0.34 -21.83 -52.88
C ASP C 339 -0.25 -21.34 -51.56
N ILE C 340 0.54 -20.56 -50.83
CA ILE C 340 0.20 -20.16 -49.46
C ILE C 340 0.50 -18.68 -49.24
N ALA C 341 -0.47 -17.95 -48.72
CA ALA C 341 -0.25 -16.55 -48.32
C ALA C 341 -0.31 -16.44 -46.80
N LEU C 342 0.74 -15.85 -46.23
CA LEU C 342 0.78 -15.52 -44.81
C LEU C 342 0.89 -13.99 -44.61
N PRO C 343 -0.26 -13.29 -44.51
CA PRO C 343 -0.21 -11.85 -44.18
C PRO C 343 0.31 -11.64 -42.74
N CYS C 344 1.41 -10.90 -42.60
CA CYS C 344 2.13 -10.81 -41.31
C CYS C 344 2.51 -9.37 -40.98
N ALA C 345 1.79 -8.42 -41.55
CA ALA C 345 2.10 -6.99 -41.41
C ALA C 345 1.13 -6.25 -40.50
N THR C 346 -0.14 -6.10 -40.92
CA THR C 346 -1.10 -5.25 -40.20
C THR C 346 -2.56 -5.51 -40.58
N GLN C 347 -3.48 -4.80 -39.93
CA GLN C 347 -4.90 -4.96 -40.20
C GLN C 347 -5.25 -4.46 -41.60
N ASN C 348 -6.17 -5.18 -42.24
CA ASN C 348 -6.77 -4.77 -43.53
C ASN C 348 -5.76 -4.59 -44.67
N GLU C 349 -4.71 -5.40 -44.65
CA GLU C 349 -3.67 -5.34 -45.68
C GLU C 349 -3.96 -6.25 -46.87
N LEU C 350 -4.95 -7.13 -46.74
CA LEU C 350 -5.33 -8.04 -47.82
C LEU C 350 -6.84 -7.90 -48.05
N ASN C 351 -7.22 -7.21 -49.14
CA ASN C 351 -8.64 -6.95 -49.44
C ASN C 351 -9.30 -7.96 -50.39
N GLY C 352 -10.59 -7.75 -50.67
CA GLY C 352 -11.35 -8.63 -51.56
C GLY C 352 -10.69 -8.78 -52.92
N GLU C 353 -10.17 -7.67 -53.44
CA GLU C 353 -9.46 -7.64 -54.71
C GLU C 353 -8.20 -8.50 -54.71
N ASN C 354 -7.35 -8.34 -53.68
CA ASN C 354 -6.17 -9.19 -53.48
C ASN C 354 -6.56 -10.66 -53.34
N ALA C 355 -7.64 -10.92 -52.62
CA ALA C 355 -8.10 -12.30 -52.40
C ALA C 355 -8.48 -12.99 -53.71
N LYS C 356 -9.13 -12.26 -54.61
CA LYS C 356 -9.53 -12.79 -55.91
C LYS C 356 -8.31 -13.16 -56.74
N THR C 357 -7.34 -12.25 -56.74
CA THR C 357 -6.08 -12.41 -57.46
C THR C 357 -5.34 -13.64 -56.98
N LEU C 358 -5.09 -13.68 -55.67
CA LEU C 358 -4.53 -14.87 -55.02
C LEU C 358 -5.17 -16.18 -55.52
N ALA C 359 -6.51 -16.25 -55.46
CA ALA C 359 -7.24 -17.47 -55.87
C ALA C 359 -7.07 -17.77 -57.36
N ASP C 360 -7.25 -16.75 -58.20
CA ASP C 360 -7.06 -16.90 -59.65
C ASP C 360 -5.71 -17.52 -59.97
N ASN C 361 -4.70 -17.12 -59.20
CA ASN C 361 -3.32 -17.60 -59.36
C ASN C 361 -2.98 -18.94 -58.68
N GLY C 362 -3.96 -19.53 -57.99
CA GLY C 362 -3.84 -20.89 -57.48
C GLY C 362 -3.49 -21.01 -55.99
N CYS C 363 -3.71 -19.93 -55.24
CA CYS C 363 -3.49 -19.96 -53.78
C CYS C 363 -4.54 -20.85 -53.14
N ARG C 364 -4.09 -21.79 -52.30
CA ARG C 364 -5.01 -22.73 -51.67
C ARG C 364 -5.13 -22.54 -50.16
N PHE C 365 -4.14 -21.85 -49.57
CA PHE C 365 -4.10 -21.67 -48.10
C PHE C 365 -3.70 -20.23 -47.73
N VAL C 366 -4.43 -19.65 -46.78
CA VAL C 366 -4.07 -18.37 -46.17
C VAL C 366 -4.13 -18.55 -44.65
N ALA C 367 -3.09 -18.09 -43.96
CA ALA C 367 -3.09 -18.10 -42.50
C ALA C 367 -2.51 -16.76 -41.98
N GLU C 368 -3.17 -16.19 -40.99
CA GLU C 368 -2.87 -14.82 -40.60
C GLU C 368 -1.81 -14.77 -39.48
N GLY C 369 -0.65 -14.23 -39.79
CA GLY C 369 0.37 -13.91 -38.78
C GLY C 369 0.01 -12.58 -38.10
N ALA C 370 -0.52 -11.64 -38.89
CA ALA C 370 -0.96 -10.34 -38.37
C ALA C 370 -2.32 -10.46 -37.71
N ASN C 371 -2.70 -9.44 -36.96
CA ASN C 371 -4.05 -9.31 -36.43
C ASN C 371 -4.96 -8.65 -37.47
N MET C 372 -5.98 -9.40 -37.88
CA MET C 372 -7.05 -8.93 -38.79
C MET C 372 -6.55 -8.38 -40.13
N PRO C 373 -5.54 -9.04 -40.74
CA PRO C 373 -5.07 -8.57 -42.05
C PRO C 373 -6.07 -8.70 -43.20
N SER C 374 -6.88 -9.76 -43.20
CA SER C 374 -7.86 -9.97 -44.29
C SER C 374 -9.16 -9.22 -44.04
N THR C 375 -9.56 -8.36 -44.99
CA THR C 375 -10.84 -7.67 -44.92
C THR C 375 -12.04 -8.65 -44.99
N PRO C 376 -13.26 -8.22 -44.57
CA PRO C 376 -14.38 -9.17 -44.69
C PRO C 376 -14.61 -9.66 -46.12
N GLU C 377 -14.42 -8.79 -47.11
CA GLU C 377 -14.51 -9.20 -48.53
C GLU C 377 -13.46 -10.28 -48.91
N ALA C 378 -12.24 -10.13 -48.39
CA ALA C 378 -11.18 -11.12 -48.62
C ALA C 378 -11.59 -12.51 -48.12
N VAL C 379 -12.21 -12.53 -46.93
CA VAL C 379 -12.61 -13.77 -46.25
C VAL C 379 -13.81 -14.42 -46.97
N GLU C 380 -14.70 -13.61 -47.54
CA GLU C 380 -15.78 -14.16 -48.39
C GLU C 380 -15.23 -14.81 -49.66
N VAL C 381 -14.23 -14.19 -50.27
CA VAL C 381 -13.57 -14.73 -51.46
C VAL C 381 -12.91 -16.07 -51.15
N PHE C 382 -12.26 -16.19 -49.99
CA PHE C 382 -11.61 -17.45 -49.62
C PHE C 382 -12.62 -18.58 -49.54
N ARG C 383 -13.73 -18.31 -48.86
CA ARG C 383 -14.84 -19.23 -48.77
C ARG C 383 -15.32 -19.61 -50.18
N GLU C 384 -15.56 -18.58 -50.99
CA GLU C 384 -16.13 -18.75 -52.33
C GLU C 384 -15.22 -19.52 -53.29
N ARG C 385 -13.92 -19.42 -53.08
CA ARG C 385 -12.96 -20.03 -53.98
C ARG C 385 -12.24 -21.24 -53.38
N ASP C 386 -12.77 -21.75 -52.28
CA ASP C 386 -12.26 -22.97 -51.63
C ASP C 386 -10.80 -22.81 -51.18
N ILE C 387 -10.49 -21.63 -50.63
CA ILE C 387 -9.18 -21.41 -50.04
C ILE C 387 -9.32 -21.59 -48.55
N ARG C 388 -8.50 -22.46 -47.97
CA ARG C 388 -8.54 -22.67 -46.53
C ARG C 388 -7.92 -21.46 -45.83
N PHE C 389 -8.58 -20.99 -44.77
CA PHE C 389 -8.26 -19.72 -44.11
C PHE C 389 -8.10 -19.86 -42.60
N GLY C 390 -6.88 -19.61 -42.12
CA GLY C 390 -6.64 -19.61 -40.68
C GLY C 390 -6.70 -18.18 -40.11
N PRO C 391 -7.74 -17.87 -39.32
CA PRO C 391 -7.87 -16.51 -38.73
C PRO C 391 -6.74 -16.27 -37.72
N GLY C 392 -6.33 -15.01 -37.57
CA GLY C 392 -5.18 -14.68 -36.71
C GLY C 392 -5.36 -15.08 -35.26
N LYS C 393 -6.58 -15.02 -34.75
CA LYS C 393 -6.78 -15.36 -33.34
C LYS C 393 -6.43 -16.83 -33.07
N ALA C 394 -6.32 -17.64 -34.13
CA ALA C 394 -5.81 -19.00 -34.05
C ALA C 394 -4.36 -19.11 -34.52
N ALA C 395 -4.06 -18.62 -35.72
CA ALA C 395 -2.79 -18.83 -36.38
C ALA C 395 -1.63 -18.07 -35.76
N ASN C 396 -1.93 -16.87 -35.24
CA ASN C 396 -0.88 -16.07 -34.63
C ASN C 396 -0.73 -16.22 -33.11
N ALA C 397 -1.55 -17.11 -32.52
CA ALA C 397 -1.64 -17.27 -31.06
C ALA C 397 -0.34 -17.79 -30.44
N GLY C 398 0.60 -18.25 -31.26
CA GLY C 398 1.85 -18.80 -30.73
C GLY C 398 2.66 -17.79 -29.95
N GLY C 399 2.54 -16.53 -30.33
CA GLY C 399 3.28 -15.46 -29.66
C GLY C 399 2.80 -15.34 -28.22
N VAL C 400 1.50 -15.09 -28.06
CA VAL C 400 0.95 -14.91 -26.72
C VAL C 400 1.00 -16.19 -25.92
N ALA C 401 0.87 -17.35 -26.59
CA ALA C 401 1.01 -18.59 -25.83
C ALA C 401 2.41 -18.72 -25.21
N THR C 402 3.43 -18.36 -25.99
CA THR C 402 4.79 -18.42 -25.52
C THR C 402 5.04 -17.32 -24.47
N SER C 403 4.35 -16.19 -24.58
CA SER C 403 4.34 -15.23 -23.42
C SER C 403 3.80 -15.86 -22.15
N ALA C 404 2.72 -16.62 -22.26
CA ALA C 404 2.17 -17.31 -21.09
C ALA C 404 3.21 -18.28 -20.56
N LEU C 405 3.95 -18.93 -21.45
CA LEU C 405 5.02 -19.81 -21.00
C LEU C 405 6.16 -19.05 -20.31
N GLU C 406 6.46 -17.83 -20.77
CA GLU C 406 7.43 -16.96 -20.09
C GLU C 406 6.94 -16.64 -18.66
N MET C 407 5.66 -16.32 -18.56
CA MET C 407 5.03 -16.06 -17.26
C MET C 407 5.11 -17.26 -16.35
N GLN C 408 4.93 -18.46 -16.90
CA GLN C 408 5.00 -19.71 -16.12
C GLN C 408 6.42 -19.95 -15.62
N GLN C 409 7.39 -19.78 -16.53
CA GLN C 409 8.79 -19.87 -16.14
C GLN C 409 9.12 -18.88 -15.01
N ASN C 410 8.68 -17.64 -15.14
CA ASN C 410 8.98 -16.62 -14.15
C ASN C 410 8.31 -16.99 -12.82
N ALA C 411 7.06 -17.43 -12.89
CA ALA C 411 6.32 -17.80 -11.67
C ALA C 411 7.02 -18.91 -10.91
N SER C 412 7.62 -19.86 -11.63
CA SER C 412 8.23 -21.04 -11.02
C SER C 412 9.74 -20.86 -10.86
N ARG C 413 10.24 -19.67 -11.23
CA ARG C 413 11.69 -19.35 -11.25
C ARG C 413 12.50 -20.44 -11.95
N ASP C 414 12.06 -20.79 -13.14
CA ASP C 414 12.74 -21.80 -13.95
C ASP C 414 13.01 -21.17 -15.31
N SER C 415 13.97 -21.74 -16.04
CA SER C 415 14.25 -21.31 -17.42
C SER C 415 14.33 -22.57 -18.24
N TRP C 416 13.42 -22.71 -19.22
CA TRP C 416 13.33 -23.93 -20.01
C TRP C 416 14.27 -23.88 -21.21
N SER C 417 14.61 -25.06 -21.75
CA SER C 417 15.42 -25.12 -22.99
C SER C 417 14.62 -24.64 -24.21
N PHE C 418 15.34 -24.28 -25.28
CA PHE C 418 14.69 -23.95 -26.55
C PHE C 418 13.82 -25.13 -27.03
N GLU C 419 14.40 -26.32 -27.03
CA GLU C 419 13.71 -27.51 -27.50
C GLU C 419 12.41 -27.81 -26.72
N TYR C 420 12.48 -27.76 -25.39
CA TYR C 420 11.30 -27.98 -24.55
C TYR C 420 10.18 -26.97 -24.87
N THR C 421 10.57 -25.70 -24.92
CA THR C 421 9.62 -24.62 -25.15
C THR C 421 9.00 -24.70 -26.55
N ASP C 422 9.84 -24.99 -27.54
CA ASP C 422 9.36 -25.10 -28.92
C ASP C 422 8.44 -26.31 -29.07
N GLU C 423 8.76 -27.41 -28.40
CA GLU C 423 7.84 -28.55 -28.43
C GLU C 423 6.51 -28.23 -27.76
N ARG C 424 6.50 -27.45 -26.67
CA ARG C 424 5.24 -27.04 -26.07
C ARG C 424 4.48 -26.18 -27.08
N LEU C 425 5.20 -25.28 -27.74
CA LEU C 425 4.57 -24.39 -28.72
C LEU C 425 3.92 -25.19 -29.85
N GLN C 426 4.64 -26.20 -30.35
CA GLN C 426 4.11 -27.05 -31.41
C GLN C 426 2.82 -27.73 -30.95
N VAL C 427 2.82 -28.24 -29.72
CA VAL C 427 1.64 -28.92 -29.19
C VAL C 427 0.48 -27.94 -29.09
N ILE C 428 0.74 -26.73 -28.66
CA ILE C 428 -0.29 -25.73 -28.51
C ILE C 428 -0.90 -25.37 -29.86
N MET C 429 -0.08 -25.20 -30.89
CA MET C 429 -0.62 -24.84 -32.21
C MET C 429 -1.48 -25.96 -32.81
N LYS C 430 -1.05 -27.20 -32.62
CA LYS C 430 -1.85 -28.36 -33.08
C LYS C 430 -3.18 -28.44 -32.36
N ASN C 431 -3.15 -28.17 -31.06
CA ASN C 431 -4.35 -28.17 -30.23
C ASN C 431 -5.30 -27.07 -30.65
N ILE C 432 -4.73 -25.88 -30.95
CA ILE C 432 -5.55 -24.77 -31.43
C ILE C 432 -6.20 -25.17 -32.76
N PHE C 433 -5.42 -25.73 -33.69
CA PHE C 433 -6.00 -26.20 -34.94
C PHE C 433 -7.15 -27.18 -34.72
N LYS C 434 -6.91 -28.19 -33.87
CA LYS C 434 -7.88 -29.25 -33.59
C LYS C 434 -9.16 -28.66 -33.01
N THR C 435 -9.00 -27.74 -32.05
CA THR C 435 -10.14 -27.06 -31.44
C THR C 435 -10.96 -26.28 -32.46
N CYS C 436 -10.27 -25.56 -33.35
CA CYS C 436 -10.94 -24.82 -34.41
C CYS C 436 -11.71 -25.75 -35.38
N ALA C 437 -11.02 -26.78 -35.88
CA ALA C 437 -11.67 -27.72 -36.81
C ALA C 437 -12.81 -28.47 -36.17
N GLU C 438 -12.58 -29.02 -34.98
CA GLU C 438 -13.62 -29.75 -34.27
C GLU C 438 -14.84 -28.90 -33.91
N THR C 439 -14.60 -27.68 -33.43
CA THR C 439 -15.69 -26.79 -33.03
C THR C 439 -16.49 -26.35 -34.26
N ALA C 440 -15.78 -26.06 -35.36
CA ALA C 440 -16.42 -25.64 -36.61
C ALA C 440 -17.39 -26.74 -37.05
N ALA C 441 -16.91 -27.97 -37.03
CA ALA C 441 -17.69 -29.13 -37.46
C ALA C 441 -18.89 -29.41 -36.53
N GLU C 442 -18.66 -29.30 -35.22
CA GLU C 442 -19.71 -29.46 -34.20
C GLU C 442 -20.90 -28.55 -34.48
N TYR C 443 -20.62 -27.35 -34.98
CA TYR C 443 -21.66 -26.35 -35.19
C TYR C 443 -22.17 -26.29 -36.62
N GLY C 444 -21.74 -27.26 -37.43
CA GLY C 444 -22.22 -27.42 -38.79
C GLY C 444 -21.52 -26.52 -39.79
N HIS C 445 -20.32 -26.07 -39.45
CA HIS C 445 -19.56 -25.17 -40.31
C HIS C 445 -18.19 -25.75 -40.62
N GLU C 446 -18.20 -26.95 -41.18
CA GLU C 446 -16.99 -27.71 -41.44
C GLU C 446 -15.92 -26.91 -42.18
N ASN C 447 -14.71 -26.94 -41.64
CA ASN C 447 -13.55 -26.22 -42.22
C ASN C 447 -13.61 -24.70 -42.16
N ASP C 448 -14.57 -24.16 -41.42
CA ASP C 448 -14.64 -22.73 -41.23
C ASP C 448 -13.92 -22.44 -39.93
N TYR C 449 -12.63 -22.12 -40.04
CA TYR C 449 -11.82 -21.94 -38.84
C TYR C 449 -12.10 -20.63 -38.13
N VAL C 450 -12.72 -19.68 -38.83
CA VAL C 450 -13.18 -18.43 -38.19
C VAL C 450 -14.30 -18.70 -37.19
N VAL C 451 -15.31 -19.45 -37.62
CA VAL C 451 -16.39 -19.89 -36.73
C VAL C 451 -15.83 -20.74 -35.61
N GLY C 452 -15.00 -21.72 -35.94
CA GLY C 452 -14.41 -22.60 -34.93
C GLY C 452 -13.66 -21.81 -33.86
N ALA C 453 -12.78 -20.92 -34.30
CA ALA C 453 -11.97 -20.10 -33.40
C ALA C 453 -12.83 -19.21 -32.51
N ASN C 454 -13.79 -18.53 -33.12
CA ASN C 454 -14.63 -17.61 -32.36
C ASN C 454 -15.49 -18.32 -31.35
N ILE C 455 -16.11 -19.44 -31.75
CA ILE C 455 -16.97 -20.16 -30.82
C ILE C 455 -16.16 -20.79 -29.67
N ALA C 456 -15.07 -21.46 -29.99
CA ALA C 456 -14.25 -22.10 -28.97
C ALA C 456 -13.66 -21.03 -28.02
N GLY C 457 -13.15 -19.95 -28.59
CA GLY C 457 -12.58 -18.86 -27.79
C GLY C 457 -13.65 -18.29 -26.86
N PHE C 458 -14.85 -18.05 -27.40
CA PHE C 458 -15.95 -17.47 -26.64
C PHE C 458 -16.46 -18.35 -25.52
N LYS C 459 -16.65 -19.63 -25.80
CA LYS C 459 -17.32 -20.46 -24.82
C LYS C 459 -16.48 -20.55 -23.54
N LYS C 460 -15.16 -20.70 -23.69
CA LYS C 460 -14.30 -20.81 -22.48
C LYS C 460 -14.39 -19.55 -21.61
N VAL C 461 -14.36 -18.38 -22.25
CA VAL C 461 -14.44 -17.10 -21.55
C VAL C 461 -15.82 -16.97 -20.91
N ALA C 462 -16.86 -17.30 -21.68
CA ALA C 462 -18.20 -17.12 -21.19
C ALA C 462 -18.50 -18.02 -20.00
N ASP C 463 -18.08 -19.29 -20.07
CA ASP C 463 -18.29 -20.20 -18.94
C ASP C 463 -17.60 -19.64 -17.68
N ALA C 464 -16.37 -19.13 -17.83
CA ALA C 464 -15.65 -18.53 -16.68
C ALA C 464 -16.34 -17.25 -16.17
N MET C 465 -16.87 -16.43 -17.09
CA MET C 465 -17.62 -15.24 -16.67
C MET C 465 -18.86 -15.60 -15.89
N LEU C 466 -19.57 -16.63 -16.34
CA LEU C 466 -20.77 -17.06 -15.65
C LEU C 466 -20.44 -17.54 -14.27
N ALA C 467 -19.31 -18.24 -14.13
CA ALA C 467 -18.95 -18.76 -12.82
C ALA C 467 -18.57 -17.63 -11.86
N GLN C 468 -17.99 -16.56 -12.42
CA GLN C 468 -17.42 -15.52 -11.55
C GLN C 468 -18.39 -14.40 -11.18
N GLY C 469 -19.62 -14.47 -11.71
CA GLY C 469 -20.68 -13.55 -11.29
C GLY C 469 -20.63 -12.17 -11.93
N VAL C 470 -21.49 -11.28 -11.47
CA VAL C 470 -21.62 -9.97 -12.07
C VAL C 470 -20.57 -9.02 -11.46
N ILE C 471 -19.48 -8.84 -12.20
CA ILE C 471 -18.33 -8.08 -11.74
C ILE C 471 -17.75 -7.21 -12.85
N MET D 25 5.89 29.42 -39.44
CA MET D 25 7.05 30.25 -39.00
C MET D 25 6.64 31.25 -37.91
N THR D 26 5.49 31.91 -38.09
CA THR D 26 5.02 32.90 -37.13
C THR D 26 4.20 32.26 -36.00
N VAL D 27 3.83 33.07 -35.01
CA VAL D 27 3.00 32.65 -33.87
C VAL D 27 1.69 32.01 -34.33
N ASP D 28 0.94 32.73 -35.17
CA ASP D 28 -0.30 32.21 -35.76
C ASP D 28 -0.10 30.82 -36.36
N GLU D 29 0.97 30.70 -37.16
CA GLU D 29 1.27 29.49 -37.92
C GLU D 29 1.55 28.26 -37.06
N GLN D 30 2.29 28.44 -35.96
CA GLN D 30 2.67 27.33 -35.07
C GLN D 30 1.48 26.84 -34.23
N VAL D 31 0.66 27.78 -33.77
CA VAL D 31 -0.59 27.49 -33.05
C VAL D 31 -1.62 26.78 -33.94
N SER D 32 -1.86 27.33 -35.12
CA SER D 32 -2.76 26.70 -36.10
C SER D 32 -2.32 25.28 -36.43
N ASN D 33 -1.01 25.10 -36.57
CA ASN D 33 -0.38 23.81 -36.87
C ASN D 33 -0.71 22.77 -35.79
N TYR D 34 -0.57 23.21 -34.54
CA TYR D 34 -0.92 22.43 -33.36
C TYR D 34 -2.42 22.12 -33.29
N TYR D 35 -3.25 23.14 -33.45
CA TYR D 35 -4.69 22.94 -33.42
C TYR D 35 -5.09 21.87 -34.46
N ASP D 36 -4.52 21.97 -35.66
CA ASP D 36 -4.74 20.95 -36.69
C ASP D 36 -4.37 19.54 -36.22
N MET D 37 -3.23 19.41 -35.54
CA MET D 37 -2.83 18.11 -35.01
C MET D 37 -3.79 17.64 -33.89
N LEU D 38 -4.29 18.58 -33.07
CA LEU D 38 -5.26 18.24 -32.01
C LEU D 38 -6.54 17.66 -32.61
N LEU D 39 -7.00 18.26 -33.71
CA LEU D 39 -8.17 17.76 -34.41
C LEU D 39 -8.05 16.29 -34.80
N LYS D 40 -6.85 15.92 -35.27
CA LYS D 40 -6.56 14.57 -35.73
C LYS D 40 -6.47 13.58 -34.57
N ARG D 41 -5.81 13.99 -33.48
CA ARG D 41 -5.70 13.11 -32.31
C ARG D 41 -7.06 12.90 -31.60
N ASN D 42 -7.92 13.92 -31.70
CA ASN D 42 -9.19 13.93 -31.00
C ASN D 42 -10.41 13.93 -31.93
N ALA D 43 -10.36 13.06 -32.94
CA ALA D 43 -11.42 12.98 -33.94
C ALA D 43 -12.78 12.81 -33.26
N GLY D 44 -13.78 13.55 -33.74
CA GLY D 44 -15.16 13.36 -33.33
C GLY D 44 -15.56 14.00 -32.01
N GLU D 45 -14.78 15.00 -31.58
CA GLU D 45 -15.02 15.72 -30.33
C GLU D 45 -15.11 17.24 -30.57
N PRO D 46 -16.15 17.69 -31.30
CA PRO D 46 -16.19 19.11 -31.73
C PRO D 46 -16.28 20.15 -30.59
N GLU D 47 -16.95 19.80 -29.50
CA GLU D 47 -17.04 20.70 -28.35
C GLU D 47 -15.67 20.94 -27.72
N PHE D 48 -14.89 19.87 -27.56
CA PHE D 48 -13.55 19.96 -27.04
C PHE D 48 -12.70 20.78 -28.00
N HIS D 49 -12.83 20.54 -29.31
CA HIS D 49 -12.08 21.32 -30.31
C HIS D 49 -12.33 22.81 -30.13
N GLN D 50 -13.61 23.18 -30.00
CA GLN D 50 -14.02 24.58 -29.88
C GLN D 50 -13.50 25.18 -28.58
N ALA D 51 -13.57 24.42 -27.48
CA ALA D 51 -13.02 24.89 -26.21
C ALA D 51 -11.53 25.17 -26.29
N VAL D 52 -10.79 24.26 -26.92
CA VAL D 52 -9.36 24.44 -27.18
C VAL D 52 -9.10 25.65 -28.10
N ALA D 53 -9.88 25.80 -29.17
CA ALA D 53 -9.70 26.93 -30.09
C ALA D 53 -9.84 28.26 -29.33
N GLU D 54 -10.83 28.33 -28.45
CA GLU D 54 -11.07 29.53 -27.64
C GLU D 54 -9.89 29.86 -26.73
N VAL D 55 -9.31 28.83 -26.10
CA VAL D 55 -8.11 29.01 -25.29
C VAL D 55 -6.92 29.47 -26.11
N LEU D 56 -6.72 28.85 -27.27
CA LEU D 56 -5.58 29.19 -28.12
C LEU D 56 -5.64 30.65 -28.57
N GLU D 57 -6.85 31.16 -28.76
CA GLU D 57 -7.06 32.57 -29.08
C GLU D 57 -6.61 33.50 -27.96
N SER D 58 -6.71 33.04 -26.71
CA SER D 58 -6.25 33.78 -25.53
C SER D 58 -4.73 33.77 -25.40
N LEU D 59 -4.12 32.62 -25.65
CA LEU D 59 -2.67 32.47 -25.64
C LEU D 59 -1.96 33.43 -26.63
N LYS D 60 -2.61 33.70 -27.76
CA LYS D 60 -2.04 34.56 -28.82
C LYS D 60 -1.65 35.92 -28.25
N ILE D 61 -2.60 36.55 -27.58
CA ILE D 61 -2.41 37.79 -26.84
C ILE D 61 -1.25 37.70 -25.82
N VAL D 62 -1.18 36.59 -25.09
CA VAL D 62 -0.11 36.32 -24.12
C VAL D 62 1.27 36.12 -24.78
N LEU D 63 1.33 35.30 -25.82
CA LEU D 63 2.61 34.99 -26.51
C LEU D 63 3.23 36.22 -27.16
N GLU D 64 2.36 37.05 -27.72
CA GLU D 64 2.69 38.35 -28.29
C GLU D 64 3.54 39.21 -27.35
N LYS D 65 3.20 39.17 -26.06
CA LYS D 65 3.88 39.94 -25.02
C LYS D 65 5.03 39.13 -24.39
N ASP D 66 4.75 37.88 -24.05
CA ASP D 66 5.74 37.00 -23.41
C ASP D 66 5.75 35.57 -23.99
N PRO D 67 6.58 35.34 -25.02
CA PRO D 67 6.70 34.03 -25.69
C PRO D 67 6.98 32.83 -24.76
N HIS D 68 7.60 33.09 -23.61
CA HIS D 68 8.02 32.01 -22.71
C HIS D 68 6.86 31.11 -22.25
N TYR D 69 5.63 31.53 -22.53
CA TYR D 69 4.46 30.77 -22.13
C TYR D 69 4.19 29.55 -23.00
N ALA D 70 4.97 29.42 -24.06
CA ALA D 70 4.93 28.24 -24.92
C ALA D 70 6.18 27.37 -24.76
N ASP D 71 7.13 27.82 -23.94
CA ASP D 71 8.35 27.04 -23.67
C ASP D 71 8.02 25.64 -23.16
N TYR D 72 8.95 24.71 -23.37
CA TYR D 72 8.85 23.34 -22.87
C TYR D 72 7.53 22.64 -23.20
N GLY D 73 7.00 22.93 -24.40
CA GLY D 73 5.80 22.26 -24.89
C GLY D 73 4.62 22.44 -23.94
N LEU D 74 4.51 23.64 -23.38
CA LEU D 74 3.47 23.92 -22.38
C LEU D 74 2.04 23.71 -22.93
N ILE D 75 1.77 24.22 -24.13
CA ILE D 75 0.41 24.10 -24.67
C ILE D 75 0.08 22.66 -25.06
N GLN D 76 1.06 21.97 -25.61
CA GLN D 76 0.93 20.57 -25.98
C GLN D 76 0.65 19.70 -24.74
N ARG D 77 1.26 20.06 -23.62
CA ARG D 77 0.98 19.37 -22.35
C ARG D 77 -0.41 19.74 -21.81
N LEU D 78 -0.71 21.04 -21.80
CA LEU D 78 -1.99 21.51 -21.24
C LEU D 78 -3.20 20.86 -21.91
N CYS D 79 -3.14 20.70 -23.24
CA CYS D 79 -4.28 20.23 -23.99
C CYS D 79 -4.45 18.72 -24.03
N GLU D 80 -3.54 17.99 -23.36
CA GLU D 80 -3.65 16.52 -23.27
C GLU D 80 -3.92 16.14 -21.82
N PRO D 81 -5.05 15.44 -21.55
CA PRO D 81 -5.34 15.10 -20.16
C PRO D 81 -4.20 14.32 -19.52
N GLU D 82 -3.93 14.64 -18.25
CA GLU D 82 -2.94 13.86 -17.52
C GLU D 82 -3.35 12.38 -17.56
N ARG D 83 -4.63 12.12 -17.33
CA ARG D 83 -5.14 10.76 -17.31
C ARG D 83 -6.62 10.71 -17.66
N GLN D 84 -7.05 9.64 -18.33
CA GLN D 84 -8.46 9.42 -18.65
C GLN D 84 -8.79 7.98 -18.32
N LEU D 85 -9.86 7.80 -17.56
CA LEU D 85 -10.29 6.47 -17.16
C LEU D 85 -11.63 6.24 -17.78
N ILE D 86 -11.81 5.09 -18.42
CA ILE D 86 -13.11 4.71 -18.94
C ILE D 86 -13.32 3.30 -18.43
N PHE D 87 -14.52 3.00 -17.98
CA PHE D 87 -14.73 1.68 -17.36
C PHE D 87 -16.13 1.11 -17.43
N ARG D 88 -16.18 -0.21 -17.44
CA ARG D 88 -17.44 -0.92 -17.39
C ARG D 88 -18.16 -0.67 -16.06
N VAL D 89 -19.46 -0.40 -16.15
CA VAL D 89 -20.28 -0.31 -14.93
C VAL D 89 -21.46 -1.29 -15.08
N PRO D 90 -21.28 -2.55 -14.63
CA PRO D 90 -22.35 -3.54 -14.65
C PRO D 90 -23.25 -3.33 -13.44
N TRP D 91 -24.56 -3.43 -13.63
CA TRP D 91 -25.47 -3.28 -12.49
C TRP D 91 -26.72 -4.08 -12.79
N VAL D 92 -27.51 -4.35 -11.75
CA VAL D 92 -28.66 -5.24 -11.88
C VAL D 92 -29.91 -4.45 -11.52
N ASP D 93 -30.94 -4.50 -12.37
CA ASP D 93 -32.16 -3.74 -12.09
C ASP D 93 -33.05 -4.47 -11.09
N ASP D 94 -34.17 -3.85 -10.70
CA ASP D 94 -35.11 -4.44 -9.73
C ASP D 94 -35.77 -5.74 -10.22
N GLN D 95 -35.70 -6.00 -11.52
CA GLN D 95 -36.26 -7.24 -12.07
C GLN D 95 -35.22 -8.33 -12.24
N GLY D 96 -33.98 -8.10 -11.79
CA GLY D 96 -32.92 -9.11 -11.91
C GLY D 96 -32.22 -9.14 -13.26
N GLN D 97 -32.43 -8.10 -14.06
CA GLN D 97 -31.80 -8.00 -15.38
C GLN D 97 -30.50 -7.22 -15.30
N VAL D 98 -29.46 -7.80 -15.89
CA VAL D 98 -28.13 -7.16 -15.90
C VAL D 98 -28.07 -6.10 -17.01
N HIS D 99 -27.58 -4.91 -16.64
CA HIS D 99 -27.31 -3.81 -17.56
C HIS D 99 -25.85 -3.42 -17.51
N VAL D 100 -25.36 -2.85 -18.60
CA VAL D 100 -23.98 -2.40 -18.70
C VAL D 100 -23.95 -0.96 -19.21
N ASN D 101 -23.45 -0.07 -18.36
CA ASN D 101 -23.12 1.29 -18.79
C ASN D 101 -21.63 1.56 -18.72
N ARG D 102 -21.26 2.70 -19.29
CA ARG D 102 -19.86 3.10 -19.33
C ARG D 102 -19.63 4.29 -18.39
N GLY D 103 -18.53 4.22 -17.63
CA GLY D 103 -18.18 5.27 -16.69
C GLY D 103 -16.93 5.95 -17.16
N PHE D 104 -16.74 7.20 -16.73
CA PHE D 104 -15.66 8.03 -17.19
C PHE D 104 -15.14 8.85 -16.04
N ARG D 105 -13.83 9.08 -16.04
CA ARG D 105 -13.25 10.16 -15.25
C ARG D 105 -12.03 10.70 -15.94
N VAL D 106 -12.13 11.94 -16.40
CA VAL D 106 -11.02 12.61 -17.06
C VAL D 106 -10.33 13.47 -16.04
N GLN D 107 -9.06 13.15 -15.78
CA GLN D 107 -8.26 13.89 -14.80
C GLN D 107 -7.35 14.78 -15.60
N PHE D 108 -7.88 15.98 -15.90
CA PHE D 108 -7.24 16.78 -16.93
C PHE D 108 -5.94 17.45 -16.49
N ASN D 109 -6.00 18.20 -15.39
CA ASN D 109 -4.84 18.98 -14.96
C ASN D 109 -4.81 19.13 -13.43
N SER D 110 -3.65 18.90 -12.83
CA SER D 110 -3.47 18.93 -11.39
C SER D 110 -2.38 19.91 -10.97
N ALA D 111 -2.01 20.84 -11.84
CA ALA D 111 -0.97 21.80 -11.52
C ALA D 111 -1.29 22.63 -10.26
N LEU D 112 -2.55 23.01 -10.08
CA LEU D 112 -2.91 23.95 -9.00
C LEU D 112 -3.47 23.25 -7.75
N GLY D 113 -3.84 21.98 -7.90
CA GLY D 113 -4.40 21.23 -6.76
C GLY D 113 -4.90 19.89 -7.26
N PRO D 114 -5.62 19.15 -6.41
CA PRO D 114 -6.25 17.88 -6.83
C PRO D 114 -7.20 18.14 -8.00
N TYR D 115 -7.34 17.16 -8.90
CA TYR D 115 -8.40 17.30 -9.94
C TYR D 115 -9.71 17.60 -9.24
N LYS D 116 -10.50 18.47 -9.84
CA LYS D 116 -11.77 18.87 -9.27
C LYS D 116 -12.78 19.05 -10.39
N GLY D 117 -13.95 18.50 -10.20
CA GLY D 117 -15.02 18.70 -11.16
C GLY D 117 -16.07 17.63 -11.02
N GLY D 118 -17.23 17.90 -11.58
CA GLY D 118 -18.40 17.10 -11.29
C GLY D 118 -18.51 15.78 -12.02
N LEU D 119 -19.54 15.05 -11.65
CA LEU D 119 -19.94 13.80 -12.26
C LEU D 119 -21.33 13.96 -12.83
N ARG D 120 -21.49 13.64 -14.11
CA ARG D 120 -22.83 13.64 -14.72
C ARG D 120 -23.32 12.27 -15.21
N PHE D 121 -24.53 11.90 -14.82
CA PHE D 121 -25.19 10.68 -15.27
C PHE D 121 -26.32 11.05 -16.23
N HIS D 122 -26.08 10.84 -17.51
CA HIS D 122 -27.07 11.19 -18.55
C HIS D 122 -26.66 10.46 -19.84
N PRO D 123 -27.65 10.01 -20.66
CA PRO D 123 -27.36 9.23 -21.90
C PRO D 123 -26.44 9.95 -22.87
N SER D 124 -26.37 11.28 -22.77
CA SER D 124 -25.52 12.10 -23.63
C SER D 124 -24.04 12.09 -23.29
N VAL D 125 -23.70 11.53 -22.13
CA VAL D 125 -22.31 11.50 -21.69
C VAL D 125 -21.47 10.50 -22.49
N ASN D 126 -20.38 11.03 -23.02
CA ASN D 126 -19.34 10.25 -23.66
C ASN D 126 -18.01 10.93 -23.43
N LEU D 127 -16.93 10.28 -23.85
CA LEU D 127 -15.60 10.78 -23.55
C LEU D 127 -15.34 12.19 -24.08
N GLY D 128 -15.76 12.47 -25.31
CA GLY D 128 -15.56 13.82 -25.85
C GLY D 128 -16.28 14.90 -25.03
N ILE D 129 -17.47 14.61 -24.51
CA ILE D 129 -18.20 15.57 -23.68
C ILE D 129 -17.45 15.79 -22.35
N VAL D 130 -17.04 14.69 -21.73
CA VAL D 130 -16.26 14.77 -20.50
C VAL D 130 -14.93 15.51 -20.67
N LYS D 131 -14.22 15.25 -21.77
CA LYS D 131 -12.98 16.00 -22.06
C LYS D 131 -13.25 17.50 -22.26
N PHE D 132 -14.32 17.82 -23.00
CA PHE D 132 -14.72 19.20 -23.20
C PHE D 132 -14.93 19.91 -21.86
N LEU D 133 -15.78 19.34 -21.02
CA LEU D 133 -16.16 19.97 -19.75
C LEU D 133 -14.98 19.97 -18.78
N GLY D 134 -14.20 18.89 -18.80
CA GLY D 134 -13.00 18.79 -17.98
C GLY D 134 -11.97 19.86 -18.31
N PHE D 135 -11.78 20.10 -19.62
CA PHE D 135 -10.85 21.12 -20.08
C PHE D 135 -11.29 22.49 -19.57
N GLU D 136 -12.57 22.80 -19.75
CA GLU D 136 -13.08 24.11 -19.33
C GLU D 136 -13.01 24.26 -17.81
N GLN D 137 -13.22 23.16 -17.10
CA GLN D 137 -13.03 23.11 -15.63
C GLN D 137 -11.69 23.60 -15.16
N ILE D 138 -10.62 23.23 -15.87
CA ILE D 138 -9.29 23.63 -15.47
C ILE D 138 -9.23 25.14 -15.23
N PHE D 139 -9.74 25.90 -16.21
CA PHE D 139 -9.56 27.37 -16.20
C PHE D 139 -10.55 28.10 -15.30
N LYS D 140 -11.77 27.59 -15.23
CA LYS D 140 -12.76 28.12 -14.29
CA LYS D 140 -12.78 28.08 -14.28
C LYS D 140 -12.25 27.91 -12.86
N ASN D 141 -11.76 26.70 -12.56
CA ASN D 141 -11.26 26.43 -11.20
C ASN D 141 -10.04 27.28 -10.89
N SER D 142 -9.13 27.40 -11.86
CA SER D 142 -7.97 28.26 -11.72
C SER D 142 -8.39 29.68 -11.37
N LEU D 143 -9.41 30.18 -12.07
CA LEU D 143 -9.80 31.57 -11.93
C LEU D 143 -10.35 31.88 -10.52
N THR D 144 -10.82 30.87 -9.80
CA THR D 144 -11.29 31.10 -8.43
C THR D 144 -10.17 31.57 -7.51
N GLY D 145 -8.91 31.31 -7.88
CA GLY D 145 -7.77 31.67 -7.06
C GLY D 145 -7.45 30.61 -6.00
N LEU D 146 -8.25 29.56 -6.00
CA LEU D 146 -8.17 28.52 -4.96
C LEU D 146 -7.44 27.29 -5.51
N PRO D 147 -6.88 26.48 -4.60
CA PRO D 147 -5.93 25.42 -4.99
C PRO D 147 -6.68 24.16 -5.48
N ILE D 148 -7.25 24.27 -6.67
CA ILE D 148 -8.00 23.17 -7.30
C ILE D 148 -7.60 23.03 -8.77
N GLY D 149 -7.39 21.78 -9.21
CA GLY D 149 -7.15 21.48 -10.62
C GLY D 149 -8.46 21.24 -11.36
N GLY D 150 -8.40 20.45 -12.43
CA GLY D 150 -9.56 20.29 -13.30
C GLY D 150 -9.80 18.87 -13.79
N GLY D 151 -11.04 18.43 -13.70
CA GLY D 151 -11.45 17.12 -14.18
C GLY D 151 -12.93 17.05 -14.32
N LYS D 152 -13.43 15.91 -14.79
CA LYS D 152 -14.84 15.72 -14.99
C LYS D 152 -15.08 14.25 -15.23
N GLY D 153 -16.27 13.79 -14.92
CA GLY D 153 -16.61 12.40 -15.16
C GLY D 153 -18.09 12.15 -15.22
N GLY D 154 -18.45 10.87 -15.18
CA GLY D 154 -19.86 10.50 -15.12
C GLY D 154 -20.09 9.21 -15.87
N SER D 155 -21.27 9.08 -16.43
CA SER D 155 -21.68 7.83 -17.07
C SER D 155 -22.81 8.11 -18.03
N ASP D 156 -22.97 7.24 -19.01
CA ASP D 156 -24.15 7.26 -19.90
C ASP D 156 -25.40 6.61 -19.29
N PHE D 157 -25.28 6.11 -18.06
CA PHE D 157 -26.43 5.70 -17.25
C PHE D 157 -27.49 6.77 -17.26
N ASP D 158 -28.72 6.35 -17.53
CA ASP D 158 -29.85 7.26 -17.50
C ASP D 158 -30.64 7.06 -16.21
N PRO D 159 -30.57 8.04 -15.30
CA PRO D 159 -31.29 7.93 -14.01
C PRO D 159 -32.81 7.98 -14.15
N LYS D 160 -33.30 8.46 -15.29
CA LYS D 160 -34.76 8.61 -15.49
C LYS D 160 -35.47 7.28 -15.45
N GLY D 161 -36.51 7.18 -14.61
CA GLY D 161 -37.29 5.96 -14.50
C GLY D 161 -36.67 4.90 -13.61
N LYS D 162 -35.52 5.20 -13.01
CA LYS D 162 -34.86 4.25 -12.14
C LYS D 162 -35.32 4.41 -10.70
N SER D 163 -35.42 3.29 -10.00
CA SER D 163 -35.77 3.32 -8.60
C SER D 163 -34.57 3.77 -7.75
N ASP D 164 -34.84 4.14 -6.50
CA ASP D 164 -33.79 4.55 -5.59
C ASP D 164 -32.77 3.43 -5.41
N LEU D 165 -33.25 2.19 -5.25
CA LEU D 165 -32.32 1.05 -5.09
C LEU D 165 -31.50 0.82 -6.37
N GLU D 166 -32.12 1.01 -7.54
CA GLU D 166 -31.37 0.88 -8.81
C GLU D 166 -30.30 1.94 -8.93
N ILE D 167 -30.62 3.18 -8.58
CA ILE D 167 -29.64 4.25 -8.58
C ILE D 167 -28.53 3.96 -7.54
N MET D 168 -28.91 3.47 -6.36
CA MET D 168 -27.90 3.10 -5.32
C MET D 168 -26.93 2.05 -5.85
N ARG D 169 -27.49 0.96 -6.39
CA ARG D 169 -26.65 -0.10 -6.96
C ARG D 169 -25.77 0.39 -8.09
N PHE D 170 -26.31 1.26 -8.94
CA PHE D 170 -25.47 1.88 -9.94
C PHE D 170 -24.32 2.69 -9.34
N CYS D 171 -24.62 3.56 -8.37
CA CYS D 171 -23.60 4.35 -7.72
C CYS D 171 -22.55 3.44 -7.08
N GLN D 172 -23.03 2.36 -6.48
CA GLN D 172 -22.10 1.42 -5.83
C GLN D 172 -21.19 0.72 -6.84
N SER D 173 -21.74 0.24 -7.95
CA SER D 173 -20.90 -0.34 -9.01
C SER D 173 -19.89 0.66 -9.58
N PHE D 174 -20.38 1.89 -9.83
CA PHE D 174 -19.57 3.00 -10.36
C PHE D 174 -18.36 3.29 -9.44
N MET D 175 -18.63 3.39 -8.13
CA MET D 175 -17.59 3.72 -7.16
C MET D 175 -16.69 2.53 -6.85
N THR D 176 -17.17 1.32 -7.09
CA THR D 176 -16.27 0.15 -6.96
C THR D 176 -15.04 0.30 -7.84
N GLU D 177 -15.21 0.87 -9.04
CA GLU D 177 -14.05 1.17 -9.85
C GLU D 177 -13.42 2.52 -9.52
N LEU D 178 -14.25 3.54 -9.34
CA LEU D 178 -13.75 4.91 -9.22
C LEU D 178 -12.86 5.12 -7.97
N HIS D 179 -13.14 4.39 -6.89
CA HIS D 179 -12.51 4.75 -5.61
C HIS D 179 -11.00 4.73 -5.69
N ARG D 180 -10.43 3.83 -6.50
CA ARG D 180 -8.98 3.67 -6.53
C ARG D 180 -8.27 4.85 -7.22
N HIS D 181 -9.06 5.67 -7.90
CA HIS D 181 -8.48 6.79 -8.67
C HIS D 181 -8.72 8.14 -8.06
N ILE D 182 -9.39 8.17 -6.90
CA ILE D 182 -9.77 9.44 -6.29
C ILE D 182 -9.26 9.52 -4.86
N GLY D 183 -9.43 10.65 -4.19
CA GLY D 183 -8.90 10.81 -2.84
C GLY D 183 -8.73 12.29 -2.54
N GLU D 184 -8.70 12.62 -1.25
CA GLU D 184 -8.59 14.03 -0.78
C GLU D 184 -7.52 14.87 -1.48
N TYR D 185 -6.43 14.26 -1.93
CA TYR D 185 -5.35 15.01 -2.61
C TYR D 185 -5.23 14.63 -4.07
N ARG D 186 -5.96 13.58 -4.46
CA ARG D 186 -5.83 12.97 -5.77
C ARG D 186 -6.86 13.58 -6.72
N ASP D 187 -8.13 13.39 -6.39
CA ASP D 187 -9.23 13.82 -7.26
C ASP D 187 -10.46 13.89 -6.37
N VAL D 188 -11.12 15.05 -6.37
CA VAL D 188 -12.28 15.34 -5.54
C VAL D 188 -13.49 15.66 -6.45
N PRO D 189 -14.31 14.66 -6.77
CA PRO D 189 -15.46 14.89 -7.61
C PRO D 189 -16.58 15.59 -6.83
N ALA D 190 -17.67 15.85 -7.55
CA ALA D 190 -18.87 16.55 -7.08
C ALA D 190 -20.02 16.15 -7.99
N GLY D 191 -21.19 16.74 -7.78
CA GLY D 191 -22.35 16.41 -8.61
C GLY D 191 -22.44 17.28 -9.87
N ASP D 192 -23.52 17.02 -10.60
CA ASP D 192 -23.83 17.71 -11.86
C ASP D 192 -25.15 17.07 -12.27
N ILE D 193 -25.55 17.23 -13.53
CA ILE D 193 -26.78 16.64 -14.02
C ILE D 193 -26.78 15.11 -13.73
N GLY D 194 -27.84 14.63 -13.07
CA GLY D 194 -28.00 13.21 -12.76
C GLY D 194 -27.32 12.77 -11.48
N VAL D 195 -26.56 13.67 -10.88
CA VAL D 195 -25.79 13.38 -9.64
C VAL D 195 -26.03 14.51 -8.64
N GLY D 196 -27.03 14.34 -7.80
CA GLY D 196 -27.39 15.33 -6.78
C GLY D 196 -27.02 14.81 -5.41
N GLY D 197 -27.57 15.42 -4.37
CA GLY D 197 -27.30 14.97 -2.99
C GLY D 197 -27.54 13.48 -2.76
N ARG D 198 -28.58 12.93 -3.38
CA ARG D 198 -28.91 11.52 -3.24
C ARG D 198 -27.73 10.65 -3.70
N GLU D 199 -27.25 10.94 -4.90
CA GLU D 199 -26.17 10.18 -5.51
C GLU D 199 -24.86 10.41 -4.79
N ILE D 200 -24.61 11.66 -4.38
CA ILE D 200 -23.39 11.98 -3.63
C ILE D 200 -23.35 11.15 -2.33
N GLY D 201 -24.49 11.06 -1.63
CA GLY D 201 -24.55 10.19 -0.44
C GLY D 201 -24.18 8.74 -0.76
N TYR D 202 -24.79 8.19 -1.80
CA TYR D 202 -24.54 6.78 -2.14
C TYR D 202 -23.08 6.59 -2.57
N LEU D 203 -22.55 7.55 -3.30
CA LEU D 203 -21.16 7.46 -3.77
C LEU D 203 -20.16 7.59 -2.61
N PHE D 204 -20.45 8.50 -1.68
CA PHE D 204 -19.55 8.73 -0.54
C PHE D 204 -19.56 7.50 0.39
N GLY D 205 -20.76 6.99 0.69
CA GLY D 205 -20.91 5.81 1.55
C GLY D 205 -20.14 4.61 1.01
N HIS D 206 -20.32 4.36 -0.28
CA HIS D 206 -19.60 3.27 -0.88
C HIS D 206 -18.10 3.52 -0.99
N TYR D 207 -17.68 4.77 -1.24
CA TYR D 207 -16.25 5.09 -1.21
C TYR D 207 -15.65 4.67 0.14
N ARG D 208 -16.32 5.03 1.22
CA ARG D 208 -15.81 4.69 2.56
C ARG D 208 -15.73 3.17 2.72
N ARG D 209 -16.70 2.45 2.16
CA ARG D 209 -16.68 0.99 2.25
C ARG D 209 -15.50 0.39 1.51
N MET D 210 -15.22 0.92 0.31
CA MET D 210 -14.07 0.44 -0.47
C MET D 210 -12.75 0.79 0.19
N ALA D 211 -12.63 2.04 0.63
CA ALA D 211 -11.38 2.53 1.18
C ALA D 211 -11.15 2.13 2.63
N ASN D 212 -12.21 1.72 3.33
CA ASN D 212 -12.17 1.57 4.80
C ASN D 212 -11.61 2.79 5.50
N GLN D 213 -12.07 3.97 5.09
CA GLN D 213 -11.81 5.14 5.87
CA GLN D 213 -11.59 5.26 5.60
C GLN D 213 -12.76 6.25 5.57
N HIS D 214 -12.96 7.05 6.62
CA HIS D 214 -13.98 8.10 6.53
C HIS D 214 -13.27 9.38 6.09
N GLU D 215 -13.04 9.43 4.79
CA GLU D 215 -12.21 10.44 4.16
C GLU D 215 -13.16 11.51 3.58
N SER D 216 -13.52 12.48 4.42
CA SER D 216 -14.49 13.50 4.05
C SER D 216 -14.11 14.25 2.78
N GLY D 217 -12.82 14.52 2.64
CA GLY D 217 -12.30 15.32 1.51
C GLY D 217 -12.35 14.66 0.14
N VAL D 218 -12.87 13.44 0.05
CA VAL D 218 -12.90 12.76 -1.25
C VAL D 218 -13.96 13.34 -2.20
N LEU D 219 -15.02 13.90 -1.64
CA LEU D 219 -16.11 14.46 -2.45
C LEU D 219 -16.57 15.81 -1.90
N THR D 220 -17.14 16.66 -2.75
CA THR D 220 -17.90 17.82 -2.26
C THR D 220 -19.38 17.67 -2.63
N GLY D 221 -20.21 18.53 -2.05
CA GLY D 221 -21.66 18.39 -2.17
C GLY D 221 -22.26 17.44 -1.14
N LYS D 222 -21.49 17.18 -0.08
CA LYS D 222 -21.93 16.24 0.96
C LYS D 222 -22.98 16.81 1.89
N GLY D 223 -23.69 15.92 2.59
CA GLY D 223 -24.71 16.31 3.58
C GLY D 223 -24.10 17.10 4.72
N LEU D 224 -24.84 18.07 5.25
CA LEU D 224 -24.39 18.90 6.36
C LEU D 224 -23.87 18.16 7.60
N THR D 225 -24.43 16.98 7.87
CA THR D 225 -24.06 16.23 9.10
C THR D 225 -22.94 15.22 8.87
N TRP D 226 -22.44 15.16 7.64
CA TRP D 226 -21.33 14.24 7.32
C TRP D 226 -20.33 14.90 6.35
N GLY D 227 -19.98 16.15 6.70
CA GLY D 227 -18.86 16.81 6.08
C GLY D 227 -19.20 17.87 5.07
N GLY D 228 -20.48 18.19 4.93
CA GLY D 228 -20.94 19.21 3.97
C GLY D 228 -20.68 20.65 4.44
N SER D 229 -21.01 21.61 3.58
CA SER D 229 -20.73 23.03 3.89
C SER D 229 -22.00 23.83 3.77
N LEU D 230 -22.19 24.75 4.70
CA LEU D 230 -23.25 25.73 4.56
C LEU D 230 -22.92 26.64 3.36
N VAL D 231 -23.94 27.38 2.91
CA VAL D 231 -23.83 28.33 1.77
C VAL D 231 -23.72 27.65 0.38
N ARG D 232 -23.63 26.33 0.33
CA ARG D 232 -23.56 25.63 -0.95
C ARG D 232 -24.79 25.91 -1.83
N THR D 233 -25.97 25.82 -1.25
CA THR D 233 -27.20 26.11 -1.96
C THR D 233 -27.22 27.56 -2.50
N GLU D 234 -26.75 28.50 -1.68
CA GLU D 234 -26.76 29.94 -1.97
C GLU D 234 -25.61 30.40 -2.89
N ALA D 235 -24.59 29.56 -3.05
CA ALA D 235 -23.27 29.99 -3.54
C ALA D 235 -23.27 30.71 -4.90
N THR D 236 -23.87 30.08 -5.89
CA THR D 236 -23.79 30.60 -7.28
C THR D 236 -24.54 31.92 -7.43
N GLY D 237 -25.76 31.96 -6.89
CA GLY D 237 -26.55 33.20 -6.81
C GLY D 237 -25.88 34.31 -6.01
N TYR D 238 -25.38 33.97 -4.82
CA TYR D 238 -24.67 34.95 -4.02
C TYR D 238 -23.44 35.48 -4.75
N GLY D 239 -22.67 34.58 -5.37
CA GLY D 239 -21.41 34.96 -5.95
C GLY D 239 -21.55 35.94 -7.10
N CYS D 240 -22.58 35.70 -7.90
CA CYS D 240 -22.95 36.57 -9.03
C CYS D 240 -23.19 38.01 -8.57
N VAL D 241 -23.91 38.16 -7.47
CA VAL D 241 -24.16 39.47 -6.89
C VAL D 241 -22.90 40.11 -6.29
N TYR D 242 -22.07 39.33 -5.59
CA TYR D 242 -20.81 39.86 -5.13
C TYR D 242 -19.96 40.39 -6.28
N PHE D 243 -19.95 39.64 -7.40
CA PHE D 243 -19.14 39.99 -8.56
C PHE D 243 -19.67 41.28 -9.19
N VAL D 244 -20.99 41.36 -9.37
CA VAL D 244 -21.58 42.56 -10.00
C VAL D 244 -21.39 43.80 -9.12
N SER D 245 -21.45 43.63 -7.80
CA SER D 245 -21.17 44.74 -6.87
C SER D 245 -19.78 45.34 -7.10
N GLU D 246 -18.77 44.50 -7.33
CA GLU D 246 -17.44 45.01 -7.68
C GLU D 246 -17.43 45.75 -9.02
N MET D 247 -18.16 45.25 -10.00
CA MET D 247 -18.25 45.92 -11.30
C MET D 247 -18.79 47.32 -11.11
N ILE D 248 -19.80 47.42 -10.26
CA ILE D 248 -20.51 48.68 -10.00
C ILE D 248 -19.61 49.70 -9.32
N LYS D 249 -18.85 49.25 -8.31
CA LYS D 249 -17.91 50.14 -7.61
C LYS D 249 -16.83 50.68 -8.54
N ALA D 250 -16.41 49.84 -9.50
CA ALA D 250 -15.36 50.20 -10.46
C ALA D 250 -15.77 51.41 -11.32
N LYS D 251 -17.07 51.70 -11.34
CA LYS D 251 -17.58 52.85 -12.07
C LYS D 251 -17.94 54.03 -11.19
N GLY D 252 -17.54 53.97 -9.92
CA GLY D 252 -17.81 55.01 -8.94
C GLY D 252 -19.19 54.92 -8.32
N GLU D 253 -19.91 53.85 -8.64
CA GLU D 253 -21.28 53.64 -8.15
C GLU D 253 -21.33 52.64 -6.99
N SER D 254 -22.52 52.47 -6.42
CA SER D 254 -22.72 51.44 -5.40
C SER D 254 -24.00 50.70 -5.73
N ILE D 255 -24.09 49.46 -5.27
CA ILE D 255 -25.21 48.58 -5.56
C ILE D 255 -26.47 48.93 -4.76
N SER D 256 -26.28 49.57 -3.59
CA SER D 256 -27.40 49.97 -2.76
C SER D 256 -28.25 50.99 -3.53
N GLY D 257 -29.56 50.78 -3.55
CA GLY D 257 -30.50 51.73 -4.16
C GLY D 257 -30.62 51.63 -5.68
N GLN D 258 -29.95 50.64 -6.26
CA GLN D 258 -30.08 50.37 -7.70
C GLN D 258 -31.23 49.39 -7.94
N LYS D 259 -31.72 49.37 -9.18
CA LYS D 259 -32.79 48.47 -9.59
C LYS D 259 -32.24 47.33 -10.47
N ILE D 260 -32.63 46.10 -10.14
CA ILE D 260 -32.02 44.90 -10.70
C ILE D 260 -33.03 43.93 -11.26
N ILE D 261 -32.77 43.42 -12.47
CA ILE D 261 -33.55 42.29 -13.00
C ILE D 261 -32.80 40.96 -12.80
N VAL D 262 -33.50 39.95 -12.27
CA VAL D 262 -32.95 38.61 -12.12
C VAL D 262 -33.86 37.59 -12.80
N SER D 263 -33.41 37.05 -13.94
CA SER D 263 -34.20 36.06 -14.67
C SER D 263 -34.15 34.64 -14.09
N GLY D 264 -35.23 33.88 -14.31
CA GLY D 264 -35.36 32.54 -13.73
C GLY D 264 -35.89 32.61 -12.31
N SER D 265 -36.09 31.44 -11.71
CA SER D 265 -36.58 31.35 -10.34
C SER D 265 -36.17 30.01 -9.72
N GLY D 266 -34.99 29.51 -10.13
CA GLY D 266 -34.45 28.26 -9.62
C GLY D 266 -33.36 28.51 -8.59
N ASN D 267 -32.39 27.62 -8.51
CA ASN D 267 -31.34 27.74 -7.51
C ASN D 267 -30.53 29.05 -7.61
N VAL D 268 -30.04 29.37 -8.82
CA VAL D 268 -29.26 30.60 -9.01
C VAL D 268 -30.10 31.88 -8.79
N ALA D 269 -31.27 31.98 -9.42
CA ALA D 269 -32.06 33.21 -9.30
C ALA D 269 -32.53 33.54 -7.87
N THR D 270 -33.04 32.54 -7.18
CA THR D 270 -33.51 32.72 -5.80
C THR D 270 -32.50 33.45 -4.94
N TYR D 271 -31.26 32.97 -4.99
CA TYR D 271 -30.22 33.45 -4.08
C TYR D 271 -29.50 34.67 -4.60
N ALA D 272 -29.53 34.86 -5.92
CA ALA D 272 -29.16 36.15 -6.49
C ALA D 272 -30.09 37.25 -5.97
N ILE D 273 -31.39 36.99 -5.97
CA ILE D 273 -32.35 37.96 -5.45
C ILE D 273 -32.13 38.26 -3.97
N GLU D 274 -31.96 37.20 -3.18
CA GLU D 274 -31.71 37.31 -1.74
C GLU D 274 -30.53 38.23 -1.45
N LYS D 275 -29.38 37.96 -2.06
CA LYS D 275 -28.19 38.80 -1.83
C LYS D 275 -28.32 40.24 -2.30
N ALA D 276 -28.85 40.46 -3.50
CA ALA D 276 -28.92 41.81 -4.06
C ALA D 276 -29.70 42.72 -3.12
N GLN D 277 -30.83 42.19 -2.64
CA GLN D 277 -31.69 42.92 -1.71
C GLN D 277 -31.05 43.09 -0.32
N GLU D 278 -30.29 42.09 0.12
CA GLU D 278 -29.46 42.23 1.32
C GLU D 278 -28.52 43.40 1.21
N LEU D 279 -27.94 43.59 0.03
CA LEU D 279 -26.96 44.64 -0.19
C LEU D 279 -27.62 45.98 -0.50
N GLY D 280 -28.95 45.99 -0.43
CA GLY D 280 -29.71 47.23 -0.44
C GLY D 280 -30.20 47.67 -1.80
N ALA D 281 -30.08 46.79 -2.80
CA ALA D 281 -30.69 47.01 -4.11
C ALA D 281 -32.13 46.49 -4.12
N THR D 282 -32.91 46.94 -5.11
CA THR D 282 -34.27 46.45 -5.30
C THR D 282 -34.36 45.60 -6.58
N VAL D 283 -34.86 44.38 -6.45
CA VAL D 283 -35.08 43.47 -7.57
C VAL D 283 -36.51 43.64 -8.14
N ILE D 284 -36.62 43.79 -9.46
CA ILE D 284 -37.91 44.12 -10.09
C ILE D 284 -38.57 43.05 -10.99
N GLY D 285 -37.94 41.88 -11.17
CA GLY D 285 -38.54 40.80 -11.95
C GLY D 285 -37.87 39.45 -11.91
N PHE D 286 -38.64 38.39 -12.17
CA PHE D 286 -38.14 37.00 -12.29
C PHE D 286 -39.02 36.13 -13.19
N SER D 287 -38.66 34.87 -13.42
CA SER D 287 -39.33 34.07 -14.44
C SER D 287 -39.14 32.56 -14.37
N ASP D 288 -40.02 31.82 -15.06
CA ASP D 288 -39.75 30.44 -15.46
C ASP D 288 -39.96 30.34 -16.99
N SER D 289 -39.91 29.12 -17.53
CA SER D 289 -40.11 28.90 -18.97
C SER D 289 -41.42 29.48 -19.48
N SER D 290 -42.42 29.50 -18.60
CA SER D 290 -43.80 29.86 -18.96
C SER D 290 -44.05 31.36 -19.10
N GLY D 291 -43.51 32.15 -18.19
CA GLY D 291 -43.74 33.59 -18.19
C GLY D 291 -42.87 34.32 -17.20
N TRP D 292 -43.18 35.60 -16.97
CA TRP D 292 -42.34 36.43 -16.12
C TRP D 292 -43.14 37.40 -15.26
N VAL D 293 -42.55 37.77 -14.13
CA VAL D 293 -43.25 38.56 -13.11
C VAL D 293 -42.57 39.90 -12.89
N HIS D 294 -43.37 40.95 -12.78
CA HIS D 294 -42.89 42.28 -12.46
C HIS D 294 -43.21 42.52 -11.00
N THR D 295 -42.18 42.83 -10.22
CA THR D 295 -42.30 43.06 -8.79
C THR D 295 -41.61 44.37 -8.45
N PRO D 296 -42.26 45.51 -8.79
CA PRO D 296 -41.60 46.83 -8.76
C PRO D 296 -41.13 47.34 -7.40
N ASN D 297 -41.53 46.67 -6.31
CA ASN D 297 -41.04 47.03 -4.98
C ASN D 297 -40.20 45.96 -4.29
N GLY D 298 -39.96 44.84 -4.97
CA GLY D 298 -39.13 43.75 -4.43
C GLY D 298 -39.78 42.38 -4.45
N VAL D 299 -38.97 41.34 -4.33
CA VAL D 299 -39.44 39.95 -4.33
C VAL D 299 -39.62 39.44 -2.90
N ASP D 300 -40.62 38.59 -2.71
CA ASP D 300 -40.74 37.88 -1.44
C ASP D 300 -40.08 36.53 -1.63
N VAL D 301 -38.80 36.47 -1.26
CA VAL D 301 -38.00 35.25 -1.38
C VAL D 301 -38.74 34.07 -0.74
N ALA D 302 -39.18 34.24 0.50
CA ALA D 302 -39.93 33.20 1.22
C ALA D 302 -41.10 32.64 0.40
N LYS D 303 -41.90 33.54 -0.20
CA LYS D 303 -43.02 33.17 -1.05
C LYS D 303 -42.59 32.36 -2.27
N LEU D 304 -41.55 32.86 -2.97
CA LEU D 304 -41.04 32.23 -4.18
C LEU D 304 -40.60 30.78 -3.91
N ARG D 305 -39.75 30.59 -2.89
CA ARG D 305 -39.25 29.27 -2.51
C ARG D 305 -40.38 28.29 -2.23
N GLU D 306 -41.37 28.75 -1.47
CA GLU D 306 -42.56 27.95 -1.16
C GLU D 306 -43.30 27.52 -2.44
N ILE D 307 -43.46 28.46 -3.37
CA ILE D 307 -44.07 28.21 -4.67
C ILE D 307 -43.29 27.17 -5.47
N LYS D 308 -41.96 27.36 -5.53
CA LYS D 308 -41.10 26.58 -6.41
C LYS D 308 -40.57 25.27 -5.83
N GLU D 309 -40.21 25.25 -4.55
CA GLU D 309 -39.65 24.04 -3.93
C GLU D 309 -40.72 23.13 -3.33
N VAL D 310 -41.66 23.73 -2.61
CA VAL D 310 -42.72 22.95 -1.96
C VAL D 310 -43.81 22.56 -2.97
N ARG D 311 -44.32 23.55 -3.70
CA ARG D 311 -45.50 23.34 -4.56
C ARG D 311 -45.15 22.99 -6.00
N ARG D 312 -43.87 23.20 -6.37
CA ARG D 312 -43.37 22.98 -7.72
C ARG D 312 -44.32 23.54 -8.79
N ALA D 313 -44.73 24.78 -8.56
CA ALA D 313 -45.72 25.47 -9.38
C ALA D 313 -45.05 26.49 -10.30
N ARG D 314 -45.86 27.10 -11.17
CA ARG D 314 -45.39 28.16 -12.07
C ARG D 314 -45.36 29.50 -11.35
N VAL D 315 -44.58 30.46 -11.88
CA VAL D 315 -44.43 31.81 -11.30
C VAL D 315 -45.67 32.69 -11.34
N SER D 316 -46.65 32.32 -12.17
CA SER D 316 -47.92 33.05 -12.21
C SER D 316 -48.61 33.03 -10.84
N VAL D 317 -48.62 31.85 -10.21
CA VAL D 317 -49.21 31.65 -8.87
C VAL D 317 -48.70 32.71 -7.88
N TYR D 318 -47.49 33.20 -8.11
CA TYR D 318 -46.86 34.21 -7.25
C TYR D 318 -47.52 35.60 -7.34
N ALA D 319 -47.71 36.10 -8.56
CA ALA D 319 -48.18 37.49 -8.79
C ALA D 319 -49.53 37.84 -8.16
N ASP D 320 -50.44 36.87 -8.13
CA ASP D 320 -51.77 37.06 -7.56
C ASP D 320 -51.79 37.72 -6.16
N GLU D 321 -50.81 37.38 -5.32
CA GLU D 321 -50.90 37.58 -3.86
C GLU D 321 -50.14 38.77 -3.28
N ILE D 322 -49.42 39.51 -4.13
CA ILE D 322 -48.61 40.64 -3.67
C ILE D 322 -49.11 41.96 -4.26
N GLU D 323 -49.47 42.90 -3.37
CA GLU D 323 -50.09 44.17 -3.78
C GLU D 323 -49.08 45.19 -4.31
N GLY D 324 -48.97 45.23 -5.63
CA GLY D 324 -48.01 46.09 -6.31
C GLY D 324 -47.27 45.36 -7.41
N ALA D 325 -47.35 44.03 -7.38
CA ALA D 325 -46.68 43.17 -8.36
C ALA D 325 -47.64 42.69 -9.44
N THR D 326 -47.18 42.72 -10.70
CA THR D 326 -48.00 42.33 -11.86
C THR D 326 -47.32 41.24 -12.71
N TYR D 327 -48.12 40.29 -13.19
CA TYR D 327 -47.64 39.22 -14.07
C TYR D 327 -47.69 39.64 -15.55
N HIS D 328 -46.82 39.03 -16.36
CA HIS D 328 -46.75 39.32 -17.80
C HIS D 328 -46.41 38.06 -18.62
N THR D 329 -47.07 37.90 -19.77
CA THR D 329 -46.93 36.73 -20.64
C THR D 329 -46.35 37.13 -22.00
N ASP D 330 -46.58 38.39 -22.37
CA ASP D 330 -46.11 38.95 -23.63
C ASP D 330 -44.76 39.62 -23.43
N GLY D 331 -44.03 39.75 -24.53
CA GLY D 331 -42.73 40.42 -24.50
C GLY D 331 -41.75 39.64 -23.65
N SER D 332 -40.88 40.36 -22.96
CA SER D 332 -39.76 39.75 -22.26
C SER D 332 -39.46 40.46 -20.95
N ILE D 333 -38.95 39.70 -19.97
CA ILE D 333 -38.50 40.30 -18.71
C ILE D 333 -37.52 41.46 -18.97
N TRP D 334 -36.71 41.33 -20.01
CA TRP D 334 -35.69 42.33 -20.35
C TRP D 334 -36.27 43.68 -20.86
N ASP D 335 -37.60 43.79 -20.97
CA ASP D 335 -38.22 45.07 -21.33
C ASP D 335 -38.20 46.06 -20.17
N LEU D 336 -38.08 45.54 -18.96
CA LEU D 336 -38.09 46.37 -17.76
C LEU D 336 -36.89 47.29 -17.70
N LYS D 337 -37.15 48.54 -17.35
CA LYS D 337 -36.09 49.52 -17.16
C LYS D 337 -35.30 49.13 -15.90
N CYS D 338 -33.97 49.04 -16.02
CA CYS D 338 -33.13 48.65 -14.88
C CYS D 338 -31.75 49.29 -14.92
N ASP D 339 -31.03 49.15 -13.81
CA ASP D 339 -29.65 49.58 -13.72
C ASP D 339 -28.75 48.38 -13.97
N ILE D 340 -29.19 47.21 -13.52
CA ILE D 340 -28.40 45.97 -13.57
C ILE D 340 -29.26 44.78 -14.01
N ALA D 341 -28.74 43.97 -14.93
CA ALA D 341 -29.42 42.75 -15.35
C ALA D 341 -28.59 41.52 -15.01
N LEU D 342 -29.22 40.58 -14.29
CA LEU D 342 -28.57 39.34 -13.89
C LEU D 342 -29.33 38.13 -14.46
N PRO D 343 -28.95 37.69 -15.68
CA PRO D 343 -29.59 36.49 -16.20
C PRO D 343 -29.16 35.21 -15.49
N CYS D 344 -30.12 34.53 -14.87
CA CYS D 344 -29.87 33.41 -13.97
C CYS D 344 -30.71 32.17 -14.33
N ALA D 345 -31.14 32.09 -15.59
CA ALA D 345 -32.06 31.02 -16.03
C ALA D 345 -31.47 29.89 -16.90
N THR D 346 -30.97 30.20 -18.10
CA THR D 346 -30.51 29.15 -19.02
C THR D 346 -29.68 29.76 -20.14
N GLN D 347 -28.94 28.93 -20.86
CA GLN D 347 -28.14 29.39 -21.99
C GLN D 347 -29.02 30.08 -23.03
N ASN D 348 -28.44 31.14 -23.61
CA ASN D 348 -29.03 31.87 -24.75
C ASN D 348 -30.36 32.54 -24.45
N GLU D 349 -30.57 32.92 -23.20
CA GLU D 349 -31.82 33.52 -22.76
C GLU D 349 -31.89 35.03 -22.97
N LEU D 350 -30.74 35.64 -23.25
CA LEU D 350 -30.65 37.08 -23.42
C LEU D 350 -29.99 37.33 -24.77
N ASN D 351 -30.80 37.72 -25.74
CA ASN D 351 -30.33 37.88 -27.12
C ASN D 351 -30.02 39.33 -27.48
N GLY D 352 -29.49 39.56 -28.69
CA GLY D 352 -29.10 40.89 -29.13
C GLY D 352 -30.20 41.93 -29.05
N GLU D 353 -31.42 41.51 -29.37
CA GLU D 353 -32.60 42.38 -29.26
C GLU D 353 -32.87 42.79 -27.80
N ASN D 354 -32.79 41.80 -26.89
CA ASN D 354 -32.91 42.05 -25.46
C ASN D 354 -31.85 43.02 -24.97
N ALA D 355 -30.61 42.75 -25.38
CA ALA D 355 -29.46 43.60 -25.04
C ALA D 355 -29.70 45.04 -25.47
N LYS D 356 -30.30 45.21 -26.65
CA LYS D 356 -30.60 46.54 -27.18
C LYS D 356 -31.66 47.24 -26.34
N THR D 357 -32.74 46.52 -26.03
CA THR D 357 -33.79 47.02 -25.14
C THR D 357 -33.21 47.50 -23.80
N LEU D 358 -32.42 46.64 -23.14
CA LEU D 358 -31.79 47.00 -21.87
C LEU D 358 -30.97 48.28 -21.92
N ALA D 359 -30.12 48.40 -22.94
CA ALA D 359 -29.23 49.55 -23.08
C ALA D 359 -29.99 50.86 -23.31
N ASP D 360 -31.03 50.78 -24.15
CA ASP D 360 -31.91 51.92 -24.40
C ASP D 360 -32.59 52.36 -23.08
N ASN D 361 -32.91 51.38 -22.24
CA ASN D 361 -33.55 51.68 -20.96
C ASN D 361 -32.60 52.18 -19.85
N GLY D 362 -31.30 52.18 -20.13
CA GLY D 362 -30.31 52.76 -19.22
C GLY D 362 -29.53 51.75 -18.37
N CYS D 363 -29.73 50.48 -18.66
CA CYS D 363 -28.98 49.40 -17.98
C CYS D 363 -27.50 49.59 -18.24
N ARG D 364 -26.72 49.55 -17.15
CA ARG D 364 -25.29 49.86 -17.22
C ARG D 364 -24.41 48.63 -16.91
N PHE D 365 -25.04 47.57 -16.42
CA PHE D 365 -24.33 46.39 -15.88
C PHE D 365 -25.07 45.07 -16.17
N VAL D 366 -24.37 44.11 -16.75
CA VAL D 366 -24.88 42.75 -16.88
C VAL D 366 -23.85 41.80 -16.26
N ALA D 367 -24.32 40.87 -15.44
CA ALA D 367 -23.45 39.80 -14.92
C ALA D 367 -24.22 38.49 -14.97
N GLU D 368 -23.52 37.44 -15.38
CA GLU D 368 -24.17 36.16 -15.65
C GLU D 368 -24.14 35.17 -14.49
N GLY D 369 -25.33 34.85 -13.97
CA GLY D 369 -25.49 33.80 -12.98
C GLY D 369 -25.67 32.45 -13.64
N ALA D 370 -26.35 32.40 -14.79
CA ALA D 370 -26.54 31.17 -15.56
C ALA D 370 -25.33 30.82 -16.42
N ASN D 371 -25.37 29.68 -17.10
CA ASN D 371 -24.31 29.29 -18.04
C ASN D 371 -24.53 29.92 -19.42
N MET D 372 -23.63 30.81 -19.82
CA MET D 372 -23.71 31.50 -21.11
C MET D 372 -25.11 31.98 -21.51
N PRO D 373 -25.80 32.74 -20.61
CA PRO D 373 -27.12 33.22 -20.95
C PRO D 373 -27.12 34.26 -22.07
N SER D 374 -26.04 35.04 -22.19
CA SER D 374 -25.97 36.09 -23.20
C SER D 374 -25.47 35.48 -24.51
N THR D 375 -26.22 35.72 -25.59
CA THR D 375 -25.83 35.23 -26.92
C THR D 375 -24.62 36.05 -27.39
N PRO D 376 -23.83 35.49 -28.34
CA PRO D 376 -22.70 36.29 -28.83
C PRO D 376 -23.13 37.68 -29.35
N GLU D 377 -24.33 37.78 -29.94
CA GLU D 377 -24.85 39.08 -30.40
C GLU D 377 -25.15 40.04 -29.25
N ALA D 378 -25.72 39.51 -28.17
CA ALA D 378 -25.96 40.31 -26.98
C ALA D 378 -24.64 40.84 -26.41
N VAL D 379 -23.61 39.99 -26.37
CA VAL D 379 -22.30 40.38 -25.85
C VAL D 379 -21.70 41.55 -26.65
N GLU D 380 -21.77 41.48 -27.98
CA GLU D 380 -21.32 42.59 -28.81
C GLU D 380 -22.12 43.88 -28.59
N VAL D 381 -23.43 43.75 -28.35
CA VAL D 381 -24.27 44.92 -28.03
C VAL D 381 -23.83 45.63 -26.73
N PHE D 382 -23.54 44.88 -25.67
CA PHE D 382 -23.01 45.47 -24.42
C PHE D 382 -21.72 46.26 -24.66
N ARG D 383 -20.88 45.71 -25.52
CA ARG D 383 -19.62 46.33 -25.87
C ARG D 383 -19.93 47.65 -26.60
N GLU D 384 -20.73 47.55 -27.66
CA GLU D 384 -21.12 48.71 -28.48
C GLU D 384 -21.77 49.81 -27.65
N ARG D 385 -22.64 49.41 -26.71
CA ARG D 385 -23.41 50.34 -25.88
C ARG D 385 -22.78 50.67 -24.51
N ASP D 386 -21.54 50.25 -24.30
CA ASP D 386 -20.82 50.54 -23.06
C ASP D 386 -21.50 49.98 -21.79
N ILE D 387 -22.07 48.77 -21.90
CA ILE D 387 -22.58 48.07 -20.73
C ILE D 387 -21.43 47.20 -20.20
N ARG D 388 -21.14 47.31 -18.92
CA ARG D 388 -20.11 46.45 -18.30
C ARG D 388 -20.64 45.02 -18.17
N PHE D 389 -19.82 44.07 -18.60
CA PHE D 389 -20.24 42.69 -18.72
C PHE D 389 -19.40 41.73 -17.89
N GLY D 390 -20.05 41.08 -16.93
CA GLY D 390 -19.43 40.00 -16.15
C GLY D 390 -19.80 38.62 -16.67
N PRO D 391 -18.89 37.96 -17.40
CA PRO D 391 -19.14 36.67 -18.01
C PRO D 391 -19.32 35.62 -16.92
N GLY D 392 -20.16 34.63 -17.20
CA GLY D 392 -20.40 33.54 -16.26
C GLY D 392 -19.14 32.86 -15.76
N LYS D 393 -18.14 32.70 -16.63
CA LYS D 393 -16.86 32.09 -16.25
C LYS D 393 -16.38 32.62 -14.90
N ALA D 394 -16.55 33.92 -14.72
CA ALA D 394 -16.14 34.60 -13.51
C ALA D 394 -17.31 34.74 -12.53
N ALA D 395 -18.40 35.33 -13.00
CA ALA D 395 -19.49 35.71 -12.11
C ALA D 395 -20.26 34.55 -11.49
N ASN D 396 -20.27 33.38 -12.12
CA ASN D 396 -21.01 32.24 -11.58
C ASN D 396 -20.14 31.19 -10.89
N ALA D 397 -18.90 31.57 -10.62
CA ALA D 397 -17.91 30.69 -9.98
C ALA D 397 -18.12 30.49 -8.47
N GLY D 398 -19.14 31.14 -7.89
CA GLY D 398 -19.45 30.95 -6.44
C GLY D 398 -19.64 29.49 -6.03
N GLY D 399 -20.31 28.73 -6.88
CA GLY D 399 -20.51 27.30 -6.64
C GLY D 399 -19.20 26.54 -6.51
N VAL D 400 -18.31 26.68 -7.50
CA VAL D 400 -17.01 26.01 -7.37
C VAL D 400 -16.15 26.54 -6.21
N ALA D 401 -16.22 27.86 -5.95
CA ALA D 401 -15.53 28.44 -4.81
C ALA D 401 -15.99 27.76 -3.52
N THR D 402 -17.29 27.57 -3.36
CA THR D 402 -17.81 26.97 -2.12
C THR D 402 -17.46 25.48 -2.02
N SER D 403 -17.28 24.82 -3.17
CA SER D 403 -16.77 23.44 -3.19
C SER D 403 -15.37 23.41 -2.57
N ALA D 404 -14.54 24.39 -2.93
CA ALA D 404 -13.22 24.50 -2.33
C ALA D 404 -13.30 24.81 -0.83
N LEU D 405 -14.32 25.58 -0.43
CA LEU D 405 -14.50 25.91 0.99
C LEU D 405 -14.93 24.66 1.77
N GLU D 406 -15.70 23.80 1.13
CA GLU D 406 -16.01 22.49 1.73
C GLU D 406 -14.72 21.69 1.93
N MET D 407 -13.83 21.68 0.91
CA MET D 407 -12.56 20.98 1.08
C MET D 407 -11.74 21.53 2.25
N GLN D 408 -11.77 22.86 2.41
CA GLN D 408 -10.98 23.52 3.43
C GLN D 408 -11.51 23.17 4.84
N GLN D 409 -12.83 23.21 4.99
CA GLN D 409 -13.50 22.81 6.22
C GLN D 409 -13.19 21.34 6.56
N ASN D 410 -13.23 20.47 5.55
CA ASN D 410 -12.93 19.05 5.82
C ASN D 410 -11.48 18.88 6.24
N ALA D 411 -10.60 19.64 5.60
CA ALA D 411 -9.16 19.57 5.87
C ALA D 411 -8.83 19.94 7.32
N SER D 412 -9.56 20.93 7.85
CA SER D 412 -9.30 21.39 9.22
C SER D 412 -10.24 20.76 10.26
N ARG D 413 -11.08 19.81 9.82
CA ARG D 413 -12.14 19.18 10.64
C ARG D 413 -13.01 20.23 11.33
N ASP D 414 -13.43 21.25 10.58
CA ASP D 414 -14.27 22.30 11.16
C ASP D 414 -15.52 22.46 10.31
N SER D 415 -16.63 22.87 10.93
CA SER D 415 -17.85 23.21 10.20
C SER D 415 -18.15 24.67 10.50
N TRP D 416 -17.94 25.53 9.50
CA TRP D 416 -18.03 26.98 9.69
C TRP D 416 -19.48 27.45 9.77
N SER D 417 -19.72 28.60 10.39
CA SER D 417 -21.07 29.16 10.40
C SER D 417 -21.43 29.65 9.02
N PHE D 418 -22.74 29.84 8.79
CA PHE D 418 -23.23 30.40 7.53
C PHE D 418 -22.53 31.73 7.27
N GLU D 419 -22.55 32.62 8.27
CA GLU D 419 -21.96 33.94 8.12
C GLU D 419 -20.48 33.95 7.79
N TYR D 420 -19.68 33.11 8.47
CA TYR D 420 -18.26 33.08 8.19
C TYR D 420 -17.99 32.59 6.76
N THR D 421 -18.74 31.57 6.36
CA THR D 421 -18.58 30.96 5.04
C THR D 421 -18.96 31.99 3.96
N ASP D 422 -20.07 32.67 4.17
CA ASP D 422 -20.56 33.68 3.23
C ASP D 422 -19.56 34.85 3.10
N GLU D 423 -18.99 35.25 4.22
CA GLU D 423 -17.90 36.23 4.21
C GLU D 423 -16.70 35.80 3.39
N ARG D 424 -16.30 34.54 3.55
CA ARG D 424 -15.17 34.00 2.80
C ARG D 424 -15.50 33.99 1.28
N LEU D 425 -16.73 33.62 0.98
CA LEU D 425 -17.21 33.59 -0.42
C LEU D 425 -17.14 34.99 -1.02
N GLN D 426 -17.51 36.00 -0.25
CA GLN D 426 -17.42 37.36 -0.77
C GLN D 426 -15.99 37.78 -1.09
N VAL D 427 -15.05 37.43 -0.21
CA VAL D 427 -13.64 37.77 -0.43
C VAL D 427 -13.13 37.09 -1.70
N ILE D 428 -13.52 35.82 -1.88
CA ILE D 428 -13.13 35.06 -3.06
C ILE D 428 -13.68 35.73 -4.32
N MET D 429 -14.96 36.10 -4.31
CA MET D 429 -15.55 36.78 -5.48
C MET D 429 -14.89 38.13 -5.79
N LYS D 430 -14.58 38.91 -4.74
CA LYS D 430 -13.85 40.17 -4.89
C LYS D 430 -12.50 39.96 -5.56
N ASN D 431 -11.80 38.91 -5.13
CA ASN D 431 -10.50 38.63 -5.71
C ASN D 431 -10.60 38.13 -7.16
N ILE D 432 -11.65 37.38 -7.48
CA ILE D 432 -11.88 36.97 -8.88
C ILE D 432 -12.07 38.23 -9.72
N PHE D 433 -12.87 39.16 -9.23
CA PHE D 433 -13.07 40.42 -9.97
C PHE D 433 -11.76 41.18 -10.14
N LYS D 434 -11.01 41.33 -9.04
CA LYS D 434 -9.71 42.00 -9.10
C LYS D 434 -8.77 41.37 -10.13
N THR D 435 -8.71 40.05 -10.14
CA THR D 435 -7.84 39.35 -11.07
C THR D 435 -8.28 39.63 -12.51
N CYS D 436 -9.59 39.59 -12.76
CA CYS D 436 -10.11 39.87 -14.11
C CYS D 436 -9.78 41.29 -14.56
N ALA D 437 -10.03 42.26 -13.66
CA ALA D 437 -9.75 43.68 -13.94
C ALA D 437 -8.26 43.96 -14.20
N GLU D 438 -7.40 43.49 -13.29
CA GLU D 438 -5.95 43.70 -13.43
C GLU D 438 -5.36 43.05 -14.67
N THR D 439 -5.76 41.80 -14.92
CA THR D 439 -5.24 41.06 -16.07
C THR D 439 -5.68 41.70 -17.38
N ALA D 440 -6.92 42.14 -17.44
CA ALA D 440 -7.48 42.74 -18.67
C ALA D 440 -6.69 44.00 -19.03
N ALA D 441 -6.39 44.81 -18.02
CA ALA D 441 -5.65 46.04 -18.21
C ALA D 441 -4.22 45.72 -18.60
N GLU D 442 -3.66 44.68 -17.99
CA GLU D 442 -2.30 44.26 -18.32
C GLU D 442 -2.12 44.03 -19.81
N TYR D 443 -3.18 43.55 -20.48
CA TYR D 443 -3.11 43.19 -21.89
C TYR D 443 -3.77 44.19 -22.84
N GLY D 444 -3.94 45.41 -22.37
CA GLY D 444 -4.49 46.52 -23.17
C GLY D 444 -6.01 46.48 -23.36
N HIS D 445 -6.70 45.77 -22.48
CA HIS D 445 -8.16 45.63 -22.59
C HIS D 445 -8.86 46.02 -21.30
N GLU D 446 -8.52 47.22 -20.81
CA GLU D 446 -9.14 47.77 -19.62
C GLU D 446 -10.64 47.49 -19.53
N ASN D 447 -11.07 46.94 -18.39
CA ASN D 447 -12.49 46.77 -18.09
C ASN D 447 -13.20 45.72 -18.96
N ASP D 448 -12.44 44.95 -19.74
CA ASP D 448 -12.99 43.80 -20.49
C ASP D 448 -12.75 42.53 -19.65
N TYR D 449 -13.76 42.16 -18.86
CA TYR D 449 -13.65 41.04 -17.94
C TYR D 449 -13.63 39.68 -18.62
N VAL D 450 -14.09 39.57 -19.87
CA VAL D 450 -13.96 38.26 -20.52
C VAL D 450 -12.50 38.03 -20.90
N VAL D 451 -11.83 39.06 -21.42
CA VAL D 451 -10.40 38.95 -21.70
C VAL D 451 -9.66 38.65 -20.41
N GLY D 452 -9.98 39.39 -19.35
CA GLY D 452 -9.31 39.21 -18.06
C GLY D 452 -9.47 37.80 -17.51
N ALA D 453 -10.70 37.30 -17.56
CA ALA D 453 -11.04 35.97 -17.04
C ALA D 453 -10.34 34.88 -17.86
N ASN D 454 -10.31 35.05 -19.17
CA ASN D 454 -9.69 34.05 -20.04
C ASN D 454 -8.21 33.99 -19.81
N ILE D 455 -7.56 35.14 -19.79
CA ILE D 455 -6.13 35.17 -19.65
C ILE D 455 -5.70 34.75 -18.24
N ALA D 456 -6.40 35.24 -17.21
CA ALA D 456 -5.96 34.96 -15.85
C ALA D 456 -6.11 33.46 -15.55
N GLY D 457 -7.19 32.84 -16.03
CA GLY D 457 -7.36 31.40 -15.76
C GLY D 457 -6.22 30.58 -16.38
N PHE D 458 -5.84 30.94 -17.62
CA PHE D 458 -4.72 30.28 -18.28
C PHE D 458 -3.37 30.52 -17.60
N LYS D 459 -3.04 31.78 -17.32
CA LYS D 459 -1.71 32.09 -16.87
C LYS D 459 -1.36 31.45 -15.54
N LYS D 460 -2.34 31.31 -14.64
CA LYS D 460 -2.00 30.74 -13.34
C LYS D 460 -1.63 29.27 -13.50
N VAL D 461 -2.40 28.56 -14.31
CA VAL D 461 -2.10 27.13 -14.62
C VAL D 461 -0.74 27.05 -15.30
N ALA D 462 -0.53 27.88 -16.31
CA ALA D 462 0.71 27.82 -17.07
C ALA D 462 1.95 28.06 -16.22
N ASP D 463 1.90 29.09 -15.36
CA ASP D 463 3.00 29.45 -14.47
C ASP D 463 3.34 28.27 -13.55
N ALA D 464 2.29 27.65 -12.99
CA ALA D 464 2.47 26.50 -12.09
C ALA D 464 3.06 25.29 -12.83
N MET D 465 2.63 25.08 -14.08
CA MET D 465 3.16 24.00 -14.91
C MET D 465 4.64 24.22 -15.24
N LEU D 466 5.02 25.43 -15.63
CA LEU D 466 6.43 25.75 -15.84
C LEU D 466 7.28 25.48 -14.59
N ALA D 467 6.77 25.84 -13.42
CA ALA D 467 7.53 25.65 -12.20
C ALA D 467 7.72 24.18 -11.88
N GLN D 468 6.75 23.35 -12.23
CA GLN D 468 6.76 21.97 -11.73
C GLN D 468 7.41 20.98 -12.68
N GLY D 469 7.87 21.50 -13.81
CA GLY D 469 8.71 20.70 -14.71
C GLY D 469 7.92 19.81 -15.65
N VAL D 470 8.65 19.02 -16.46
CA VAL D 470 8.03 18.14 -17.45
C VAL D 470 7.56 16.87 -16.76
N ILE D 471 6.26 16.81 -16.55
CA ILE D 471 5.60 15.74 -15.78
C ILE D 471 4.27 15.41 -16.40
N HIS E 9 11.84 -22.43 32.18
CA HIS E 9 10.81 -22.78 31.16
C HIS E 9 10.34 -21.55 30.33
N HIS E 10 10.69 -20.35 30.79
CA HIS E 10 10.25 -19.09 30.12
C HIS E 10 8.74 -19.00 29.92
N GLY E 11 7.99 -19.48 30.92
CA GLY E 11 6.53 -19.53 30.84
C GLY E 11 6.12 -20.87 30.29
N GLY E 12 5.96 -21.86 31.17
CA GLY E 12 5.50 -23.17 30.74
C GLY E 12 3.99 -23.23 30.74
N LEU E 13 3.44 -24.44 30.85
CA LEU E 13 1.99 -24.60 30.92
C LEU E 13 1.38 -23.74 32.05
N VAL E 14 2.14 -23.58 33.15
CA VAL E 14 1.76 -22.65 34.23
C VAL E 14 2.93 -21.72 34.54
N PRO E 15 2.78 -20.40 34.29
CA PRO E 15 3.89 -19.50 34.62
C PRO E 15 4.07 -19.36 36.13
N ARG E 16 5.28 -19.02 36.54
CA ARG E 16 5.58 -18.76 37.94
C ARG E 16 5.08 -17.37 38.33
N GLY E 17 4.40 -17.30 39.48
CA GLY E 17 3.92 -16.03 40.06
C GLY E 17 4.41 -15.88 41.50
N GLY E 21 1.77 -19.88 40.99
CA GLY E 21 1.82 -20.95 39.99
C GLY E 21 2.87 -22.01 40.29
N SER E 22 2.64 -22.79 41.34
CA SER E 22 3.60 -23.75 41.89
C SER E 22 4.40 -24.60 40.89
N GLU E 23 5.72 -24.54 41.03
CA GLU E 23 6.65 -25.35 40.26
C GLU E 23 6.55 -26.85 40.59
N PHE E 24 5.78 -27.20 41.63
CA PHE E 24 5.63 -28.59 42.09
C PHE E 24 4.53 -29.35 41.34
N MET E 25 3.78 -28.67 40.48
CA MET E 25 2.57 -29.27 39.92
C MET E 25 2.86 -30.43 38.97
N THR E 26 2.03 -31.46 39.02
CA THR E 26 2.13 -32.57 38.06
C THR E 26 1.68 -32.06 36.69
N VAL E 27 1.99 -32.82 35.64
CA VAL E 27 1.50 -32.45 34.30
C VAL E 27 -0.04 -32.38 34.29
N ASP E 28 -0.70 -33.36 34.93
CA ASP E 28 -2.17 -33.32 35.04
C ASP E 28 -2.67 -32.01 35.69
N GLU E 29 -2.02 -31.61 36.78
CA GLU E 29 -2.37 -30.35 37.47
C GLU E 29 -2.13 -29.13 36.59
N GLN E 30 -1.03 -29.14 35.84
CA GLN E 30 -0.71 -28.01 34.93
C GLN E 30 -1.73 -27.92 33.81
N VAL E 31 -2.09 -29.06 33.22
CA VAL E 31 -3.09 -29.07 32.14
C VAL E 31 -4.41 -28.50 32.66
N SER E 32 -4.82 -28.92 33.86
CA SER E 32 -6.11 -28.47 34.42
C SER E 32 -6.10 -26.98 34.68
N ASN E 33 -4.96 -26.48 35.12
CA ASN E 33 -4.77 -25.05 35.41
C ASN E 33 -4.98 -24.24 34.12
N TYR E 34 -4.30 -24.63 33.05
CA TYR E 34 -4.43 -23.90 31.79
C TYR E 34 -5.85 -24.03 31.25
N TYR E 35 -6.41 -25.23 31.32
CA TYR E 35 -7.75 -25.50 30.81
C TYR E 35 -8.77 -24.61 31.51
N ASP E 36 -8.65 -24.45 32.83
CA ASP E 36 -9.50 -23.53 33.60
C ASP E 36 -9.48 -22.11 33.03
N MET E 37 -8.28 -21.62 32.74
CA MET E 37 -8.09 -20.27 32.18
C MET E 37 -8.69 -20.18 30.79
N LEU E 38 -8.53 -21.24 30.00
CA LEU E 38 -9.15 -21.27 28.66
C LEU E 38 -10.65 -21.12 28.74
N LEU E 39 -11.28 -21.85 29.65
CA LEU E 39 -12.74 -21.77 29.80
C LEU E 39 -13.19 -20.36 30.17
N LYS E 40 -12.43 -19.67 31.01
CA LYS E 40 -12.77 -18.30 31.45
C LYS E 40 -12.67 -17.31 30.28
N ARG E 41 -11.64 -17.47 29.46
CA ARG E 41 -11.45 -16.53 28.34
C ARG E 41 -12.42 -16.83 27.20
N ASN E 42 -12.77 -18.11 27.04
CA ASN E 42 -13.60 -18.56 25.91
C ASN E 42 -14.96 -19.12 26.38
N ALA E 43 -15.64 -18.37 27.24
CA ALA E 43 -16.93 -18.79 27.78
C ALA E 43 -17.91 -19.16 26.68
N GLY E 44 -18.60 -20.28 26.85
CA GLY E 44 -19.69 -20.65 25.96
C GLY E 44 -19.31 -21.26 24.64
N GLU E 45 -18.13 -21.85 24.57
CA GLU E 45 -17.61 -22.47 23.36
C GLU E 45 -17.24 -23.94 23.62
N PRO E 46 -18.25 -24.81 23.89
CA PRO E 46 -17.91 -26.17 24.35
C PRO E 46 -17.18 -27.08 23.35
N GLU E 47 -17.46 -26.93 22.05
CA GLU E 47 -16.78 -27.72 21.04
C GLU E 47 -15.30 -27.34 21.00
N PHE E 48 -15.01 -26.04 21.03
CA PHE E 48 -13.62 -25.57 21.09
C PHE E 48 -12.92 -26.07 22.35
N HIS E 49 -13.60 -26.01 23.49
CA HIS E 49 -12.98 -26.50 24.75
C HIS E 49 -12.59 -27.97 24.62
N GLN E 50 -13.49 -28.76 24.05
CA GLN E 50 -13.24 -30.21 23.94
C GLN E 50 -12.05 -30.49 23.00
N ALA E 51 -11.95 -29.72 21.93
CA ALA E 51 -10.83 -29.83 20.98
C ALA E 51 -9.51 -29.48 21.66
N VAL E 52 -9.51 -28.42 22.48
CA VAL E 52 -8.31 -28.06 23.20
C VAL E 52 -7.96 -29.14 24.22
N ALA E 53 -8.97 -29.64 24.93
CA ALA E 53 -8.73 -30.69 25.90
C ALA E 53 -8.03 -31.88 25.24
N GLU E 54 -8.47 -32.26 24.02
CA GLU E 54 -7.88 -33.40 23.31
C GLU E 54 -6.40 -33.14 22.97
N VAL E 55 -6.09 -31.91 22.55
CA VAL E 55 -4.72 -31.54 22.23
C VAL E 55 -3.86 -31.61 23.50
N LEU E 56 -4.40 -31.09 24.61
CA LEU E 56 -3.71 -31.09 25.91
C LEU E 56 -3.37 -32.52 26.34
N GLU E 57 -4.28 -33.45 26.10
CA GLU E 57 -3.98 -34.87 26.35
C GLU E 57 -2.80 -35.40 25.56
N SER E 58 -2.71 -35.02 24.28
CA SER E 58 -1.57 -35.37 23.43
C SER E 58 -0.26 -34.81 23.94
N LEU E 59 -0.30 -33.56 24.39
CA LEU E 59 0.82 -32.90 24.96
C LEU E 59 1.37 -33.67 26.16
N LYS E 60 0.48 -34.25 26.98
CA LYS E 60 0.92 -34.98 28.20
C LYS E 60 1.96 -36.05 27.83
N ILE E 61 1.64 -36.79 26.77
CA ILE E 61 2.47 -37.86 26.24
C ILE E 61 3.82 -37.28 25.78
N VAL E 62 3.77 -36.17 25.04
CA VAL E 62 4.95 -35.48 24.56
C VAL E 62 5.83 -34.92 25.70
N LEU E 63 5.21 -34.29 26.69
CA LEU E 63 5.92 -33.74 27.87
C LEU E 63 6.63 -34.82 28.71
N GLU E 64 6.06 -36.03 28.73
CA GLU E 64 6.65 -37.17 29.45
C GLU E 64 8.08 -37.46 28.97
N LYS E 65 8.32 -37.19 27.69
CA LYS E 65 9.62 -37.40 27.07
C LYS E 65 10.40 -36.09 26.86
N ASP E 66 9.79 -35.13 26.16
CA ASP E 66 10.43 -33.85 25.79
C ASP E 66 9.75 -32.64 26.47
N PRO E 67 10.14 -32.32 27.71
CA PRO E 67 9.52 -31.20 28.44
C PRO E 67 10.10 -29.82 28.10
N HIS E 68 10.14 -29.51 26.81
CA HIS E 68 10.48 -28.17 26.35
C HIS E 68 9.34 -27.69 25.48
N TYR E 69 8.43 -28.62 25.16
CA TYR E 69 7.33 -28.34 24.26
C TYR E 69 6.32 -27.39 24.81
N ALA E 70 6.42 -27.08 26.09
CA ALA E 70 5.50 -26.12 26.62
C ALA E 70 6.20 -24.81 26.96
N ASP E 71 7.53 -24.81 26.79
CA ASP E 71 8.33 -23.62 27.11
C ASP E 71 8.01 -22.42 26.20
N TYR E 72 8.32 -21.22 26.67
CA TYR E 72 8.07 -19.99 25.93
C TYR E 72 6.58 -19.76 25.65
N GLY E 73 5.73 -20.22 26.58
CA GLY E 73 4.28 -20.04 26.46
C GLY E 73 3.72 -20.63 25.17
N LEU E 74 4.29 -21.74 24.74
CA LEU E 74 3.90 -22.38 23.50
C LEU E 74 2.40 -22.67 23.44
N ILE E 75 1.87 -23.30 24.49
CA ILE E 75 0.48 -23.71 24.51
C ILE E 75 -0.45 -22.51 24.62
N GLN E 76 -0.05 -21.51 25.40
CA GLN E 76 -0.86 -20.29 25.53
C GLN E 76 -0.95 -19.58 24.18
N ARG E 77 0.17 -19.60 23.45
CA ARG E 77 0.15 -19.01 22.10
C ARG E 77 -0.70 -19.83 21.13
N LEU E 78 -0.48 -21.13 21.15
CA LEU E 78 -1.14 -22.02 20.20
C LEU E 78 -2.66 -21.96 20.30
N CYS E 79 -3.18 -21.91 21.52
CA CYS E 79 -4.63 -21.98 21.69
C CYS E 79 -5.36 -20.63 21.59
N GLU E 80 -4.63 -19.57 21.30
CA GLU E 80 -5.24 -18.24 21.12
C GLU E 80 -5.08 -17.88 19.64
N PRO E 81 -6.18 -17.67 18.90
CA PRO E 81 -5.99 -17.34 17.49
C PRO E 81 -5.11 -16.13 17.24
N GLU E 82 -4.28 -16.20 16.20
CA GLU E 82 -3.50 -15.01 15.82
C GLU E 82 -4.45 -13.83 15.56
N ARG E 83 -5.56 -14.07 14.85
CA ARG E 83 -6.50 -13.00 14.55
C ARG E 83 -7.87 -13.58 14.31
N GLN E 84 -8.90 -12.84 14.68
CA GLN E 84 -10.30 -13.24 14.42
C GLN E 84 -11.02 -12.00 13.90
N LEU E 85 -11.80 -12.21 12.84
CA LEU E 85 -12.58 -11.14 12.25
C LEU E 85 -14.06 -11.53 12.28
N ILE E 86 -14.89 -10.60 12.75
CA ILE E 86 -16.35 -10.77 12.74
C ILE E 86 -16.83 -9.48 12.07
N PHE E 87 -17.79 -9.60 11.17
CA PHE E 87 -18.15 -8.41 10.40
C PHE E 87 -19.59 -8.43 9.91
N ARG E 88 -20.15 -7.24 9.75
CA ARG E 88 -21.51 -7.09 9.21
C ARG E 88 -21.52 -7.46 7.71
N VAL E 89 -22.52 -8.24 7.30
CA VAL E 89 -22.71 -8.51 5.89
C VAL E 89 -24.14 -8.05 5.52
N PRO E 90 -24.29 -6.80 5.07
CA PRO E 90 -25.61 -6.32 4.64
C PRO E 90 -25.86 -6.75 3.19
N TRP E 91 -27.09 -7.17 2.88
CA TRP E 91 -27.39 -7.56 1.51
C TRP E 91 -28.86 -7.36 1.28
N VAL E 92 -29.25 -7.31 0.01
CA VAL E 92 -30.63 -6.99 -0.36
C VAL E 92 -31.22 -8.20 -1.09
N ASP E 93 -32.43 -8.60 -0.69
CA ASP E 93 -33.05 -9.74 -1.36
C ASP E 93 -33.78 -9.33 -2.66
N ASP E 94 -34.33 -10.32 -3.33
CA ASP E 94 -34.95 -10.11 -4.64
C ASP E 94 -36.20 -9.22 -4.58
N GLN E 95 -36.74 -9.04 -3.38
CA GLN E 95 -37.90 -8.18 -3.17
C GLN E 95 -37.50 -6.80 -2.69
N GLY E 96 -36.19 -6.55 -2.67
CA GLY E 96 -35.70 -5.24 -2.27
C GLY E 96 -35.62 -4.99 -0.76
N GLN E 97 -35.66 -6.05 0.04
CA GLN E 97 -35.59 -5.95 1.49
C GLN E 97 -34.16 -6.15 1.96
N VAL E 98 -33.66 -5.24 2.80
CA VAL E 98 -32.31 -5.32 3.35
C VAL E 98 -32.26 -6.35 4.48
N HIS E 99 -31.25 -7.21 4.43
CA HIS E 99 -30.98 -8.16 5.49
C HIS E 99 -29.58 -7.95 6.01
N VAL E 100 -29.35 -8.43 7.23
CA VAL E 100 -28.01 -8.37 7.82
C VAL E 100 -27.65 -9.73 8.35
N ASN E 101 -26.50 -10.26 7.93
CA ASN E 101 -25.97 -11.48 8.52
C ASN E 101 -24.58 -11.22 9.09
N ARG E 102 -24.07 -12.14 9.89
CA ARG E 102 -22.75 -11.98 10.49
C ARG E 102 -21.73 -12.83 9.74
N GLY E 103 -20.59 -12.24 9.43
CA GLY E 103 -19.48 -12.94 8.74
C GLY E 103 -18.35 -13.18 9.74
N PHE E 104 -17.57 -14.23 9.50
CA PHE E 104 -16.47 -14.66 10.38
C PHE E 104 -15.26 -15.10 9.60
N ARG E 105 -14.06 -14.77 10.08
CA ARG E 105 -12.88 -15.46 9.62
C ARG E 105 -11.91 -15.55 10.79
N VAL E 106 -11.68 -16.76 11.26
CA VAL E 106 -10.69 -16.99 12.33
C VAL E 106 -9.39 -17.44 11.68
N GLN E 107 -8.34 -16.66 11.90
CA GLN E 107 -7.02 -16.93 11.33
C GLN E 107 -6.19 -17.48 12.49
N PHE E 108 -6.23 -18.80 12.62
CA PHE E 108 -5.81 -19.40 13.87
C PHE E 108 -4.30 -19.50 14.00
N ASN E 109 -3.63 -20.07 13.00
CA ASN E 109 -2.18 -20.30 13.11
C ASN E 109 -1.58 -20.29 11.73
N SER E 110 -0.46 -19.58 11.59
CA SER E 110 0.25 -19.49 10.33
C SER E 110 1.70 -19.96 10.43
N ALA E 111 2.04 -20.75 11.45
CA ALA E 111 3.46 -21.16 11.55
C ALA E 111 3.99 -21.94 10.36
N LEU E 112 3.16 -22.81 9.76
CA LEU E 112 3.61 -23.69 8.67
C LEU E 112 3.29 -23.18 7.26
N GLY E 113 2.43 -22.16 7.17
CA GLY E 113 2.02 -21.61 5.87
C GLY E 113 0.91 -20.60 6.06
N PRO E 114 0.32 -20.12 4.96
CA PRO E 114 -0.82 -19.21 5.01
C PRO E 114 -1.94 -19.87 5.80
N TYR E 115 -2.78 -19.11 6.49
CA TYR E 115 -4.02 -19.72 7.04
C TYR E 115 -4.76 -20.47 5.94
N LYS E 116 -5.29 -21.65 6.27
CA LYS E 116 -6.00 -22.46 5.31
C LYS E 116 -7.20 -23.10 5.99
N GLY E 117 -8.37 -23.00 5.36
CA GLY E 117 -9.58 -23.62 5.89
C GLY E 117 -10.80 -23.07 5.17
N GLY E 118 -11.88 -23.84 5.20
CA GLY E 118 -13.03 -23.43 4.41
C GLY E 118 -13.97 -22.41 5.09
N LEU E 119 -15.01 -22.11 4.34
CA LEU E 119 -16.02 -21.15 4.71
C LEU E 119 -17.33 -21.90 4.74
N ARG E 120 -18.11 -21.72 5.80
CA ARG E 120 -19.41 -22.38 5.94
C ARG E 120 -20.52 -21.33 6.01
N PHE E 121 -21.55 -21.45 5.16
CA PHE E 121 -22.74 -20.58 5.27
C PHE E 121 -23.88 -21.46 5.75
N HIS E 122 -24.27 -21.28 7.01
CA HIS E 122 -25.34 -22.07 7.62
C HIS E 122 -25.77 -21.35 8.90
N PRO E 123 -27.06 -21.41 9.26
CA PRO E 123 -27.49 -20.63 10.41
C PRO E 123 -26.90 -21.08 11.76
N SER E 124 -26.27 -22.25 11.77
CA SER E 124 -25.63 -22.79 12.96
C SER E 124 -24.29 -22.12 13.23
N VAL E 125 -23.80 -21.37 12.24
CA VAL E 125 -22.45 -20.79 12.34
C VAL E 125 -22.40 -19.62 13.34
N ASN E 126 -21.42 -19.69 14.24
CA ASN E 126 -21.11 -18.59 15.14
C ASN E 126 -19.62 -18.61 15.48
N LEU E 127 -19.14 -17.62 16.25
CA LEU E 127 -17.69 -17.54 16.47
C LEU E 127 -17.12 -18.78 17.15
N GLY E 128 -17.85 -19.32 18.13
CA GLY E 128 -17.39 -20.51 18.85
C GLY E 128 -17.21 -21.73 17.95
N ILE E 129 -18.10 -21.89 16.97
CA ILE E 129 -18.05 -23.00 16.04
C ILE E 129 -16.86 -22.79 15.07
N VAL E 130 -16.71 -21.57 14.60
CA VAL E 130 -15.61 -21.24 13.70
C VAL E 130 -14.25 -21.45 14.39
N LYS E 131 -14.16 -21.05 15.66
CA LYS E 131 -12.93 -21.23 16.46
C LYS E 131 -12.60 -22.71 16.64
N PHE E 132 -13.61 -23.50 16.98
CA PHE E 132 -13.48 -24.94 17.08
C PHE E 132 -12.93 -25.58 15.80
N LEU E 133 -13.57 -25.31 14.68
CA LEU E 133 -13.21 -25.91 13.42
C LEU E 133 -11.82 -25.38 13.00
N GLY E 134 -11.56 -24.09 13.25
CA GLY E 134 -10.27 -23.45 12.85
C GLY E 134 -9.11 -24.05 13.64
N PHE E 135 -9.37 -24.33 14.90
CA PHE E 135 -8.35 -24.93 15.78
C PHE E 135 -8.03 -26.33 15.25
N GLU E 136 -9.06 -27.13 14.97
CA GLU E 136 -8.79 -28.47 14.47
C GLU E 136 -8.10 -28.47 13.09
N GLN E 137 -8.39 -27.46 12.28
CA GLN E 137 -7.74 -27.29 10.97
C GLN E 137 -6.24 -27.22 11.10
N ILE E 138 -5.78 -26.56 12.15
CA ILE E 138 -4.32 -26.36 12.30
C ILE E 138 -3.65 -27.72 12.21
N PHE E 139 -4.16 -28.69 12.97
CA PHE E 139 -3.43 -29.95 13.17
C PHE E 139 -3.62 -30.93 12.03
N LYS E 140 -4.82 -30.97 11.44
CA LYS E 140 -5.02 -31.85 10.27
C LYS E 140 -4.19 -31.31 9.09
N ASN E 141 -4.10 -29.98 8.97
CA ASN E 141 -3.33 -29.35 7.89
C ASN E 141 -1.85 -29.57 8.09
N SER E 142 -1.39 -29.46 9.33
CA SER E 142 -0.02 -29.81 9.69
C SER E 142 0.31 -31.25 9.29
N LEU E 143 -0.60 -32.15 9.60
CA LEU E 143 -0.36 -33.58 9.42
C LEU E 143 -0.19 -33.95 7.95
N THR E 144 -0.77 -33.18 7.03
CA THR E 144 -0.60 -33.45 5.61
C THR E 144 0.87 -33.41 5.18
N GLY E 145 1.70 -32.72 5.97
CA GLY E 145 3.09 -32.52 5.62
C GLY E 145 3.31 -31.36 4.67
N LEU E 146 2.23 -30.68 4.26
CA LEU E 146 2.29 -29.59 3.28
C LEU E 146 2.24 -28.25 3.99
N PRO E 147 2.72 -27.19 3.31
CA PRO E 147 2.93 -25.90 3.95
C PRO E 147 1.67 -25.06 4.03
N ILE E 148 0.82 -25.44 4.98
CA ILE E 148 -0.46 -24.76 5.20
C ILE E 148 -0.73 -24.61 6.70
N GLY E 149 -1.22 -23.42 7.07
CA GLY E 149 -1.60 -23.14 8.46
C GLY E 149 -3.08 -23.51 8.62
N GLY E 150 -3.75 -22.86 9.57
CA GLY E 150 -5.12 -23.24 9.92
C GLY E 150 -6.01 -22.05 10.18
N GLY E 151 -7.18 -22.08 9.56
CA GLY E 151 -8.20 -21.10 9.81
C GLY E 151 -9.56 -21.62 9.38
N LYS E 152 -10.58 -20.80 9.60
CA LYS E 152 -11.94 -21.19 9.22
C LYS E 152 -12.78 -19.93 9.20
N GLY E 153 -13.88 -19.94 8.45
CA GLY E 153 -14.78 -18.79 8.48
C GLY E 153 -16.15 -19.16 7.97
N GLY E 154 -16.97 -18.14 7.72
CA GLY E 154 -18.28 -18.31 7.11
C GLY E 154 -19.25 -17.28 7.58
N SER E 155 -20.53 -17.66 7.60
CA SER E 155 -21.58 -16.73 7.96
C SER E 155 -22.77 -17.50 8.49
N ASP E 156 -23.60 -16.85 9.29
CA ASP E 156 -24.90 -17.44 9.67
C ASP E 156 -25.98 -17.28 8.57
N PHE E 157 -25.65 -16.63 7.47
CA PHE E 157 -26.47 -16.64 6.26
C PHE E 157 -26.96 -18.05 5.91
N ASP E 158 -28.26 -18.16 5.61
CA ASP E 158 -28.83 -19.45 5.22
C ASP E 158 -29.14 -19.47 3.74
N PRO E 159 -28.35 -20.23 2.94
CA PRO E 159 -28.56 -20.22 1.48
C PRO E 159 -29.84 -20.93 1.06
N LYS E 160 -30.42 -21.71 1.98
CA LYS E 160 -31.63 -22.50 1.65
C LYS E 160 -32.73 -21.53 1.24
N GLY E 161 -33.30 -21.74 0.06
CA GLY E 161 -34.39 -20.89 -0.41
C GLY E 161 -34.00 -19.62 -1.15
N LYS E 162 -32.70 -19.38 -1.28
CA LYS E 162 -32.22 -18.12 -1.86
C LYS E 162 -31.98 -18.33 -3.33
N SER E 163 -32.25 -17.29 -4.13
CA SER E 163 -32.02 -17.37 -5.54
C SER E 163 -30.53 -17.28 -5.81
N ASP E 164 -30.12 -17.64 -7.02
CA ASP E 164 -28.73 -17.45 -7.44
C ASP E 164 -28.29 -15.98 -7.29
N LEU E 165 -29.11 -15.03 -7.73
CA LEU E 165 -28.75 -13.60 -7.58
C LEU E 165 -28.62 -13.20 -6.12
N GLU E 166 -29.48 -13.73 -5.25
CA GLU E 166 -29.39 -13.44 -3.83
C GLU E 166 -28.10 -14.03 -3.25
N ILE E 167 -27.77 -15.26 -3.60
CA ILE E 167 -26.49 -15.85 -3.15
C ILE E 167 -25.29 -15.05 -3.68
N MET E 168 -25.38 -14.62 -4.94
CA MET E 168 -24.31 -13.82 -5.55
C MET E 168 -24.13 -12.50 -4.80
N ARG E 169 -25.23 -11.79 -4.55
CA ARG E 169 -25.11 -10.53 -3.80
C ARG E 169 -24.57 -10.76 -2.37
N PHE E 170 -24.97 -11.87 -1.75
CA PHE E 170 -24.45 -12.17 -0.43
C PHE E 170 -22.94 -12.39 -0.49
N CYS E 171 -22.50 -13.25 -1.44
CA CYS E 171 -21.05 -13.49 -1.60
C CYS E 171 -20.27 -12.20 -1.89
N GLN E 172 -20.84 -11.34 -2.72
CA GLN E 172 -20.18 -10.05 -3.00
C GLN E 172 -20.11 -9.15 -1.76
N SER E 173 -21.17 -9.07 -0.97
CA SER E 173 -21.09 -8.26 0.26
C SER E 173 -20.05 -8.85 1.22
N PHE E 174 -20.07 -10.16 1.34
CA PHE E 174 -19.17 -10.87 2.25
C PHE E 174 -17.72 -10.60 1.84
N MET E 175 -17.43 -10.74 0.54
CA MET E 175 -16.07 -10.54 0.03
C MET E 175 -15.63 -9.06 0.01
N THR E 176 -16.60 -8.14 -0.06
CA THR E 176 -16.27 -6.71 0.05
C THR E 176 -15.50 -6.41 1.34
N GLU E 177 -15.84 -7.10 2.43
CA GLU E 177 -15.02 -7.02 3.63
C GLU E 177 -13.86 -7.99 3.64
N LEU E 178 -14.09 -9.25 3.26
CA LEU E 178 -13.07 -10.27 3.52
C LEU E 178 -11.79 -10.08 2.69
N HIS E 179 -11.89 -9.39 1.54
CA HIS E 179 -10.78 -9.37 0.61
C HIS E 179 -9.56 -8.75 1.26
N ARG E 180 -9.77 -7.77 2.14
CA ARG E 180 -8.63 -7.08 2.74
C ARG E 180 -7.85 -7.95 3.73
N HIS E 181 -8.43 -9.08 4.13
CA HIS E 181 -7.81 -9.95 5.14
C HIS E 181 -7.19 -11.22 4.58
N ILE E 182 -7.31 -11.42 3.28
CA ILE E 182 -6.90 -12.68 2.64
C ILE E 182 -5.92 -12.44 1.50
N GLY E 183 -5.42 -13.53 0.90
CA GLY E 183 -4.43 -13.44 -0.17
C GLY E 183 -3.57 -14.68 -0.27
N GLU E 184 -2.86 -14.82 -1.39
CA GLU E 184 -2.13 -16.05 -1.72
C GLU E 184 -1.17 -16.49 -0.63
N TYR E 185 -0.59 -15.53 0.09
CA TYR E 185 0.33 -15.82 1.19
C TYR E 185 -0.28 -15.57 2.55
N ARG E 186 -1.44 -14.92 2.59
CA ARG E 186 -2.02 -14.42 3.83
C ARG E 186 -3.00 -15.45 4.38
N ASP E 187 -4.02 -15.74 3.58
CA ASP E 187 -5.09 -16.62 4.02
C ASP E 187 -5.78 -17.09 2.75
N VAL E 188 -5.91 -18.40 2.60
CA VAL E 188 -6.47 -19.02 1.42
C VAL E 188 -7.72 -19.86 1.84
N PRO E 189 -8.91 -19.27 1.74
CA PRO E 189 -10.11 -20.01 2.07
C PRO E 189 -10.51 -21.03 0.99
N ALA E 190 -11.67 -21.62 1.23
CA ALA E 190 -12.18 -22.77 0.46
C ALA E 190 -13.64 -22.93 0.82
N GLY E 191 -14.28 -23.92 0.19
CA GLY E 191 -15.69 -24.22 0.49
C GLY E 191 -15.87 -25.11 1.72
N ASP E 192 -17.15 -25.38 2.02
CA ASP E 192 -17.61 -26.21 3.13
C ASP E 192 -19.13 -26.16 2.98
N ILE E 193 -19.87 -26.57 4.01
CA ILE E 193 -21.35 -26.53 3.93
C ILE E 193 -21.84 -25.15 3.54
N GLY E 194 -22.68 -25.09 2.51
CA GLY E 194 -23.23 -23.83 2.05
C GLY E 194 -22.35 -23.01 1.11
N VAL E 195 -21.10 -23.45 0.94
CA VAL E 195 -20.15 -22.80 0.05
C VAL E 195 -19.55 -23.86 -0.88
N GLY E 196 -20.18 -24.01 -2.03
CA GLY E 196 -19.70 -24.94 -3.03
C GLY E 196 -19.05 -24.24 -4.21
N GLY E 197 -18.95 -24.92 -5.33
CA GLY E 197 -18.36 -24.34 -6.54
C GLY E 197 -19.04 -23.04 -6.96
N ARG E 198 -20.36 -22.99 -6.86
CA ARG E 198 -21.10 -21.78 -7.22
C ARG E 198 -20.61 -20.57 -6.42
N GLU E 199 -20.52 -20.75 -5.10
CA GLU E 199 -20.17 -19.65 -4.19
C GLU E 199 -18.69 -19.32 -4.33
N ILE E 200 -17.86 -20.33 -4.49
CA ILE E 200 -16.42 -20.07 -4.70
C ILE E 200 -16.19 -19.22 -5.96
N GLY E 201 -16.98 -19.50 -7.02
CA GLY E 201 -16.93 -18.64 -8.20
C GLY E 201 -17.31 -17.19 -7.92
N TYR E 202 -18.43 -16.97 -7.20
CA TYR E 202 -18.85 -15.62 -6.91
C TYR E 202 -17.88 -14.92 -6.00
N LEU E 203 -17.33 -15.67 -5.04
CA LEU E 203 -16.34 -15.11 -4.09
C LEU E 203 -15.04 -14.73 -4.80
N PHE E 204 -14.59 -15.62 -5.68
CA PHE E 204 -13.36 -15.35 -6.41
C PHE E 204 -13.50 -14.16 -7.37
N GLY E 205 -14.59 -14.12 -8.11
CA GLY E 205 -14.80 -13.04 -9.07
C GLY E 205 -14.80 -11.71 -8.33
N HIS E 206 -15.57 -11.65 -7.24
CA HIS E 206 -15.61 -10.43 -6.48
C HIS E 206 -14.27 -10.06 -5.84
N TYR E 207 -13.53 -11.06 -5.34
CA TYR E 207 -12.18 -10.80 -4.87
C TYR E 207 -11.34 -10.08 -5.93
N ARG E 208 -11.35 -10.61 -7.16
CA ARG E 208 -10.56 -10.01 -8.24
C ARG E 208 -11.01 -8.57 -8.48
N ARG E 209 -12.32 -8.32 -8.41
CA ARG E 209 -12.84 -6.95 -8.60
C ARG E 209 -12.34 -6.01 -7.49
N MET E 210 -12.30 -6.48 -6.24
CA MET E 210 -11.83 -5.64 -5.12
C MET E 210 -10.34 -5.37 -5.18
N ALA E 211 -9.59 -6.42 -5.48
CA ALA E 211 -8.13 -6.35 -5.47
C ALA E 211 -7.56 -5.83 -6.77
N ASN E 212 -8.39 -5.80 -7.81
CA ASN E 212 -7.93 -5.52 -9.19
C ASN E 212 -6.74 -6.37 -9.58
N GLN E 213 -6.83 -7.65 -9.27
CA GLN E 213 -5.93 -8.61 -9.90
CA GLN E 213 -5.87 -8.61 -9.83
C GLN E 213 -6.38 -10.04 -9.83
N HIS E 214 -5.84 -10.77 -10.77
CA HIS E 214 -6.26 -12.13 -10.99
C HIS E 214 -5.35 -13.03 -10.20
N GLU E 215 -5.58 -13.07 -8.90
CA GLU E 215 -4.68 -13.74 -7.96
C GLU E 215 -5.29 -15.11 -7.67
N SER E 216 -4.91 -16.10 -8.49
CA SER E 216 -5.52 -17.44 -8.44
C SER E 216 -5.35 -18.09 -7.06
N GLY E 217 -4.20 -17.83 -6.44
CA GLY E 217 -3.86 -18.45 -5.15
C GLY E 217 -4.68 -18.00 -3.93
N VAL E 218 -5.58 -17.06 -4.13
CA VAL E 218 -6.44 -16.56 -3.02
C VAL E 218 -7.45 -17.57 -2.48
N LEU E 219 -7.89 -18.50 -3.33
CA LEU E 219 -8.91 -19.46 -2.92
C LEU E 219 -8.58 -20.79 -3.53
N THR E 220 -9.08 -21.85 -2.90
CA THR E 220 -9.06 -23.17 -3.54
C THR E 220 -10.52 -23.63 -3.78
N GLY E 221 -10.67 -24.68 -4.56
CA GLY E 221 -12.01 -25.11 -5.01
C GLY E 221 -12.49 -24.40 -6.26
N LYS E 222 -11.56 -23.77 -6.96
CA LYS E 222 -11.90 -23.00 -8.17
C LYS E 222 -12.20 -23.91 -9.36
N GLY E 223 -12.90 -23.36 -10.34
CA GLY E 223 -13.29 -24.11 -11.54
C GLY E 223 -12.08 -24.44 -12.40
N LEU E 224 -12.16 -25.54 -13.13
CA LEU E 224 -11.00 -26.01 -13.92
C LEU E 224 -10.43 -25.02 -14.92
N THR E 225 -11.28 -24.17 -15.48
CA THR E 225 -10.82 -23.24 -16.52
C THR E 225 -10.32 -21.92 -15.96
N TRP E 226 -10.41 -21.73 -14.63
CA TRP E 226 -9.94 -20.47 -14.03
C TRP E 226 -9.16 -20.79 -12.74
N GLY E 227 -8.24 -21.74 -12.85
CA GLY E 227 -7.27 -21.97 -11.79
C GLY E 227 -7.52 -23.14 -10.86
N GLY E 228 -8.49 -23.97 -11.17
CA GLY E 228 -8.78 -25.12 -10.33
C GLY E 228 -7.86 -26.31 -10.60
N SER E 229 -8.07 -27.36 -9.82
CA SER E 229 -7.25 -28.56 -9.94
C SER E 229 -8.10 -29.77 -10.24
N LEU E 230 -7.59 -30.62 -11.11
CA LEU E 230 -8.14 -31.98 -11.22
C LEU E 230 -7.94 -32.74 -9.91
N VAL E 231 -8.76 -33.79 -9.73
CA VAL E 231 -8.73 -34.70 -8.56
C VAL E 231 -9.36 -34.13 -7.31
N ARG E 232 -9.75 -32.85 -7.34
CA ARG E 232 -10.40 -32.28 -6.16
C ARG E 232 -11.66 -33.05 -5.79
N THR E 233 -12.52 -33.31 -6.77
CA THR E 233 -13.80 -34.00 -6.51
C THR E 233 -13.54 -35.39 -5.88
N GLU E 234 -12.53 -36.06 -6.39
CA GLU E 234 -12.18 -37.43 -6.00
C GLU E 234 -11.39 -37.50 -4.71
N ALA E 235 -10.83 -36.37 -4.26
CA ALA E 235 -9.69 -36.40 -3.34
C ALA E 235 -9.88 -37.11 -2.00
N THR E 236 -10.97 -36.78 -1.33
CA THR E 236 -11.16 -37.28 0.02
C THR E 236 -11.42 -38.77 -0.01
N GLY E 237 -12.27 -39.21 -0.94
CA GLY E 237 -12.49 -40.67 -1.10
C GLY E 237 -11.25 -41.42 -1.56
N TYR E 238 -10.56 -40.89 -2.56
CA TYR E 238 -9.30 -41.54 -3.04
C TYR E 238 -8.31 -41.63 -1.85
N GLY E 239 -8.16 -40.51 -1.12
CA GLY E 239 -7.23 -40.41 0.04
C GLY E 239 -7.46 -41.48 1.09
N CYS E 240 -8.74 -41.70 1.41
CA CYS E 240 -9.13 -42.65 2.41
C CYS E 240 -8.66 -44.05 1.97
N VAL E 241 -8.83 -44.37 0.69
CA VAL E 241 -8.45 -45.69 0.15
C VAL E 241 -6.90 -45.83 0.14
N TYR E 242 -6.21 -44.77 -0.29
CA TYR E 242 -4.72 -44.77 -0.22
C TYR E 242 -4.25 -44.98 1.20
N PHE E 243 -4.94 -44.35 2.17
CA PHE E 243 -4.52 -44.51 3.57
C PHE E 243 -4.72 -45.95 4.05
N VAL E 244 -5.90 -46.51 3.80
CA VAL E 244 -6.18 -47.88 4.25
C VAL E 244 -5.27 -48.89 3.55
N SER E 245 -4.90 -48.62 2.30
CA SER E 245 -3.97 -49.51 1.59
C SER E 245 -2.64 -49.60 2.36
N GLU E 246 -2.16 -48.45 2.83
CA GLU E 246 -0.94 -48.45 3.64
C GLU E 246 -1.09 -49.20 4.96
N MET E 247 -2.25 -49.07 5.61
CA MET E 247 -2.57 -49.79 6.83
C MET E 247 -2.52 -51.31 6.56
N ILE E 248 -3.08 -51.69 5.41
CA ILE E 248 -3.18 -53.10 5.00
C ILE E 248 -1.77 -53.67 4.73
N LYS E 249 -0.95 -52.92 3.99
CA LYS E 249 0.43 -53.33 3.71
C LYS E 249 1.28 -53.45 4.98
N ALA E 250 1.02 -52.59 5.96
CA ALA E 250 1.77 -52.61 7.23
C ALA E 250 1.60 -53.92 7.96
N LYS E 251 0.46 -54.59 7.73
CA LYS E 251 0.23 -55.96 8.25
C LYS E 251 0.63 -57.07 7.28
N GLY E 252 1.25 -56.72 6.16
CA GLY E 252 1.72 -57.73 5.21
C GLY E 252 0.62 -58.27 4.31
N GLU E 253 -0.53 -57.59 4.33
CA GLU E 253 -1.63 -57.89 3.42
C GLU E 253 -1.63 -56.94 2.23
N SER E 254 -2.55 -57.16 1.29
CA SER E 254 -2.66 -56.27 0.16
C SER E 254 -4.15 -56.01 -0.11
N ILE E 255 -4.46 -54.83 -0.63
CA ILE E 255 -5.86 -54.44 -0.80
C ILE E 255 -6.60 -55.21 -1.91
N SER E 256 -5.86 -55.68 -2.92
CA SER E 256 -6.48 -56.36 -4.05
C SER E 256 -7.12 -57.65 -3.54
N GLY E 257 -8.31 -57.94 -4.05
CA GLY E 257 -9.05 -59.10 -3.62
C GLY E 257 -9.81 -58.97 -2.30
N GLN E 258 -9.70 -57.85 -1.59
CA GLN E 258 -10.41 -57.71 -0.31
C GLN E 258 -11.84 -57.28 -0.54
N LYS E 259 -12.72 -57.58 0.41
CA LYS E 259 -14.11 -57.14 0.35
C LYS E 259 -14.25 -55.93 1.27
N ILE E 260 -14.82 -54.86 0.73
CA ILE E 260 -14.88 -53.59 1.44
C ILE E 260 -16.31 -53.06 1.51
N ILE E 261 -16.71 -52.60 2.69
CA ILE E 261 -17.96 -51.85 2.83
C ILE E 261 -17.64 -50.36 2.77
N VAL E 262 -18.32 -49.62 1.89
CA VAL E 262 -18.19 -48.15 1.90
C VAL E 262 -19.58 -47.56 2.18
N SER E 263 -19.80 -47.10 3.40
CA SER E 263 -21.09 -46.49 3.72
C SER E 263 -21.22 -45.10 3.10
N GLY E 264 -22.48 -44.68 2.89
CA GLY E 264 -22.77 -43.46 2.15
C GLY E 264 -22.76 -43.62 0.64
N SER E 265 -23.14 -42.56 -0.07
CA SER E 265 -23.20 -42.59 -1.50
C SER E 265 -23.03 -41.18 -2.05
N GLY E 266 -22.31 -40.36 -1.27
CA GLY E 266 -22.03 -38.96 -1.64
C GLY E 266 -20.63 -38.81 -2.20
N ASN E 267 -20.06 -37.65 -1.99
CA ASN E 267 -18.76 -37.34 -2.59
C ASN E 267 -17.66 -38.28 -2.08
N VAL E 268 -17.59 -38.48 -0.76
CA VAL E 268 -16.51 -39.29 -0.22
C VAL E 268 -16.73 -40.73 -0.64
N ALA E 269 -17.95 -41.23 -0.44
CA ALA E 269 -18.22 -42.62 -0.76
C ALA E 269 -18.02 -42.99 -2.22
N THR E 270 -18.51 -42.15 -3.13
CA THR E 270 -18.45 -42.43 -4.55
C THR E 270 -17.01 -42.73 -4.97
N TYR E 271 -16.09 -41.88 -4.52
CA TYR E 271 -14.71 -42.02 -4.98
C TYR E 271 -13.85 -42.95 -4.15
N ALA E 272 -14.23 -43.20 -2.91
CA ALA E 272 -13.62 -44.32 -2.16
C ALA E 272 -13.98 -45.60 -2.91
N ILE E 273 -15.23 -45.72 -3.34
CA ILE E 273 -15.60 -46.95 -4.10
C ILE E 273 -14.81 -47.04 -5.40
N GLU E 274 -14.72 -45.93 -6.13
CA GLU E 274 -13.99 -45.91 -7.39
C GLU E 274 -12.54 -46.35 -7.18
N LYS E 275 -11.86 -45.73 -6.23
CA LYS E 275 -10.42 -46.07 -6.05
C LYS E 275 -10.24 -47.50 -5.51
N ALA E 276 -11.08 -47.91 -4.57
CA ALA E 276 -11.00 -49.26 -4.01
C ALA E 276 -11.09 -50.32 -5.12
N GLN E 277 -12.01 -50.13 -6.04
CA GLN E 277 -12.19 -51.07 -7.15
C GLN E 277 -11.09 -50.94 -8.22
N GLU E 278 -10.57 -49.73 -8.43
CA GLU E 278 -9.43 -49.57 -9.31
C GLU E 278 -8.25 -50.42 -8.80
N LEU E 279 -8.11 -50.46 -7.48
CA LEU E 279 -6.98 -51.15 -6.83
C LEU E 279 -7.24 -52.64 -6.59
N GLY E 280 -8.33 -53.15 -7.16
CA GLY E 280 -8.64 -54.60 -7.18
C GLY E 280 -9.51 -55.14 -6.05
N ALA E 281 -9.97 -54.29 -5.15
CA ALA E 281 -10.92 -54.70 -4.11
C ALA E 281 -12.34 -54.75 -4.69
N THR E 282 -13.24 -55.41 -3.96
CA THR E 282 -14.65 -55.47 -4.32
C THR E 282 -15.43 -54.72 -3.25
N VAL E 283 -16.14 -53.65 -3.65
CA VAL E 283 -17.01 -53.02 -2.68
C VAL E 283 -18.36 -53.74 -2.67
N ILE E 284 -18.75 -54.18 -1.48
CA ILE E 284 -19.90 -55.07 -1.33
C ILE E 284 -21.14 -54.38 -0.80
N GLY E 285 -21.04 -53.10 -0.45
CA GLY E 285 -22.20 -52.38 0.01
C GLY E 285 -21.96 -50.87 0.09
N PHE E 286 -23.06 -50.11 0.04
CA PHE E 286 -23.00 -48.68 0.23
C PHE E 286 -24.42 -48.29 0.69
N SER E 287 -24.65 -47.01 0.96
CA SER E 287 -25.90 -46.63 1.62
C SER E 287 -26.26 -45.16 1.45
N ASP E 288 -27.49 -44.82 1.85
CA ASP E 288 -27.86 -43.44 2.18
C ASP E 288 -28.82 -43.50 3.39
N SER E 289 -29.47 -42.39 3.71
CA SER E 289 -30.33 -42.31 4.87
C SER E 289 -31.45 -43.32 4.82
N SER E 290 -31.84 -43.72 3.61
CA SER E 290 -33.02 -44.62 3.42
C SER E 290 -32.72 -46.08 3.71
N GLY E 291 -31.45 -46.44 3.59
CA GLY E 291 -31.09 -47.83 3.79
C GLY E 291 -29.81 -48.16 3.06
N TRP E 292 -29.52 -49.43 2.95
CA TRP E 292 -28.25 -49.86 2.33
C TRP E 292 -28.42 -50.85 1.20
N VAL E 293 -27.42 -50.91 0.33
CA VAL E 293 -27.46 -51.81 -0.83
C VAL E 293 -26.33 -52.81 -0.74
N HIS E 294 -26.65 -54.08 -0.97
CA HIS E 294 -25.68 -55.17 -1.06
C HIS E 294 -25.31 -55.42 -2.51
N THR E 295 -24.01 -55.31 -2.81
CA THR E 295 -23.48 -55.57 -4.15
C THR E 295 -22.37 -56.62 -4.05
N PRO E 296 -22.72 -57.92 -3.99
CA PRO E 296 -21.72 -58.95 -3.74
C PRO E 296 -20.64 -59.04 -4.83
N ASN E 297 -20.96 -58.61 -6.05
CA ASN E 297 -20.07 -58.65 -7.21
C ASN E 297 -19.35 -57.32 -7.43
N GLY E 298 -19.51 -56.38 -6.51
CA GLY E 298 -18.93 -55.05 -6.69
C GLY E 298 -19.93 -54.03 -7.21
N VAL E 299 -19.54 -52.76 -7.13
CA VAL E 299 -20.38 -51.64 -7.47
C VAL E 299 -20.16 -51.20 -8.91
N ASP E 300 -21.25 -50.85 -9.60
CA ASP E 300 -21.17 -50.22 -10.90
C ASP E 300 -21.08 -48.72 -10.63
N VAL E 301 -19.85 -48.19 -10.69
CA VAL E 301 -19.62 -46.77 -10.36
C VAL E 301 -20.40 -45.82 -11.26
N ALA E 302 -20.34 -46.06 -12.56
CA ALA E 302 -21.03 -45.21 -13.54
C ALA E 302 -22.54 -45.18 -13.27
N LYS E 303 -23.14 -46.35 -13.02
CA LYS E 303 -24.53 -46.40 -12.62
C LYS E 303 -24.84 -45.66 -11.33
N LEU E 304 -24.04 -45.85 -10.27
CA LEU E 304 -24.28 -45.14 -9.03
C LEU E 304 -24.23 -43.61 -9.23
N ARG E 305 -23.27 -43.14 -10.01
CA ARG E 305 -23.12 -41.70 -10.22
C ARG E 305 -24.33 -41.15 -10.98
N GLU E 306 -24.80 -41.88 -11.98
CA GLU E 306 -26.00 -41.43 -12.72
C GLU E 306 -27.20 -41.32 -11.79
N ILE E 307 -27.39 -42.33 -10.94
CA ILE E 307 -28.53 -42.36 -10.03
C ILE E 307 -28.46 -41.24 -8.99
N LYS E 308 -27.26 -41.00 -8.47
CA LYS E 308 -27.06 -40.01 -7.40
C LYS E 308 -26.86 -38.57 -7.88
N GLU E 309 -26.31 -38.39 -9.08
CA GLU E 309 -25.92 -37.06 -9.53
C GLU E 309 -26.81 -36.47 -10.61
N VAL E 310 -27.48 -37.32 -11.37
CA VAL E 310 -28.38 -36.85 -12.43
C VAL E 310 -29.81 -36.93 -11.92
N ARG E 311 -30.22 -38.13 -11.54
CA ARG E 311 -31.56 -38.35 -11.01
C ARG E 311 -31.67 -37.93 -9.56
N ARG E 312 -30.52 -37.78 -8.91
CA ARG E 312 -30.47 -37.48 -7.47
C ARG E 312 -31.43 -38.36 -6.67
N ALA E 313 -31.37 -39.65 -6.94
CA ALA E 313 -32.32 -40.61 -6.37
C ALA E 313 -31.75 -41.35 -5.15
N ARG E 314 -32.60 -42.13 -4.49
CA ARG E 314 -32.19 -43.01 -3.39
C ARG E 314 -31.48 -44.27 -3.88
N VAL E 315 -30.73 -44.91 -3.00
CA VAL E 315 -29.96 -46.09 -3.37
C VAL E 315 -30.86 -47.26 -3.77
N SER E 316 -32.11 -47.25 -3.31
CA SER E 316 -33.06 -48.29 -3.70
C SER E 316 -33.24 -48.36 -5.21
N VAL E 317 -33.07 -47.23 -5.91
CA VAL E 317 -33.18 -47.17 -7.37
C VAL E 317 -32.01 -47.89 -8.04
N TYR E 318 -30.82 -47.81 -7.44
CA TYR E 318 -29.68 -48.61 -7.89
C TYR E 318 -30.03 -50.09 -7.79
N ALA E 319 -30.57 -50.51 -6.65
CA ALA E 319 -30.94 -51.91 -6.48
C ALA E 319 -32.05 -52.32 -7.46
N ASP E 320 -32.98 -51.41 -7.76
CA ASP E 320 -34.06 -51.70 -8.72
C ASP E 320 -33.51 -52.03 -10.09
N GLU E 321 -32.44 -51.32 -10.48
CA GLU E 321 -31.97 -51.34 -11.85
C GLU E 321 -30.72 -52.16 -12.10
N ILE E 322 -30.06 -52.60 -11.04
CA ILE E 322 -28.81 -53.36 -11.17
C ILE E 322 -29.01 -54.82 -10.75
N GLU E 323 -28.60 -55.73 -11.63
CA GLU E 323 -28.81 -57.15 -11.38
C GLU E 323 -27.96 -57.62 -10.21
N GLY E 324 -28.59 -58.32 -9.26
CA GLY E 324 -27.89 -58.93 -8.10
C GLY E 324 -27.72 -58.01 -6.89
N ALA E 325 -28.03 -56.74 -7.07
CA ALA E 325 -27.99 -55.77 -5.98
C ALA E 325 -29.32 -55.80 -5.27
N THR E 326 -29.28 -55.79 -3.94
CA THR E 326 -30.48 -55.79 -3.11
C THR E 326 -30.49 -54.62 -2.15
N TYR E 327 -31.67 -54.03 -1.97
CA TYR E 327 -31.84 -52.90 -1.05
C TYR E 327 -32.44 -53.33 0.28
N HIS E 328 -31.91 -52.78 1.37
CA HIS E 328 -32.31 -53.15 2.72
C HIS E 328 -32.69 -51.92 3.53
N THR E 329 -33.93 -51.87 4.02
CA THR E 329 -34.33 -50.75 4.88
C THR E 329 -33.94 -50.98 6.33
N ASP E 330 -33.91 -52.25 6.73
CA ASP E 330 -33.63 -52.60 8.11
C ASP E 330 -32.22 -53.15 8.25
N GLY E 331 -31.85 -53.43 9.49
CA GLY E 331 -30.53 -53.95 9.79
C GLY E 331 -29.49 -52.85 9.65
N SER E 332 -28.26 -53.26 9.37
CA SER E 332 -27.17 -52.31 9.23
C SER E 332 -26.24 -52.78 8.14
N ILE E 333 -25.69 -51.83 7.41
CA ILE E 333 -24.70 -52.18 6.41
C ILE E 333 -23.52 -52.90 7.05
N TRP E 334 -23.30 -52.63 8.34
CA TRP E 334 -22.17 -53.16 9.08
C TRP E 334 -22.38 -54.62 9.46
N ASP E 335 -23.52 -55.20 9.03
CA ASP E 335 -23.81 -56.62 9.18
C ASP E 335 -23.14 -57.48 8.11
N LEU E 336 -22.74 -56.86 7.00
CA LEU E 336 -22.07 -57.58 5.91
C LEU E 336 -20.69 -58.06 6.32
N LYS E 337 -20.39 -59.31 5.99
CA LYS E 337 -19.04 -59.82 6.21
C LYS E 337 -18.05 -59.13 5.27
N CYS E 338 -17.02 -58.49 5.85
CA CYS E 338 -16.03 -57.77 5.05
C CYS E 338 -14.64 -57.90 5.66
N ASP E 339 -13.65 -57.50 4.88
CA ASP E 339 -12.27 -57.39 5.36
C ASP E 339 -11.97 -55.98 5.87
N ILE E 340 -12.57 -55.00 5.21
CA ILE E 340 -12.27 -53.59 5.49
C ILE E 340 -13.58 -52.80 5.53
N ALA E 341 -13.72 -51.93 6.53
CA ALA E 341 -14.88 -51.01 6.61
C ALA E 341 -14.40 -49.56 6.43
N LEU E 342 -15.02 -48.84 5.50
CA LEU E 342 -14.73 -47.43 5.25
C LEU E 342 -16.02 -46.63 5.45
N PRO E 343 -16.27 -46.18 6.69
CA PRO E 343 -17.42 -45.32 6.94
C PRO E 343 -17.23 -43.96 6.28
N CYS E 344 -18.10 -43.66 5.33
CA CYS E 344 -17.96 -42.47 4.50
C CYS E 344 -19.22 -41.61 4.44
N ALA E 345 -20.08 -41.75 5.45
CA ALA E 345 -21.38 -41.07 5.44
C ALA E 345 -21.42 -39.88 6.39
N THR E 346 -21.28 -40.11 7.68
CA THR E 346 -21.63 -39.09 8.67
C THR E 346 -21.11 -39.43 10.06
N GLN E 347 -21.04 -38.41 10.92
CA GLN E 347 -20.68 -38.58 12.33
C GLN E 347 -21.50 -39.64 13.05
N ASN E 348 -20.83 -40.47 13.84
CA ASN E 348 -21.48 -41.45 14.73
C ASN E 348 -22.32 -42.55 14.05
N GLU E 349 -22.04 -42.80 12.78
CA GLU E 349 -22.74 -43.84 12.00
C GLU E 349 -22.28 -45.27 12.30
N LEU E 350 -21.15 -45.40 12.98
CA LEU E 350 -20.62 -46.72 13.27
C LEU E 350 -20.44 -46.83 14.78
N ASN E 351 -21.38 -47.53 15.43
CA ASN E 351 -21.43 -47.56 16.88
C ASN E 351 -20.72 -48.79 17.46
N GLY E 352 -20.74 -48.94 18.78
CA GLY E 352 -20.03 -50.07 19.43
C GLY E 352 -20.60 -51.44 19.04
N GLU E 353 -21.91 -51.48 18.86
CA GLU E 353 -22.62 -52.67 18.42
C GLU E 353 -22.13 -53.06 17.02
N ASN E 354 -22.08 -52.08 16.11
CA ASN E 354 -21.61 -52.28 14.75
C ASN E 354 -20.18 -52.81 14.72
N ALA E 355 -19.35 -52.23 15.58
CA ALA E 355 -17.96 -52.58 15.66
C ALA E 355 -17.77 -54.04 16.09
N LYS E 356 -18.57 -54.48 17.07
CA LYS E 356 -18.53 -55.88 17.48
C LYS E 356 -18.92 -56.82 16.34
N THR E 357 -20.00 -56.50 15.62
CA THR E 357 -20.44 -57.30 14.48
C THR E 357 -19.36 -57.42 13.41
N LEU E 358 -18.78 -56.28 13.02
CA LEU E 358 -17.71 -56.25 12.04
C LEU E 358 -16.57 -57.16 12.47
N ALA E 359 -16.14 -57.02 13.73
CA ALA E 359 -15.07 -57.85 14.27
C ALA E 359 -15.44 -59.35 14.26
N ASP E 360 -16.65 -59.66 14.71
CA ASP E 360 -17.10 -61.06 14.76
C ASP E 360 -17.08 -61.71 13.38
N ASN E 361 -17.37 -60.88 12.35
CA ASN E 361 -17.40 -61.34 10.97
C ASN E 361 -16.06 -61.30 10.24
N GLY E 362 -14.99 -60.88 10.93
CA GLY E 362 -13.66 -60.95 10.34
C GLY E 362 -13.06 -59.65 9.80
N CYS E 363 -13.73 -58.53 10.04
CA CYS E 363 -13.17 -57.23 9.65
C CYS E 363 -11.84 -56.98 10.38
N ARG E 364 -10.83 -56.57 9.63
CA ARG E 364 -9.49 -56.37 10.19
C ARG E 364 -9.00 -54.92 10.08
N PHE E 365 -9.68 -54.12 9.26
CA PHE E 365 -9.27 -52.72 9.02
C PHE E 365 -10.47 -51.80 8.96
N VAL E 366 -10.36 -50.64 9.61
CA VAL E 366 -11.36 -49.58 9.50
C VAL E 366 -10.61 -48.28 9.24
N ALA E 367 -11.03 -47.53 8.23
CA ALA E 367 -10.47 -46.20 8.00
C ALA E 367 -11.60 -45.24 7.70
N GLU E 368 -11.49 -44.04 8.25
CA GLU E 368 -12.63 -43.13 8.22
C GLU E 368 -12.55 -42.13 7.07
N GLY E 369 -13.54 -42.17 6.18
CA GLY E 369 -13.67 -41.15 5.13
C GLY E 369 -14.50 -39.96 5.57
N ALA E 370 -15.51 -40.24 6.42
CA ALA E 370 -16.38 -39.23 6.99
C ALA E 370 -15.72 -38.56 8.16
N ASN E 371 -16.40 -37.56 8.72
CA ASN E 371 -15.98 -36.93 9.98
C ASN E 371 -16.46 -37.71 11.19
N MET E 372 -15.50 -38.28 11.94
CA MET E 372 -15.74 -39.02 13.19
C MET E 372 -16.94 -39.98 13.13
N PRO E 373 -16.97 -40.84 12.10
CA PRO E 373 -18.07 -41.81 11.96
C PRO E 373 -18.09 -42.82 13.10
N SER E 374 -16.92 -43.19 13.63
CA SER E 374 -16.83 -44.21 14.67
C SER E 374 -17.05 -43.61 16.05
N THR E 375 -18.01 -44.16 16.80
CA THR E 375 -18.30 -43.66 18.14
C THR E 375 -17.13 -44.01 19.07
N PRO E 376 -17.01 -43.31 20.21
CA PRO E 376 -15.96 -43.68 21.15
C PRO E 376 -16.00 -45.17 21.53
N GLU E 377 -17.20 -45.70 21.68
CA GLU E 377 -17.36 -47.13 22.00
C GLU E 377 -16.80 -47.99 20.89
N ALA E 378 -17.11 -47.62 19.64
CA ALA E 378 -16.61 -48.35 18.49
C ALA E 378 -15.09 -48.37 18.45
N VAL E 379 -14.47 -47.22 18.71
CA VAL E 379 -13.01 -47.12 18.70
C VAL E 379 -12.38 -48.08 19.73
N GLU E 380 -13.00 -48.18 20.90
CA GLU E 380 -12.54 -49.12 21.92
C GLU E 380 -12.67 -50.58 21.50
N VAL E 381 -13.78 -50.93 20.83
CA VAL E 381 -13.98 -52.29 20.33
C VAL E 381 -12.90 -52.64 19.32
N PHE E 382 -12.60 -51.71 18.40
CA PHE E 382 -11.52 -51.93 17.47
C PHE E 382 -10.20 -52.27 18.18
N ARG E 383 -9.90 -51.53 19.25
CA ARG E 383 -8.67 -51.75 20.01
C ARG E 383 -8.67 -53.13 20.66
N GLU E 384 -9.79 -53.45 21.31
CA GLU E 384 -9.96 -54.73 22.01
C GLU E 384 -9.86 -55.91 21.04
N ARG E 385 -10.42 -55.75 19.84
CA ARG E 385 -10.51 -56.80 18.83
C ARG E 385 -9.36 -56.84 17.82
N ASP E 386 -8.35 -56.00 18.04
CA ASP E 386 -7.16 -55.91 17.15
C ASP E 386 -7.49 -55.54 15.71
N ILE E 387 -8.39 -54.58 15.54
CA ILE E 387 -8.70 -54.05 14.22
C ILE E 387 -7.91 -52.77 14.08
N ARG E 388 -7.13 -52.67 13.01
CA ARG E 388 -6.31 -51.49 12.73
C ARG E 388 -7.25 -50.36 12.35
N PHE E 389 -7.05 -49.18 12.96
CA PHE E 389 -8.03 -48.08 12.88
C PHE E 389 -7.38 -46.80 12.38
N GLY E 390 -7.84 -46.32 11.22
CA GLY E 390 -7.34 -45.08 10.62
C GLY E 390 -8.34 -43.96 10.92
N PRO E 391 -8.02 -43.08 11.88
CA PRO E 391 -8.89 -41.96 12.27
C PRO E 391 -9.02 -40.98 11.09
N GLY E 392 -10.19 -40.35 10.98
CA GLY E 392 -10.47 -39.42 9.86
C GLY E 392 -9.46 -38.27 9.79
N LYS E 393 -8.94 -37.82 10.95
CA LYS E 393 -7.97 -36.73 11.02
CA LYS E 393 -7.93 -36.75 11.03
C LYS E 393 -6.83 -37.00 10.02
N ALA E 394 -6.43 -38.27 9.88
CA ALA E 394 -5.42 -38.66 8.92
C ALA E 394 -6.04 -39.15 7.62
N ALA E 395 -6.99 -40.10 7.72
CA ALA E 395 -7.45 -40.82 6.54
C ALA E 395 -8.31 -40.01 5.57
N ASN E 396 -8.90 -38.90 6.04
CA ASN E 396 -9.81 -38.12 5.18
C ASN E 396 -9.17 -36.81 4.76
N ALA E 397 -7.87 -36.71 5.00
CA ALA E 397 -7.08 -35.49 4.69
C ALA E 397 -6.76 -35.30 3.20
N GLY E 398 -7.24 -36.20 2.32
CA GLY E 398 -6.97 -36.08 0.89
C GLY E 398 -7.52 -34.78 0.30
N GLY E 399 -8.67 -34.33 0.79
CA GLY E 399 -9.27 -33.11 0.30
C GLY E 399 -8.38 -31.90 0.59
N VAL E 400 -7.97 -31.73 1.84
CA VAL E 400 -7.11 -30.58 2.18
C VAL E 400 -5.75 -30.73 1.48
N ALA E 401 -5.25 -31.96 1.38
CA ALA E 401 -3.99 -32.18 0.64
C ALA E 401 -4.10 -31.67 -0.80
N THR E 402 -5.22 -31.97 -1.46
CA THR E 402 -5.43 -31.54 -2.82
C THR E 402 -5.64 -30.03 -2.91
N SER E 403 -6.14 -29.41 -1.84
CA SER E 403 -6.30 -27.95 -1.84
C SER E 403 -4.90 -27.33 -1.85
N ALA E 404 -3.98 -27.96 -1.15
CA ALA E 404 -2.61 -27.46 -1.21
C ALA E 404 -1.99 -27.69 -2.60
N LEU E 405 -2.35 -28.79 -3.26
CA LEU E 405 -1.87 -29.02 -4.65
C LEU E 405 -2.43 -27.97 -5.61
N GLU E 406 -3.65 -27.49 -5.37
CA GLU E 406 -4.21 -26.42 -6.18
C GLU E 406 -3.38 -25.13 -5.98
N MET E 407 -2.99 -24.87 -4.74
CA MET E 407 -2.12 -23.72 -4.44
C MET E 407 -0.78 -23.84 -5.17
N GLN E 408 -0.24 -25.06 -5.15
CA GLN E 408 1.05 -25.35 -5.79
C GLN E 408 0.98 -25.16 -7.30
N GLN E 409 -0.05 -25.72 -7.92
CA GLN E 409 -0.31 -25.49 -9.34
C GLN E 409 -0.47 -24.01 -9.66
N ASN E 410 -1.24 -23.28 -8.84
CA ASN E 410 -1.42 -21.84 -9.10
C ASN E 410 -0.09 -21.08 -8.98
N ALA E 411 0.70 -21.43 -7.97
CA ALA E 411 1.96 -20.72 -7.69
C ALA E 411 2.91 -20.89 -8.88
N SER E 412 2.91 -22.08 -9.48
CA SER E 412 3.81 -22.42 -10.59
C SER E 412 3.19 -22.15 -11.96
N ARG E 413 1.97 -21.62 -11.96
CA ARG E 413 1.17 -21.44 -13.18
C ARG E 413 1.12 -22.69 -14.07
N ASP E 414 0.90 -23.84 -13.44
CA ASP E 414 0.82 -25.10 -14.17
C ASP E 414 -0.56 -25.73 -13.90
N SER E 415 -1.03 -26.55 -14.84
CA SER E 415 -2.27 -27.30 -14.66
CA SER E 415 -2.25 -27.31 -14.62
C SER E 415 -1.90 -28.76 -14.86
N TRP E 416 -1.78 -29.50 -13.78
CA TRP E 416 -1.34 -30.88 -13.85
C TRP E 416 -2.41 -31.80 -14.41
N SER E 417 -1.97 -32.91 -14.99
CA SER E 417 -2.90 -33.93 -15.46
C SER E 417 -3.56 -34.62 -14.28
N PHE E 418 -4.69 -35.29 -14.55
CA PHE E 418 -5.37 -36.05 -13.51
C PHE E 418 -4.43 -37.09 -12.95
N GLU E 419 -3.70 -37.79 -13.83
CA GLU E 419 -2.88 -38.90 -13.41
C GLU E 419 -1.75 -38.39 -12.53
N TYR E 420 -1.12 -37.27 -12.90
CA TYR E 420 -0.02 -36.73 -12.14
C TYR E 420 -0.46 -36.28 -10.73
N THR E 421 -1.61 -35.60 -10.68
CA THR E 421 -2.12 -35.09 -9.42
C THR E 421 -2.53 -36.25 -8.50
N ASP E 422 -3.13 -37.28 -9.09
CA ASP E 422 -3.54 -38.46 -8.33
C ASP E 422 -2.32 -39.19 -7.74
N GLU E 423 -1.26 -39.29 -8.54
CA GLU E 423 -0.02 -39.89 -8.09
C GLU E 423 0.56 -39.11 -6.92
N ARG E 424 0.52 -37.78 -7.00
CA ARG E 424 1.04 -36.92 -5.92
C ARG E 424 0.20 -37.06 -4.65
N LEU E 425 -1.12 -37.11 -4.82
CA LEU E 425 -2.02 -37.44 -3.71
C LEU E 425 -1.68 -38.77 -3.04
N GLN E 426 -1.38 -39.81 -3.82
CA GLN E 426 -1.04 -41.08 -3.20
C GLN E 426 0.26 -40.99 -2.38
N VAL E 427 1.25 -40.26 -2.91
CA VAL E 427 2.51 -40.07 -2.17
C VAL E 427 2.24 -39.34 -0.85
N ILE E 428 1.41 -38.29 -0.92
CA ILE E 428 1.03 -37.55 0.27
C ILE E 428 0.33 -38.43 1.32
N MET E 429 -0.64 -39.24 0.89
CA MET E 429 -1.31 -40.10 1.88
C MET E 429 -0.37 -41.16 2.45
N LYS E 430 0.55 -41.67 1.63
CA LYS E 430 1.52 -42.65 2.11
C LYS E 430 2.43 -42.01 3.15
N ASN E 431 2.81 -40.76 2.92
CA ASN E 431 3.63 -40.06 3.91
C ASN E 431 2.86 -39.74 5.20
N ILE E 432 1.55 -39.47 5.09
CA ILE E 432 0.76 -39.27 6.30
C ILE E 432 0.70 -40.56 7.11
N PHE E 433 0.44 -41.68 6.44
CA PHE E 433 0.51 -42.96 7.13
C PHE E 433 1.85 -43.18 7.84
N LYS E 434 2.95 -42.98 7.09
CA LYS E 434 4.30 -43.23 7.64
C LYS E 434 4.51 -42.38 8.88
N THR E 435 4.11 -41.12 8.80
CA THR E 435 4.23 -40.20 9.94
C THR E 435 3.43 -40.67 11.15
N CYS E 436 2.19 -41.14 10.93
CA CYS E 436 1.36 -41.59 12.02
C CYS E 436 1.98 -42.82 12.68
N ALA E 437 2.37 -43.79 11.86
CA ALA E 437 2.97 -45.03 12.34
C ALA E 437 4.28 -44.78 13.07
N GLU E 438 5.15 -43.98 12.48
CA GLU E 438 6.44 -43.69 13.15
C GLU E 438 6.30 -42.94 14.45
N THR E 439 5.42 -41.94 14.47
CA THR E 439 5.23 -41.13 15.66
C THR E 439 4.57 -41.94 16.77
N ALA E 440 3.61 -42.80 16.41
CA ALA E 440 3.00 -43.71 17.39
C ALA E 440 4.05 -44.59 18.04
N ALA E 441 4.94 -45.17 17.23
CA ALA E 441 5.99 -46.07 17.73
C ALA E 441 6.98 -45.32 18.61
N GLU E 442 7.32 -44.09 18.20
CA GLU E 442 8.29 -43.25 18.89
C GLU E 442 7.88 -43.04 20.36
N TYR E 443 6.57 -42.92 20.60
CA TYR E 443 6.01 -42.66 21.92
C TYR E 443 5.48 -43.91 22.64
N GLY E 444 5.82 -45.09 22.12
CA GLY E 444 5.45 -46.37 22.75
C GLY E 444 3.98 -46.76 22.62
N HIS E 445 3.32 -46.24 21.59
CA HIS E 445 1.93 -46.55 21.29
C HIS E 445 1.89 -47.16 19.88
N GLU E 446 2.77 -48.13 19.62
CA GLU E 446 2.89 -48.76 18.31
C GLU E 446 1.51 -49.10 17.73
N ASN E 447 1.33 -48.80 16.45
CA ASN E 447 0.08 -49.10 15.71
C ASN E 447 -1.15 -48.27 16.12
N ASP E 448 -0.98 -47.34 17.05
CA ASP E 448 -2.07 -46.50 17.44
C ASP E 448 -2.00 -45.24 16.57
N TYR E 449 -2.76 -45.24 15.48
CA TYR E 449 -2.65 -44.12 14.52
C TYR E 449 -3.34 -42.85 15.02
N VAL E 450 -4.25 -42.99 15.99
CA VAL E 450 -4.87 -41.84 16.62
C VAL E 450 -3.81 -41.01 17.37
N VAL E 451 -3.07 -41.68 18.24
CA VAL E 451 -1.92 -41.08 18.94
C VAL E 451 -0.87 -40.54 17.97
N GLY E 452 -0.47 -41.32 16.97
CA GLY E 452 0.49 -40.87 15.95
C GLY E 452 0.06 -39.59 15.23
N ALA E 453 -1.17 -39.60 14.72
CA ALA E 453 -1.72 -38.44 14.01
C ALA E 453 -1.74 -37.21 14.93
N ASN E 454 -2.23 -37.41 16.16
CA ASN E 454 -2.34 -36.31 17.10
C ASN E 454 -0.99 -35.68 17.44
N ILE E 455 -0.04 -36.51 17.82
CA ILE E 455 1.29 -36.01 18.19
C ILE E 455 2.03 -35.41 16.99
N ALA E 456 1.95 -36.07 15.82
CA ALA E 456 2.68 -35.61 14.63
C ALA E 456 2.16 -34.23 14.17
N GLY E 457 0.85 -34.05 14.23
CA GLY E 457 0.25 -32.79 13.81
C GLY E 457 0.69 -31.66 14.71
N PHE E 458 0.62 -31.92 16.03
CA PHE E 458 1.02 -30.95 17.05
C PHE E 458 2.52 -30.59 16.96
N LYS E 459 3.39 -31.60 16.93
CA LYS E 459 4.85 -31.35 17.05
C LYS E 459 5.38 -30.51 15.88
N LYS E 460 4.84 -30.74 14.68
CA LYS E 460 5.34 -29.98 13.54
C LYS E 460 5.02 -28.49 13.72
N VAL E 461 3.79 -28.19 14.19
CA VAL E 461 3.39 -26.81 14.47
C VAL E 461 4.23 -26.22 15.60
N ALA E 462 4.38 -26.97 16.68
CA ALA E 462 5.10 -26.49 17.86
C ALA E 462 6.57 -26.19 17.56
N ASP E 463 7.21 -27.08 16.83
CA ASP E 463 8.62 -26.90 16.46
C ASP E 463 8.76 -25.62 15.62
N ALA E 464 7.84 -25.42 14.67
CA ALA E 464 7.92 -24.23 13.83
C ALA E 464 7.68 -22.97 14.63
N MET E 465 6.73 -23.02 15.58
CA MET E 465 6.43 -21.85 16.42
C MET E 465 7.63 -21.48 17.29
N LEU E 466 8.28 -22.48 17.87
CA LEU E 466 9.49 -22.19 18.69
C LEU E 466 10.57 -21.55 17.83
N ALA E 467 10.75 -22.07 16.63
CA ALA E 467 11.79 -21.52 15.74
C ALA E 467 11.53 -20.06 15.37
N GLN E 468 10.26 -19.71 15.21
CA GLN E 468 9.96 -18.39 14.68
C GLN E 468 9.76 -17.28 15.71
N GLY E 469 9.99 -17.62 16.99
CA GLY E 469 9.98 -16.62 18.07
C GLY E 469 8.60 -16.19 18.55
N VAL E 470 8.60 -15.27 19.48
CA VAL E 470 7.36 -14.77 20.12
C VAL E 470 6.74 -13.73 19.18
N ILE E 471 5.75 -14.19 18.43
CA ILE E 471 5.03 -13.37 17.44
C ILE E 471 3.54 -13.65 17.49
N MET F 25 -46.29 -7.32 14.32
CA MET F 25 -47.29 -6.28 13.87
C MET F 25 -47.03 -4.91 14.47
N THR F 26 -47.21 -4.76 15.78
CA THR F 26 -46.98 -3.47 16.45
C THR F 26 -45.49 -3.14 16.51
N VAL F 27 -45.16 -1.86 16.66
CA VAL F 27 -43.76 -1.44 16.76
C VAL F 27 -43.11 -2.15 17.94
N ASP F 28 -43.83 -2.21 19.06
CA ASP F 28 -43.36 -2.88 20.27
C ASP F 28 -43.00 -4.32 19.99
N GLU F 29 -43.90 -5.05 19.32
CA GLU F 29 -43.67 -6.44 18.94
C GLU F 29 -42.50 -6.59 17.95
N GLN F 30 -42.39 -5.67 17.01
CA GLN F 30 -41.32 -5.70 16.02
C GLN F 30 -39.94 -5.55 16.67
N VAL F 31 -39.81 -4.52 17.49
CA VAL F 31 -38.54 -4.27 18.18
C VAL F 31 -38.21 -5.40 19.16
N SER F 32 -39.22 -5.88 19.87
CA SER F 32 -39.05 -7.01 20.82
C SER F 32 -38.55 -8.29 20.16
N ASN F 33 -39.09 -8.58 18.99
CA ASN F 33 -38.72 -9.75 18.21
C ASN F 33 -37.29 -9.61 17.72
N TYR F 34 -36.93 -8.41 17.27
CA TYR F 34 -35.56 -8.14 16.84
C TYR F 34 -34.57 -8.31 18.01
N TYR F 35 -34.87 -7.73 19.17
CA TYR F 35 -34.07 -7.91 20.37
C TYR F 35 -33.90 -9.42 20.72
N ASP F 36 -34.97 -10.20 20.67
CA ASP F 36 -34.86 -11.61 21.00
C ASP F 36 -33.87 -12.35 20.10
N MET F 37 -33.88 -12.01 18.81
CA MET F 37 -33.00 -12.65 17.85
C MET F 37 -31.56 -12.19 18.08
N LEU F 38 -31.40 -10.92 18.45
CA LEU F 38 -30.08 -10.40 18.81
C LEU F 38 -29.52 -11.11 20.03
N LEU F 39 -30.35 -11.34 21.03
CA LEU F 39 -29.94 -12.11 22.22
C LEU F 39 -29.42 -13.51 21.88
N LYS F 40 -30.06 -14.19 20.93
CA LYS F 40 -29.55 -15.49 20.47
C LYS F 40 -28.23 -15.40 19.69
N ARG F 41 -28.14 -14.45 18.77
CA ARG F 41 -26.92 -14.14 18.01
CA ARG F 41 -26.90 -14.28 18.02
C ARG F 41 -25.72 -13.89 18.92
N ASN F 42 -26.00 -13.28 20.06
CA ASN F 42 -24.97 -12.77 20.96
C ASN F 42 -25.04 -13.38 22.36
N ALA F 43 -25.19 -14.71 22.43
CA ALA F 43 -25.27 -15.41 23.70
C ALA F 43 -24.08 -15.11 24.62
N GLY F 44 -24.36 -14.99 25.92
CA GLY F 44 -23.36 -14.82 26.97
C GLY F 44 -22.76 -13.44 27.09
N GLU F 45 -23.44 -12.45 26.52
CA GLU F 45 -22.96 -11.05 26.57
C GLU F 45 -23.95 -10.12 27.28
N PRO F 46 -24.19 -10.34 28.59
CA PRO F 46 -25.25 -9.59 29.26
C PRO F 46 -25.09 -8.07 29.19
N GLU F 47 -23.86 -7.56 29.25
CA GLU F 47 -23.68 -6.10 29.20
C GLU F 47 -24.10 -5.56 27.85
N PHE F 48 -23.78 -6.28 26.78
CA PHE F 48 -24.19 -5.83 25.45
C PHE F 48 -25.74 -5.86 25.35
N HIS F 49 -26.35 -6.93 25.84
CA HIS F 49 -27.82 -7.03 25.86
C HIS F 49 -28.41 -5.83 26.62
N GLN F 50 -27.82 -5.53 27.78
CA GLN F 50 -28.29 -4.44 28.64
C GLN F 50 -28.25 -3.11 27.91
N ALA F 51 -27.14 -2.83 27.23
CA ALA F 51 -26.97 -1.58 26.49
C ALA F 51 -27.93 -1.46 25.31
N VAL F 52 -28.10 -2.56 24.58
CA VAL F 52 -28.96 -2.58 23.41
C VAL F 52 -30.41 -2.41 23.87
N ALA F 53 -30.78 -3.11 24.93
CA ALA F 53 -32.17 -3.08 25.43
C ALA F 53 -32.65 -1.67 25.73
N GLU F 54 -31.83 -0.89 26.41
CA GLU F 54 -32.25 0.44 26.84
C GLU F 54 -32.37 1.38 25.65
N VAL F 55 -31.43 1.30 24.70
CA VAL F 55 -31.57 2.08 23.47
C VAL F 55 -32.82 1.67 22.69
N LEU F 56 -33.07 0.36 22.57
CA LEU F 56 -34.21 -0.08 21.76
C LEU F 56 -35.55 0.37 22.37
N GLU F 57 -35.63 0.40 23.69
CA GLU F 57 -36.81 0.95 24.37
C GLU F 57 -37.11 2.36 23.90
N SER F 58 -36.09 3.22 23.81
CA SER F 58 -36.29 4.58 23.29
C SER F 58 -36.65 4.57 21.81
N LEU F 59 -36.08 3.64 21.06
CA LEU F 59 -36.32 3.61 19.62
C LEU F 59 -37.77 3.22 19.30
N LYS F 60 -38.44 2.52 20.22
CA LYS F 60 -39.87 2.20 20.06
C LYS F 60 -40.66 3.49 19.93
N ILE F 61 -40.29 4.46 20.76
CA ILE F 61 -40.90 5.79 20.79
C ILE F 61 -40.70 6.52 19.45
N VAL F 62 -39.50 6.47 18.89
CA VAL F 62 -39.25 7.16 17.61
C VAL F 62 -39.96 6.48 16.44
N LEU F 63 -39.99 5.15 16.43
CA LEU F 63 -40.67 4.39 15.35
C LEU F 63 -42.19 4.53 15.35
N GLU F 64 -42.79 4.71 16.53
CA GLU F 64 -44.23 4.97 16.61
C GLU F 64 -44.61 6.29 15.91
N LYS F 65 -43.75 7.29 16.04
CA LYS F 65 -43.97 8.59 15.40
C LYS F 65 -43.45 8.65 13.97
N ASP F 66 -42.26 8.10 13.74
CA ASP F 66 -41.61 8.15 12.43
C ASP F 66 -41.15 6.76 12.02
N PRO F 67 -42.05 5.96 11.43
CA PRO F 67 -41.69 4.58 11.12
C PRO F 67 -40.65 4.38 10.00
N HIS F 68 -40.32 5.44 9.25
CA HIS F 68 -39.34 5.35 8.14
C HIS F 68 -37.93 5.13 8.68
N TYR F 69 -37.75 5.37 9.97
CA TYR F 69 -36.44 5.16 10.59
C TYR F 69 -36.03 3.71 10.61
N ALA F 70 -36.97 2.82 10.30
CA ALA F 70 -36.69 1.40 10.19
C ALA F 70 -36.41 0.97 8.75
N ASP F 71 -36.52 1.92 7.80
CA ASP F 71 -36.37 1.60 6.39
C ASP F 71 -35.01 1.01 6.10
N TYR F 72 -34.96 0.18 5.07
CA TYR F 72 -33.72 -0.36 4.55
C TYR F 72 -32.94 -1.10 5.63
N GLY F 73 -33.65 -1.79 6.52
CA GLY F 73 -33.00 -2.58 7.58
C GLY F 73 -32.05 -1.77 8.45
N LEU F 74 -32.39 -0.50 8.68
CA LEU F 74 -31.50 0.42 9.38
C LEU F 74 -31.19 -0.06 10.80
N ILE F 75 -32.20 -0.52 11.52
CA ILE F 75 -31.93 -0.99 12.88
C ILE F 75 -31.06 -2.26 12.92
N GLN F 76 -31.33 -3.21 12.01
CA GLN F 76 -30.54 -4.42 11.89
C GLN F 76 -29.08 -4.09 11.52
N ARG F 77 -28.89 -3.09 10.66
CA ARG F 77 -27.51 -2.61 10.38
C ARG F 77 -26.87 -1.91 11.57
N LEU F 78 -27.59 -0.96 12.18
CA LEU F 78 -27.10 -0.23 13.35
C LEU F 78 -26.55 -1.13 14.47
N CYS F 79 -27.27 -2.20 14.80
CA CYS F 79 -26.90 -2.97 16.00
C CYS F 79 -25.85 -4.04 15.74
N GLU F 80 -25.41 -4.18 14.48
CA GLU F 80 -24.35 -5.15 14.13
C GLU F 80 -23.07 -4.35 13.78
N PRO F 81 -21.98 -4.59 14.50
CA PRO F 81 -20.76 -3.80 14.25
C PRO F 81 -20.31 -3.96 12.80
N GLU F 82 -19.85 -2.87 12.20
CA GLU F 82 -19.26 -2.93 10.87
C GLU F 82 -18.11 -3.95 10.84
N ARG F 83 -17.27 -3.90 11.87
CA ARG F 83 -16.15 -4.84 11.97
C ARG F 83 -15.81 -5.08 13.44
N GLN F 84 -15.36 -6.30 13.74
CA GLN F 84 -14.81 -6.66 15.06
C GLN F 84 -13.50 -7.41 14.88
N LEU F 85 -12.45 -6.96 15.58
CA LEU F 85 -11.16 -7.61 15.50
C LEU F 85 -10.85 -8.15 16.89
N ILE F 86 -10.43 -9.41 16.95
CA ILE F 86 -9.95 -10.01 18.21
C ILE F 86 -8.59 -10.59 17.83
N PHE F 87 -7.60 -10.48 18.71
CA PHE F 87 -6.28 -10.92 18.32
C PHE F 87 -5.41 -11.30 19.51
N ARG F 88 -4.46 -12.18 19.22
CA ARG F 88 -3.48 -12.62 20.21
C ARG F 88 -2.54 -11.48 20.54
N VAL F 89 -2.25 -11.31 21.84
CA VAL F 89 -1.24 -10.33 22.25
C VAL F 89 -0.21 -11.05 23.10
N PRO F 90 0.82 -11.58 22.48
CA PRO F 90 1.89 -12.26 23.23
C PRO F 90 2.91 -11.24 23.75
N TRP F 91 3.40 -11.45 24.97
CA TRP F 91 4.34 -10.50 25.54
C TRP F 91 5.21 -11.19 26.57
N VAL F 92 6.34 -10.58 26.93
CA VAL F 92 7.29 -11.25 27.83
C VAL F 92 7.48 -10.38 29.06
N ASP F 93 7.41 -10.98 30.26
CA ASP F 93 7.52 -10.18 31.47
C ASP F 93 8.98 -9.99 31.85
N ASP F 94 9.22 -9.23 32.90
CA ASP F 94 10.58 -8.89 33.33
C ASP F 94 11.39 -10.11 33.78
N GLN F 95 10.71 -11.22 34.05
CA GLN F 95 11.39 -12.45 34.44
C GLN F 95 11.61 -13.37 33.24
N GLY F 96 11.28 -12.91 32.02
CA GLY F 96 11.48 -13.73 30.83
C GLY F 96 10.42 -14.76 30.52
N GLN F 97 9.24 -14.58 31.13
CA GLN F 97 8.14 -15.51 30.92
C GLN F 97 7.19 -14.96 29.91
N VAL F 98 6.84 -15.83 28.95
CA VAL F 98 5.91 -15.48 27.88
C VAL F 98 4.49 -15.58 28.42
N HIS F 99 3.70 -14.54 28.16
CA HIS F 99 2.29 -14.51 28.51
C HIS F 99 1.49 -14.18 27.26
N VAL F 100 0.22 -14.56 27.27
CA VAL F 100 -0.67 -14.26 26.16
C VAL F 100 -1.93 -13.63 26.70
N ASN F 101 -2.32 -12.48 26.15
CA ASN F 101 -3.61 -11.89 26.46
C ASN F 101 -4.37 -11.72 25.19
N ARG F 102 -5.66 -11.49 25.32
CA ARG F 102 -6.53 -11.26 24.17
C ARG F 102 -6.77 -9.76 23.94
N GLY F 103 -6.69 -9.31 22.68
CA GLY F 103 -6.94 -7.93 22.32
C GLY F 103 -8.23 -7.82 21.50
N PHE F 104 -8.87 -6.66 21.58
CA PHE F 104 -10.13 -6.39 20.89
C PHE F 104 -10.15 -5.02 20.28
N ARG F 105 -10.76 -4.91 19.11
CA ARG F 105 -11.18 -3.58 18.62
C ARG F 105 -12.47 -3.74 17.83
N VAL F 106 -13.54 -3.17 18.37
CA VAL F 106 -14.86 -3.21 17.73
C VAL F 106 -15.09 -1.87 17.05
N GLN F 107 -15.25 -1.90 15.72
CA GLN F 107 -15.45 -0.71 14.91
C GLN F 107 -16.93 -0.71 14.55
N PHE F 108 -17.70 0.02 15.35
CA PHE F 108 -19.14 -0.27 15.38
C PHE F 108 -19.89 0.47 14.25
N ASN F 109 -19.66 1.77 14.13
CA ASN F 109 -20.39 2.60 13.17
C ASN F 109 -19.55 3.79 12.73
N SER F 110 -19.50 3.99 11.41
CA SER F 110 -18.68 5.05 10.83
C SER F 110 -19.49 6.08 10.04
N ALA F 111 -20.80 6.17 10.28
CA ALA F 111 -21.65 7.06 9.44
C ALA F 111 -21.28 8.53 9.62
N LEU F 112 -20.93 8.94 10.84
CA LEU F 112 -20.68 10.37 11.09
C LEU F 112 -19.20 10.78 11.07
N GLY F 113 -18.34 9.77 11.06
CA GLY F 113 -16.88 10.03 11.06
C GLY F 113 -16.11 8.75 11.29
N PRO F 114 -14.79 8.84 11.47
CA PRO F 114 -13.95 7.67 11.77
C PRO F 114 -14.46 6.99 13.03
N TYR F 115 -14.23 5.68 13.18
CA TYR F 115 -14.59 5.06 14.46
C TYR F 115 -13.82 5.77 15.57
N LYS F 116 -14.48 5.99 16.71
CA LYS F 116 -13.84 6.71 17.81
C LYS F 116 -14.24 6.14 19.14
N GLY F 117 -13.25 5.88 20.01
CA GLY F 117 -13.55 5.36 21.35
C GLY F 117 -12.31 4.78 21.95
N GLY F 118 -12.33 4.61 23.25
CA GLY F 118 -11.12 4.22 23.97
C GLY F 118 -10.76 2.76 24.02
N LEU F 119 -9.70 2.50 24.77
CA LEU F 119 -9.15 1.16 24.99
C LEU F 119 -9.17 0.84 26.48
N ARG F 120 -9.74 -0.30 26.85
CA ARG F 120 -9.80 -0.70 28.26
C ARG F 120 -8.89 -1.88 28.52
N PHE F 121 -7.94 -1.74 29.44
CA PHE F 121 -7.09 -2.87 29.85
C PHE F 121 -7.50 -3.25 31.28
N HIS F 122 -8.21 -4.37 31.39
CA HIS F 122 -8.73 -4.81 32.69
C HIS F 122 -9.05 -6.29 32.57
N PRO F 123 -8.79 -7.07 33.64
CA PRO F 123 -8.96 -8.52 33.47
C PRO F 123 -10.39 -8.99 33.23
N SER F 124 -11.35 -8.10 33.44
CA SER F 124 -12.76 -8.42 33.15
C SER F 124 -13.13 -8.32 31.66
N VAL F 125 -12.25 -7.72 30.85
CA VAL F 125 -12.62 -7.37 29.45
C VAL F 125 -12.92 -8.63 28.65
N ASN F 126 -14.01 -8.58 27.88
CA ASN F 126 -14.34 -9.63 26.92
C ASN F 126 -15.12 -8.95 25.78
N LEU F 127 -15.47 -9.71 24.75
CA LEU F 127 -16.07 -9.13 23.54
C LEU F 127 -17.40 -8.45 23.88
N GLY F 128 -18.22 -9.12 24.69
CA GLY F 128 -19.48 -8.52 25.18
C GLY F 128 -19.34 -7.12 25.78
N ILE F 129 -18.37 -6.98 26.68
CA ILE F 129 -18.10 -5.68 27.32
C ILE F 129 -17.65 -4.65 26.28
N VAL F 130 -16.74 -5.05 25.40
CA VAL F 130 -16.27 -4.10 24.36
C VAL F 130 -17.43 -3.67 23.45
N LYS F 131 -18.32 -4.61 23.13
CA LYS F 131 -19.46 -4.30 22.26
C LYS F 131 -20.47 -3.38 22.94
N PHE F 132 -20.69 -3.53 24.24
CA PHE F 132 -21.63 -2.66 24.96
C PHE F 132 -21.06 -1.25 24.89
N LEU F 133 -19.77 -1.13 25.16
CA LEU F 133 -19.13 0.17 25.21
C LEU F 133 -19.13 0.81 23.83
N GLY F 134 -18.81 0.01 22.82
CA GLY F 134 -18.78 0.50 21.43
C GLY F 134 -20.13 0.92 20.90
N PHE F 135 -21.17 0.19 21.32
CA PHE F 135 -22.54 0.53 20.95
C PHE F 135 -22.97 1.86 21.55
N GLU F 136 -22.76 2.02 22.86
CA GLU F 136 -23.06 3.27 23.55
C GLU F 136 -22.32 4.43 22.90
N GLN F 137 -21.11 4.13 22.44
CA GLN F 137 -20.22 5.15 21.95
C GLN F 137 -20.81 5.78 20.67
N ILE F 138 -21.50 4.98 19.87
CA ILE F 138 -22.14 5.51 18.63
C ILE F 138 -22.99 6.73 18.96
N PHE F 139 -23.84 6.59 19.97
CA PHE F 139 -24.83 7.60 20.29
C PHE F 139 -24.24 8.75 21.06
N LYS F 140 -23.37 8.44 22.02
CA LYS F 140 -22.57 9.44 22.69
C LYS F 140 -21.87 10.35 21.68
N ASN F 141 -21.17 9.74 20.72
CA ASN F 141 -20.36 10.50 19.78
C ASN F 141 -21.22 11.36 18.87
N SER F 142 -22.36 10.81 18.48
CA SER F 142 -23.38 11.55 17.75
C SER F 142 -23.84 12.80 18.52
N LEU F 143 -24.12 12.62 19.80
CA LEU F 143 -24.60 13.74 20.63
C LEU F 143 -23.64 14.93 20.76
N THR F 144 -22.33 14.67 20.60
CA THR F 144 -21.35 15.75 20.73
C THR F 144 -21.50 16.81 19.64
N GLY F 145 -22.12 16.43 18.53
CA GLY F 145 -22.23 17.28 17.36
C GLY F 145 -20.99 17.25 16.48
N LEU F 146 -19.95 16.55 16.93
CA LEU F 146 -18.67 16.48 16.24
C LEU F 146 -18.54 15.26 15.31
N PRO F 147 -17.62 15.31 14.33
CA PRO F 147 -17.65 14.27 13.29
C PRO F 147 -16.92 12.98 13.67
N ILE F 148 -17.61 12.16 14.46
CA ILE F 148 -17.02 10.95 15.00
C ILE F 148 -18.00 9.80 15.02
N GLY F 149 -17.57 8.68 14.48
CA GLY F 149 -18.33 7.43 14.59
C GLY F 149 -17.99 6.73 15.89
N GLY F 150 -18.44 5.49 16.05
CA GLY F 150 -18.32 4.81 17.33
C GLY F 150 -17.56 3.50 17.24
N GLY F 151 -16.73 3.27 18.25
CA GLY F 151 -16.02 2.00 18.42
C GLY F 151 -15.35 1.95 19.79
N LYS F 152 -14.70 0.83 20.09
CA LYS F 152 -14.07 0.66 21.39
C LYS F 152 -13.16 -0.54 21.31
N GLY F 153 -12.19 -0.61 22.22
CA GLY F 153 -11.33 -1.77 22.20
C GLY F 153 -10.73 -2.02 23.57
N GLY F 154 -9.82 -2.97 23.63
CA GLY F 154 -9.15 -3.27 24.91
C GLY F 154 -8.48 -4.60 24.96
N SER F 155 -8.19 -5.05 26.19
CA SER F 155 -7.56 -6.34 26.40
C SER F 155 -7.90 -6.81 27.80
N ASP F 156 -7.86 -8.14 27.99
CA ASP F 156 -7.96 -8.72 29.33
C ASP F 156 -6.66 -8.63 30.11
N PHE F 157 -5.62 -8.05 29.49
CA PHE F 157 -4.38 -7.68 30.20
C PHE F 157 -4.68 -6.84 31.45
N ASP F 158 -4.06 -7.22 32.56
CA ASP F 158 -4.23 -6.50 33.80
C ASP F 158 -2.98 -5.65 34.07
N PRO F 159 -3.09 -4.32 33.96
CA PRO F 159 -1.91 -3.45 34.16
C PRO F 159 -1.43 -3.36 35.61
N LYS F 160 -2.31 -3.72 36.54
CA LYS F 160 -1.94 -3.69 37.96
C LYS F 160 -0.72 -4.56 38.25
N GLY F 161 0.25 -3.94 38.93
CA GLY F 161 1.43 -4.68 39.36
C GLY F 161 2.49 -4.86 38.31
N LYS F 162 2.24 -4.35 37.11
CA LYS F 162 3.19 -4.48 36.00
C LYS F 162 4.19 -3.33 36.06
N SER F 163 5.43 -3.60 35.67
CA SER F 163 6.44 -2.56 35.59
C SER F 163 6.20 -1.69 34.35
N ASP F 164 6.83 -0.53 34.28
CA ASP F 164 6.74 0.31 33.09
C ASP F 164 7.18 -0.41 31.81
N LEU F 165 8.26 -1.17 31.90
CA LEU F 165 8.76 -1.90 30.73
C LEU F 165 7.78 -3.01 30.32
N GLU F 166 7.13 -3.63 31.30
CA GLU F 166 6.14 -4.66 30.99
C GLU F 166 4.93 -4.02 30.31
N ILE F 167 4.49 -2.88 30.84
CA ILE F 167 3.39 -2.13 30.20
C ILE F 167 3.81 -1.68 28.78
N MET F 168 5.04 -1.19 28.65
CA MET F 168 5.53 -0.77 27.34
C MET F 168 5.52 -1.95 26.35
N ARG F 169 6.04 -3.10 26.80
CA ARG F 169 6.11 -4.28 25.92
C ARG F 169 4.70 -4.73 25.54
N PHE F 170 3.77 -4.64 26.49
CA PHE F 170 2.41 -5.03 26.19
C PHE F 170 1.80 -4.11 25.15
N CYS F 171 1.93 -2.81 25.37
CA CYS F 171 1.42 -1.81 24.43
C CYS F 171 2.02 -2.00 23.03
N GLN F 172 3.30 -2.31 22.98
CA GLN F 172 4.01 -2.53 21.71
C GLN F 172 3.47 -3.77 21.00
N SER F 173 3.23 -4.85 21.75
CA SER F 173 2.67 -6.05 21.12
C SER F 173 1.23 -5.78 20.62
N PHE F 174 0.46 -5.13 21.47
CA PHE F 174 -0.91 -4.74 21.14
C PHE F 174 -0.98 -3.94 19.84
N MET F 175 -0.12 -2.91 19.73
CA MET F 175 -0.15 -2.02 18.57
C MET F 175 0.47 -2.64 17.34
N THR F 176 1.36 -3.63 17.53
CA THR F 176 1.88 -4.42 16.40
C THR F 176 0.75 -5.03 15.57
N GLU F 177 -0.30 -5.52 16.24
CA GLU F 177 -1.51 -5.90 15.50
C GLU F 177 -2.44 -4.74 15.15
N LEU F 178 -2.71 -3.86 16.12
CA LEU F 178 -3.75 -2.84 15.95
C LEU F 178 -3.47 -1.83 14.83
N HIS F 179 -2.19 -1.56 14.59
CA HIS F 179 -1.87 -0.41 13.71
C HIS F 179 -2.51 -0.53 12.34
N ARG F 180 -2.63 -1.74 11.79
CA ARG F 180 -3.12 -1.90 10.41
C ARG F 180 -4.61 -1.63 10.29
N HIS F 181 -5.28 -1.56 11.44
CA HIS F 181 -6.73 -1.35 11.46
C HIS F 181 -7.16 0.06 11.86
N ILE F 182 -6.20 0.93 12.15
CA ILE F 182 -6.53 2.27 12.65
C ILE F 182 -5.87 3.33 11.77
N GLY F 183 -6.14 4.59 12.07
CA GLY F 183 -5.62 5.70 11.25
C GLY F 183 -6.47 6.93 11.42
N GLU F 184 -5.90 8.10 11.10
CA GLU F 184 -6.60 9.39 11.33
C GLU F 184 -8.05 9.47 10.79
N TYR F 185 -8.35 8.75 9.70
CA TYR F 185 -9.68 8.78 9.11
C TYR F 185 -10.38 7.45 9.31
N ARG F 186 -9.63 6.47 9.82
CA ARG F 186 -10.11 5.09 9.88
C ARG F 186 -10.68 4.81 11.26
N ASP F 187 -9.84 4.91 12.29
CA ASP F 187 -10.27 4.59 13.66
C ASP F 187 -9.27 5.25 14.57
N VAL F 188 -9.75 5.97 15.57
CA VAL F 188 -8.90 6.81 16.42
C VAL F 188 -9.17 6.43 17.87
N PRO F 189 -8.30 5.59 18.45
CA PRO F 189 -8.52 5.18 19.84
C PRO F 189 -8.08 6.23 20.85
N ALA F 190 -8.15 5.84 22.12
CA ALA F 190 -7.86 6.70 23.28
C ALA F 190 -7.82 5.78 24.49
N GLY F 191 -7.78 6.38 25.69
CA GLY F 191 -7.77 5.60 26.92
C GLY F 191 -9.18 5.29 27.39
N ASP F 192 -9.24 4.59 28.51
CA ASP F 192 -10.48 4.23 29.21
C ASP F 192 -9.90 3.52 30.44
N ILE F 193 -10.63 2.58 31.06
CA ILE F 193 -10.10 1.97 32.31
C ILE F 193 -8.76 1.30 32.03
N GLY F 194 -7.72 1.67 32.79
CA GLY F 194 -6.44 1.02 32.71
C GLY F 194 -5.51 1.54 31.62
N VAL F 195 -5.99 2.54 30.89
CA VAL F 195 -5.22 3.12 29.79
C VAL F 195 -5.21 4.63 29.95
N GLY F 196 -4.09 5.13 30.44
CA GLY F 196 -3.95 6.54 30.61
C GLY F 196 -2.82 7.09 29.75
N GLY F 197 -2.28 8.22 30.20
CA GLY F 197 -1.24 8.89 29.45
C GLY F 197 -0.04 8.01 29.19
N ARG F 198 0.39 7.22 30.19
CA ARG F 198 1.56 6.36 30.04
C ARG F 198 1.36 5.39 28.86
N GLU F 199 0.18 4.75 28.86
CA GLU F 199 -0.14 3.76 27.84
C GLU F 199 -0.30 4.41 26.45
N ILE F 200 -1.01 5.53 26.39
CA ILE F 200 -1.17 6.24 25.10
C ILE F 200 0.19 6.63 24.51
N GLY F 201 1.13 7.04 25.36
CA GLY F 201 2.49 7.35 24.87
C GLY F 201 3.16 6.15 24.20
N TYR F 202 3.12 5.00 24.88
CA TYR F 202 3.75 3.82 24.33
C TYR F 202 3.00 3.32 23.08
N LEU F 203 1.68 3.41 23.11
CA LEU F 203 0.85 3.02 21.95
C LEU F 203 1.15 3.92 20.74
N PHE F 204 1.27 5.23 20.98
CA PHE F 204 1.48 6.18 19.87
C PHE F 204 2.88 6.03 19.29
N GLY F 205 3.88 5.92 20.17
CA GLY F 205 5.25 5.76 19.72
C GLY F 205 5.35 4.56 18.83
N HIS F 206 4.79 3.44 19.30
CA HIS F 206 4.88 2.22 18.51
C HIS F 206 4.05 2.27 17.19
N TYR F 207 2.88 2.92 17.24
CA TYR F 207 2.14 3.19 16.00
C TYR F 207 3.05 3.88 14.97
N ARG F 208 3.75 4.94 15.38
CA ARG F 208 4.62 5.66 14.42
C ARG F 208 5.69 4.75 13.88
N ARG F 209 6.19 3.85 14.73
CA ARG F 209 7.25 2.96 14.32
C ARG F 209 6.71 1.98 13.27
N MET F 210 5.51 1.50 13.49
CA MET F 210 4.89 0.55 12.54
C MET F 210 4.51 1.18 11.19
N ALA F 211 3.95 2.38 11.28
CA ALA F 211 3.45 3.09 10.09
C ALA F 211 4.53 3.92 9.40
N ASN F 212 5.65 4.13 10.08
CA ASN F 212 6.70 5.07 9.61
C ASN F 212 6.11 6.42 9.26
N GLN F 213 5.27 6.93 10.13
CA GLN F 213 4.90 8.34 10.01
C GLN F 213 4.30 8.90 11.26
N HIS F 214 4.42 10.21 11.36
CA HIS F 214 4.07 10.90 12.57
C HIS F 214 2.65 11.42 12.36
N GLU F 215 1.72 10.47 12.46
CA GLU F 215 0.32 10.68 12.15
C GLU F 215 -0.41 11.00 13.46
N SER F 216 -0.38 12.28 13.85
CA SER F 216 -0.93 12.67 15.15
C SER F 216 -2.38 12.28 15.38
N GLY F 217 -3.19 12.31 14.33
CA GLY F 217 -4.60 12.07 14.48
C GLY F 217 -5.02 10.61 14.67
N VAL F 218 -4.04 9.71 14.78
CA VAL F 218 -4.32 8.27 14.99
C VAL F 218 -4.83 7.99 16.40
N LEU F 219 -4.47 8.85 17.35
CA LEU F 219 -4.86 8.62 18.74
C LEU F 219 -5.18 9.94 19.42
N THR F 220 -6.01 9.88 20.46
CA THR F 220 -6.23 11.06 21.32
C THR F 220 -5.85 10.69 22.76
N GLY F 221 -5.79 11.70 23.62
CA GLY F 221 -5.18 11.51 24.94
C GLY F 221 -3.66 11.59 24.91
N LYS F 222 -3.13 12.21 23.86
CA LYS F 222 -1.70 12.31 23.66
C LYS F 222 -1.14 13.42 24.56
N GLY F 223 0.17 13.37 24.73
CA GLY F 223 0.90 14.31 25.59
C GLY F 223 0.97 15.69 24.98
N LEU F 224 1.12 16.69 25.84
CA LEU F 224 1.06 18.08 25.38
C LEU F 224 2.16 18.49 24.40
N THR F 225 3.34 17.90 24.50
CA THR F 225 4.46 18.22 23.59
C THR F 225 4.50 17.37 22.31
N TRP F 226 3.54 16.47 22.16
CA TRP F 226 3.51 15.59 20.95
C TRP F 226 2.07 15.38 20.46
N GLY F 227 1.36 16.49 20.32
CA GLY F 227 0.05 16.53 19.65
C GLY F 227 -1.20 16.39 20.49
N GLY F 228 -1.03 16.39 21.81
CA GLY F 228 -2.17 16.32 22.71
C GLY F 228 -2.96 17.62 22.77
N SER F 229 -4.08 17.58 23.49
CA SER F 229 -4.87 18.76 23.70
C SER F 229 -4.93 19.12 25.18
N LEU F 230 -4.83 20.43 25.47
CA LEU F 230 -5.20 20.87 26.78
C LEU F 230 -6.67 20.52 27.06
N VAL F 231 -6.98 20.35 28.36
CA VAL F 231 -8.35 20.03 28.85
C VAL F 231 -8.71 18.54 28.71
N ARG F 232 -8.04 17.79 27.82
CA ARG F 232 -8.47 16.39 27.62
C ARG F 232 -8.36 15.56 28.90
N THR F 233 -7.30 15.78 29.67
CA THR F 233 -7.13 15.03 30.95
C THR F 233 -8.33 15.29 31.84
N GLU F 234 -8.74 16.56 31.92
CA GLU F 234 -9.86 16.98 32.79
C GLU F 234 -11.24 16.75 32.20
N ALA F 235 -11.32 16.49 30.89
CA ALA F 235 -12.57 16.75 30.15
C ALA F 235 -13.79 15.92 30.60
N THR F 236 -13.57 14.63 30.86
CA THR F 236 -14.76 13.79 31.11
C THR F 236 -15.38 14.21 32.43
N GLY F 237 -14.52 14.31 33.46
CA GLY F 237 -15.00 14.73 34.79
C GLY F 237 -15.59 16.12 34.79
N TYR F 238 -14.86 17.07 34.21
CA TYR F 238 -15.38 18.43 34.03
C TYR F 238 -16.73 18.45 33.34
N GLY F 239 -16.83 17.73 32.21
CA GLY F 239 -18.08 17.69 31.44
C GLY F 239 -19.26 17.13 32.21
N CYS F 240 -19.00 16.08 32.99
CA CYS F 240 -20.03 15.44 33.80
C CYS F 240 -20.59 16.46 34.79
N VAL F 241 -19.71 17.27 35.37
CA VAL F 241 -20.18 18.31 36.31
C VAL F 241 -20.88 19.46 35.54
N TYR F 242 -20.33 19.85 34.40
CA TYR F 242 -21.03 20.84 33.57
C TYR F 242 -22.44 20.40 33.22
N PHE F 243 -22.59 19.11 32.89
CA PHE F 243 -23.89 18.55 32.53
C PHE F 243 -24.85 18.53 33.72
N VAL F 244 -24.39 18.04 34.87
CA VAL F 244 -25.25 17.96 36.08
C VAL F 244 -25.67 19.36 36.53
N SER F 245 -24.79 20.34 36.33
CA SER F 245 -25.16 21.73 36.62
C SER F 245 -26.35 22.19 35.77
N GLU F 246 -26.36 21.84 34.50
CA GLU F 246 -27.55 22.12 33.69
C GLU F 246 -28.81 21.42 34.18
N MET F 247 -28.67 20.16 34.60
CA MET F 247 -29.77 19.41 35.20
C MET F 247 -30.30 20.12 36.45
N ILE F 248 -29.36 20.53 37.30
CA ILE F 248 -29.66 21.16 38.59
C ILE F 248 -30.38 22.50 38.35
N LYS F 249 -29.86 23.29 37.42
CA LYS F 249 -30.45 24.58 37.06
C LYS F 249 -31.82 24.46 36.42
N ALA F 250 -32.05 23.38 35.67
CA ALA F 250 -33.35 23.13 35.06
C ALA F 250 -34.42 22.87 36.13
N LYS F 251 -33.98 22.31 37.26
CA LYS F 251 -34.86 22.01 38.40
C LYS F 251 -35.09 23.23 39.30
N GLY F 252 -34.33 24.30 39.05
CA GLY F 252 -34.40 25.55 39.83
C GLY F 252 -33.39 25.66 40.96
N GLU F 253 -32.43 24.75 41.00
CA GLU F 253 -31.46 24.74 42.07
C GLU F 253 -30.10 25.15 41.53
N SER F 254 -29.09 25.09 42.39
CA SER F 254 -27.73 25.45 41.99
C SER F 254 -26.77 24.48 42.65
N ILE F 255 -25.62 24.26 42.01
CA ILE F 255 -24.66 23.28 42.48
C ILE F 255 -23.85 23.72 43.71
N SER F 256 -23.66 25.02 43.90
CA SER F 256 -22.92 25.51 45.06
C SER F 256 -23.59 25.04 46.35
N GLY F 257 -22.80 24.53 47.31
CA GLY F 257 -23.34 24.07 48.59
C GLY F 257 -23.93 22.66 48.63
N GLN F 258 -23.98 21.99 47.48
CA GLN F 258 -24.46 20.60 47.45
C GLN F 258 -23.38 19.61 47.89
N LYS F 259 -23.83 18.50 48.47
CA LYS F 259 -22.94 17.40 48.83
CA LYS F 259 -22.95 17.39 48.86
C LYS F 259 -23.04 16.36 47.73
N ILE F 260 -21.90 15.86 47.30
CA ILE F 260 -21.80 14.98 46.14
C ILE F 260 -21.00 13.73 46.41
N ILE F 261 -21.52 12.57 46.00
CA ILE F 261 -20.74 11.36 46.01
C ILE F 261 -20.15 11.20 44.62
N VAL F 262 -18.85 10.95 44.55
CA VAL F 262 -18.18 10.59 43.30
C VAL F 262 -17.46 9.26 43.47
N SER F 263 -18.04 8.16 42.97
CA SER F 263 -17.39 6.85 43.05
C SER F 263 -16.22 6.74 42.09
N GLY F 264 -15.27 5.86 42.39
CA GLY F 264 -14.03 5.73 41.61
C GLY F 264 -12.98 6.75 42.06
N SER F 265 -11.77 6.60 41.55
CA SER F 265 -10.66 7.48 41.95
C SER F 265 -9.68 7.58 40.80
N GLY F 266 -10.18 7.42 39.56
CA GLY F 266 -9.30 7.43 38.40
C GLY F 266 -9.49 8.73 37.64
N ASN F 267 -9.26 8.68 36.33
CA ASN F 267 -9.36 9.89 35.52
C ASN F 267 -10.69 10.66 35.61
N VAL F 268 -11.83 9.96 35.53
CA VAL F 268 -13.12 10.65 35.52
C VAL F 268 -13.47 11.21 36.91
N ALA F 269 -13.29 10.36 37.92
CA ALA F 269 -13.58 10.72 39.29
C ALA F 269 -12.77 11.93 39.71
N THR F 270 -11.47 11.87 39.47
CA THR F 270 -10.52 12.91 39.94
C THR F 270 -11.01 14.31 39.54
N TYR F 271 -11.34 14.48 38.27
CA TYR F 271 -11.72 15.81 37.78
C TYR F 271 -13.19 16.20 37.92
N ALA F 272 -14.09 15.22 38.08
CA ALA F 272 -15.44 15.52 38.54
C ALA F 272 -15.37 16.13 39.95
N ILE F 273 -14.50 15.57 40.79
CA ILE F 273 -14.30 16.09 42.15
C ILE F 273 -13.73 17.51 42.08
N GLU F 274 -12.64 17.67 41.33
CA GLU F 274 -12.00 18.97 41.16
C GLU F 274 -13.00 20.03 40.68
N LYS F 275 -13.79 19.73 39.63
CA LYS F 275 -14.75 20.71 39.09
C LYS F 275 -15.92 20.97 40.04
N ALA F 276 -16.46 19.91 40.63
CA ALA F 276 -17.57 20.07 41.56
C ALA F 276 -17.18 20.97 42.72
N GLN F 277 -15.97 20.79 43.24
CA GLN F 277 -15.51 21.59 44.40
C GLN F 277 -15.11 23.02 43.99
N GLU F 278 -14.60 23.18 42.77
CA GLU F 278 -14.38 24.51 42.23
C GLU F 278 -15.69 25.33 42.19
N LEU F 279 -16.78 24.66 41.85
CA LEU F 279 -18.08 25.32 41.70
C LEU F 279 -18.88 25.46 43.00
N GLY F 280 -18.24 25.16 44.14
CA GLY F 280 -18.88 25.38 45.43
C GLY F 280 -19.43 24.17 46.14
N ALA F 281 -19.49 23.02 45.45
CA ALA F 281 -19.96 21.79 46.09
C ALA F 281 -18.91 21.11 46.98
N THR F 282 -19.34 20.17 47.81
CA THR F 282 -18.42 19.39 48.63
C THR F 282 -18.51 17.92 48.21
N VAL F 283 -17.40 17.30 47.84
CA VAL F 283 -17.43 15.85 47.61
C VAL F 283 -17.16 15.06 48.90
N ILE F 284 -18.13 14.22 49.27
CA ILE F 284 -18.13 13.54 50.57
C ILE F 284 -17.65 12.08 50.57
N GLY F 285 -17.42 11.54 49.38
CA GLY F 285 -16.92 10.17 49.28
C GLY F 285 -16.37 9.88 47.91
N PHE F 286 -15.40 8.98 47.86
CA PHE F 286 -14.85 8.44 46.62
C PHE F 286 -14.38 7.00 46.91
N SER F 287 -13.95 6.27 45.87
CA SER F 287 -13.63 4.85 46.07
C SER F 287 -12.68 4.27 45.04
N ASP F 288 -12.15 3.09 45.33
CA ASP F 288 -11.63 2.22 44.29
C ASP F 288 -12.34 0.88 44.44
N SER F 289 -11.87 -0.16 43.75
CA SER F 289 -12.58 -1.46 43.75
C SER F 289 -12.41 -2.21 45.06
N SER F 290 -11.47 -1.74 45.88
CA SER F 290 -11.14 -2.38 47.16
C SER F 290 -12.06 -1.88 48.30
N GLY F 291 -12.53 -0.64 48.19
CA GLY F 291 -13.36 -0.03 49.24
C GLY F 291 -13.57 1.46 49.01
N TRP F 292 -14.25 2.12 49.94
CA TRP F 292 -14.58 3.52 49.77
C TRP F 292 -14.12 4.38 50.94
N VAL F 293 -13.97 5.66 50.69
CA VAL F 293 -13.66 6.59 51.78
C VAL F 293 -14.66 7.71 51.91
N HIS F 294 -15.02 7.98 53.15
CA HIS F 294 -15.92 9.05 53.51
C HIS F 294 -15.06 10.27 53.84
N THR F 295 -15.35 11.37 53.16
CA THR F 295 -14.65 12.64 53.37
C THR F 295 -15.66 13.75 53.63
N PRO F 296 -16.18 13.83 54.88
CA PRO F 296 -17.34 14.70 55.16
C PRO F 296 -17.07 16.21 54.96
N ASN F 297 -15.80 16.61 54.97
CA ASN F 297 -15.48 18.02 54.70
C ASN F 297 -14.72 18.26 53.40
N GLY F 298 -14.79 17.28 52.49
CA GLY F 298 -14.30 17.47 51.14
C GLY F 298 -13.04 16.71 50.87
N VAL F 299 -12.65 16.66 49.61
CA VAL F 299 -11.43 15.94 49.27
C VAL F 299 -10.26 16.81 48.86
N ASP F 300 -9.08 16.34 49.25
CA ASP F 300 -7.82 16.91 48.89
C ASP F 300 -7.47 16.29 47.55
N VAL F 301 -7.78 17.01 46.47
CA VAL F 301 -7.52 16.53 45.12
C VAL F 301 -6.04 16.25 44.90
N ALA F 302 -5.17 17.16 45.36
CA ALA F 302 -3.72 16.95 45.27
C ALA F 302 -3.27 15.62 45.91
N LYS F 303 -3.84 15.29 47.07
CA LYS F 303 -3.50 14.05 47.79
C LYS F 303 -4.00 12.80 47.06
N LEU F 304 -5.24 12.88 46.56
CA LEU F 304 -5.82 11.81 45.76
C LEU F 304 -4.94 11.51 44.54
N ARG F 305 -4.50 12.58 43.87
CA ARG F 305 -3.66 12.42 42.68
C ARG F 305 -2.29 11.81 42.99
N GLU F 306 -1.69 12.18 44.11
CA GLU F 306 -0.37 11.60 44.44
C GLU F 306 -0.51 10.09 44.71
N ILE F 307 -1.57 9.74 45.43
CA ILE F 307 -1.89 8.34 45.72
C ILE F 307 -2.07 7.49 44.44
N LYS F 308 -2.86 7.98 43.49
CA LYS F 308 -3.28 7.18 42.35
C LYS F 308 -2.34 7.28 41.17
N GLU F 309 -1.69 8.42 41.02
CA GLU F 309 -0.86 8.66 39.85
C GLU F 309 0.62 8.41 40.13
N VAL F 310 1.08 8.72 41.33
CA VAL F 310 2.50 8.54 41.68
C VAL F 310 2.76 7.20 42.39
N ARG F 311 1.95 6.93 43.40
CA ARG F 311 2.11 5.74 44.23
C ARG F 311 1.41 4.52 43.64
N ARG F 312 0.45 4.76 42.76
CA ARG F 312 -0.47 3.72 42.29
C ARG F 312 -0.92 2.87 43.49
N ALA F 313 -1.38 3.58 44.52
CA ALA F 313 -1.78 2.95 45.78
C ALA F 313 -3.29 2.82 45.91
N ARG F 314 -3.72 2.19 47.01
CA ARG F 314 -5.14 1.98 47.33
C ARG F 314 -5.68 3.23 48.00
N VAL F 315 -6.98 3.46 47.90
CA VAL F 315 -7.61 4.62 48.54
C VAL F 315 -7.52 4.56 50.06
N SER F 316 -7.35 3.36 50.61
CA SER F 316 -7.23 3.21 52.06
C SER F 316 -6.20 4.18 52.63
N VAL F 317 -5.06 4.31 51.96
CA VAL F 317 -3.96 5.15 52.47
C VAL F 317 -4.33 6.63 52.64
N TYR F 318 -5.33 7.09 51.87
CA TYR F 318 -5.91 8.42 52.06
C TYR F 318 -6.45 8.56 53.48
N ALA F 319 -7.20 7.55 53.93
CA ALA F 319 -7.75 7.56 55.30
C ALA F 319 -6.66 7.43 56.36
N ASP F 320 -5.56 6.77 56.00
CA ASP F 320 -4.43 6.59 56.91
C ASP F 320 -3.64 7.88 57.08
N GLU F 321 -3.61 8.70 56.03
CA GLU F 321 -2.74 9.86 55.99
C GLU F 321 -3.48 11.19 56.24
N ILE F 322 -4.80 11.18 56.02
CA ILE F 322 -5.60 12.42 56.08
C ILE F 322 -6.60 12.41 57.23
N GLU F 323 -6.45 13.37 58.14
CA GLU F 323 -7.35 13.58 59.27
C GLU F 323 -8.78 13.79 58.77
N GLY F 324 -9.75 13.16 59.42
CA GLY F 324 -11.16 13.33 59.07
C GLY F 324 -11.73 12.43 57.99
N ALA F 325 -10.88 11.68 57.30
CA ALA F 325 -11.31 10.73 56.27
C ALA F 325 -11.26 9.29 56.82
N THR F 326 -12.29 8.49 56.55
CA THR F 326 -12.34 7.11 57.03
C THR F 326 -12.56 6.14 55.88
N TYR F 327 -11.93 4.97 55.97
CA TYR F 327 -12.00 3.94 54.94
C TYR F 327 -12.98 2.85 55.34
N HIS F 328 -13.69 2.30 54.36
CA HIS F 328 -14.71 1.29 54.59
C HIS F 328 -14.64 0.19 53.55
N THR F 329 -14.62 -1.06 54.02
CA THR F 329 -14.65 -2.21 53.11
C THR F 329 -16.05 -2.83 53.04
N ASP F 330 -16.93 -2.42 53.95
CA ASP F 330 -18.31 -2.90 53.94
C ASP F 330 -19.29 -1.78 53.59
N GLY F 331 -20.58 -2.12 53.56
CA GLY F 331 -21.62 -1.21 53.11
C GLY F 331 -21.34 -0.77 51.68
N SER F 332 -21.89 0.38 51.31
CA SER F 332 -21.72 0.96 49.99
C SER F 332 -21.41 2.45 50.11
N ILE F 333 -20.58 2.98 49.23
CA ILE F 333 -20.44 4.43 49.11
C ILE F 333 -21.81 5.12 48.95
N TRP F 334 -22.77 4.42 48.35
CA TRP F 334 -24.11 4.96 48.08
C TRP F 334 -25.00 4.99 49.34
N ASP F 335 -24.44 4.55 50.46
CA ASP F 335 -25.09 4.66 51.77
C ASP F 335 -25.04 6.10 52.29
N LEU F 336 -24.09 6.89 51.77
CA LEU F 336 -23.86 8.26 52.22
C LEU F 336 -25.00 9.18 51.81
N LYS F 337 -25.40 10.05 52.72
CA LYS F 337 -26.46 11.02 52.45
C LYS F 337 -25.88 12.13 51.58
N CYS F 338 -26.51 12.38 50.44
CA CYS F 338 -25.99 13.34 49.46
C CYS F 338 -27.13 14.01 48.71
N ASP F 339 -26.80 15.02 47.93
CA ASP F 339 -27.75 15.69 47.06
C ASP F 339 -27.67 15.18 45.62
N ILE F 340 -26.45 14.80 45.25
CA ILE F 340 -26.08 14.46 43.86
C ILE F 340 -25.18 13.24 43.94
N ALA F 341 -25.44 12.24 43.10
CA ALA F 341 -24.55 11.11 42.96
C ALA F 341 -23.97 11.11 41.54
N LEU F 342 -22.65 11.04 41.47
CA LEU F 342 -21.94 10.91 40.18
C LEU F 342 -21.14 9.61 40.16
N PRO F 343 -21.75 8.50 39.69
CA PRO F 343 -20.99 7.27 39.56
C PRO F 343 -19.96 7.40 38.45
N CYS F 344 -18.69 7.29 38.83
CA CYS F 344 -17.56 7.52 37.91
C CYS F 344 -16.54 6.38 37.86
N ALA F 345 -16.97 5.16 38.22
CA ALA F 345 -16.04 4.03 38.23
C ALA F 345 -16.23 3.05 37.07
N THR F 346 -17.37 2.38 36.99
CA THR F 346 -17.52 1.30 36.01
C THR F 346 -18.99 0.92 35.81
N GLN F 347 -19.24 -0.07 34.97
CA GLN F 347 -20.62 -0.46 34.68
C GLN F 347 -21.25 -1.22 35.87
N ASN F 348 -22.54 -1.01 36.05
CA ASN F 348 -23.36 -1.75 37.02
C ASN F 348 -22.88 -1.64 38.48
N GLU F 349 -22.34 -0.47 38.82
CA GLU F 349 -21.86 -0.16 40.16
C GLU F 349 -22.93 0.47 41.05
N LEU F 350 -24.05 0.88 40.48
CA LEU F 350 -25.13 1.48 41.26
C LEU F 350 -26.43 0.73 40.95
N ASN F 351 -26.86 -0.08 41.90
CA ASN F 351 -27.98 -1.00 41.65
C ASN F 351 -29.30 -0.44 42.17
N GLY F 352 -30.36 -1.24 42.07
CA GLY F 352 -31.71 -0.79 42.40
C GLY F 352 -31.87 -0.46 43.87
N GLU F 353 -31.14 -1.20 44.71
CA GLU F 353 -31.16 -0.95 46.16
C GLU F 353 -30.37 0.30 46.52
N ASN F 354 -29.17 0.44 45.96
CA ASN F 354 -28.42 1.70 46.05
C ASN F 354 -29.26 2.91 45.70
N ALA F 355 -29.98 2.80 44.58
CA ALA F 355 -30.85 3.86 44.09
C ALA F 355 -31.89 4.24 45.14
N LYS F 356 -32.49 3.22 45.76
CA LYS F 356 -33.49 3.46 46.80
C LYS F 356 -32.85 4.10 48.04
N THR F 357 -31.71 3.56 48.47
CA THR F 357 -30.97 4.15 49.60
C THR F 357 -30.63 5.61 49.34
N LEU F 358 -30.13 5.92 48.13
CA LEU F 358 -29.82 7.31 47.77
C LEU F 358 -31.07 8.19 47.80
N ALA F 359 -32.16 7.70 47.22
CA ALA F 359 -33.42 8.41 47.19
C ALA F 359 -33.96 8.66 48.61
N ASP F 360 -33.85 7.62 49.45
CA ASP F 360 -34.28 7.70 50.86
C ASP F 360 -33.54 8.79 51.64
N ASN F 361 -32.26 8.99 51.31
CA ASN F 361 -31.43 9.98 52.00
C ASN F 361 -31.42 11.38 51.37
N GLY F 362 -32.31 11.60 50.40
CA GLY F 362 -32.52 12.92 49.80
C GLY F 362 -31.73 13.23 48.55
N CYS F 363 -31.23 12.20 47.86
CA CYS F 363 -30.53 12.42 46.59
C CYS F 363 -31.57 12.88 45.53
N ARG F 364 -31.24 13.91 44.78
CA ARG F 364 -32.18 14.53 43.84
C ARG F 364 -31.67 14.52 42.38
N PHE F 365 -30.40 14.14 42.23
CA PHE F 365 -29.74 14.20 40.91
C PHE F 365 -28.73 13.08 40.78
N VAL F 366 -28.71 12.42 39.64
CA VAL F 366 -27.67 11.42 39.33
C VAL F 366 -27.21 11.74 37.92
N ALA F 367 -25.90 11.86 37.72
CA ALA F 367 -25.35 11.95 36.35
C ALA F 367 -24.20 10.97 36.27
N GLU F 368 -24.12 10.26 35.14
CA GLU F 368 -23.15 9.18 34.99
C GLU F 368 -21.86 9.65 34.34
N GLY F 369 -20.77 9.65 35.12
CA GLY F 369 -19.41 9.84 34.58
C GLY F 369 -18.88 8.56 33.96
N ALA F 370 -19.16 7.44 34.59
CA ALA F 370 -18.82 6.12 34.04
C ALA F 370 -19.76 5.76 32.90
N ASN F 371 -19.38 4.70 32.16
CA ASN F 371 -20.27 4.12 31.17
C ASN F 371 -21.17 3.05 31.83
N MET F 372 -22.47 3.31 31.73
CA MET F 372 -23.53 2.40 32.18
C MET F 372 -23.38 1.99 33.66
N PRO F 373 -23.05 2.96 34.56
CA PRO F 373 -22.92 2.56 35.99
C PRO F 373 -24.24 2.16 36.66
N SER F 374 -25.36 2.75 36.23
CA SER F 374 -26.68 2.46 36.84
C SER F 374 -27.37 1.25 36.20
N THR F 375 -27.79 0.30 37.04
CA THR F 375 -28.47 -0.90 36.56
C THR F 375 -29.87 -0.52 36.06
N PRO F 376 -30.50 -1.42 35.28
CA PRO F 376 -31.86 -1.14 34.81
C PRO F 376 -32.82 -0.86 35.98
N GLU F 377 -32.64 -1.58 37.08
CA GLU F 377 -33.45 -1.36 38.28
C GLU F 377 -33.19 0.00 38.94
N ALA F 378 -31.93 0.44 38.97
CA ALA F 378 -31.59 1.77 39.49
C ALA F 378 -32.28 2.85 38.69
N VAL F 379 -32.19 2.77 37.36
CA VAL F 379 -32.83 3.72 36.47
C VAL F 379 -34.34 3.81 36.71
N GLU F 380 -35.00 2.65 36.83
CA GLU F 380 -36.42 2.58 37.20
C GLU F 380 -36.76 3.30 38.52
N VAL F 381 -35.96 3.04 39.56
CA VAL F 381 -36.10 3.75 40.84
C VAL F 381 -35.96 5.26 40.67
N PHE F 382 -34.97 5.71 39.90
CA PHE F 382 -34.83 7.15 39.62
C PHE F 382 -36.10 7.73 39.00
N ARG F 383 -36.72 7.00 38.09
CA ARG F 383 -37.98 7.43 37.47
C ARG F 383 -39.07 7.56 38.53
N GLU F 384 -39.21 6.51 39.33
CA GLU F 384 -40.27 6.41 40.32
C GLU F 384 -40.14 7.42 41.45
N ARG F 385 -38.93 7.90 41.69
CA ARG F 385 -38.65 8.79 42.83
C ARG F 385 -38.39 10.25 42.48
N ASP F 386 -38.72 10.64 41.25
CA ASP F 386 -38.47 12.00 40.76
C ASP F 386 -37.01 12.44 40.95
N ILE F 387 -36.08 11.54 40.63
CA ILE F 387 -34.66 11.87 40.62
C ILE F 387 -34.30 12.13 39.16
N ARG F 388 -33.77 13.32 38.89
CA ARG F 388 -33.34 13.68 37.55
C ARG F 388 -32.07 12.90 37.27
N PHE F 389 -32.04 12.23 36.12
CA PHE F 389 -30.99 11.26 35.78
C PHE F 389 -30.34 11.59 34.43
N GLY F 390 -29.02 11.82 34.47
CA GLY F 390 -28.24 12.13 33.25
C GLY F 390 -27.48 10.89 32.80
N PRO F 391 -27.95 10.27 31.69
CA PRO F 391 -27.30 9.04 31.18
C PRO F 391 -25.88 9.37 30.73
N GLY F 392 -24.98 8.43 30.91
CA GLY F 392 -23.57 8.65 30.57
C GLY F 392 -23.37 9.07 29.11
N LYS F 393 -24.20 8.58 28.17
CA LYS F 393 -23.98 8.96 26.76
C LYS F 393 -24.12 10.46 26.51
N ALA F 394 -24.89 11.11 27.39
CA ALA F 394 -24.92 12.56 27.43
C ALA F 394 -23.89 13.11 28.40
N ALA F 395 -23.96 12.67 29.67
CA ALA F 395 -23.18 13.32 30.71
C ALA F 395 -21.68 13.11 30.66
N ASN F 396 -21.21 12.00 30.10
CA ASN F 396 -19.78 11.72 30.06
C ASN F 396 -19.11 12.00 28.71
N ALA F 397 -19.92 12.57 27.80
CA ALA F 397 -19.50 12.86 26.42
C ALA F 397 -18.43 13.93 26.27
N GLY F 398 -18.15 14.65 27.35
CA GLY F 398 -17.13 15.69 27.35
C GLY F 398 -15.76 15.14 26.99
N GLY F 399 -15.47 13.90 27.40
CA GLY F 399 -14.19 13.28 27.07
C GLY F 399 -14.01 13.12 25.57
N VAL F 400 -14.93 12.38 24.96
CA VAL F 400 -14.78 12.08 23.54
C VAL F 400 -14.97 13.37 22.71
N ALA F 401 -15.74 14.31 23.24
CA ALA F 401 -15.85 15.60 22.55
C ALA F 401 -14.49 16.28 22.50
N THR F 402 -13.78 16.28 23.63
CA THR F 402 -12.49 16.92 23.69
C THR F 402 -11.46 16.14 22.87
N SER F 403 -11.62 14.81 22.80
CA SER F 403 -10.85 14.00 21.83
C SER F 403 -11.08 14.47 20.39
N ALA F 404 -12.32 14.74 20.03
CA ALA F 404 -12.59 15.24 18.67
C ALA F 404 -11.94 16.62 18.45
N LEU F 405 -11.88 17.43 19.50
CA LEU F 405 -11.17 18.70 19.44
C LEU F 405 -9.65 18.50 19.26
N GLU F 406 -9.07 17.48 19.92
CA GLU F 406 -7.69 17.10 19.72
C GLU F 406 -7.45 16.71 18.24
N MET F 407 -8.38 15.94 17.67
CA MET F 407 -8.31 15.55 16.25
C MET F 407 -8.29 16.77 15.36
N GLN F 408 -9.13 17.73 15.72
CA GLN F 408 -9.27 18.97 14.95
C GLN F 408 -8.01 19.82 15.02
N GLN F 409 -7.43 19.94 16.21
CA GLN F 409 -6.18 20.65 16.40
C GLN F 409 -5.09 19.98 15.58
N ASN F 410 -5.05 18.65 15.60
CA ASN F 410 -4.04 17.91 14.85
C ASN F 410 -4.23 18.13 13.35
N ALA F 411 -5.48 18.06 12.88
CA ALA F 411 -5.78 18.19 11.45
C ALA F 411 -5.33 19.55 10.94
N SER F 412 -5.45 20.56 11.79
CA SER F 412 -5.11 21.91 11.37
C SER F 412 -3.70 22.34 11.77
N ARG F 413 -2.92 21.41 12.34
CA ARG F 413 -1.57 21.67 12.88
C ARG F 413 -1.51 22.87 13.85
N ASP F 414 -2.51 22.97 14.73
CA ASP F 414 -2.53 24.05 15.71
C ASP F 414 -2.75 23.48 17.13
N SER F 415 -2.53 24.34 18.12
CA SER F 415 -2.75 23.97 19.51
C SER F 415 -3.56 25.08 20.12
N TRP F 416 -4.59 24.69 20.85
CA TRP F 416 -5.51 25.65 21.46
C TRP F 416 -5.24 25.86 22.94
N SER F 417 -5.55 27.06 23.42
CA SER F 417 -5.41 27.32 24.86
C SER F 417 -6.35 26.48 25.71
N PHE F 418 -5.99 26.35 26.99
CA PHE F 418 -6.88 25.70 27.94
C PHE F 418 -8.22 26.42 27.99
N GLU F 419 -8.19 27.76 28.14
CA GLU F 419 -9.44 28.54 28.23
C GLU F 419 -10.33 28.36 27.00
N TYR F 420 -9.74 28.40 25.80
CA TYR F 420 -10.56 28.26 24.59
C TYR F 420 -11.18 26.86 24.54
N THR F 421 -10.39 25.85 24.87
CA THR F 421 -10.85 24.44 24.76
C THR F 421 -11.91 24.13 25.83
N ASP F 422 -11.68 24.66 27.02
CA ASP F 422 -12.65 24.51 28.11
C ASP F 422 -13.98 25.23 27.79
N GLU F 423 -13.88 26.41 27.17
CA GLU F 423 -15.09 27.12 26.74
C GLU F 423 -15.87 26.30 25.72
N ARG F 424 -15.16 25.76 24.71
CA ARG F 424 -15.80 24.87 23.74
C ARG F 424 -16.49 23.70 24.43
N LEU F 425 -15.81 23.11 25.42
CA LEU F 425 -16.34 21.96 26.14
C LEU F 425 -17.62 22.33 26.91
N GLN F 426 -17.60 23.47 27.59
CA GLN F 426 -18.78 23.92 28.35
C GLN F 426 -19.95 24.14 27.42
N VAL F 427 -19.71 24.77 26.26
CA VAL F 427 -20.76 24.97 25.27
C VAL F 427 -21.31 23.66 24.73
N ILE F 428 -20.43 22.71 24.42
CA ILE F 428 -20.86 21.39 23.98
C ILE F 428 -21.78 20.71 25.00
N MET F 429 -21.36 20.70 26.28
CA MET F 429 -22.15 20.06 27.35
C MET F 429 -23.53 20.71 27.50
N LYS F 430 -23.57 22.04 27.45
CA LYS F 430 -24.86 22.76 27.47
C LYS F 430 -25.74 22.39 26.27
N ASN F 431 -25.12 22.31 25.08
CA ASN F 431 -25.83 21.92 23.86
C ASN F 431 -26.37 20.49 23.96
N ILE F 432 -25.61 19.61 24.60
CA ILE F 432 -26.05 18.20 24.75
C ILE F 432 -27.25 18.17 25.69
N PHE F 433 -27.17 18.93 26.78
CA PHE F 433 -28.29 18.98 27.71
C PHE F 433 -29.55 19.50 27.00
N LYS F 434 -29.41 20.62 26.28
CA LYS F 434 -30.50 21.22 25.51
C LYS F 434 -31.12 20.21 24.53
N THR F 435 -30.28 19.52 23.78
CA THR F 435 -30.75 18.51 22.84
C THR F 435 -31.54 17.40 23.55
N CYS F 436 -31.02 16.90 24.67
CA CYS F 436 -31.69 15.87 25.41
C CYS F 436 -33.06 16.35 25.91
N ALA F 437 -33.09 17.54 26.51
CA ALA F 437 -34.35 18.06 27.08
C ALA F 437 -35.37 18.31 25.97
N GLU F 438 -34.93 18.97 24.90
CA GLU F 438 -35.82 19.34 23.79
C GLU F 438 -36.34 18.11 23.07
N THR F 439 -35.46 17.13 22.83
CA THR F 439 -35.89 15.92 22.14
C THR F 439 -36.83 15.10 23.03
N ALA F 440 -36.56 15.06 24.32
CA ALA F 440 -37.41 14.31 25.24
C ALA F 440 -38.83 14.90 25.19
N ALA F 441 -38.90 16.22 25.25
CA ALA F 441 -40.18 16.95 25.24
C ALA F 441 -40.91 16.78 23.91
N GLU F 442 -40.16 16.80 22.81
CA GLU F 442 -40.70 16.61 21.47
C GLU F 442 -41.44 15.29 21.29
N TYR F 443 -40.94 14.24 21.92
CA TYR F 443 -41.52 12.90 21.82
C TYR F 443 -42.41 12.55 23.00
N GLY F 444 -42.80 13.57 23.78
CA GLY F 444 -43.78 13.42 24.87
C GLY F 444 -43.27 12.79 26.18
N HIS F 445 -41.95 12.81 26.37
CA HIS F 445 -41.34 12.29 27.58
C HIS F 445 -40.50 13.41 28.24
N GLU F 446 -41.16 14.52 28.55
CA GLU F 446 -40.50 15.70 29.15
C GLU F 446 -39.64 15.30 30.34
N ASN F 447 -38.41 15.83 30.37
CA ASN F 447 -37.40 15.63 31.43
C ASN F 447 -36.76 14.24 31.50
N ASP F 448 -37.10 13.36 30.57
CA ASP F 448 -36.54 12.02 30.55
C ASP F 448 -35.34 12.07 29.61
N TYR F 449 -34.16 12.25 30.20
CA TYR F 449 -32.96 12.51 29.41
C TYR F 449 -32.42 11.26 28.75
N VAL F 450 -32.88 10.09 29.20
CA VAL F 450 -32.52 8.81 28.57
C VAL F 450 -33.16 8.75 27.19
N VAL F 451 -34.46 9.03 27.17
CA VAL F 451 -35.22 9.12 25.93
C VAL F 451 -34.65 10.19 25.02
N GLY F 452 -34.38 11.38 25.57
CA GLY F 452 -33.88 12.50 24.77
C GLY F 452 -32.50 12.20 24.19
N ALA F 453 -31.61 11.62 24.99
CA ALA F 453 -30.27 11.24 24.51
C ALA F 453 -30.30 10.15 23.44
N ASN F 454 -31.03 9.08 23.73
CA ASN F 454 -31.10 7.96 22.79
C ASN F 454 -31.72 8.40 21.48
N ILE F 455 -32.85 9.10 21.53
CA ILE F 455 -33.47 9.53 20.30
C ILE F 455 -32.62 10.55 19.50
N ALA F 456 -32.08 11.56 20.17
CA ALA F 456 -31.28 12.55 19.45
C ALA F 456 -30.03 11.93 18.88
N GLY F 457 -29.36 11.06 19.63
CA GLY F 457 -28.14 10.44 19.10
C GLY F 457 -28.48 9.53 17.93
N PHE F 458 -29.57 8.79 18.07
CA PHE F 458 -30.01 7.87 17.01
C PHE F 458 -30.37 8.62 15.73
N LYS F 459 -31.19 9.65 15.84
CA LYS F 459 -31.69 10.30 14.63
C LYS F 459 -30.56 10.80 13.73
N LYS F 460 -29.53 11.41 14.31
CA LYS F 460 -28.43 11.97 13.50
C LYS F 460 -27.69 10.85 12.77
N VAL F 461 -27.41 9.77 13.51
CA VAL F 461 -26.77 8.61 12.90
C VAL F 461 -27.62 7.97 11.82
N ALA F 462 -28.90 7.76 12.12
CA ALA F 462 -29.83 7.14 11.20
C ALA F 462 -30.02 7.96 9.91
N ASP F 463 -30.15 9.29 10.03
CA ASP F 463 -30.28 10.16 8.85
C ASP F 463 -29.04 9.97 7.96
N ALA F 464 -27.87 9.97 8.57
CA ALA F 464 -26.60 9.82 7.83
C ALA F 464 -26.48 8.44 7.17
N MET F 465 -26.91 7.40 7.87
CA MET F 465 -26.94 6.03 7.32
C MET F 465 -27.88 5.95 6.10
N LEU F 466 -29.06 6.55 6.20
CA LEU F 466 -29.97 6.54 5.04
C LEU F 466 -29.33 7.24 3.84
N ALA F 467 -28.63 8.34 4.11
CA ALA F 467 -28.03 9.11 3.01
C ALA F 467 -26.94 8.33 2.32
N GLN F 468 -26.23 7.50 3.09
CA GLN F 468 -25.00 6.88 2.58
C GLN F 468 -25.19 5.49 2.01
N GLY F 469 -26.43 5.01 2.02
CA GLY F 469 -26.80 3.76 1.35
C GLY F 469 -26.51 2.50 2.11
N VAL F 470 -26.81 1.37 1.46
CA VAL F 470 -26.58 0.06 2.04
C VAL F 470 -25.10 -0.31 1.91
N ILE F 471 -24.39 -0.14 3.03
CA ILE F 471 -22.93 -0.37 3.08
C ILE F 471 -22.54 -1.05 4.40
#